data_2KJH
#
_entry.id   2KJH
#
loop_
_entity.id
_entity.type
_entity.pdbx_description
1 polymer 'Ubiquitin/ISG15-conjugating enzyme E2 L6'
2 polymer Ubiquitin
#
loop_
_entity_poly.entity_id
_entity_poly.type
_entity_poly.pdbx_seq_one_letter_code
_entity_poly.pdbx_strand_id
1 'polypeptide(L)'
;MASMRVVKELEDLQKKPPPYLRNLSSDDANVLVWHALLLPDQPPYHLKAFNLRISFPPEYPFKPPMIKFTTKIYHPNVDE
NGQICLPIISSENWKPCTKTCQVLEALNVLVNRPNIREPLRMDLADLLTQNPELFRKNAEEFTLRFGVDRPS
;
A
2 'polypeptide(L)' MQIFVKTLTGKTITLEVEPSDTIENVKAKIQDKEGIPPDQQRLIFAGKQLEDGRTLSDYNIQKESTLHLVLRLRGC B
#
# COMPACT_ATOMS: atom_id res chain seq x y z
N ALA A 2 -6.07 4.94 28.00
CA ALA A 2 -6.18 5.00 26.51
C ALA A 2 -5.46 6.23 25.96
N SER A 3 -6.13 7.38 26.01
CA SER A 3 -5.57 8.61 25.51
C SER A 3 -4.37 9.06 26.35
N MET A 4 -4.33 8.60 27.60
CA MET A 4 -3.24 8.94 28.51
C MET A 4 -1.87 8.63 27.90
N ARG A 5 -1.73 7.42 27.34
CA ARG A 5 -0.48 7.03 26.73
C ARG A 5 -0.21 7.87 25.47
N VAL A 6 -1.27 8.14 24.72
CA VAL A 6 -1.17 8.95 23.51
C VAL A 6 -0.62 10.32 23.84
N VAL A 7 -1.12 10.91 24.93
CA VAL A 7 -0.66 12.23 25.37
C VAL A 7 0.81 12.16 25.76
N LYS A 8 1.19 11.08 26.44
CA LYS A 8 2.57 10.89 26.87
C LYS A 8 3.49 10.76 25.66
N GLU A 9 3.11 9.90 24.72
CA GLU A 9 3.90 9.67 23.52
C GLU A 9 4.09 10.98 22.76
N LEU A 10 3.03 11.76 22.66
CA LEU A 10 3.06 13.04 21.97
C LEU A 10 3.97 14.02 22.72
N GLU A 11 3.80 14.10 24.04
CA GLU A 11 4.59 14.98 24.87
C GLU A 11 6.08 14.67 24.76
N ASP A 12 6.41 13.39 24.64
CA ASP A 12 7.80 12.96 24.52
C ASP A 12 8.34 13.31 23.14
N LEU A 13 7.56 13.00 22.11
CA LEU A 13 7.97 13.25 20.73
C LEU A 13 8.06 14.73 20.41
N GLN A 14 7.25 15.53 21.08
CA GLN A 14 7.24 16.98 20.85
C GLN A 14 8.43 17.66 21.53
N LYS A 15 9.19 16.91 22.30
CA LYS A 15 10.36 17.46 22.98
C LYS A 15 11.64 17.06 22.26
N LYS A 16 11.64 15.86 21.70
CA LYS A 16 12.78 15.35 20.95
C LYS A 16 12.31 14.69 19.65
N PRO A 17 11.86 15.50 18.68
CA PRO A 17 11.37 14.98 17.40
C PRO A 17 12.51 14.63 16.45
N PRO A 18 12.36 13.53 15.71
CA PRO A 18 13.36 13.07 14.73
C PRO A 18 13.56 14.10 13.62
N PRO A 19 14.74 14.10 12.98
CA PRO A 19 15.06 15.05 11.90
C PRO A 19 14.16 14.88 10.67
N TYR A 20 13.41 13.79 10.64
CA TYR A 20 12.53 13.53 9.50
C TYR A 20 11.06 13.71 9.88
N LEU A 21 10.81 14.22 11.07
CA LEU A 21 9.44 14.42 11.52
C LEU A 21 9.30 15.80 12.18
N ARG A 22 8.67 16.72 11.47
CA ARG A 22 8.48 18.07 11.98
C ARG A 22 7.01 18.46 11.98
N ASN A 23 6.69 19.53 12.72
CA ASN A 23 5.32 20.03 12.82
C ASN A 23 4.37 19.00 13.41
N LEU A 24 4.87 18.25 14.37
CA LEU A 24 4.09 17.20 15.02
C LEU A 24 3.25 17.78 16.16
N SER A 25 1.94 17.70 16.00
CA SER A 25 1.01 18.19 17.00
C SER A 25 -0.31 17.42 16.90
N SER A 26 -1.16 17.55 17.89
CA SER A 26 -2.44 16.87 17.88
C SER A 26 -3.44 17.62 17.00
N ASP A 27 -4.50 16.93 16.62
CA ASP A 27 -5.55 17.53 15.78
C ASP A 27 -6.23 18.66 16.54
N ASP A 28 -6.70 19.66 15.80
CA ASP A 28 -7.37 20.82 16.39
C ASP A 28 -8.55 20.44 17.27
N ALA A 29 -9.20 19.32 16.97
CA ALA A 29 -10.35 18.87 17.74
C ALA A 29 -10.30 17.38 18.03
N ASN A 30 -9.09 16.82 18.14
CA ASN A 30 -8.94 15.40 18.42
C ASN A 30 -7.54 15.06 18.94
N VAL A 31 -7.48 14.51 20.14
CA VAL A 31 -6.21 14.13 20.74
C VAL A 31 -5.77 12.75 20.24
N LEU A 32 -6.69 12.03 19.62
CA LEU A 32 -6.41 10.71 19.09
C LEU A 32 -5.95 10.78 17.64
N VAL A 33 -5.76 11.99 17.15
CA VAL A 33 -5.32 12.20 15.79
C VAL A 33 -4.05 13.05 15.77
N TRP A 34 -2.97 12.48 15.26
CA TRP A 34 -1.70 13.20 15.19
C TRP A 34 -1.48 13.79 13.81
N HIS A 35 -0.87 14.98 13.78
CA HIS A 35 -0.56 15.67 12.54
C HIS A 35 0.95 15.92 12.50
N ALA A 36 1.60 15.49 11.43
CA ALA A 36 3.02 15.68 11.30
C ALA A 36 3.47 15.72 9.84
N LEU A 37 4.64 16.31 9.62
CA LEU A 37 5.20 16.40 8.29
C LEU A 37 6.43 15.51 8.19
N LEU A 38 6.37 14.53 7.30
CA LEU A 38 7.46 13.60 7.11
C LEU A 38 8.46 14.18 6.11
N LEU A 39 9.73 14.13 6.47
CA LEU A 39 10.78 14.65 5.62
C LEU A 39 11.68 13.52 5.12
N PRO A 40 11.33 12.89 3.99
CA PRO A 40 12.12 11.80 3.42
C PRO A 40 13.44 12.33 2.86
N ASP A 41 14.50 11.54 2.96
CA ASP A 41 15.81 11.96 2.46
C ASP A 41 16.05 11.42 1.07
N GLN A 42 15.37 10.31 0.75
CA GLN A 42 15.49 9.66 -0.53
C GLN A 42 15.03 10.59 -1.66
N PRO A 43 15.76 10.62 -2.78
CA PRO A 43 15.42 11.44 -3.94
C PRO A 43 14.27 10.83 -4.73
N PRO A 44 13.35 11.66 -5.26
CA PRO A 44 13.40 13.11 -5.11
C PRO A 44 12.45 13.59 -4.01
N TYR A 45 12.07 12.69 -3.12
CA TYR A 45 11.14 13.00 -2.03
C TYR A 45 11.74 14.00 -1.05
N HIS A 46 13.04 14.22 -1.13
CA HIS A 46 13.72 15.16 -0.24
C HIS A 46 13.51 16.61 -0.64
N LEU A 47 12.82 16.83 -1.76
CA LEU A 47 12.56 18.18 -2.23
C LEU A 47 11.36 18.80 -1.53
N LYS A 48 10.47 17.96 -1.04
CA LYS A 48 9.27 18.43 -0.36
C LYS A 48 9.01 17.61 0.90
N ALA A 49 7.86 17.81 1.51
CA ALA A 49 7.47 17.09 2.70
C ALA A 49 6.09 16.49 2.51
N PHE A 50 5.79 15.45 3.26
CA PHE A 50 4.49 14.80 3.15
C PHE A 50 3.80 14.76 4.50
N ASN A 51 2.57 15.26 4.55
CA ASN A 51 1.82 15.29 5.79
C ASN A 51 1.13 13.95 6.03
N LEU A 52 1.23 13.45 7.24
CA LEU A 52 0.61 12.18 7.60
C LEU A 52 -0.38 12.36 8.74
N ARG A 53 -1.43 11.58 8.73
CA ARG A 53 -2.45 11.62 9.75
C ARG A 53 -2.50 10.30 10.50
N ILE A 54 -2.16 10.34 11.78
CA ILE A 54 -2.18 9.14 12.61
C ILE A 54 -3.49 9.07 13.37
N SER A 55 -4.26 8.02 13.12
CA SER A 55 -5.54 7.83 13.78
C SER A 55 -5.45 6.77 14.87
N PHE A 56 -5.59 7.18 16.11
CA PHE A 56 -5.52 6.27 17.25
C PHE A 56 -6.90 5.69 17.54
N PRO A 57 -6.99 4.36 17.63
CA PRO A 57 -8.25 3.68 17.92
C PRO A 57 -8.61 3.82 19.39
N PRO A 58 -9.92 3.78 19.73
CA PRO A 58 -10.40 3.91 21.11
C PRO A 58 -9.92 2.76 22.00
N GLU A 59 -9.45 1.68 21.38
CA GLU A 59 -8.98 0.52 22.12
C GLU A 59 -7.46 0.50 22.22
N TYR A 60 -6.84 1.67 22.11
CA TYR A 60 -5.38 1.77 22.22
C TYR A 60 -4.95 1.35 23.63
N PRO A 61 -3.80 0.66 23.76
CA PRO A 61 -2.93 0.29 22.65
C PRO A 61 -3.17 -1.14 22.16
N PHE A 62 -4.33 -1.70 22.47
CA PHE A 62 -4.65 -3.05 22.04
C PHE A 62 -4.88 -3.07 20.54
N LYS A 63 -5.33 -1.94 20.02
CA LYS A 63 -5.58 -1.79 18.59
C LYS A 63 -4.50 -0.89 17.98
N PRO A 64 -3.93 -1.31 16.84
CA PRO A 64 -2.88 -0.54 16.16
C PRO A 64 -3.38 0.79 15.57
N PRO A 65 -2.57 1.86 15.68
CA PRO A 65 -2.93 3.17 15.15
C PRO A 65 -2.87 3.19 13.62
N MET A 66 -3.97 3.59 13.01
CA MET A 66 -4.06 3.64 11.55
C MET A 66 -3.44 4.92 11.02
N ILE A 67 -2.33 4.79 10.32
CA ILE A 67 -1.64 5.94 9.76
C ILE A 67 -1.89 6.06 8.26
N LYS A 68 -2.25 7.25 7.82
CA LYS A 68 -2.50 7.50 6.41
C LYS A 68 -1.85 8.81 6.00
N PHE A 69 -1.65 8.99 4.72
CA PHE A 69 -1.05 10.22 4.22
C PHE A 69 -2.12 11.25 3.89
N THR A 70 -1.91 12.48 4.33
CA THR A 70 -2.83 13.56 4.06
C THR A 70 -2.59 14.09 2.66
N THR A 71 -1.32 14.19 2.29
CA THR A 71 -0.93 14.69 0.99
C THR A 71 -0.85 13.51 0.00
N LYS A 72 -0.21 13.74 -1.14
CA LYS A 72 -0.09 12.68 -2.14
C LYS A 72 1.38 12.38 -2.43
N ILE A 73 1.78 11.14 -2.17
CA ILE A 73 3.15 10.72 -2.39
C ILE A 73 3.24 9.63 -3.46
N TYR A 74 4.00 9.90 -4.50
CA TYR A 74 4.19 8.96 -5.60
C TYR A 74 5.22 7.90 -5.21
N HIS A 75 4.80 6.97 -4.36
CA HIS A 75 5.68 5.90 -3.90
C HIS A 75 5.03 4.55 -4.14
N PRO A 76 5.80 3.55 -4.62
CA PRO A 76 5.29 2.20 -4.91
C PRO A 76 4.75 1.46 -3.67
N ASN A 77 4.93 2.05 -2.50
CA ASN A 77 4.46 1.44 -1.26
C ASN A 77 3.28 2.22 -0.68
N VAL A 78 2.75 3.15 -1.47
CA VAL A 78 1.63 3.96 -1.07
C VAL A 78 0.59 3.93 -2.17
N ASP A 79 -0.68 3.96 -1.80
CA ASP A 79 -1.76 3.92 -2.79
C ASP A 79 -2.09 5.34 -3.29
N GLU A 80 -2.95 5.42 -4.31
CA GLU A 80 -3.33 6.70 -4.90
C GLU A 80 -4.10 7.59 -3.93
N ASN A 81 -4.76 6.99 -2.94
CA ASN A 81 -5.52 7.74 -1.96
C ASN A 81 -4.60 8.21 -0.83
N GLY A 82 -3.81 7.28 -0.32
CA GLY A 82 -2.89 7.60 0.76
C GLY A 82 -2.80 6.50 1.79
N GLN A 83 -3.20 5.29 1.39
CA GLN A 83 -3.17 4.14 2.28
C GLN A 83 -1.81 3.45 2.21
N ILE A 84 -1.46 2.76 3.28
CA ILE A 84 -0.18 2.06 3.36
C ILE A 84 -0.36 0.68 3.97
N CYS A 85 0.65 -0.17 3.80
CA CYS A 85 0.62 -1.51 4.35
C CYS A 85 1.84 -1.74 5.24
N LEU A 86 1.71 -1.37 6.51
CA LEU A 86 2.78 -1.53 7.47
C LEU A 86 2.53 -2.72 8.38
N PRO A 87 3.34 -3.78 8.23
CA PRO A 87 3.21 -5.01 9.03
C PRO A 87 3.27 -4.73 10.53
N ILE A 88 4.02 -3.70 10.91
CA ILE A 88 4.17 -3.33 12.31
C ILE A 88 2.84 -2.94 12.97
N ILE A 89 1.90 -2.44 12.15
CA ILE A 89 0.60 -2.02 12.65
C ILE A 89 -0.52 -2.67 11.85
N SER A 90 -0.32 -3.93 11.49
CA SER A 90 -1.29 -4.66 10.71
C SER A 90 -2.10 -5.59 11.59
N SER A 91 -3.15 -6.18 11.02
CA SER A 91 -3.99 -7.12 11.77
C SER A 91 -3.35 -8.51 11.72
N GLU A 92 -2.21 -8.58 11.05
CA GLU A 92 -1.47 -9.82 10.92
C GLU A 92 -0.29 -9.81 11.90
N ASN A 93 0.06 -8.63 12.38
CA ASN A 93 1.18 -8.47 13.31
C ASN A 93 1.06 -7.13 14.05
N TRP A 94 1.03 -7.19 15.38
CA TRP A 94 0.92 -6.00 16.21
C TRP A 94 1.24 -6.31 17.66
N LYS A 95 1.95 -5.41 18.32
CA LYS A 95 2.31 -5.58 19.72
C LYS A 95 1.93 -4.32 20.50
N PRO A 96 1.08 -4.44 21.53
CA PRO A 96 0.64 -3.30 22.35
C PRO A 96 1.80 -2.61 23.07
N CYS A 97 2.91 -3.34 23.20
CA CYS A 97 4.09 -2.81 23.86
C CYS A 97 4.84 -1.83 22.97
N THR A 98 4.53 -1.88 21.68
CA THR A 98 5.16 -1.01 20.71
C THR A 98 4.54 0.38 20.76
N LYS A 99 5.37 1.41 20.77
CA LYS A 99 4.90 2.78 20.82
C LYS A 99 4.85 3.37 19.41
N THR A 100 4.11 4.46 19.27
CA THR A 100 3.93 5.12 17.97
C THR A 100 5.26 5.61 17.40
N CYS A 101 6.22 5.93 18.29
CA CYS A 101 7.53 6.40 17.85
C CYS A 101 8.24 5.34 17.01
N GLN A 102 8.05 4.08 17.38
CA GLN A 102 8.65 2.97 16.66
C GLN A 102 7.99 2.80 15.31
N VAL A 103 6.67 3.00 15.27
CA VAL A 103 5.90 2.88 14.05
C VAL A 103 6.32 3.95 13.06
N LEU A 104 6.53 5.17 13.57
CA LEU A 104 6.96 6.29 12.75
C LEU A 104 8.29 6.00 12.08
N GLU A 105 9.18 5.34 12.83
CA GLU A 105 10.48 4.98 12.30
C GLU A 105 10.33 3.99 11.16
N ALA A 106 9.52 2.95 11.39
CA ALA A 106 9.28 1.93 10.37
C ALA A 106 8.69 2.56 9.12
N LEU A 107 7.76 3.49 9.33
CA LEU A 107 7.12 4.19 8.21
C LEU A 107 8.16 4.96 7.42
N ASN A 108 8.99 5.73 8.12
CA ASN A 108 10.03 6.53 7.49
C ASN A 108 10.98 5.65 6.68
N VAL A 109 11.34 4.50 7.24
CA VAL A 109 12.23 3.56 6.56
C VAL A 109 11.61 3.05 5.26
N LEU A 110 10.33 2.70 5.33
CA LEU A 110 9.62 2.19 4.15
C LEU A 110 9.39 3.26 3.10
N VAL A 111 9.26 4.50 3.55
CA VAL A 111 9.05 5.62 2.64
C VAL A 111 10.35 5.93 1.89
N ASN A 112 11.46 5.84 2.59
CA ASN A 112 12.77 6.09 2.01
C ASN A 112 13.22 4.90 1.17
N ARG A 113 13.14 3.72 1.76
CA ARG A 113 13.54 2.50 1.06
C ARG A 113 12.31 1.72 0.60
N PRO A 114 12.03 1.75 -0.70
CA PRO A 114 10.88 1.06 -1.28
C PRO A 114 11.03 -0.45 -1.24
N ASN A 115 9.90 -1.14 -1.08
CA ASN A 115 9.89 -2.59 -1.04
C ASN A 115 9.34 -3.14 -2.35
N ILE A 116 10.23 -3.68 -3.17
CA ILE A 116 9.84 -4.24 -4.46
C ILE A 116 9.33 -5.66 -4.33
N ARG A 117 9.36 -6.20 -3.11
CA ARG A 117 8.89 -7.55 -2.86
C ARG A 117 7.38 -7.52 -2.64
N GLU A 118 6.95 -6.70 -1.69
CA GLU A 118 5.54 -6.55 -1.37
C GLU A 118 5.16 -5.07 -1.43
N PRO A 119 4.90 -4.55 -2.64
CA PRO A 119 4.52 -3.16 -2.83
C PRO A 119 3.01 -2.98 -2.94
N LEU A 120 2.57 -1.73 -3.03
CA LEU A 120 1.16 -1.42 -3.15
C LEU A 120 0.85 -1.00 -4.58
N ARG A 121 1.91 -0.80 -5.36
CA ARG A 121 1.80 -0.40 -6.74
C ARG A 121 2.75 -1.21 -7.61
N MET A 122 2.23 -2.27 -8.21
CA MET A 122 3.02 -3.14 -9.07
C MET A 122 3.59 -2.37 -10.25
N ASP A 123 2.85 -1.37 -10.71
CA ASP A 123 3.25 -0.55 -11.83
C ASP A 123 4.49 0.27 -11.50
N LEU A 124 4.47 0.92 -10.34
CA LEU A 124 5.59 1.73 -9.89
C LEU A 124 6.78 0.87 -9.50
N ALA A 125 6.50 -0.27 -8.88
CA ALA A 125 7.55 -1.20 -8.46
C ALA A 125 8.31 -1.71 -9.68
N ASP A 126 7.56 -2.10 -10.71
CA ASP A 126 8.15 -2.60 -11.94
C ASP A 126 9.00 -1.52 -12.60
N LEU A 127 8.45 -0.31 -12.65
CA LEU A 127 9.14 0.83 -13.25
C LEU A 127 10.45 1.12 -12.52
N LEU A 128 10.40 1.10 -11.20
CA LEU A 128 11.58 1.37 -10.38
C LEU A 128 12.67 0.33 -10.60
N THR A 129 12.26 -0.91 -10.82
CA THR A 129 13.20 -2.01 -11.05
C THR A 129 13.57 -2.13 -12.52
N GLN A 130 13.25 -1.11 -13.31
CA GLN A 130 13.57 -1.09 -14.73
C GLN A 130 14.28 0.19 -15.13
N ASN A 131 13.72 1.33 -14.72
CA ASN A 131 14.30 2.62 -15.04
C ASN A 131 14.10 3.60 -13.88
N PRO A 132 15.10 3.72 -13.00
CA PRO A 132 15.04 4.62 -11.84
C PRO A 132 14.94 6.08 -12.24
N GLU A 133 15.54 6.44 -13.37
CA GLU A 133 15.51 7.81 -13.85
C GLU A 133 14.09 8.21 -14.28
N LEU A 134 13.45 7.36 -15.06
CA LEU A 134 12.08 7.64 -15.51
C LEU A 134 11.14 7.72 -14.33
N PHE A 135 11.32 6.82 -13.37
CA PHE A 135 10.51 6.80 -12.17
C PHE A 135 10.74 8.07 -11.36
N ARG A 136 12.01 8.48 -11.30
CA ARG A 136 12.40 9.68 -10.56
C ARG A 136 11.71 10.91 -11.15
N LYS A 137 11.67 10.99 -12.47
CA LYS A 137 11.04 12.12 -13.17
C LYS A 137 9.58 12.24 -12.76
N ASN A 138 8.85 11.14 -12.86
CA ASN A 138 7.43 11.11 -12.52
C ASN A 138 7.21 11.45 -11.05
N ALA A 139 8.03 10.89 -10.20
CA ALA A 139 7.93 11.14 -8.77
C ALA A 139 8.29 12.57 -8.41
N GLU A 140 9.28 13.12 -9.09
CA GLU A 140 9.73 14.49 -8.87
C GLU A 140 8.64 15.51 -9.14
N GLU A 141 8.07 15.44 -10.35
CA GLU A 141 7.01 16.37 -10.73
C GLU A 141 5.83 16.25 -9.76
N PHE A 142 5.53 15.02 -9.37
CA PHE A 142 4.43 14.76 -8.46
C PHE A 142 4.70 15.36 -7.07
N THR A 143 5.93 15.16 -6.58
CA THR A 143 6.32 15.67 -5.28
C THR A 143 6.23 17.20 -5.24
N LEU A 144 6.64 17.84 -6.33
CA LEU A 144 6.61 19.29 -6.41
C LEU A 144 5.25 19.79 -6.90
N ARG A 145 4.27 18.88 -6.92
CA ARG A 145 2.94 19.22 -7.37
C ARG A 145 1.90 18.99 -6.28
N PHE A 146 1.90 17.79 -5.72
CA PHE A 146 0.96 17.44 -4.67
C PHE A 146 1.66 17.18 -3.35
N GLY A 147 2.70 17.94 -3.08
CA GLY A 147 3.45 17.77 -1.85
C GLY A 147 3.57 19.05 -1.07
N VAL A 148 3.82 18.93 0.23
CA VAL A 148 3.96 20.08 1.10
C VAL A 148 5.39 20.62 0.97
N ASP A 149 5.56 21.93 1.13
CA ASP A 149 6.89 22.54 1.01
C ASP A 149 7.82 22.02 2.10
N ARG A 150 9.10 21.89 1.75
CA ARG A 150 10.10 21.39 2.68
C ARG A 150 10.33 22.39 3.82
N PRO A 151 10.04 21.96 5.07
CA PRO A 151 10.21 22.81 6.26
C PRO A 151 11.67 23.16 6.51
N MET B 1 -7.56 -22.34 -25.02
CA MET B 1 -8.03 -21.05 -25.56
C MET B 1 -7.33 -19.89 -24.88
N GLN B 2 -7.10 -18.83 -25.63
CA GLN B 2 -6.41 -17.65 -25.12
C GLN B 2 -7.39 -16.65 -24.52
N ILE B 3 -7.22 -16.35 -23.25
CA ILE B 3 -8.06 -15.38 -22.57
C ILE B 3 -7.22 -14.17 -22.18
N PHE B 4 -7.87 -13.13 -21.69
CA PHE B 4 -7.17 -11.92 -21.30
C PHE B 4 -7.38 -11.62 -19.82
N VAL B 5 -6.30 -11.56 -19.08
CA VAL B 5 -6.36 -11.27 -17.66
C VAL B 5 -5.87 -9.86 -17.41
N LYS B 6 -6.78 -8.97 -17.03
CA LYS B 6 -6.44 -7.58 -16.79
C LYS B 6 -6.42 -7.26 -15.30
N THR B 7 -5.32 -6.72 -14.83
CA THR B 7 -5.18 -6.36 -13.43
C THR B 7 -5.71 -4.95 -13.21
N LEU B 8 -5.84 -4.54 -11.95
CA LEU B 8 -6.33 -3.21 -11.62
C LEU B 8 -5.31 -2.15 -12.02
N THR B 9 -4.12 -2.59 -12.40
CA THR B 9 -3.05 -1.69 -12.82
C THR B 9 -3.09 -1.48 -14.32
N GLY B 10 -4.08 -2.07 -14.98
CA GLY B 10 -4.21 -1.93 -16.43
C GLY B 10 -3.45 -3.00 -17.18
N LYS B 11 -2.44 -3.56 -16.52
CA LYS B 11 -1.61 -4.60 -17.12
C LYS B 11 -2.46 -5.81 -17.48
N THR B 12 -2.57 -6.07 -18.78
CA THR B 12 -3.35 -7.19 -19.29
C THR B 12 -2.43 -8.25 -19.87
N ILE B 13 -2.56 -9.48 -19.39
CA ILE B 13 -1.74 -10.58 -19.88
C ILE B 13 -2.58 -11.62 -20.60
N THR B 14 -1.93 -12.37 -21.48
CA THR B 14 -2.59 -13.42 -22.24
C THR B 14 -2.41 -14.75 -21.52
N LEU B 15 -3.48 -15.49 -21.35
CA LEU B 15 -3.41 -16.77 -20.68
C LEU B 15 -4.06 -17.88 -21.50
N GLU B 16 -3.37 -19.00 -21.61
CA GLU B 16 -3.89 -20.14 -22.36
C GLU B 16 -4.48 -21.16 -21.41
N VAL B 17 -5.80 -21.28 -21.45
CA VAL B 17 -6.51 -22.21 -20.59
C VAL B 17 -7.60 -22.91 -21.38
N GLU B 18 -7.97 -24.11 -20.97
CA GLU B 18 -9.02 -24.85 -21.64
C GLU B 18 -10.32 -24.70 -20.85
N PRO B 19 -11.48 -24.98 -21.47
CA PRO B 19 -12.77 -24.87 -20.79
C PRO B 19 -12.82 -25.69 -19.50
N SER B 20 -12.07 -26.80 -19.47
CA SER B 20 -12.03 -27.68 -18.32
C SER B 20 -10.98 -27.24 -17.29
N ASP B 21 -10.35 -26.09 -17.53
CA ASP B 21 -9.34 -25.57 -16.60
C ASP B 21 -9.98 -25.05 -15.33
N THR B 22 -9.48 -25.50 -14.18
CA THR B 22 -10.00 -25.07 -12.89
C THR B 22 -9.44 -23.69 -12.54
N ILE B 23 -10.24 -22.89 -11.82
CA ILE B 23 -9.82 -21.55 -11.43
C ILE B 23 -8.54 -21.57 -10.61
N GLU B 24 -8.42 -22.55 -9.72
CA GLU B 24 -7.23 -22.68 -8.89
C GLU B 24 -6.00 -22.86 -9.78
N ASN B 25 -6.16 -23.65 -10.82
CA ASN B 25 -5.09 -23.92 -11.78
C ASN B 25 -4.79 -22.65 -12.57
N VAL B 26 -5.83 -21.86 -12.84
CA VAL B 26 -5.68 -20.61 -13.57
C VAL B 26 -4.80 -19.66 -12.76
N LYS B 27 -5.04 -19.62 -11.45
CA LYS B 27 -4.27 -18.78 -10.55
C LYS B 27 -2.79 -19.17 -10.62
N ALA B 28 -2.54 -20.47 -10.67
CA ALA B 28 -1.18 -20.99 -10.74
C ALA B 28 -0.52 -20.54 -12.04
N LYS B 29 -1.29 -20.56 -13.12
CA LYS B 29 -0.78 -20.13 -14.43
C LYS B 29 -0.43 -18.64 -14.41
N ILE B 30 -1.21 -17.86 -13.68
CA ILE B 30 -0.97 -16.43 -13.57
C ILE B 30 0.30 -16.17 -12.76
N GLN B 31 0.45 -16.89 -11.66
CA GLN B 31 1.62 -16.76 -10.80
C GLN B 31 2.87 -17.24 -11.53
N ASP B 32 2.67 -18.23 -12.40
CA ASP B 32 3.76 -18.81 -13.18
C ASP B 32 4.46 -17.77 -14.05
N LYS B 33 3.69 -16.84 -14.61
CA LYS B 33 4.25 -15.81 -15.46
C LYS B 33 4.44 -14.48 -14.74
N GLU B 34 3.45 -14.08 -13.94
CA GLU B 34 3.53 -12.82 -13.21
C GLU B 34 4.27 -13.00 -11.88
N GLY B 35 3.73 -13.85 -11.02
CA GLY B 35 4.36 -14.08 -9.73
C GLY B 35 3.44 -13.74 -8.56
N ILE B 36 2.26 -13.20 -8.88
CA ILE B 36 1.29 -12.82 -7.87
C ILE B 36 0.73 -14.06 -7.16
N PRO B 37 0.87 -14.12 -5.83
CA PRO B 37 0.39 -15.25 -5.01
C PRO B 37 -1.11 -15.48 -5.18
N PRO B 38 -1.53 -16.74 -5.33
CA PRO B 38 -2.95 -17.12 -5.51
C PRO B 38 -3.84 -16.64 -4.36
N ASP B 39 -3.24 -16.50 -3.17
CA ASP B 39 -3.97 -16.04 -2.00
C ASP B 39 -4.43 -14.60 -2.17
N GLN B 40 -3.68 -13.85 -2.97
CA GLN B 40 -3.98 -12.46 -3.22
C GLN B 40 -4.63 -12.30 -4.59
N GLN B 41 -4.94 -13.41 -5.23
CA GLN B 41 -5.56 -13.39 -6.56
C GLN B 41 -7.06 -13.50 -6.50
N ARG B 42 -7.75 -12.39 -6.71
CA ARG B 42 -9.20 -12.37 -6.71
C ARG B 42 -9.70 -12.13 -8.14
N LEU B 43 -10.01 -13.22 -8.83
CA LEU B 43 -10.49 -13.15 -10.21
C LEU B 43 -11.98 -12.85 -10.28
N ILE B 44 -12.31 -11.73 -10.90
CA ILE B 44 -13.70 -11.32 -11.07
C ILE B 44 -14.10 -11.42 -12.53
N PHE B 45 -15.20 -12.12 -12.80
CA PHE B 45 -15.68 -12.29 -14.15
C PHE B 45 -17.16 -11.95 -14.23
N ALA B 46 -17.49 -10.92 -15.00
CA ALA B 46 -18.87 -10.46 -15.18
C ALA B 46 -19.52 -10.10 -13.84
N GLY B 47 -18.71 -9.67 -12.90
CA GLY B 47 -19.22 -9.28 -11.60
C GLY B 47 -19.23 -10.43 -10.59
N LYS B 48 -18.99 -11.64 -11.06
CA LYS B 48 -18.98 -12.81 -10.19
C LYS B 48 -17.55 -13.20 -9.86
N GLN B 49 -17.34 -13.70 -8.65
CA GLN B 49 -16.01 -14.12 -8.22
C GLN B 49 -15.79 -15.58 -8.62
N LEU B 50 -14.66 -15.85 -9.23
CA LEU B 50 -14.33 -17.19 -9.67
C LEU B 50 -13.87 -18.06 -8.51
N GLU B 51 -14.67 -19.06 -8.17
CA GLU B 51 -14.34 -19.96 -7.08
C GLU B 51 -13.21 -20.91 -7.51
N ASP B 52 -12.23 -21.10 -6.64
CA ASP B 52 -11.07 -21.96 -6.91
C ASP B 52 -11.45 -23.34 -7.45
N GLY B 53 -12.50 -23.93 -6.88
CA GLY B 53 -12.92 -25.26 -7.29
C GLY B 53 -13.81 -25.28 -8.52
N ARG B 54 -14.03 -24.13 -9.14
CA ARG B 54 -14.87 -24.06 -10.33
C ARG B 54 -14.01 -24.07 -11.58
N THR B 55 -14.61 -24.35 -12.73
CA THR B 55 -13.90 -24.36 -13.99
C THR B 55 -14.42 -23.24 -14.87
N LEU B 56 -13.86 -23.11 -16.07
CA LEU B 56 -14.29 -22.08 -17.00
C LEU B 56 -15.65 -22.41 -17.60
N SER B 57 -16.02 -23.69 -17.53
CA SER B 57 -17.31 -24.12 -18.06
C SER B 57 -18.44 -23.70 -17.13
N ASP B 58 -18.13 -23.60 -15.85
CA ASP B 58 -19.10 -23.22 -14.83
C ASP B 58 -19.70 -21.86 -15.10
N TYR B 59 -18.85 -20.85 -15.27
CA TYR B 59 -19.30 -19.49 -15.51
C TYR B 59 -19.53 -19.22 -17.00
N ASN B 60 -19.39 -20.27 -17.82
CA ASN B 60 -19.57 -20.14 -19.27
C ASN B 60 -18.58 -19.12 -19.84
N ILE B 61 -17.30 -19.40 -19.65
CA ILE B 61 -16.25 -18.53 -20.13
C ILE B 61 -15.75 -18.99 -21.49
N GLN B 62 -15.85 -18.11 -22.47
CA GLN B 62 -15.39 -18.41 -23.83
C GLN B 62 -13.99 -17.88 -24.03
N LYS B 63 -13.47 -17.98 -25.25
CA LYS B 63 -12.13 -17.50 -25.54
C LYS B 63 -12.10 -15.98 -25.64
N GLU B 64 -10.93 -15.39 -25.41
CA GLU B 64 -10.74 -13.94 -25.45
C GLU B 64 -11.46 -13.22 -24.32
N SER B 65 -11.99 -13.98 -23.38
CA SER B 65 -12.69 -13.38 -22.25
C SER B 65 -11.73 -12.59 -21.38
N THR B 66 -12.11 -11.35 -21.08
CA THR B 66 -11.28 -10.49 -20.26
C THR B 66 -11.69 -10.57 -18.80
N LEU B 67 -10.81 -11.15 -17.99
CA LEU B 67 -11.06 -11.29 -16.56
C LEU B 67 -10.42 -10.14 -15.81
N HIS B 68 -11.02 -9.76 -14.69
CA HIS B 68 -10.48 -8.67 -13.88
C HIS B 68 -9.82 -9.23 -12.63
N LEU B 69 -8.52 -9.01 -12.52
CA LEU B 69 -7.75 -9.52 -11.39
C LEU B 69 -7.56 -8.46 -10.31
N VAL B 70 -8.22 -8.68 -9.18
CA VAL B 70 -8.13 -7.79 -8.04
C VAL B 70 -7.12 -8.38 -7.04
N LEU B 71 -6.17 -7.56 -6.61
CA LEU B 71 -5.16 -8.03 -5.68
C LEU B 71 -5.58 -7.82 -4.23
N ARG B 72 -5.51 -8.89 -3.45
CA ARG B 72 -5.86 -8.85 -2.05
C ARG B 72 -4.60 -8.73 -1.20
N LEU B 73 -4.21 -7.52 -0.88
CA LEU B 73 -3.02 -7.28 -0.08
C LEU B 73 -3.29 -7.53 1.39
N ARG B 74 -2.62 -8.53 1.95
CA ARG B 74 -2.78 -8.88 3.35
C ARG B 74 -1.62 -8.30 4.18
N GLY B 75 -1.69 -7.01 4.43
CA GLY B 75 -0.64 -6.36 5.21
C GLY B 75 -1.12 -5.08 5.87
N CYS B 76 -2.37 -5.07 6.29
CA CYS B 76 -2.95 -3.91 6.94
C CYS B 76 -3.70 -4.34 8.20
N ALA A 2 -6.99 4.58 25.89
CA ALA A 2 -7.68 5.78 25.36
C ALA A 2 -6.67 6.90 25.06
N SER A 3 -7.10 8.13 25.24
CA SER A 3 -6.27 9.30 24.97
C SER A 3 -5.07 9.41 25.92
N MET A 4 -5.15 8.77 27.08
CA MET A 4 -4.07 8.82 28.06
C MET A 4 -2.70 8.45 27.47
N ARG A 5 -2.62 7.27 26.85
CA ARG A 5 -1.36 6.82 26.26
C ARG A 5 -0.95 7.74 25.12
N VAL A 6 -1.95 8.22 24.37
CA VAL A 6 -1.70 9.11 23.24
C VAL A 6 -0.98 10.38 23.68
N VAL A 7 -1.45 10.98 24.77
CA VAL A 7 -0.84 12.21 25.30
C VAL A 7 0.58 11.92 25.77
N LYS A 8 0.78 10.74 26.36
CA LYS A 8 2.08 10.36 26.86
C LYS A 8 3.05 10.09 25.70
N GLU A 9 2.55 9.43 24.66
CA GLU A 9 3.37 9.12 23.49
C GLU A 9 3.75 10.39 22.73
N LEU A 10 2.81 11.32 22.63
CA LEU A 10 3.05 12.58 21.96
C LEU A 10 4.19 13.33 22.63
N GLU A 11 4.08 13.50 23.94
CA GLU A 11 5.10 14.19 24.73
C GLU A 11 6.43 13.45 24.62
N ASP A 12 6.35 12.13 24.59
CA ASP A 12 7.54 11.27 24.51
C ASP A 12 8.28 11.55 23.20
N LEU A 13 7.54 11.48 22.10
CA LEU A 13 8.09 11.70 20.78
C LEU A 13 8.45 13.16 20.50
N GLN A 14 7.80 14.08 21.22
CA GLN A 14 8.08 15.50 21.03
C GLN A 14 9.41 15.89 21.65
N LYS A 15 9.91 15.04 22.54
CA LYS A 15 11.19 15.27 23.19
C LYS A 15 12.29 14.58 22.40
N LYS A 16 11.98 13.39 21.89
CA LYS A 16 12.93 12.62 21.10
C LYS A 16 12.34 12.31 19.73
N PRO A 17 12.29 13.31 18.84
CA PRO A 17 11.75 13.15 17.50
C PRO A 17 12.78 12.58 16.53
N PRO A 18 12.35 11.63 15.69
CA PRO A 18 13.23 11.00 14.69
C PRO A 18 13.61 12.01 13.61
N PRO A 19 14.84 11.91 13.08
CA PRO A 19 15.35 12.84 12.06
C PRO A 19 14.47 12.92 10.80
N TYR A 20 13.66 11.90 10.57
CA TYR A 20 12.79 11.87 9.40
C TYR A 20 11.37 12.34 9.69
N LEU A 21 11.14 12.85 10.89
CA LEU A 21 9.82 13.34 11.27
C LEU A 21 9.90 14.71 11.92
N ARG A 22 9.30 15.70 11.28
CA ARG A 22 9.32 17.07 11.79
C ARG A 22 7.90 17.59 11.96
N ASN A 23 7.76 18.69 12.68
CA ASN A 23 6.47 19.33 12.93
C ASN A 23 5.48 18.40 13.62
N LEU A 24 5.99 17.49 14.42
CA LEU A 24 5.15 16.53 15.14
C LEU A 24 4.32 17.24 16.22
N SER A 25 3.06 17.49 15.91
CA SER A 25 2.17 18.15 16.83
C SER A 25 0.80 17.48 16.84
N SER A 26 -0.06 17.92 17.73
CA SER A 26 -1.40 17.39 17.82
C SER A 26 -2.31 18.10 16.82
N ASP A 27 -3.60 17.87 16.92
CA ASP A 27 -4.55 18.52 16.02
C ASP A 27 -4.91 19.90 16.58
N ASP A 28 -5.45 20.75 15.73
CA ASP A 28 -5.82 22.09 16.14
C ASP A 28 -6.85 22.07 17.26
N ALA A 29 -7.77 21.12 17.18
CA ALA A 29 -8.81 20.99 18.19
C ALA A 29 -9.07 19.53 18.54
N ASN A 30 -8.00 18.74 18.61
CA ASN A 30 -8.13 17.32 18.92
C ASN A 30 -6.78 16.73 19.36
N VAL A 31 -6.82 15.88 20.38
CA VAL A 31 -5.59 15.25 20.87
C VAL A 31 -5.45 13.84 20.29
N LEU A 32 -6.51 13.36 19.65
CA LEU A 32 -6.50 12.03 19.05
C LEU A 32 -6.11 12.07 17.58
N VAL A 33 -5.56 13.21 17.17
CA VAL A 33 -5.12 13.40 15.80
C VAL A 33 -3.73 14.04 15.80
N TRP A 34 -2.78 13.39 15.16
CA TRP A 34 -1.42 13.90 15.09
C TRP A 34 -1.11 14.49 13.71
N HIS A 35 -0.38 15.59 13.71
CA HIS A 35 0.01 16.27 12.48
C HIS A 35 1.54 16.26 12.43
N ALA A 36 2.11 15.72 11.36
CA ALA A 36 3.56 15.68 11.24
C ALA A 36 4.02 15.68 9.78
N LEU A 37 5.28 16.02 9.58
CA LEU A 37 5.89 16.05 8.26
C LEU A 37 6.96 14.99 8.16
N LEU A 38 6.81 14.10 7.18
CA LEU A 38 7.78 13.03 6.97
C LEU A 38 8.85 13.48 5.99
N LEU A 39 10.10 13.26 6.36
CA LEU A 39 11.23 13.64 5.52
C LEU A 39 12.03 12.41 5.10
N PRO A 40 11.65 11.79 3.97
CA PRO A 40 12.33 10.59 3.47
C PRO A 40 13.71 10.93 2.90
N ASP A 41 14.58 9.93 2.82
CA ASP A 41 15.93 10.12 2.30
C ASP A 41 16.01 9.66 0.85
N GLN A 42 15.26 8.63 0.53
CA GLN A 42 15.23 8.06 -0.82
C GLN A 42 14.84 9.11 -1.86
N PRO A 43 15.72 9.34 -2.84
CA PRO A 43 15.47 10.31 -3.91
C PRO A 43 14.35 9.82 -4.82
N PRO A 44 13.55 10.75 -5.38
CA PRO A 44 13.70 12.19 -5.17
C PRO A 44 12.78 12.70 -4.07
N TYR A 45 12.30 11.80 -3.22
CA TYR A 45 11.40 12.16 -2.12
C TYR A 45 12.08 13.10 -1.14
N HIS A 46 13.41 13.05 -1.09
CA HIS A 46 14.18 13.89 -0.18
C HIS A 46 14.26 15.35 -0.65
N LEU A 47 13.64 15.66 -1.78
CA LEU A 47 13.65 17.01 -2.30
C LEU A 47 12.70 17.90 -1.52
N LYS A 48 11.64 17.30 -1.00
CA LYS A 48 10.64 18.01 -0.22
C LYS A 48 10.18 17.15 0.95
N ALA A 49 9.04 17.51 1.54
CA ALA A 49 8.49 16.79 2.68
C ALA A 49 7.02 16.46 2.44
N PHE A 50 6.51 15.49 3.18
CA PHE A 50 5.11 15.10 3.03
C PHE A 50 4.42 15.14 4.38
N ASN A 51 3.23 15.71 4.42
CA ASN A 51 2.47 15.82 5.66
C ASN A 51 1.56 14.61 5.84
N LEU A 52 1.54 14.07 7.05
CA LEU A 52 0.71 12.93 7.36
C LEU A 52 -0.28 13.26 8.47
N ARG A 53 -1.38 12.54 8.50
CA ARG A 53 -2.41 12.74 9.51
C ARG A 53 -2.68 11.43 10.24
N ILE A 54 -2.28 11.38 11.50
CA ILE A 54 -2.47 10.19 12.31
C ILE A 54 -3.77 10.28 13.11
N SER A 55 -4.68 9.37 12.85
CA SER A 55 -5.96 9.35 13.54
C SER A 55 -6.01 8.22 14.56
N PHE A 56 -6.08 8.58 15.84
CA PHE A 56 -6.12 7.60 16.91
C PHE A 56 -7.55 7.20 17.22
N PRO A 57 -7.81 5.89 17.30
CA PRO A 57 -9.14 5.37 17.60
C PRO A 57 -9.45 5.50 19.09
N PRO A 58 -10.75 5.56 19.43
CA PRO A 58 -11.18 5.69 20.83
C PRO A 58 -10.84 4.44 21.65
N GLU A 59 -10.59 3.33 20.96
CA GLU A 59 -10.26 2.09 21.63
C GLU A 59 -8.75 1.85 21.66
N TYR A 60 -7.98 2.90 21.43
CA TYR A 60 -6.52 2.79 21.45
C TYR A 60 -6.05 2.36 22.84
N PRO A 61 -5.03 1.47 22.93
CA PRO A 61 -4.35 0.89 21.80
C PRO A 61 -4.85 -0.51 21.43
N PHE A 62 -6.10 -0.81 21.77
CA PHE A 62 -6.67 -2.11 21.45
C PHE A 62 -7.00 -2.16 19.96
N LYS A 63 -7.24 -0.97 19.40
CA LYS A 63 -7.56 -0.83 18.00
C LYS A 63 -6.39 -0.11 17.31
N PRO A 64 -5.99 -0.58 16.12
CA PRO A 64 -4.89 0.03 15.36
C PRO A 64 -5.19 1.45 14.89
N PRO A 65 -4.22 2.36 15.01
CA PRO A 65 -4.38 3.75 14.58
C PRO A 65 -4.37 3.87 13.06
N MET A 66 -5.05 4.88 12.54
CA MET A 66 -5.12 5.09 11.10
C MET A 66 -4.19 6.21 10.68
N ILE A 67 -3.15 5.87 9.94
CA ILE A 67 -2.18 6.85 9.48
C ILE A 67 -2.24 6.98 7.97
N LYS A 68 -2.48 8.20 7.50
CA LYS A 68 -2.56 8.48 6.07
C LYS A 68 -1.84 9.78 5.76
N PHE A 69 -1.52 9.98 4.50
CA PHE A 69 -0.84 11.19 4.08
C PHE A 69 -1.86 12.28 3.75
N THR A 70 -1.62 13.49 4.22
CA THR A 70 -2.51 14.61 3.98
C THR A 70 -2.21 15.20 2.60
N THR A 71 -0.94 15.15 2.22
CA THR A 71 -0.50 15.66 0.94
C THR A 71 -0.47 14.53 -0.09
N LYS A 72 -0.10 14.85 -1.32
CA LYS A 72 -0.05 13.85 -2.39
C LYS A 72 1.36 13.33 -2.57
N ILE A 73 1.52 12.02 -2.57
CA ILE A 73 2.83 11.41 -2.73
C ILE A 73 2.82 10.36 -3.83
N TYR A 74 3.78 10.46 -4.74
CA TYR A 74 3.90 9.52 -5.84
C TYR A 74 4.70 8.30 -5.38
N HIS A 75 4.02 7.37 -4.71
CA HIS A 75 4.66 6.18 -4.20
C HIS A 75 3.85 4.93 -4.54
N PRO A 76 4.50 3.85 -5.01
CA PRO A 76 3.83 2.60 -5.39
C PRO A 76 3.20 1.86 -4.20
N ASN A 77 3.41 2.37 -3.01
CA ASN A 77 2.86 1.74 -1.81
C ASN A 77 1.86 2.67 -1.13
N VAL A 78 1.40 3.66 -1.87
CA VAL A 78 0.44 4.64 -1.37
C VAL A 78 -0.59 4.93 -2.46
N ASP A 79 -1.84 5.11 -2.08
CA ASP A 79 -2.90 5.39 -3.04
C ASP A 79 -3.00 6.90 -3.32
N GLU A 80 -3.81 7.26 -4.30
CA GLU A 80 -3.99 8.66 -4.69
C GLU A 80 -4.61 9.51 -3.57
N ASN A 81 -5.43 8.88 -2.73
CA ASN A 81 -6.07 9.60 -1.62
C ASN A 81 -5.05 9.82 -0.50
N GLY A 82 -4.15 8.89 -0.35
CA GLY A 82 -3.13 8.98 0.68
C GLY A 82 -3.19 7.83 1.65
N GLN A 83 -3.84 6.75 1.23
CA GLN A 83 -3.98 5.57 2.07
C GLN A 83 -2.72 4.70 1.98
N ILE A 84 -2.29 4.20 3.13
CA ILE A 84 -1.11 3.36 3.20
C ILE A 84 -1.43 2.07 3.93
N CYS A 85 -0.89 0.96 3.44
CA CYS A 85 -1.12 -0.33 4.05
C CYS A 85 0.11 -0.76 4.85
N LEU A 86 -0.02 -0.73 6.17
CA LEU A 86 1.07 -1.11 7.04
C LEU A 86 0.71 -2.34 7.86
N PRO A 87 1.49 -3.43 7.72
CA PRO A 87 1.26 -4.68 8.45
C PRO A 87 1.29 -4.46 9.97
N ILE A 88 2.10 -3.50 10.42
CA ILE A 88 2.21 -3.19 11.83
C ILE A 88 0.89 -2.70 12.42
N ILE A 89 0.11 -1.98 11.61
CA ILE A 89 -1.18 -1.47 12.06
C ILE A 89 -2.32 -2.14 11.31
N SER A 90 -2.09 -3.37 10.91
CA SER A 90 -3.09 -4.13 10.19
C SER A 90 -4.02 -4.82 11.18
N SER A 91 -5.22 -5.13 10.74
CA SER A 91 -6.19 -5.82 11.59
C SER A 91 -5.78 -7.27 11.82
N GLU A 92 -4.75 -7.70 11.11
CA GLU A 92 -4.27 -9.07 11.20
C GLU A 92 -3.02 -9.19 12.08
N ASN A 93 -2.21 -8.13 12.15
CA ASN A 93 -0.98 -8.18 12.92
C ASN A 93 -0.81 -7.03 13.90
N TRP A 94 -1.91 -6.44 14.34
CA TRP A 94 -1.82 -5.34 15.30
C TRP A 94 -1.49 -5.84 16.70
N LYS A 95 -0.42 -5.30 17.26
CA LYS A 95 0.01 -5.66 18.59
C LYS A 95 -0.13 -4.43 19.50
N PRO A 96 -1.00 -4.50 20.52
CA PRO A 96 -1.24 -3.38 21.45
C PRO A 96 0.02 -2.90 22.18
N CYS A 97 1.02 -3.78 22.25
CA CYS A 97 2.27 -3.47 22.93
C CYS A 97 3.16 -2.57 22.07
N THR A 98 2.77 -2.36 20.83
CA THR A 98 3.52 -1.52 19.91
C THR A 98 3.15 -0.06 20.11
N LYS A 99 4.17 0.79 20.17
CA LYS A 99 3.95 2.22 20.32
C LYS A 99 3.91 2.89 18.96
N THR A 100 3.33 4.09 18.90
CA THR A 100 3.19 4.82 17.65
C THR A 100 4.54 5.13 17.01
N CYS A 101 5.57 5.30 17.85
CA CYS A 101 6.91 5.60 17.35
C CYS A 101 7.42 4.47 16.46
N GLN A 102 7.09 3.23 16.83
CA GLN A 102 7.51 2.06 16.07
C GLN A 102 6.78 2.03 14.73
N VAL A 103 5.52 2.45 14.74
CA VAL A 103 4.72 2.49 13.53
C VAL A 103 5.30 3.51 12.57
N LEU A 104 5.70 4.66 13.10
CA LEU A 104 6.30 5.72 12.31
C LEU A 104 7.63 5.25 11.73
N GLU A 105 8.34 4.45 12.51
CA GLU A 105 9.62 3.91 12.08
C GLU A 105 9.39 3.00 10.88
N ALA A 106 8.39 2.13 10.99
CA ALA A 106 8.05 1.20 9.93
C ALA A 106 7.59 1.96 8.69
N LEU A 107 6.82 3.02 8.90
CA LEU A 107 6.32 3.85 7.81
C LEU A 107 7.47 4.42 7.00
N ASN A 108 8.46 4.97 7.70
CA ASN A 108 9.63 5.54 7.05
C ASN A 108 10.33 4.49 6.19
N VAL A 109 10.42 3.28 6.71
CA VAL A 109 11.06 2.18 5.99
C VAL A 109 10.30 1.86 4.72
N LEU A 110 8.98 1.79 4.81
CA LEU A 110 8.14 1.48 3.66
C LEU A 110 8.20 2.58 2.60
N VAL A 111 8.37 3.82 3.03
CA VAL A 111 8.45 4.95 2.12
C VAL A 111 9.78 4.95 1.37
N ASN A 112 10.86 4.71 2.11
CA ASN A 112 12.20 4.69 1.52
C ASN A 112 12.44 3.41 0.75
N ARG A 113 11.87 2.32 1.23
CA ARG A 113 12.02 1.02 0.58
C ARG A 113 10.68 0.57 0.01
N PRO A 114 10.42 0.89 -1.26
CA PRO A 114 9.16 0.51 -1.91
C PRO A 114 9.06 -0.99 -2.12
N ASN A 115 8.22 -1.63 -1.31
CA ASN A 115 8.03 -3.07 -1.40
C ASN A 115 7.39 -3.43 -2.73
N ILE A 116 8.16 -4.09 -3.59
CA ILE A 116 7.68 -4.49 -4.91
C ILE A 116 6.91 -5.80 -4.86
N ARG A 117 7.04 -6.52 -3.77
CA ARG A 117 6.35 -7.80 -3.60
C ARG A 117 4.87 -7.58 -3.29
N GLU A 118 4.60 -6.71 -2.33
CA GLU A 118 3.24 -6.38 -1.95
C GLU A 118 3.04 -4.86 -1.97
N PRO A 119 2.82 -4.29 -3.15
CA PRO A 119 2.61 -2.87 -3.31
C PRO A 119 1.13 -2.52 -3.34
N LEU A 120 0.82 -1.24 -3.40
CA LEU A 120 -0.56 -0.78 -3.45
C LEU A 120 -0.90 -0.35 -4.87
N ARG A 121 0.15 -0.07 -5.64
CA ARG A 121 0.00 0.36 -7.02
C ARG A 121 0.96 -0.43 -7.90
N MET A 122 0.43 -1.48 -8.53
CA MET A 122 1.24 -2.32 -9.41
C MET A 122 1.71 -1.54 -10.63
N ASP A 123 0.96 -0.50 -10.99
CA ASP A 123 1.31 0.33 -12.15
C ASP A 123 2.58 1.12 -11.88
N LEU A 124 2.74 1.59 -10.66
CA LEU A 124 3.92 2.35 -10.28
C LEU A 124 5.08 1.42 -9.96
N ALA A 125 4.76 0.27 -9.37
CA ALA A 125 5.77 -0.72 -9.02
C ALA A 125 6.38 -1.31 -10.29
N ASP A 126 5.51 -1.56 -11.27
CA ASP A 126 5.93 -2.11 -12.56
C ASP A 126 6.91 -1.15 -13.22
N LEU A 127 6.58 0.13 -13.16
CA LEU A 127 7.41 1.18 -13.73
C LEU A 127 8.78 1.23 -13.07
N LEU A 128 8.78 1.19 -11.74
CA LEU A 128 10.03 1.23 -10.97
C LEU A 128 10.90 0.00 -11.23
N THR A 129 10.26 -1.12 -11.49
CA THR A 129 10.98 -2.36 -11.77
C THR A 129 11.52 -2.38 -13.19
N GLN A 130 10.78 -1.77 -14.11
CA GLN A 130 11.19 -1.72 -15.51
C GLN A 130 12.21 -0.61 -15.75
N ASN A 131 11.86 0.62 -15.37
CA ASN A 131 12.75 1.75 -15.58
C ASN A 131 12.72 2.69 -14.36
N PRO A 132 13.76 2.62 -13.52
CA PRO A 132 13.86 3.45 -12.31
C PRO A 132 13.95 4.94 -12.64
N GLU A 133 14.65 5.26 -13.73
CA GLU A 133 14.81 6.65 -14.15
C GLU A 133 13.47 7.26 -14.55
N LEU A 134 12.67 6.50 -15.29
CA LEU A 134 11.36 6.95 -15.72
C LEU A 134 10.50 7.28 -14.49
N PHE A 135 10.58 6.42 -13.49
CA PHE A 135 9.83 6.62 -12.26
C PHE A 135 10.39 7.83 -11.51
N ARG A 136 11.70 7.95 -11.52
CA ARG A 136 12.41 9.03 -10.86
C ARG A 136 11.94 10.39 -11.39
N LYS A 137 11.78 10.49 -12.70
CA LYS A 137 11.34 11.73 -13.33
C LYS A 137 9.93 12.10 -12.89
N ASN A 138 9.02 11.15 -12.99
CA ASN A 138 7.63 11.37 -12.62
C ASN A 138 7.50 11.74 -11.14
N ALA A 139 8.23 11.00 -10.30
CA ALA A 139 8.20 11.24 -8.86
C ALA A 139 8.79 12.60 -8.52
N GLU A 140 9.84 12.99 -9.23
CA GLU A 140 10.50 14.27 -9.00
C GLU A 140 9.53 15.43 -9.16
N GLU A 141 8.86 15.48 -10.32
CA GLU A 141 7.90 16.54 -10.61
C GLU A 141 6.79 16.54 -9.58
N PHE A 142 6.29 15.37 -9.23
CA PHE A 142 5.22 15.23 -8.26
C PHE A 142 5.63 15.78 -6.90
N THR A 143 6.85 15.46 -6.48
CA THR A 143 7.37 15.92 -5.19
C THR A 143 7.56 17.44 -5.17
N LEU A 144 8.01 17.98 -6.29
CA LEU A 144 8.25 19.42 -6.38
C LEU A 144 6.98 20.18 -6.83
N ARG A 145 5.84 19.52 -6.75
CA ARG A 145 4.58 20.13 -7.16
C ARG A 145 3.49 19.92 -6.12
N PHE A 146 3.36 18.70 -5.62
CA PHE A 146 2.34 18.36 -4.64
C PHE A 146 2.97 18.05 -3.28
N GLY A 147 4.21 18.48 -3.09
CA GLY A 147 4.89 18.23 -1.85
C GLY A 147 5.06 19.47 -0.99
N VAL A 148 5.36 19.27 0.27
CA VAL A 148 5.54 20.36 1.21
C VAL A 148 7.02 20.75 1.23
N ASP A 149 7.32 22.02 1.49
CA ASP A 149 8.71 22.46 1.52
C ASP A 149 9.48 21.78 2.63
N ARG A 150 10.76 21.50 2.39
CA ARG A 150 11.61 20.83 3.35
C ARG A 150 12.18 21.81 4.36
N PRO A 151 11.83 21.65 5.64
CA PRO A 151 12.29 22.53 6.71
C PRO A 151 13.53 21.98 7.40
N MET B 1 -6.65 -22.05 -24.60
CA MET B 1 -7.33 -20.85 -25.14
C MET B 1 -6.72 -19.58 -24.56
N GLN B 2 -6.85 -18.49 -25.29
CA GLN B 2 -6.30 -17.21 -24.88
C GLN B 2 -7.29 -16.43 -24.01
N ILE B 3 -6.85 -16.01 -22.84
CA ILE B 3 -7.68 -15.23 -21.92
C ILE B 3 -6.95 -13.94 -21.54
N PHE B 4 -7.68 -12.99 -20.98
CA PHE B 4 -7.09 -11.72 -20.58
C PHE B 4 -7.29 -11.47 -19.09
N VAL B 5 -6.20 -11.24 -18.39
CA VAL B 5 -6.26 -10.98 -16.96
C VAL B 5 -5.99 -9.50 -16.72
N LYS B 6 -7.03 -8.76 -16.37
CA LYS B 6 -6.92 -7.33 -16.12
C LYS B 6 -6.84 -7.03 -14.64
N THR B 7 -5.82 -6.26 -14.26
CA THR B 7 -5.64 -5.89 -12.86
C THR B 7 -6.38 -4.59 -12.57
N LEU B 8 -6.30 -4.12 -11.33
CA LEU B 8 -6.97 -2.89 -10.93
C LEU B 8 -6.12 -1.67 -11.30
N THR B 9 -4.94 -1.93 -11.87
CA THR B 9 -4.04 -0.86 -12.26
C THR B 9 -4.03 -0.67 -13.78
N GLY B 10 -4.99 -1.31 -14.46
CA GLY B 10 -5.09 -1.19 -15.90
C GLY B 10 -4.24 -2.18 -16.66
N LYS B 11 -3.16 -2.64 -16.05
CA LYS B 11 -2.25 -3.58 -16.68
C LYS B 11 -2.96 -4.92 -16.94
N THR B 12 -3.17 -5.23 -18.21
CA THR B 12 -3.82 -6.47 -18.60
C THR B 12 -2.79 -7.41 -19.20
N ILE B 13 -2.74 -8.63 -18.70
CA ILE B 13 -1.79 -9.61 -19.20
C ILE B 13 -2.51 -10.78 -19.87
N THR B 14 -1.96 -11.23 -20.97
CA THR B 14 -2.53 -12.35 -21.71
C THR B 14 -2.03 -13.67 -21.12
N LEU B 15 -2.92 -14.64 -20.98
CA LEU B 15 -2.56 -15.92 -20.43
C LEU B 15 -3.20 -17.05 -21.23
N GLU B 16 -2.54 -18.20 -21.27
CA GLU B 16 -3.08 -19.34 -21.99
C GLU B 16 -3.47 -20.46 -21.05
N VAL B 17 -4.74 -20.81 -21.08
CA VAL B 17 -5.27 -21.87 -20.22
C VAL B 17 -6.33 -22.64 -20.99
N GLU B 18 -6.51 -23.90 -20.64
CA GLU B 18 -7.52 -24.73 -21.27
C GLU B 18 -8.72 -24.80 -20.34
N PRO B 19 -9.92 -25.13 -20.86
CA PRO B 19 -11.13 -25.22 -20.04
C PRO B 19 -10.97 -26.18 -18.85
N SER B 20 -10.04 -27.11 -18.96
CA SER B 20 -9.77 -28.08 -17.91
C SER B 20 -8.91 -27.50 -16.79
N ASP B 21 -8.29 -26.35 -17.07
CA ASP B 21 -7.43 -25.68 -16.09
C ASP B 21 -8.24 -25.18 -14.92
N THR B 22 -7.72 -25.37 -13.72
CA THR B 22 -8.39 -24.91 -12.52
C THR B 22 -7.99 -23.48 -12.22
N ILE B 23 -8.81 -22.77 -11.46
CA ILE B 23 -8.51 -21.39 -11.10
C ILE B 23 -7.20 -21.33 -10.33
N GLU B 24 -6.96 -22.35 -9.52
CA GLU B 24 -5.73 -22.45 -8.74
C GLU B 24 -4.52 -22.49 -9.67
N ASN B 25 -4.65 -23.21 -10.79
CA ASN B 25 -3.58 -23.31 -11.75
C ASN B 25 -3.39 -21.99 -12.49
N VAL B 26 -4.51 -21.32 -12.75
CA VAL B 26 -4.48 -20.04 -13.43
C VAL B 26 -3.69 -19.03 -12.60
N LYS B 27 -3.95 -19.04 -11.29
CA LYS B 27 -3.25 -18.15 -10.37
C LYS B 27 -1.75 -18.36 -10.43
N ALA B 28 -1.33 -19.62 -10.50
CA ALA B 28 0.08 -19.97 -10.58
C ALA B 28 0.68 -19.44 -11.89
N LYS B 29 -0.09 -19.55 -12.97
CA LYS B 29 0.34 -19.08 -14.28
C LYS B 29 0.49 -17.56 -14.29
N ILE B 30 -0.31 -16.89 -13.47
CA ILE B 30 -0.25 -15.44 -13.36
C ILE B 30 1.00 -15.04 -12.59
N GLN B 31 1.27 -15.76 -11.51
CA GLN B 31 2.44 -15.52 -10.68
C GLN B 31 3.70 -15.83 -11.46
N ASP B 32 3.56 -16.71 -12.45
CA ASP B 32 4.68 -17.12 -13.30
C ASP B 32 5.28 -15.93 -14.03
N LYS B 33 4.42 -15.01 -14.46
CA LYS B 33 4.89 -13.83 -15.20
C LYS B 33 4.97 -12.57 -14.36
N GLU B 34 3.99 -12.35 -13.49
CA GLU B 34 3.96 -11.15 -12.65
C GLU B 34 4.70 -11.36 -11.33
N GLY B 35 4.34 -12.41 -10.61
CA GLY B 35 4.98 -12.69 -9.34
C GLY B 35 4.02 -12.57 -8.17
N ILE B 36 2.86 -11.97 -8.44
CA ILE B 36 1.83 -11.80 -7.42
C ILE B 36 1.36 -13.16 -6.90
N PRO B 37 1.52 -13.41 -5.58
CA PRO B 37 1.11 -14.68 -4.97
C PRO B 37 -0.39 -14.93 -5.10
N PRO B 38 -0.79 -16.19 -5.34
CA PRO B 38 -2.19 -16.58 -5.49
C PRO B 38 -3.03 -16.18 -4.28
N ASP B 39 -2.40 -16.11 -3.12
CA ASP B 39 -3.07 -15.73 -1.88
C ASP B 39 -3.56 -14.29 -1.96
N GLN B 40 -2.93 -13.51 -2.82
CA GLN B 40 -3.28 -12.11 -2.99
C GLN B 40 -4.00 -11.90 -4.32
N GLN B 41 -4.45 -12.99 -4.92
CA GLN B 41 -5.15 -12.94 -6.20
C GLN B 41 -6.63 -13.22 -6.04
N ARG B 42 -7.45 -12.21 -6.30
CA ARG B 42 -8.89 -12.35 -6.22
C ARG B 42 -9.48 -12.23 -7.63
N LEU B 43 -9.70 -13.35 -8.28
CA LEU B 43 -10.23 -13.37 -9.64
C LEU B 43 -11.76 -13.34 -9.65
N ILE B 44 -12.30 -12.36 -10.36
CA ILE B 44 -13.74 -12.20 -10.48
C ILE B 44 -14.17 -12.31 -11.94
N PHE B 45 -15.11 -13.18 -12.22
CA PHE B 45 -15.63 -13.39 -13.57
C PHE B 45 -17.12 -13.11 -13.63
N ALA B 46 -17.49 -11.97 -14.20
CA ALA B 46 -18.88 -11.55 -14.34
C ALA B 46 -19.59 -11.47 -13.00
N GLY B 47 -18.86 -11.05 -11.98
CA GLY B 47 -19.43 -10.94 -10.64
C GLY B 47 -19.26 -12.20 -9.81
N LYS B 48 -18.93 -13.29 -10.47
CA LYS B 48 -18.74 -14.57 -9.79
C LYS B 48 -17.29 -14.72 -9.35
N GLN B 49 -17.10 -14.99 -8.07
CA GLN B 49 -15.76 -15.19 -7.54
C GLN B 49 -15.25 -16.56 -7.95
N LEU B 50 -14.10 -16.60 -8.59
CA LEU B 50 -13.53 -17.85 -9.06
C LEU B 50 -12.88 -18.64 -7.93
N GLU B 51 -13.43 -19.80 -7.65
CA GLU B 51 -12.92 -20.66 -6.60
C GLU B 51 -11.71 -21.43 -7.10
N ASP B 52 -10.66 -21.46 -6.30
CA ASP B 52 -9.40 -22.14 -6.66
C ASP B 52 -9.60 -23.58 -7.11
N GLY B 53 -10.47 -24.31 -6.41
CA GLY B 53 -10.72 -25.70 -6.73
C GLY B 53 -11.60 -25.92 -7.94
N ARG B 54 -12.14 -24.85 -8.51
CA ARG B 54 -13.02 -24.97 -9.67
C ARG B 54 -12.24 -24.81 -10.98
N THR B 55 -12.79 -25.33 -12.05
CA THR B 55 -12.16 -25.23 -13.35
C THR B 55 -12.84 -24.16 -14.19
N LEU B 56 -12.26 -23.84 -15.34
CA LEU B 56 -12.83 -22.84 -16.23
C LEU B 56 -14.15 -23.34 -16.81
N SER B 57 -14.31 -24.66 -16.85
CA SER B 57 -15.52 -25.27 -17.37
C SER B 57 -16.68 -25.14 -16.37
N ASP B 58 -16.34 -24.95 -15.10
CA ASP B 58 -17.33 -24.81 -14.04
C ASP B 58 -18.19 -23.57 -14.23
N TYR B 59 -17.55 -22.48 -14.64
CA TYR B 59 -18.25 -21.21 -14.84
C TYR B 59 -18.55 -20.99 -16.32
N ASN B 60 -18.25 -22.00 -17.14
CA ASN B 60 -18.46 -21.94 -18.58
C ASN B 60 -17.73 -20.74 -19.18
N ILE B 61 -16.41 -20.76 -19.07
CA ILE B 61 -15.58 -19.69 -19.59
C ILE B 61 -15.03 -20.03 -20.97
N GLN B 62 -15.22 -19.13 -21.93
CA GLN B 62 -14.73 -19.34 -23.27
C GLN B 62 -13.45 -18.53 -23.50
N LYS B 63 -12.98 -18.48 -24.74
CA LYS B 63 -11.77 -17.74 -25.05
C LYS B 63 -12.06 -16.24 -25.16
N GLU B 64 -11.01 -15.43 -25.04
CA GLU B 64 -11.11 -13.97 -25.11
C GLU B 64 -11.77 -13.36 -23.88
N SER B 65 -12.06 -14.19 -22.90
CA SER B 65 -12.69 -13.72 -21.66
C SER B 65 -11.70 -12.91 -20.83
N THR B 66 -12.22 -11.86 -20.21
CA THR B 66 -11.40 -10.99 -19.38
C THR B 66 -11.73 -11.20 -17.90
N LEU B 67 -10.74 -11.65 -17.14
CA LEU B 67 -10.92 -11.88 -15.73
C LEU B 67 -10.43 -10.66 -14.94
N HIS B 68 -11.20 -10.24 -13.95
CA HIS B 68 -10.83 -9.09 -13.14
C HIS B 68 -9.99 -9.55 -11.95
N LEU B 69 -8.75 -9.13 -11.91
CA LEU B 69 -7.84 -9.51 -10.84
C LEU B 69 -7.76 -8.45 -9.76
N VAL B 70 -8.35 -8.75 -8.62
CA VAL B 70 -8.33 -7.83 -7.48
C VAL B 70 -7.19 -8.21 -6.56
N LEU B 71 -6.40 -7.23 -6.14
CA LEU B 71 -5.26 -7.48 -5.27
C LEU B 71 -5.70 -7.64 -3.81
N ARG B 72 -5.54 -8.84 -3.29
CA ARG B 72 -5.90 -9.13 -1.90
C ARG B 72 -4.69 -8.89 -1.00
N LEU B 73 -4.40 -7.63 -0.74
CA LEU B 73 -3.26 -7.26 0.09
C LEU B 73 -3.49 -7.58 1.55
N ARG B 74 -2.61 -8.39 2.12
CA ARG B 74 -2.70 -8.76 3.52
C ARG B 74 -1.82 -7.85 4.36
N GLY B 75 -2.44 -6.83 4.94
CA GLY B 75 -1.69 -5.90 5.76
C GLY B 75 -2.31 -4.52 5.75
N CYS B 76 -3.58 -4.43 6.12
CA CYS B 76 -4.28 -3.16 6.14
C CYS B 76 -5.10 -3.06 7.41
N ALA A 2 -7.10 6.45 27.27
CA ALA A 2 -6.42 6.47 25.95
C ALA A 2 -5.58 7.74 25.79
N SER A 3 -6.21 8.90 26.01
CA SER A 3 -5.54 10.18 25.88
C SER A 3 -4.32 10.29 26.81
N MET A 4 -4.38 9.62 27.95
CA MET A 4 -3.30 9.63 28.93
C MET A 4 -1.97 9.23 28.29
N ARG A 5 -1.98 8.15 27.52
CA ARG A 5 -0.76 7.68 26.87
C ARG A 5 -0.39 8.58 25.70
N VAL A 6 -1.42 9.00 24.95
CA VAL A 6 -1.22 9.87 23.80
C VAL A 6 -0.45 11.14 24.17
N VAL A 7 -0.88 11.78 25.27
CA VAL A 7 -0.23 13.00 25.73
C VAL A 7 1.23 12.73 26.07
N LYS A 8 1.49 11.60 26.74
CA LYS A 8 2.85 11.24 27.13
C LYS A 8 3.71 10.95 25.90
N GLU A 9 3.15 10.22 24.93
CA GLU A 9 3.86 9.88 23.70
C GLU A 9 4.18 11.14 22.91
N LEU A 10 3.26 12.10 22.94
CA LEU A 10 3.45 13.37 22.24
C LEU A 10 4.68 14.08 22.78
N GLU A 11 4.79 14.15 24.10
CA GLU A 11 5.92 14.80 24.75
C GLU A 11 7.23 14.11 24.36
N ASP A 12 7.20 12.78 24.29
CA ASP A 12 8.39 12.00 23.93
C ASP A 12 8.94 12.44 22.58
N LEU A 13 8.07 12.49 21.59
CA LEU A 13 8.45 12.86 20.24
C LEU A 13 8.64 14.36 20.08
N GLN A 14 8.04 15.15 20.96
CA GLN A 14 8.18 16.61 20.89
C GLN A 14 9.51 17.05 21.47
N LYS A 15 9.96 16.37 22.52
CA LYS A 15 11.24 16.69 23.15
C LYS A 15 12.38 16.11 22.32
N LYS A 16 12.15 14.94 21.76
CA LYS A 16 13.13 14.26 20.94
C LYS A 16 12.50 13.88 19.59
N PRO A 17 12.43 14.84 18.65
CA PRO A 17 11.86 14.63 17.34
C PRO A 17 12.87 14.05 16.36
N PRO A 18 12.52 12.92 15.72
CA PRO A 18 13.40 12.28 14.72
C PRO A 18 13.66 13.22 13.56
N PRO A 19 14.86 13.15 12.95
CA PRO A 19 15.23 14.01 11.83
C PRO A 19 14.26 13.93 10.65
N TYR A 20 13.55 12.82 10.54
CA TYR A 20 12.60 12.62 9.46
C TYR A 20 11.18 13.01 9.86
N LEU A 21 11.04 13.55 11.07
CA LEU A 21 9.74 13.97 11.57
C LEU A 21 9.79 15.43 12.00
N ARG A 22 9.27 16.30 11.15
CA ARG A 22 9.30 17.73 11.42
C ARG A 22 7.93 18.27 11.77
N ASN A 23 7.90 19.12 12.80
CA ASN A 23 6.68 19.77 13.27
C ASN A 23 5.59 18.78 13.66
N LEU A 24 5.76 18.14 14.82
CA LEU A 24 4.78 17.20 15.30
C LEU A 24 3.86 17.91 16.29
N SER A 25 2.72 18.35 15.79
CA SER A 25 1.76 19.07 16.62
C SER A 25 0.41 18.37 16.62
N SER A 26 -0.26 18.38 17.76
CA SER A 26 -1.56 17.78 17.90
C SER A 26 -2.59 18.68 17.24
N ASP A 27 -3.77 18.14 16.95
CA ASP A 27 -4.82 18.90 16.31
C ASP A 27 -5.30 20.02 17.22
N ASP A 28 -5.75 21.10 16.61
CA ASP A 28 -6.24 22.26 17.33
C ASP A 28 -7.36 21.93 18.31
N ALA A 29 -8.26 21.04 17.89
CA ALA A 29 -9.38 20.67 18.74
C ALA A 29 -9.24 19.29 19.37
N ASN A 30 -8.71 18.34 18.62
CA ASN A 30 -8.56 16.98 19.12
C ASN A 30 -7.11 16.61 19.40
N VAL A 31 -6.86 16.08 20.59
CA VAL A 31 -5.52 15.68 20.99
C VAL A 31 -5.19 14.28 20.43
N LEU A 32 -6.22 13.57 19.97
CA LEU A 32 -6.03 12.24 19.42
C LEU A 32 -5.62 12.29 17.95
N VAL A 33 -5.55 13.48 17.40
CA VAL A 33 -5.16 13.66 16.01
C VAL A 33 -3.84 14.42 15.94
N TRP A 34 -2.82 13.79 15.37
CA TRP A 34 -1.51 14.41 15.24
C TRP A 34 -1.24 14.85 13.81
N HIS A 35 -0.60 16.01 13.68
CA HIS A 35 -0.25 16.55 12.38
C HIS A 35 1.25 16.77 12.33
N ALA A 36 1.93 16.14 11.37
CA ALA A 36 3.37 16.28 11.26
C ALA A 36 3.83 16.15 9.81
N LEU A 37 5.07 16.57 9.56
CA LEU A 37 5.64 16.49 8.23
C LEU A 37 6.76 15.45 8.17
N LEU A 38 6.60 14.47 7.30
CA LEU A 38 7.59 13.43 7.14
C LEU A 38 8.65 13.87 6.13
N LEU A 39 9.91 13.65 6.46
CA LEU A 39 11.02 14.03 5.59
C LEU A 39 11.84 12.81 5.16
N PRO A 40 11.44 12.16 4.06
CA PRO A 40 12.16 10.99 3.53
C PRO A 40 13.48 11.42 2.92
N ASP A 41 14.47 10.53 2.93
CA ASP A 41 15.79 10.86 2.37
C ASP A 41 16.00 10.17 1.04
N GLN A 42 15.03 9.38 0.62
CA GLN A 42 15.13 8.67 -0.64
C GLN A 42 14.62 9.54 -1.78
N PRO A 43 15.39 9.62 -2.87
CA PRO A 43 15.01 10.40 -4.06
C PRO A 43 13.80 9.78 -4.75
N PRO A 44 12.90 10.60 -5.29
CA PRO A 44 13.00 12.06 -5.25
C PRO A 44 12.18 12.68 -4.13
N TYR A 45 11.68 11.82 -3.23
CA TYR A 45 10.86 12.27 -2.10
C TYR A 45 11.64 13.22 -1.18
N HIS A 46 12.96 13.09 -1.21
CA HIS A 46 13.83 13.92 -0.38
C HIS A 46 13.83 15.40 -0.78
N LEU A 47 13.14 15.72 -1.86
CA LEU A 47 13.09 17.10 -2.34
C LEU A 47 11.99 17.91 -1.66
N LYS A 48 11.01 17.22 -1.09
CA LYS A 48 9.90 17.89 -0.42
C LYS A 48 9.53 17.16 0.87
N ALA A 49 8.43 17.58 1.48
CA ALA A 49 7.95 16.98 2.71
C ALA A 49 6.50 16.55 2.54
N PHE A 50 6.06 15.59 3.34
CA PHE A 50 4.69 15.09 3.25
C PHE A 50 4.01 15.15 4.61
N ASN A 51 2.83 15.77 4.65
CA ASN A 51 2.08 15.89 5.89
C ASN A 51 1.31 14.60 6.16
N LEU A 52 1.42 14.11 7.38
CA LEU A 52 0.72 12.89 7.79
C LEU A 52 -0.33 13.19 8.86
N ARG A 53 -1.39 12.40 8.86
CA ARG A 53 -2.46 12.57 9.83
C ARG A 53 -2.58 11.33 10.70
N ILE A 54 -2.18 11.45 11.96
CA ILE A 54 -2.25 10.34 12.90
C ILE A 54 -3.56 10.40 13.66
N SER A 55 -4.37 9.37 13.53
CA SER A 55 -5.66 9.31 14.21
C SER A 55 -5.67 8.23 15.28
N PHE A 56 -5.67 8.63 16.53
CA PHE A 56 -5.70 7.69 17.65
C PHE A 56 -7.13 7.31 18.00
N PRO A 57 -7.43 6.01 18.03
CA PRO A 57 -8.77 5.53 18.36
C PRO A 57 -9.02 5.60 19.87
N PRO A 58 -10.29 5.74 20.28
CA PRO A 58 -10.66 5.82 21.70
C PRO A 58 -10.36 4.52 22.44
N GLU A 59 -10.12 3.46 21.68
CA GLU A 59 -9.83 2.15 22.23
C GLU A 59 -8.33 1.96 22.39
N TYR A 60 -7.58 3.05 22.30
CA TYR A 60 -6.13 3.01 22.46
C TYR A 60 -5.79 2.63 23.90
N PRO A 61 -4.70 1.86 24.13
CA PRO A 61 -3.82 1.37 23.08
C PRO A 61 -4.12 -0.07 22.67
N PHE A 62 -5.38 -0.49 22.86
CA PHE A 62 -5.78 -1.84 22.50
C PHE A 62 -6.01 -1.93 21.00
N LYS A 63 -6.25 -0.78 20.39
CA LYS A 63 -6.47 -0.70 18.96
C LYS A 63 -5.37 0.16 18.32
N PRO A 64 -4.88 -0.25 17.14
CA PRO A 64 -3.83 0.47 16.43
C PRO A 64 -4.28 1.84 15.90
N PRO A 65 -3.38 2.83 15.94
CA PRO A 65 -3.67 4.19 15.46
C PRO A 65 -3.73 4.23 13.93
N MET A 66 -4.64 5.03 13.41
CA MET A 66 -4.80 5.17 11.97
C MET A 66 -3.96 6.31 11.42
N ILE A 67 -2.80 5.97 10.88
CA ILE A 67 -1.90 6.96 10.32
C ILE A 67 -1.98 6.94 8.79
N LYS A 68 -2.25 8.10 8.20
CA LYS A 68 -2.34 8.22 6.76
C LYS A 68 -1.65 9.49 6.28
N PHE A 69 -1.48 9.61 4.97
CA PHE A 69 -0.84 10.78 4.39
C PHE A 69 -1.87 11.78 3.89
N THR A 70 -1.73 13.02 4.33
CA THR A 70 -2.64 14.07 3.92
C THR A 70 -2.15 14.64 2.58
N THR A 71 -0.85 14.55 2.37
CA THR A 71 -0.25 15.03 1.13
C THR A 71 -0.12 13.87 0.15
N LYS A 72 -0.54 14.11 -1.09
CA LYS A 72 -0.49 13.07 -2.12
C LYS A 72 0.96 12.72 -2.48
N ILE A 73 1.35 11.49 -2.19
CA ILE A 73 2.70 11.03 -2.47
C ILE A 73 2.69 9.88 -3.48
N TYR A 74 3.48 10.03 -4.54
CA TYR A 74 3.57 9.01 -5.58
C TYR A 74 4.48 7.87 -5.13
N HIS A 75 3.95 7.00 -4.28
CA HIS A 75 4.72 5.87 -3.76
C HIS A 75 3.99 4.57 -4.07
N PRO A 76 4.71 3.54 -4.54
CA PRO A 76 4.12 2.23 -4.90
C PRO A 76 3.44 1.51 -3.72
N ASN A 77 3.56 2.07 -2.52
CA ASN A 77 2.95 1.45 -1.35
C ASN A 77 1.91 2.40 -0.75
N VAL A 78 1.51 3.40 -1.53
CA VAL A 78 0.52 4.37 -1.09
C VAL A 78 -0.53 4.53 -2.20
N ASP A 79 -1.78 4.65 -1.81
CA ASP A 79 -2.86 4.79 -2.79
C ASP A 79 -3.18 6.28 -3.06
N GLU A 80 -4.14 6.52 -3.95
CA GLU A 80 -4.53 7.89 -4.30
C GLU A 80 -5.11 8.66 -3.11
N ASN A 81 -5.74 7.95 -2.19
CA ASN A 81 -6.33 8.56 -1.01
C ASN A 81 -5.25 8.92 0.01
N GLY A 82 -4.18 8.15 0.02
CA GLY A 82 -3.10 8.39 0.94
C GLY A 82 -3.07 7.35 2.04
N GLN A 83 -3.63 6.19 1.76
CA GLN A 83 -3.67 5.10 2.72
C GLN A 83 -2.40 4.26 2.63
N ILE A 84 -2.01 3.67 3.75
CA ILE A 84 -0.82 2.85 3.82
C ILE A 84 -1.06 1.57 4.61
N CYS A 85 -0.37 0.51 4.24
CA CYS A 85 -0.51 -0.78 4.91
C CYS A 85 0.75 -1.11 5.71
N LEU A 86 0.68 -0.95 7.01
CA LEU A 86 1.81 -1.24 7.89
C LEU A 86 1.55 -2.51 8.69
N PRO A 87 2.45 -3.51 8.57
CA PRO A 87 2.31 -4.79 9.29
C PRO A 87 2.56 -4.66 10.80
N ILE A 88 2.77 -3.44 11.26
CA ILE A 88 3.01 -3.18 12.67
C ILE A 88 1.70 -2.76 13.35
N ILE A 89 0.75 -2.29 12.56
CA ILE A 89 -0.54 -1.84 13.08
C ILE A 89 -1.68 -2.56 12.36
N SER A 90 -1.37 -3.73 11.83
CA SER A 90 -2.35 -4.51 11.10
C SER A 90 -3.26 -5.27 12.05
N SER A 91 -4.40 -5.73 11.55
CA SER A 91 -5.34 -6.49 12.36
C SER A 91 -4.79 -7.87 12.67
N GLU A 92 -3.88 -8.33 11.81
CA GLU A 92 -3.26 -9.63 11.97
C GLU A 92 -2.09 -9.54 12.94
N ASN A 93 -1.27 -8.51 12.76
CA ASN A 93 -0.11 -8.29 13.61
C ASN A 93 -0.21 -6.94 14.32
N TRP A 94 -0.48 -6.98 15.61
CA TRP A 94 -0.59 -5.78 16.41
C TRP A 94 -0.25 -6.07 17.86
N LYS A 95 0.54 -5.19 18.46
CA LYS A 95 0.94 -5.34 19.85
C LYS A 95 0.77 -4.02 20.58
N PRO A 96 -0.03 -3.99 21.65
CA PRO A 96 -0.30 -2.78 22.45
C PRO A 96 0.96 -2.25 23.13
N CYS A 97 1.99 -3.09 23.17
CA CYS A 97 3.26 -2.74 23.79
C CYS A 97 4.05 -1.77 22.91
N THR A 98 3.67 -1.68 21.65
CA THR A 98 4.33 -0.81 20.70
C THR A 98 3.81 0.61 20.83
N LYS A 99 4.69 1.59 20.64
CA LYS A 99 4.32 3.00 20.72
C LYS A 99 4.32 3.62 19.33
N THR A 100 3.84 4.85 19.24
CA THR A 100 3.77 5.57 17.98
C THR A 100 5.16 5.75 17.36
N CYS A 101 6.17 5.85 18.22
CA CYS A 101 7.55 6.03 17.79
C CYS A 101 8.00 4.92 16.84
N GLN A 102 7.78 3.68 17.24
CA GLN A 102 8.18 2.53 16.44
C GLN A 102 7.33 2.42 15.17
N VAL A 103 6.09 2.84 15.26
CA VAL A 103 5.19 2.80 14.11
C VAL A 103 5.67 3.78 13.04
N LEU A 104 6.03 4.98 13.47
CA LEU A 104 6.53 6.00 12.57
C LEU A 104 7.86 5.57 11.94
N GLU A 105 8.66 4.85 12.72
CA GLU A 105 9.94 4.36 12.23
C GLU A 105 9.71 3.38 11.09
N ALA A 106 8.79 2.44 11.30
CA ALA A 106 8.46 1.44 10.29
C ALA A 106 7.94 2.11 9.02
N LEU A 107 7.17 3.18 9.21
CA LEU A 107 6.63 3.94 8.09
C LEU A 107 7.75 4.56 7.26
N ASN A 108 8.71 5.18 7.95
CA ASN A 108 9.85 5.80 7.29
C ASN A 108 10.62 4.77 6.46
N VAL A 109 10.76 3.57 7.02
CA VAL A 109 11.47 2.50 6.33
C VAL A 109 10.72 2.10 5.07
N LEU A 110 9.40 1.96 5.18
CA LEU A 110 8.56 1.58 4.05
C LEU A 110 8.57 2.66 2.97
N VAL A 111 8.74 3.91 3.37
CA VAL A 111 8.76 5.01 2.42
C VAL A 111 10.10 5.05 1.67
N ASN A 112 11.19 4.98 2.41
CA ASN A 112 12.53 5.01 1.80
C ASN A 112 12.82 3.72 1.05
N ARG A 113 12.29 2.61 1.56
CA ARG A 113 12.49 1.31 0.93
C ARG A 113 11.14 0.76 0.48
N PRO A 114 10.74 1.06 -0.77
CA PRO A 114 9.47 0.62 -1.33
C PRO A 114 9.46 -0.89 -1.57
N ASN A 115 8.52 -1.57 -0.95
CA ASN A 115 8.38 -3.01 -1.11
C ASN A 115 7.72 -3.30 -2.45
N ILE A 116 8.48 -3.88 -3.36
CA ILE A 116 7.98 -4.21 -4.69
C ILE A 116 7.36 -5.61 -4.73
N ARG A 117 7.63 -6.40 -3.72
CA ARG A 117 7.09 -7.76 -3.65
C ARG A 117 5.70 -7.73 -3.04
N GLU A 118 5.50 -6.77 -2.14
CA GLU A 118 4.22 -6.59 -1.48
C GLU A 118 3.81 -5.10 -1.53
N PRO A 119 3.53 -4.59 -2.75
CA PRO A 119 3.14 -3.19 -2.93
C PRO A 119 1.63 -3.01 -3.01
N LEU A 120 1.20 -1.75 -3.07
CA LEU A 120 -0.21 -1.42 -3.18
C LEU A 120 -0.52 -0.94 -4.58
N ARG A 121 0.54 -0.60 -5.32
CA ARG A 121 0.41 -0.11 -6.68
C ARG A 121 1.29 -0.90 -7.62
N MET A 122 0.67 -1.79 -8.40
CA MET A 122 1.42 -2.61 -9.36
C MET A 122 1.98 -1.76 -10.49
N ASP A 123 1.33 -0.63 -10.75
CA ASP A 123 1.75 0.28 -11.80
C ASP A 123 3.08 0.95 -11.47
N LEU A 124 3.24 1.34 -10.22
CA LEU A 124 4.46 2.00 -9.77
C LEU A 124 5.54 0.98 -9.41
N ALA A 125 5.12 -0.16 -8.85
CA ALA A 125 6.06 -1.20 -8.46
C ALA A 125 6.78 -1.78 -9.68
N ASP A 126 6.01 -2.08 -10.72
CA ASP A 126 6.58 -2.63 -11.95
C ASP A 126 7.53 -1.64 -12.58
N LEU A 127 7.10 -0.38 -12.62
CA LEU A 127 7.90 0.70 -13.21
C LEU A 127 9.27 0.82 -12.54
N LEU A 128 9.28 0.77 -11.21
CA LEU A 128 10.51 0.88 -10.44
C LEU A 128 11.42 -0.32 -10.71
N THR A 129 10.81 -1.47 -10.92
CA THR A 129 11.53 -2.70 -11.19
C THR A 129 12.17 -2.67 -12.58
N GLN A 130 11.47 -2.05 -13.53
CA GLN A 130 11.97 -1.96 -14.89
C GLN A 130 12.97 -0.82 -15.06
N ASN A 131 12.54 0.40 -14.74
CA ASN A 131 13.39 1.57 -14.89
C ASN A 131 13.19 2.54 -13.72
N PRO A 132 14.14 2.57 -12.78
CA PRO A 132 14.09 3.46 -11.61
C PRO A 132 14.14 4.93 -12.01
N GLU A 133 14.85 5.23 -13.09
CA GLU A 133 14.99 6.60 -13.57
C GLU A 133 13.65 7.10 -14.10
N LEU A 134 12.97 6.27 -14.87
CA LEU A 134 11.67 6.62 -15.43
C LEU A 134 10.67 6.85 -14.30
N PHE A 135 10.76 6.01 -13.28
CA PHE A 135 9.89 6.12 -12.12
C PHE A 135 10.20 7.42 -11.37
N ARG A 136 11.49 7.71 -11.23
CA ARG A 136 11.96 8.91 -10.54
C ARG A 136 11.43 10.17 -11.21
N LYS A 137 11.43 10.17 -12.54
CA LYS A 137 10.96 11.33 -13.31
C LYS A 137 9.53 11.72 -12.92
N ASN A 138 8.61 10.76 -13.04
CA ASN A 138 7.20 11.00 -12.73
C ASN A 138 7.01 11.30 -11.25
N ALA A 139 7.71 10.56 -10.40
CA ALA A 139 7.62 10.75 -8.96
C ALA A 139 8.14 12.12 -8.53
N GLU A 140 9.18 12.59 -9.20
CA GLU A 140 9.77 13.89 -8.87
C GLU A 140 8.80 15.03 -9.13
N GLU A 141 8.16 15.02 -10.31
CA GLU A 141 7.20 16.06 -10.65
C GLU A 141 6.06 16.05 -9.66
N PHE A 142 5.63 14.86 -9.27
CA PHE A 142 4.55 14.70 -8.32
C PHE A 142 4.95 15.29 -6.96
N THR A 143 6.17 14.98 -6.55
CA THR A 143 6.69 15.46 -5.28
C THR A 143 6.83 16.99 -5.27
N LEU A 144 7.38 17.53 -6.36
CA LEU A 144 7.58 18.98 -6.48
C LEU A 144 6.30 19.70 -6.89
N ARG A 145 5.17 19.01 -6.74
CA ARG A 145 3.89 19.59 -7.10
C ARG A 145 2.90 19.50 -5.96
N PHE A 146 2.66 18.28 -5.48
CA PHE A 146 1.72 18.05 -4.40
C PHE A 146 2.39 18.14 -3.04
N GLY A 147 3.65 17.71 -2.98
CA GLY A 147 4.40 17.73 -1.74
C GLY A 147 4.62 19.12 -1.18
N VAL A 148 4.79 19.20 0.13
CA VAL A 148 5.02 20.47 0.80
C VAL A 148 6.50 20.81 0.71
N ASP A 149 6.83 22.09 0.64
CA ASP A 149 8.22 22.52 0.55
C ASP A 149 9.06 21.97 1.71
N ARG A 150 10.27 21.50 1.40
CA ARG A 150 11.16 20.94 2.40
C ARG A 150 11.57 22.01 3.41
N PRO A 151 11.28 21.78 4.71
CA PRO A 151 11.61 22.73 5.77
C PRO A 151 13.05 22.57 6.25
N MET B 1 -5.92 -21.24 -25.72
CA MET B 1 -6.49 -19.99 -26.29
C MET B 1 -6.01 -18.78 -25.50
N GLN B 2 -5.96 -17.64 -26.17
CA GLN B 2 -5.50 -16.41 -25.55
C GLN B 2 -6.64 -15.69 -24.83
N ILE B 3 -6.38 -15.30 -23.59
CA ILE B 3 -7.35 -14.57 -22.78
C ILE B 3 -6.66 -13.36 -22.15
N PHE B 4 -7.45 -12.46 -21.58
CA PHE B 4 -6.89 -11.26 -20.97
C PHE B 4 -7.24 -11.19 -19.49
N VAL B 5 -6.22 -10.92 -18.67
CA VAL B 5 -6.43 -10.80 -17.24
C VAL B 5 -6.17 -9.35 -16.82
N LYS B 6 -7.20 -8.68 -16.34
CA LYS B 6 -7.07 -7.29 -15.93
C LYS B 6 -7.03 -7.16 -14.42
N THR B 7 -5.94 -6.60 -13.92
CA THR B 7 -5.76 -6.40 -12.50
C THR B 7 -6.50 -5.17 -12.01
N LEU B 8 -6.46 -4.92 -10.71
CA LEU B 8 -7.14 -3.76 -10.12
C LEU B 8 -6.39 -2.47 -10.43
N THR B 9 -5.18 -2.59 -10.96
CA THR B 9 -4.37 -1.43 -11.30
C THR B 9 -4.49 -1.10 -12.79
N GLY B 10 -5.32 -1.86 -13.49
CA GLY B 10 -5.51 -1.61 -14.91
C GLY B 10 -4.55 -2.40 -15.79
N LYS B 11 -3.52 -2.98 -15.17
CA LYS B 11 -2.53 -3.77 -15.90
C LYS B 11 -3.17 -5.04 -16.45
N THR B 12 -3.36 -5.07 -17.75
CA THR B 12 -3.96 -6.22 -18.41
C THR B 12 -2.85 -7.10 -19.00
N ILE B 13 -2.79 -8.34 -18.55
CA ILE B 13 -1.78 -9.27 -19.02
C ILE B 13 -2.37 -10.30 -19.96
N THR B 14 -1.54 -10.79 -20.89
CA THR B 14 -1.97 -11.79 -21.84
C THR B 14 -1.69 -13.18 -21.30
N LEU B 15 -2.73 -13.98 -21.15
CA LEU B 15 -2.58 -15.33 -20.63
C LEU B 15 -3.08 -16.35 -21.64
N GLU B 16 -2.46 -17.51 -21.66
CA GLU B 16 -2.86 -18.57 -22.57
C GLU B 16 -3.23 -19.84 -21.83
N VAL B 17 -4.49 -20.22 -21.94
CA VAL B 17 -5.01 -21.42 -21.30
C VAL B 17 -6.07 -22.06 -22.17
N GLU B 18 -6.36 -23.32 -21.95
CA GLU B 18 -7.37 -24.02 -22.73
C GLU B 18 -8.62 -24.23 -21.89
N PRO B 19 -9.78 -24.48 -22.51
CA PRO B 19 -11.05 -24.70 -21.79
C PRO B 19 -10.96 -25.83 -20.77
N SER B 20 -10.04 -26.77 -21.01
CA SER B 20 -9.84 -27.91 -20.13
C SER B 20 -8.97 -27.56 -18.92
N ASP B 21 -8.42 -26.34 -18.91
CA ASP B 21 -7.56 -25.91 -17.81
C ASP B 21 -8.39 -25.52 -16.59
N THR B 22 -7.86 -25.83 -15.41
CA THR B 22 -8.54 -25.52 -14.17
C THR B 22 -8.18 -24.11 -13.71
N ILE B 23 -9.05 -23.51 -12.90
CA ILE B 23 -8.81 -22.16 -12.40
C ILE B 23 -7.53 -22.13 -11.56
N GLU B 24 -7.28 -23.22 -10.85
CA GLU B 24 -6.08 -23.33 -10.02
C GLU B 24 -4.83 -23.24 -10.89
N ASN B 25 -4.87 -23.90 -12.05
CA ASN B 25 -3.73 -23.87 -12.97
C ASN B 25 -3.59 -22.48 -13.58
N VAL B 26 -4.72 -21.83 -13.79
CA VAL B 26 -4.73 -20.48 -14.35
C VAL B 26 -3.99 -19.54 -13.39
N LYS B 27 -4.29 -19.68 -12.11
CA LYS B 27 -3.65 -18.87 -11.08
C LYS B 27 -2.14 -19.09 -11.07
N ALA B 28 -1.75 -20.34 -11.26
CA ALA B 28 -0.34 -20.71 -11.29
C ALA B 28 0.39 -19.98 -12.42
N LYS B 29 -0.29 -19.85 -13.55
CA LYS B 29 0.30 -19.17 -14.70
C LYS B 29 0.46 -17.67 -14.42
N ILE B 30 -0.51 -17.10 -13.72
CA ILE B 30 -0.47 -15.69 -13.35
C ILE B 30 0.68 -15.44 -12.39
N GLN B 31 0.90 -16.38 -11.47
CA GLN B 31 1.97 -16.28 -10.49
C GLN B 31 3.33 -16.38 -11.19
N ASP B 32 3.37 -17.16 -12.26
CA ASP B 32 4.58 -17.36 -13.04
C ASP B 32 5.07 -16.07 -13.69
N LYS B 33 4.18 -15.40 -14.42
CA LYS B 33 4.54 -14.17 -15.10
C LYS B 33 4.54 -12.95 -14.17
N GLU B 34 3.51 -12.83 -13.35
CA GLU B 34 3.42 -11.70 -12.43
C GLU B 34 4.12 -12.01 -11.12
N GLY B 35 3.51 -12.83 -10.28
CA GLY B 35 4.10 -13.17 -9.00
C GLY B 35 3.07 -13.20 -7.90
N ILE B 36 1.90 -12.63 -8.19
CA ILE B 36 0.80 -12.57 -7.22
C ILE B 36 0.43 -13.99 -6.76
N PRO B 37 0.47 -14.23 -5.45
CA PRO B 37 0.14 -15.52 -4.86
C PRO B 37 -1.28 -15.96 -5.23
N PRO B 38 -1.47 -17.24 -5.60
CA PRO B 38 -2.78 -17.79 -5.97
C PRO B 38 -3.81 -17.59 -4.85
N ASP B 39 -3.31 -17.52 -3.63
CA ASP B 39 -4.16 -17.33 -2.46
C ASP B 39 -4.76 -15.92 -2.46
N GLN B 40 -4.06 -14.98 -3.08
CA GLN B 40 -4.51 -13.61 -3.15
C GLN B 40 -5.14 -13.28 -4.50
N GLN B 41 -5.41 -14.32 -5.29
CA GLN B 41 -6.00 -14.14 -6.60
C GLN B 41 -7.50 -14.38 -6.60
N ARG B 42 -8.27 -13.30 -6.67
CA ARG B 42 -9.72 -13.41 -6.71
C ARG B 42 -10.19 -13.11 -8.13
N LEU B 43 -10.30 -14.14 -8.95
CA LEU B 43 -10.73 -14.00 -10.33
C LEU B 43 -12.25 -13.93 -10.45
N ILE B 44 -12.73 -12.87 -11.09
CA ILE B 44 -14.16 -12.68 -11.28
C ILE B 44 -14.50 -12.72 -12.78
N PHE B 45 -15.57 -13.45 -13.11
CA PHE B 45 -16.03 -13.57 -14.48
C PHE B 45 -17.52 -13.82 -14.50
N ALA B 46 -18.24 -13.10 -15.36
CA ALA B 46 -19.69 -13.24 -15.50
C ALA B 46 -20.41 -12.89 -14.19
N GLY B 47 -19.78 -12.01 -13.40
CA GLY B 47 -20.36 -11.59 -12.14
C GLY B 47 -20.13 -12.58 -11.00
N LYS B 48 -19.49 -13.70 -11.30
CA LYS B 48 -19.24 -14.71 -10.29
C LYS B 48 -17.75 -14.96 -10.10
N GLN B 49 -17.41 -15.56 -8.96
CA GLN B 49 -16.03 -15.86 -8.64
C GLN B 49 -15.62 -17.19 -9.25
N LEU B 50 -14.42 -17.24 -9.82
CA LEU B 50 -13.91 -18.44 -10.43
C LEU B 50 -13.36 -19.38 -9.36
N GLU B 51 -14.03 -20.51 -9.18
CA GLU B 51 -13.63 -21.51 -8.19
C GLU B 51 -12.42 -22.29 -8.66
N ASP B 52 -11.42 -22.39 -7.78
CA ASP B 52 -10.17 -23.09 -8.09
C ASP B 52 -10.39 -24.53 -8.56
N GLY B 53 -11.34 -25.22 -7.94
CA GLY B 53 -11.61 -26.60 -8.31
C GLY B 53 -12.48 -26.76 -9.54
N ARG B 54 -12.58 -25.71 -10.36
CA ARG B 54 -13.37 -25.76 -11.57
C ARG B 54 -12.52 -25.43 -12.79
N THR B 55 -13.07 -25.66 -13.97
CA THR B 55 -12.36 -25.40 -15.21
C THR B 55 -12.95 -24.19 -15.93
N LEU B 56 -12.31 -23.77 -17.02
CA LEU B 56 -12.79 -22.62 -17.80
C LEU B 56 -14.13 -22.92 -18.45
N SER B 57 -14.35 -24.18 -18.79
CA SER B 57 -15.58 -24.61 -19.44
C SER B 57 -16.76 -24.55 -18.46
N ASP B 58 -16.46 -24.58 -17.17
CA ASP B 58 -17.49 -24.52 -16.14
C ASP B 58 -18.22 -23.19 -16.17
N TYR B 59 -17.52 -22.15 -16.60
CA TYR B 59 -18.10 -20.82 -16.68
C TYR B 59 -18.26 -20.41 -18.14
N ASN B 60 -18.04 -21.37 -19.04
CA ASN B 60 -18.14 -21.16 -20.48
C ASN B 60 -17.23 -20.03 -20.94
N ILE B 61 -16.00 -20.04 -20.44
CA ILE B 61 -15.02 -19.02 -20.81
C ILE B 61 -14.47 -19.31 -22.20
N GLN B 62 -14.66 -18.37 -23.11
CA GLN B 62 -14.20 -18.52 -24.48
C GLN B 62 -12.92 -17.71 -24.70
N LYS B 63 -12.47 -17.63 -25.94
CA LYS B 63 -11.27 -16.88 -26.27
C LYS B 63 -11.51 -15.38 -26.22
N GLU B 64 -10.44 -14.62 -25.99
CA GLU B 64 -10.50 -13.16 -25.92
C GLU B 64 -11.36 -12.67 -24.76
N SER B 65 -11.54 -13.51 -23.75
CA SER B 65 -12.33 -13.14 -22.58
C SER B 65 -11.45 -12.42 -21.55
N THR B 66 -12.00 -11.38 -20.93
CA THR B 66 -11.27 -10.63 -19.93
C THR B 66 -11.68 -11.03 -18.52
N LEU B 67 -10.72 -11.51 -17.75
CA LEU B 67 -10.97 -11.92 -16.38
C LEU B 67 -10.58 -10.78 -15.44
N HIS B 68 -11.37 -10.57 -14.41
CA HIS B 68 -11.09 -9.52 -13.43
C HIS B 68 -10.33 -10.09 -12.26
N LEU B 69 -9.07 -9.68 -12.12
CA LEU B 69 -8.24 -10.17 -11.04
C LEU B 69 -8.23 -9.21 -9.86
N VAL B 70 -8.93 -9.60 -8.81
CA VAL B 70 -9.01 -8.81 -7.60
C VAL B 70 -7.93 -9.28 -6.63
N LEU B 71 -7.08 -8.36 -6.20
CA LEU B 71 -6.01 -8.67 -5.28
C LEU B 71 -6.55 -8.82 -3.86
N ARG B 72 -6.58 -10.06 -3.39
CA ARG B 72 -7.06 -10.35 -2.05
C ARG B 72 -6.00 -10.00 -1.02
N LEU B 73 -6.05 -8.77 -0.53
CA LEU B 73 -5.08 -8.30 0.46
C LEU B 73 -5.34 -8.93 1.82
N ARG B 74 -4.44 -9.82 2.22
CA ARG B 74 -4.57 -10.51 3.49
C ARG B 74 -3.44 -10.11 4.42
N GLY B 75 -3.78 -9.78 5.66
CA GLY B 75 -2.77 -9.38 6.62
C GLY B 75 -3.08 -8.06 7.29
N CYS B 76 -3.65 -7.13 6.54
CA CYS B 76 -4.00 -5.82 7.06
C CYS B 76 -5.20 -5.92 8.01
N ALA A 2 -6.59 5.80 26.88
CA ALA A 2 -5.88 6.06 25.61
C ALA A 2 -5.18 7.42 25.63
N SER A 3 -5.93 8.46 26.00
CA SER A 3 -5.40 9.82 26.06
C SER A 3 -4.09 9.90 26.86
N MET A 4 -4.02 9.16 27.96
CA MET A 4 -2.83 9.16 28.80
C MET A 4 -1.57 8.85 28.01
N ARG A 5 -1.57 7.74 27.29
CA ARG A 5 -0.40 7.35 26.51
C ARG A 5 -0.22 8.24 25.29
N VAL A 6 -1.33 8.63 24.67
CA VAL A 6 -1.28 9.50 23.51
C VAL A 6 -0.54 10.80 23.83
N VAL A 7 -0.92 11.42 24.94
CA VAL A 7 -0.29 12.66 25.37
C VAL A 7 1.16 12.40 25.79
N LYS A 8 1.40 11.25 26.41
CA LYS A 8 2.73 10.87 26.85
C LYS A 8 3.66 10.69 25.65
N GLU A 9 3.18 9.99 24.63
CA GLU A 9 3.96 9.76 23.42
C GLU A 9 4.11 11.06 22.65
N LEU A 10 3.09 11.90 22.70
CA LEU A 10 3.13 13.18 22.03
C LEU A 10 4.26 14.00 22.63
N GLU A 11 4.32 14.01 23.95
CA GLU A 11 5.37 14.72 24.67
C GLU A 11 6.73 14.13 24.32
N ASP A 12 6.79 12.80 24.30
CA ASP A 12 8.02 12.07 23.98
C ASP A 12 8.58 12.52 22.63
N LEU A 13 7.74 12.45 21.62
CA LEU A 13 8.15 12.83 20.27
C LEU A 13 8.32 14.34 20.08
N GLN A 14 7.64 15.13 20.90
CA GLN A 14 7.77 16.58 20.80
C GLN A 14 9.04 17.06 21.48
N LYS A 15 9.44 16.37 22.54
CA LYS A 15 10.66 16.73 23.26
C LYS A 15 11.87 16.29 22.44
N LYS A 16 11.75 15.14 21.81
CA LYS A 16 12.80 14.60 20.95
C LYS A 16 12.22 14.22 19.60
N PRO A 17 12.04 15.21 18.71
CA PRO A 17 11.48 15.00 17.38
C PRO A 17 12.45 14.32 16.43
N PRO A 18 11.99 13.31 15.68
CA PRO A 18 12.82 12.59 14.72
C PRO A 18 13.27 13.52 13.59
N PRO A 19 14.50 13.31 13.07
CA PRO A 19 15.05 14.14 11.99
C PRO A 19 14.21 14.09 10.71
N TYR A 20 13.32 13.11 10.62
CA TYR A 20 12.47 12.95 9.45
C TYR A 20 11.02 13.33 9.77
N LEU A 21 10.80 13.94 10.92
CA LEU A 21 9.45 14.34 11.32
C LEU A 21 9.45 15.78 11.83
N ARG A 22 8.61 16.61 11.22
CA ARG A 22 8.51 18.01 11.61
C ARG A 22 7.06 18.42 11.75
N ASN A 23 6.83 19.55 12.43
CA ASN A 23 5.49 20.11 12.64
C ASN A 23 4.57 19.12 13.34
N LEU A 24 5.13 18.28 14.21
CA LEU A 24 4.33 17.30 14.93
C LEU A 24 3.43 17.99 15.96
N SER A 25 2.15 18.07 15.65
CA SER A 25 1.18 18.70 16.53
C SER A 25 -0.07 17.86 16.63
N SER A 26 -0.90 18.13 17.62
CA SER A 26 -2.14 17.41 17.80
C SER A 26 -3.25 18.07 16.98
N ASP A 27 -4.32 17.35 16.72
CA ASP A 27 -5.45 17.88 15.97
C ASP A 27 -6.08 19.03 16.75
N ASP A 28 -6.57 20.03 16.02
CA ASP A 28 -7.17 21.21 16.63
C ASP A 28 -8.27 20.85 17.62
N ALA A 29 -9.08 19.86 17.28
CA ALA A 29 -10.19 19.46 18.13
C ALA A 29 -10.00 18.07 18.73
N ASN A 30 -9.33 17.18 17.99
CA ASN A 30 -9.11 15.81 18.47
C ASN A 30 -7.72 15.61 19.05
N VAL A 31 -7.67 15.20 20.32
CA VAL A 31 -6.39 14.96 20.99
C VAL A 31 -5.83 13.59 20.62
N LEU A 32 -6.68 12.74 20.04
CA LEU A 32 -6.29 11.40 19.65
C LEU A 32 -5.83 11.35 18.19
N VAL A 33 -5.66 12.52 17.59
CA VAL A 33 -5.23 12.60 16.20
C VAL A 33 -4.00 13.50 16.08
N TRP A 34 -2.95 12.99 15.49
CA TRP A 34 -1.72 13.75 15.31
C TRP A 34 -1.58 14.21 13.86
N HIS A 35 -1.03 15.40 13.70
CA HIS A 35 -0.80 15.99 12.38
C HIS A 35 0.66 16.38 12.29
N ALA A 36 1.40 15.74 11.38
CA ALA A 36 2.82 16.03 11.23
C ALA A 36 3.28 15.91 9.79
N LEU A 37 4.49 16.36 9.54
CA LEU A 37 5.08 16.31 8.21
C LEU A 37 6.26 15.35 8.19
N LEU A 38 6.25 14.44 7.22
CA LEU A 38 7.32 13.47 7.07
C LEU A 38 8.33 14.01 6.07
N LEU A 39 9.59 13.92 6.43
CA LEU A 39 10.67 14.40 5.57
C LEU A 39 11.53 13.24 5.07
N PRO A 40 11.16 12.67 3.91
CA PRO A 40 11.90 11.55 3.33
C PRO A 40 13.28 11.99 2.84
N ASP A 41 14.25 11.08 2.93
CA ASP A 41 15.61 11.37 2.52
C ASP A 41 15.88 10.80 1.13
N GLN A 42 15.18 9.72 0.80
CA GLN A 42 15.32 9.07 -0.49
C GLN A 42 14.70 9.92 -1.61
N PRO A 43 15.46 10.16 -2.70
CA PRO A 43 14.96 10.94 -3.83
C PRO A 43 13.89 10.16 -4.61
N PRO A 44 12.95 10.85 -5.26
CA PRO A 44 12.87 12.31 -5.26
C PRO A 44 11.97 12.85 -4.15
N TYR A 45 11.66 12.00 -3.17
CA TYR A 45 10.82 12.40 -2.05
C TYR A 45 11.56 13.38 -1.15
N HIS A 46 12.86 13.52 -1.41
CA HIS A 46 13.72 14.42 -0.65
C HIS A 46 13.51 15.87 -1.09
N LEU A 47 12.81 16.06 -2.20
CA LEU A 47 12.57 17.40 -2.73
C LEU A 47 11.57 18.17 -1.88
N LYS A 48 10.53 17.49 -1.43
CA LYS A 48 9.49 18.12 -0.61
C LYS A 48 9.19 17.27 0.62
N ALA A 49 8.02 17.50 1.21
CA ALA A 49 7.61 16.76 2.40
C ALA A 49 6.18 16.28 2.22
N PHE A 50 5.74 15.39 3.09
CA PHE A 50 4.37 14.86 3.02
C PHE A 50 3.69 14.93 4.38
N ASN A 51 2.41 15.21 4.39
CA ASN A 51 1.66 15.32 5.64
C ASN A 51 1.01 13.99 5.97
N LEU A 52 1.10 13.61 7.24
CA LEU A 52 0.51 12.36 7.71
C LEU A 52 -0.48 12.62 8.84
N ARG A 53 -1.46 11.75 8.95
CA ARG A 53 -2.49 11.85 9.98
C ARG A 53 -2.52 10.56 10.82
N ILE A 54 -2.14 10.69 12.08
CA ILE A 54 -2.13 9.55 12.98
C ILE A 54 -3.37 9.57 13.86
N SER A 55 -4.25 8.61 13.66
CA SER A 55 -5.49 8.54 14.42
C SER A 55 -5.44 7.39 15.43
N PHE A 56 -5.58 7.71 16.70
CA PHE A 56 -5.56 6.72 17.75
C PHE A 56 -6.97 6.26 18.09
N PRO A 57 -7.20 4.95 18.10
CA PRO A 57 -8.51 4.37 18.42
C PRO A 57 -8.81 4.50 19.92
N PRO A 58 -10.10 4.52 20.29
CA PRO A 58 -10.52 4.63 21.70
C PRO A 58 -10.24 3.35 22.48
N GLU A 59 -9.47 2.45 21.88
CA GLU A 59 -9.09 1.19 22.50
C GLU A 59 -7.58 1.11 22.63
N TYR A 60 -6.92 2.25 22.53
CA TYR A 60 -5.46 2.33 22.64
C TYR A 60 -5.02 1.98 24.06
N PRO A 61 -3.87 1.30 24.22
CA PRO A 61 -3.02 0.86 23.12
C PRO A 61 -3.27 -0.60 22.72
N PHE A 62 -4.46 -1.09 23.00
CA PHE A 62 -4.81 -2.47 22.65
C PHE A 62 -5.01 -2.59 21.15
N LYS A 63 -5.45 -1.49 20.54
CA LYS A 63 -5.67 -1.45 19.10
C LYS A 63 -4.63 -0.56 18.45
N PRO A 64 -4.17 -0.94 17.24
CA PRO A 64 -3.15 -0.19 16.50
C PRO A 64 -3.63 1.18 16.01
N PRO A 65 -2.73 2.17 16.02
CA PRO A 65 -3.05 3.52 15.55
C PRO A 65 -3.10 3.57 14.03
N MET A 66 -4.14 4.20 13.50
CA MET A 66 -4.31 4.30 12.06
C MET A 66 -3.59 5.53 11.52
N ILE A 67 -2.49 5.29 10.82
CA ILE A 67 -1.71 6.36 10.23
C ILE A 67 -1.88 6.38 8.72
N LYS A 68 -2.41 7.47 8.20
CA LYS A 68 -2.61 7.61 6.77
C LYS A 68 -2.01 8.91 6.27
N PHE A 69 -1.74 8.98 4.99
CA PHE A 69 -1.18 10.19 4.41
C PHE A 69 -2.28 11.18 4.04
N THR A 70 -2.01 12.46 4.28
CA THR A 70 -2.97 13.51 3.96
C THR A 70 -2.58 14.18 2.63
N THR A 71 -1.56 13.63 1.99
CA THR A 71 -1.08 14.14 0.72
C THR A 71 -0.87 12.98 -0.25
N LYS A 72 -0.92 13.27 -1.54
CA LYS A 72 -0.74 12.23 -2.55
C LYS A 72 0.74 11.97 -2.82
N ILE A 73 1.23 10.85 -2.29
CA ILE A 73 2.61 10.47 -2.48
C ILE A 73 2.73 9.34 -3.50
N TYR A 74 3.53 9.58 -4.53
CA TYR A 74 3.73 8.59 -5.59
C TYR A 74 4.72 7.51 -5.13
N HIS A 75 4.24 6.62 -4.26
CA HIS A 75 5.06 5.54 -3.72
C HIS A 75 4.41 4.19 -4.01
N PRO A 76 5.18 3.22 -4.52
CA PRO A 76 4.67 1.87 -4.87
C PRO A 76 4.02 1.14 -3.70
N ASN A 77 4.34 1.53 -2.48
CA ASN A 77 3.77 0.88 -1.30
C ASN A 77 2.74 1.76 -0.61
N VAL A 78 2.24 2.75 -1.33
CA VAL A 78 1.24 3.67 -0.79
C VAL A 78 0.11 3.84 -1.79
N ASP A 79 -1.11 3.89 -1.29
CA ASP A 79 -2.28 4.07 -2.14
C ASP A 79 -2.57 5.55 -2.35
N GLU A 80 -3.29 5.87 -3.42
CA GLU A 80 -3.62 7.25 -3.76
C GLU A 80 -4.48 7.93 -2.71
N ASN A 81 -5.21 7.15 -1.92
CA ASN A 81 -6.06 7.70 -0.87
C ASN A 81 -5.24 7.95 0.39
N GLY A 82 -3.96 7.61 0.33
CA GLY A 82 -3.08 7.79 1.46
C GLY A 82 -3.05 6.56 2.34
N GLN A 83 -3.45 5.43 1.77
CA GLN A 83 -3.48 4.18 2.49
C GLN A 83 -2.11 3.50 2.41
N ILE A 84 -1.74 2.80 3.48
CA ILE A 84 -0.45 2.13 3.53
C ILE A 84 -0.61 0.71 4.08
N CYS A 85 0.48 -0.02 4.10
CA CYS A 85 0.50 -1.38 4.62
C CYS A 85 1.77 -1.58 5.46
N LEU A 86 1.62 -1.55 6.77
CA LEU A 86 2.74 -1.70 7.67
C LEU A 86 2.56 -2.94 8.55
N PRO A 87 3.47 -3.91 8.41
CA PRO A 87 3.42 -5.18 9.17
C PRO A 87 3.61 -4.98 10.68
N ILE A 88 3.80 -3.74 11.10
CA ILE A 88 4.00 -3.43 12.51
C ILE A 88 2.68 -3.03 13.18
N ILE A 89 1.74 -2.51 12.39
CA ILE A 89 0.45 -2.10 12.93
C ILE A 89 -0.64 -3.10 12.56
N SER A 90 -0.45 -3.78 11.44
CA SER A 90 -1.40 -4.77 10.98
C SER A 90 -1.72 -5.77 12.08
N SER A 91 -2.97 -6.19 12.15
CA SER A 91 -3.43 -7.13 13.17
C SER A 91 -2.70 -8.47 13.09
N GLU A 92 -1.88 -8.63 12.06
CA GLU A 92 -1.12 -9.85 11.86
C GLU A 92 0.03 -9.96 12.87
N ASN A 93 0.52 -8.81 13.34
CA ASN A 93 1.63 -8.81 14.29
C ASN A 93 1.63 -7.55 15.15
N TRP A 94 0.45 -7.13 15.57
CA TRP A 94 0.33 -5.94 16.40
C TRP A 94 0.59 -6.26 17.87
N LYS A 95 1.48 -5.49 18.48
CA LYS A 95 1.82 -5.67 19.88
C LYS A 95 1.57 -4.36 20.63
N PRO A 96 0.73 -4.39 21.67
CA PRO A 96 0.38 -3.19 22.47
C PRO A 96 1.60 -2.55 23.14
N CYS A 97 2.68 -3.30 23.25
CA CYS A 97 3.90 -2.80 23.87
C CYS A 97 4.69 -1.89 22.92
N THR A 98 4.30 -1.89 21.66
CA THR A 98 4.95 -1.07 20.65
C THR A 98 4.45 0.37 20.72
N LYS A 99 5.37 1.32 20.68
CA LYS A 99 5.04 2.73 20.71
C LYS A 99 4.83 3.27 19.30
N THR A 100 4.16 4.40 19.20
CA THR A 100 3.90 5.03 17.93
C THR A 100 5.20 5.47 17.27
N CYS A 101 6.20 5.76 18.10
CA CYS A 101 7.52 6.17 17.62
C CYS A 101 8.15 5.06 16.80
N GLN A 102 7.93 3.82 17.23
CA GLN A 102 8.47 2.66 16.54
C GLN A 102 7.73 2.46 15.22
N VAL A 103 6.44 2.76 15.24
CA VAL A 103 5.62 2.63 14.04
C VAL A 103 6.07 3.64 12.99
N LEU A 104 6.27 4.88 13.42
CA LEU A 104 6.73 5.94 12.53
C LEU A 104 8.10 5.62 11.95
N GLU A 105 8.91 4.94 12.75
CA GLU A 105 10.24 4.54 12.33
C GLU A 105 10.13 3.52 11.19
N ALA A 106 9.30 2.51 11.40
CA ALA A 106 9.09 1.47 10.39
C ALA A 106 8.50 2.09 9.14
N LEU A 107 7.59 3.05 9.32
CA LEU A 107 6.96 3.74 8.21
C LEU A 107 8.01 4.47 7.38
N ASN A 108 8.87 5.22 8.07
CA ASN A 108 9.94 5.97 7.41
C ASN A 108 10.83 5.03 6.60
N VAL A 109 11.11 3.85 7.15
CA VAL A 109 11.93 2.86 6.49
C VAL A 109 11.24 2.38 5.21
N LEU A 110 9.97 2.04 5.32
CA LEU A 110 9.19 1.57 4.17
C LEU A 110 9.06 2.64 3.09
N VAL A 111 9.01 3.91 3.51
CA VAL A 111 8.90 5.00 2.56
C VAL A 111 10.20 5.21 1.81
N ASN A 112 11.31 5.25 2.53
CA ASN A 112 12.63 5.45 1.92
C ASN A 112 13.10 4.20 1.19
N ARG A 113 12.70 3.04 1.67
CA ARG A 113 13.07 1.77 1.07
C ARG A 113 11.81 1.03 0.63
N PRO A 114 11.41 1.17 -0.63
CA PRO A 114 10.21 0.54 -1.17
C PRO A 114 10.32 -0.97 -1.27
N ASN A 115 9.39 -1.66 -0.61
CA ASN A 115 9.36 -3.12 -0.64
C ASN A 115 8.73 -3.58 -1.95
N ILE A 116 9.57 -3.82 -2.95
CA ILE A 116 9.10 -4.26 -4.26
C ILE A 116 8.64 -5.72 -4.24
N ARG A 117 8.92 -6.41 -3.14
CA ARG A 117 8.52 -7.80 -3.00
C ARG A 117 7.03 -7.87 -2.72
N GLU A 118 6.56 -6.98 -1.86
CA GLU A 118 5.15 -6.91 -1.49
C GLU A 118 4.67 -5.47 -1.52
N PRO A 119 4.43 -4.91 -2.71
CA PRO A 119 3.96 -3.55 -2.87
C PRO A 119 2.45 -3.45 -3.03
N LEU A 120 1.95 -2.23 -3.15
CA LEU A 120 0.52 -1.99 -3.33
C LEU A 120 0.23 -1.70 -4.79
N ARG A 121 1.09 -0.88 -5.40
CA ARG A 121 0.96 -0.53 -6.80
C ARG A 121 1.95 -1.33 -7.63
N MET A 122 1.43 -2.35 -8.32
CA MET A 122 2.25 -3.22 -9.16
C MET A 122 3.00 -2.41 -10.22
N ASP A 123 2.29 -1.48 -10.84
CA ASP A 123 2.85 -0.64 -11.89
C ASP A 123 4.07 0.15 -11.43
N LEU A 124 3.94 0.80 -10.27
CA LEU A 124 5.04 1.58 -9.72
C LEU A 124 6.23 0.71 -9.36
N ALA A 125 5.96 -0.47 -8.80
CA ALA A 125 7.03 -1.39 -8.43
C ALA A 125 7.71 -1.96 -9.66
N ASP A 126 6.91 -2.33 -10.64
CA ASP A 126 7.41 -2.89 -11.90
C ASP A 126 8.32 -1.87 -12.58
N LEU A 127 7.78 -0.67 -12.75
CA LEU A 127 8.50 0.43 -13.40
C LEU A 127 9.83 0.72 -12.72
N LEU A 128 9.81 0.78 -11.39
CA LEU A 128 11.02 1.06 -10.61
C LEU A 128 12.08 -0.02 -10.81
N THR A 129 11.63 -1.24 -11.03
CA THR A 129 12.55 -2.36 -11.23
C THR A 129 13.09 -2.38 -12.66
N GLN A 130 12.32 -1.81 -13.59
CA GLN A 130 12.71 -1.77 -14.99
C GLN A 130 13.56 -0.53 -15.29
N ASN A 131 13.05 0.63 -14.90
CA ASN A 131 13.75 1.88 -15.14
C ASN A 131 13.61 2.82 -13.94
N PRO A 132 14.69 2.99 -13.16
CA PRO A 132 14.70 3.86 -11.99
C PRO A 132 14.47 5.32 -12.35
N GLU A 133 15.01 5.74 -13.48
CA GLU A 133 14.89 7.12 -13.95
C GLU A 133 13.44 7.43 -14.35
N LEU A 134 12.77 6.47 -14.99
CA LEU A 134 11.39 6.67 -15.41
C LEU A 134 10.49 6.88 -14.20
N PHE A 135 10.71 6.08 -13.16
CA PHE A 135 9.94 6.20 -11.94
C PHE A 135 10.33 7.50 -11.22
N ARG A 136 11.62 7.81 -11.25
CA ARG A 136 12.13 9.01 -10.62
C ARG A 136 11.48 10.26 -11.20
N LYS A 137 11.42 10.34 -12.52
CA LYS A 137 10.79 11.48 -13.20
C LYS A 137 9.33 11.63 -12.78
N ASN A 138 8.63 10.51 -12.71
CA ASN A 138 7.22 10.49 -12.32
C ASN A 138 7.03 10.93 -10.88
N ALA A 139 7.79 10.30 -9.98
CA ALA A 139 7.71 10.62 -8.56
C ALA A 139 8.10 12.07 -8.30
N GLU A 140 9.11 12.54 -9.03
CA GLU A 140 9.60 13.91 -8.89
C GLU A 140 8.48 14.89 -9.22
N GLU A 141 7.84 14.66 -10.38
CA GLU A 141 6.74 15.48 -10.84
C GLU A 141 5.63 15.53 -9.79
N PHE A 142 5.28 14.37 -9.27
CA PHE A 142 4.22 14.27 -8.28
C PHE A 142 4.59 14.95 -6.96
N THR A 143 5.84 14.78 -6.54
CA THR A 143 6.31 15.39 -5.29
C THR A 143 6.28 16.92 -5.38
N LEU A 144 6.58 17.45 -6.56
CA LEU A 144 6.58 18.89 -6.76
C LEU A 144 5.21 19.37 -7.23
N ARG A 145 4.22 18.49 -7.16
CA ARG A 145 2.87 18.82 -7.58
C ARG A 145 1.88 18.69 -6.43
N PHE A 146 1.94 17.57 -5.73
CA PHE A 146 1.04 17.32 -4.61
C PHE A 146 1.82 17.07 -3.33
N GLY A 147 2.95 17.74 -3.20
CA GLY A 147 3.78 17.58 -2.03
C GLY A 147 3.83 18.85 -1.19
N VAL A 148 4.03 18.68 0.10
CA VAL A 148 4.11 19.81 1.02
C VAL A 148 5.50 20.42 0.95
N ASP A 149 5.62 21.68 1.32
CA ASP A 149 6.93 22.36 1.28
C ASP A 149 7.95 21.66 2.17
N ARG A 150 9.22 21.76 1.78
CA ARG A 150 10.30 21.13 2.53
C ARG A 150 10.86 22.08 3.58
N PRO A 151 10.64 21.76 4.86
CA PRO A 151 11.14 22.58 5.97
C PRO A 151 12.52 22.10 6.42
N MET B 1 -6.58 -22.21 -24.95
CA MET B 1 -7.14 -21.01 -25.60
C MET B 1 -6.50 -19.75 -25.05
N GLN B 2 -6.67 -18.64 -25.74
CA GLN B 2 -6.10 -17.38 -25.33
C GLN B 2 -7.11 -16.52 -24.58
N ILE B 3 -6.73 -16.05 -23.40
CA ILE B 3 -7.59 -15.19 -22.61
C ILE B 3 -6.80 -13.96 -22.15
N PHE B 4 -7.49 -12.94 -21.68
CA PHE B 4 -6.84 -11.72 -21.24
C PHE B 4 -7.18 -11.42 -19.79
N VAL B 5 -6.16 -11.14 -19.00
CA VAL B 5 -6.36 -10.82 -17.58
C VAL B 5 -5.94 -9.38 -17.32
N LYS B 6 -6.90 -8.52 -17.02
CA LYS B 6 -6.61 -7.13 -16.75
C LYS B 6 -6.61 -6.85 -15.25
N THR B 7 -5.54 -6.23 -14.78
CA THR B 7 -5.40 -5.90 -13.37
C THR B 7 -5.89 -4.48 -13.12
N LEU B 8 -5.91 -4.08 -11.86
CA LEU B 8 -6.35 -2.74 -11.47
C LEU B 8 -5.31 -1.68 -11.84
N THR B 9 -4.14 -2.11 -12.27
CA THR B 9 -3.08 -1.19 -12.64
C THR B 9 -3.05 -0.96 -14.15
N GLY B 10 -4.01 -1.57 -14.85
CA GLY B 10 -4.08 -1.43 -16.29
C GLY B 10 -3.22 -2.45 -17.02
N LYS B 11 -2.40 -3.16 -16.25
CA LYS B 11 -1.52 -4.18 -16.81
C LYS B 11 -2.33 -5.38 -17.27
N THR B 12 -2.53 -5.47 -18.57
CA THR B 12 -3.30 -6.57 -19.16
C THR B 12 -2.36 -7.66 -19.65
N ILE B 13 -2.38 -8.79 -18.97
CA ILE B 13 -1.52 -9.91 -19.33
C ILE B 13 -2.31 -11.01 -20.03
N THR B 14 -1.70 -11.60 -21.05
CA THR B 14 -2.33 -12.67 -21.79
C THR B 14 -2.10 -13.98 -21.03
N LEU B 15 -3.06 -14.89 -21.10
CA LEU B 15 -2.92 -16.16 -20.41
C LEU B 15 -3.37 -17.32 -21.30
N GLU B 16 -2.56 -18.36 -21.34
CA GLU B 16 -2.86 -19.54 -22.12
C GLU B 16 -3.43 -20.64 -21.24
N VAL B 17 -4.73 -20.81 -21.31
CA VAL B 17 -5.42 -21.81 -20.52
C VAL B 17 -6.50 -22.49 -21.35
N GLU B 18 -6.87 -23.70 -20.99
CA GLU B 18 -7.91 -24.41 -21.72
C GLU B 18 -9.19 -24.38 -20.90
N PRO B 19 -10.36 -24.66 -21.50
CA PRO B 19 -11.64 -24.66 -20.78
C PRO B 19 -11.59 -25.61 -19.58
N SER B 20 -10.74 -26.62 -19.69
CA SER B 20 -10.56 -27.62 -18.65
C SER B 20 -9.71 -27.11 -17.49
N ASP B 21 -9.07 -25.96 -17.69
CA ASP B 21 -8.22 -25.38 -16.65
C ASP B 21 -9.03 -24.91 -15.46
N THR B 22 -8.60 -25.29 -14.28
CA THR B 22 -9.26 -24.91 -13.05
C THR B 22 -8.82 -23.49 -12.68
N ILE B 23 -9.67 -22.75 -11.97
CA ILE B 23 -9.35 -21.38 -11.57
C ILE B 23 -8.04 -21.34 -10.78
N GLU B 24 -7.83 -22.36 -9.96
CA GLU B 24 -6.62 -22.46 -9.15
C GLU B 24 -5.39 -22.53 -10.05
N ASN B 25 -5.49 -23.30 -11.14
CA ASN B 25 -4.39 -23.45 -12.08
C ASN B 25 -4.15 -22.12 -12.81
N VAL B 26 -5.24 -21.39 -13.05
CA VAL B 26 -5.17 -20.10 -13.71
C VAL B 26 -4.33 -19.15 -12.85
N LYS B 27 -4.60 -19.16 -11.55
CA LYS B 27 -3.88 -18.31 -10.61
C LYS B 27 -2.40 -18.69 -10.57
N ALA B 28 -2.12 -19.99 -10.67
CA ALA B 28 -0.76 -20.47 -10.66
C ALA B 28 0.03 -19.92 -11.84
N LYS B 29 -0.62 -19.90 -13.00
CA LYS B 29 -0.01 -19.39 -14.22
C LYS B 29 0.25 -17.89 -14.11
N ILE B 30 -0.67 -17.19 -13.45
CA ILE B 30 -0.53 -15.74 -13.25
C ILE B 30 0.62 -15.46 -12.30
N GLN B 31 0.73 -16.28 -11.26
CA GLN B 31 1.81 -16.15 -10.28
C GLN B 31 3.15 -16.46 -10.95
N ASP B 32 3.10 -17.28 -11.98
CA ASP B 32 4.29 -17.68 -12.72
C ASP B 32 4.88 -16.50 -13.48
N LYS B 33 4.02 -15.75 -14.17
CA LYS B 33 4.48 -14.60 -14.94
C LYS B 33 4.61 -13.33 -14.10
N GLU B 34 3.54 -12.93 -13.43
CA GLU B 34 3.54 -11.72 -12.62
C GLU B 34 4.22 -11.94 -11.27
N GLY B 35 3.74 -12.93 -10.53
CA GLY B 35 4.31 -13.22 -9.24
C GLY B 35 3.30 -13.04 -8.11
N ILE B 36 2.12 -12.53 -8.46
CA ILE B 36 1.06 -12.31 -7.49
C ILE B 36 0.57 -13.65 -6.95
N PRO B 37 0.65 -13.86 -5.62
CA PRO B 37 0.20 -15.10 -4.99
C PRO B 37 -1.30 -15.32 -5.19
N PRO B 38 -1.72 -16.57 -5.44
CA PRO B 38 -3.13 -16.93 -5.66
C PRO B 38 -4.03 -16.48 -4.51
N ASP B 39 -3.43 -16.30 -3.34
CA ASP B 39 -4.15 -15.87 -2.15
C ASP B 39 -4.66 -14.44 -2.30
N GLN B 40 -3.91 -13.64 -3.04
CA GLN B 40 -4.24 -12.24 -3.26
C GLN B 40 -4.90 -12.04 -4.62
N GLN B 41 -5.11 -13.13 -5.34
CA GLN B 41 -5.71 -13.07 -6.66
C GLN B 41 -7.23 -13.19 -6.62
N ARG B 42 -7.92 -12.07 -6.64
CA ARG B 42 -9.37 -12.07 -6.64
C ARG B 42 -9.86 -11.91 -8.08
N LEU B 43 -10.03 -13.03 -8.75
CA LEU B 43 -10.47 -13.05 -10.14
C LEU B 43 -11.98 -12.89 -10.26
N ILE B 44 -12.40 -11.85 -10.96
CA ILE B 44 -13.82 -11.58 -11.17
C ILE B 44 -14.15 -11.67 -12.66
N PHE B 45 -15.18 -12.43 -13.00
CA PHE B 45 -15.59 -12.59 -14.38
C PHE B 45 -17.08 -12.38 -14.53
N ALA B 46 -17.44 -11.41 -15.35
CA ALA B 46 -18.85 -11.07 -15.64
C ALA B 46 -19.65 -10.71 -14.38
N GLY B 47 -18.94 -10.36 -13.31
CA GLY B 47 -19.61 -10.00 -12.08
C GLY B 47 -19.56 -11.10 -11.04
N LYS B 48 -19.04 -12.25 -11.41
CA LYS B 48 -18.95 -13.38 -10.48
C LYS B 48 -17.51 -13.66 -10.09
N GLN B 49 -17.33 -14.16 -8.88
CA GLN B 49 -16.01 -14.49 -8.37
C GLN B 49 -15.62 -15.89 -8.83
N LEU B 50 -14.43 -16.01 -9.39
CA LEU B 50 -13.95 -17.28 -9.89
C LEU B 50 -13.43 -18.15 -8.75
N GLU B 51 -14.17 -19.21 -8.44
CA GLU B 51 -13.79 -20.13 -7.38
C GLU B 51 -12.70 -21.09 -7.87
N ASP B 52 -11.63 -21.20 -7.09
CA ASP B 52 -10.48 -22.06 -7.41
C ASP B 52 -10.86 -23.49 -7.74
N GLY B 53 -11.89 -24.01 -7.07
CA GLY B 53 -12.30 -25.39 -7.29
C GLY B 53 -13.05 -25.61 -8.59
N ARG B 54 -13.48 -24.54 -9.24
CA ARG B 54 -14.23 -24.66 -10.49
C ARG B 54 -13.32 -24.47 -11.70
N THR B 55 -13.79 -24.87 -12.86
CA THR B 55 -13.02 -24.76 -14.10
C THR B 55 -13.53 -23.57 -14.92
N LEU B 56 -12.89 -23.31 -16.05
CA LEU B 56 -13.30 -22.21 -16.93
C LEU B 56 -14.64 -22.54 -17.57
N SER B 57 -14.87 -23.82 -17.83
CA SER B 57 -16.11 -24.27 -18.44
C SER B 57 -17.29 -24.10 -17.49
N ASP B 58 -17.00 -23.89 -16.22
CA ASP B 58 -18.04 -23.71 -15.19
C ASP B 58 -18.76 -22.39 -15.36
N TYR B 59 -18.08 -21.41 -15.91
CA TYR B 59 -18.66 -20.08 -16.11
C TYR B 59 -18.85 -19.78 -17.59
N ASN B 60 -18.68 -20.80 -18.42
CA ASN B 60 -18.82 -20.67 -19.88
C ASN B 60 -17.82 -19.65 -20.43
N ILE B 61 -16.60 -19.70 -19.92
CA ILE B 61 -15.55 -18.79 -20.36
C ILE B 61 -15.02 -19.23 -21.73
N GLN B 62 -15.11 -18.33 -22.69
CA GLN B 62 -14.66 -18.62 -24.05
C GLN B 62 -13.32 -17.95 -24.33
N LYS B 63 -12.87 -18.04 -25.58
CA LYS B 63 -11.61 -17.44 -25.97
C LYS B 63 -11.71 -15.92 -26.06
N GLU B 64 -10.57 -15.26 -25.84
CA GLU B 64 -10.47 -13.80 -25.89
C GLU B 64 -11.28 -13.11 -24.78
N SER B 65 -11.64 -13.86 -23.75
CA SER B 65 -12.38 -13.30 -22.63
C SER B 65 -11.45 -12.53 -21.71
N THR B 66 -11.92 -11.39 -21.21
CA THR B 66 -11.12 -10.57 -20.32
C THR B 66 -11.55 -10.73 -18.87
N LEU B 67 -10.66 -11.24 -18.04
CA LEU B 67 -10.93 -11.44 -16.63
C LEU B 67 -10.43 -10.22 -15.85
N HIS B 68 -11.07 -9.93 -14.74
CA HIS B 68 -10.68 -8.79 -13.92
C HIS B 68 -9.97 -9.28 -12.67
N LEU B 69 -8.68 -8.96 -12.55
CA LEU B 69 -7.89 -9.39 -11.41
C LEU B 69 -7.82 -8.29 -10.35
N VAL B 70 -8.51 -8.51 -9.25
CA VAL B 70 -8.51 -7.56 -8.15
C VAL B 70 -7.51 -8.01 -7.10
N LEU B 71 -6.65 -7.08 -6.67
CA LEU B 71 -5.65 -7.38 -5.67
C LEU B 71 -6.26 -7.45 -4.28
N ARG B 72 -5.81 -8.39 -3.48
CA ARG B 72 -6.30 -8.56 -2.11
C ARG B 72 -5.18 -8.29 -1.11
N LEU B 73 -5.49 -7.47 -0.11
CA LEU B 73 -4.52 -7.14 0.92
C LEU B 73 -4.82 -7.94 2.18
N ARG B 74 -3.83 -8.66 2.67
CA ARG B 74 -4.00 -9.48 3.86
C ARG B 74 -3.80 -8.66 5.13
N GLY B 75 -3.29 -7.44 4.98
CA GLY B 75 -3.04 -6.59 6.12
C GLY B 75 -2.60 -5.21 5.72
N CYS B 76 -2.75 -4.26 6.63
CA CYS B 76 -2.36 -2.88 6.40
C CYS B 76 -1.84 -2.30 7.70
N ALA A 2 -6.96 7.36 27.37
CA ALA A 2 -6.36 7.39 26.02
C ALA A 2 -5.32 8.51 25.90
N SER A 3 -5.77 9.74 26.13
CA SER A 3 -4.90 10.91 26.04
C SER A 3 -3.73 10.83 27.03
N MET A 4 -3.91 10.08 28.10
CA MET A 4 -2.89 9.91 29.13
C MET A 4 -1.57 9.44 28.53
N ARG A 5 -1.63 8.45 27.64
CA ARG A 5 -0.43 7.94 27.02
C ARG A 5 0.02 8.85 25.88
N VAL A 6 -0.96 9.40 25.17
CA VAL A 6 -0.69 10.30 24.05
C VAL A 6 0.19 11.48 24.47
N VAL A 7 -0.16 12.11 25.59
CA VAL A 7 0.60 13.24 26.10
C VAL A 7 2.02 12.82 26.46
N LYS A 8 2.13 11.64 27.07
CA LYS A 8 3.43 11.11 27.47
C LYS A 8 4.29 10.79 26.26
N GLU A 9 3.68 10.16 25.26
CA GLU A 9 4.38 9.81 24.03
C GLU A 9 4.80 11.05 23.27
N LEU A 10 3.90 12.02 23.19
CA LEU A 10 4.16 13.28 22.49
C LEU A 10 5.35 14.00 23.12
N GLU A 11 5.30 14.17 24.43
CA GLU A 11 6.35 14.85 25.16
C GLU A 11 7.71 14.18 24.92
N ASP A 12 7.75 12.86 25.07
CA ASP A 12 8.98 12.11 24.88
C ASP A 12 9.49 12.19 23.45
N LEU A 13 8.59 12.06 22.49
CA LEU A 13 8.96 12.12 21.08
C LEU A 13 9.41 13.52 20.69
N GLN A 14 8.95 14.53 21.42
CA GLN A 14 9.34 15.91 21.15
C GLN A 14 10.72 16.20 21.73
N LYS A 15 11.16 15.32 22.64
CA LYS A 15 12.47 15.47 23.26
C LYS A 15 13.52 14.90 22.32
N LYS A 16 13.26 13.70 21.82
CA LYS A 16 14.17 13.03 20.91
C LYS A 16 13.46 12.65 19.61
N PRO A 17 13.18 13.64 18.75
CA PRO A 17 12.50 13.41 17.47
C PRO A 17 13.47 12.88 16.42
N PRO A 18 13.10 11.79 15.73
CA PRO A 18 13.93 11.19 14.69
C PRO A 18 14.19 12.19 13.57
N PRO A 19 15.35 12.06 12.89
CA PRO A 19 15.74 12.97 11.79
C PRO A 19 14.71 13.07 10.68
N TYR A 20 13.93 12.00 10.50
CA TYR A 20 12.91 11.98 9.46
C TYR A 20 11.57 12.53 9.93
N LEU A 21 11.51 12.99 11.16
CA LEU A 21 10.28 13.53 11.71
C LEU A 21 10.50 14.95 12.20
N ARG A 22 9.87 15.91 11.56
CA ARG A 22 10.03 17.31 11.92
C ARG A 22 8.68 17.95 12.25
N ASN A 23 8.75 19.05 13.02
CA ASN A 23 7.56 19.81 13.41
C ASN A 23 6.52 18.96 14.13
N LEU A 24 6.98 17.97 14.89
CA LEU A 24 6.08 17.10 15.63
C LEU A 24 5.33 17.87 16.71
N SER A 25 4.04 18.06 16.50
CA SER A 25 3.23 18.79 17.44
C SER A 25 1.81 18.23 17.46
N SER A 26 1.03 18.65 18.44
CA SER A 26 -0.34 18.21 18.56
C SER A 26 -1.27 19.24 17.93
N ASP A 27 -2.49 18.82 17.60
CA ASP A 27 -3.47 19.72 17.00
C ASP A 27 -3.81 20.82 17.97
N ASP A 28 -4.08 22.00 17.45
CA ASP A 28 -4.40 23.16 18.26
C ASP A 28 -5.75 23.03 18.95
N ALA A 29 -6.61 22.13 18.45
CA ALA A 29 -7.93 21.95 19.04
C ALA A 29 -8.15 20.55 19.62
N ASN A 30 -7.15 19.67 19.49
CA ASN A 30 -7.27 18.32 19.99
C ASN A 30 -5.90 17.69 20.24
N VAL A 31 -5.72 17.11 21.41
CA VAL A 31 -4.46 16.48 21.77
C VAL A 31 -4.34 15.08 21.15
N LEU A 32 -5.48 14.52 20.74
CA LEU A 32 -5.50 13.19 20.14
C LEU A 32 -5.16 13.23 18.65
N VAL A 33 -4.81 14.41 18.16
CA VAL A 33 -4.45 14.57 16.76
C VAL A 33 -3.03 15.15 16.66
N TRP A 34 -2.15 14.43 16.00
CA TRP A 34 -0.78 14.87 15.84
C TRP A 34 -0.50 15.38 14.43
N HIS A 35 0.35 16.38 14.35
CA HIS A 35 0.76 16.99 13.09
C HIS A 35 2.27 16.92 12.99
N ALA A 36 2.79 16.28 11.95
CA ALA A 36 4.23 16.16 11.79
C ALA A 36 4.63 16.08 10.32
N LEU A 37 5.87 16.46 10.05
CA LEU A 37 6.39 16.43 8.69
C LEU A 37 7.39 15.29 8.55
N LEU A 38 7.12 14.40 7.62
CA LEU A 38 7.99 13.26 7.36
C LEU A 38 9.00 13.60 6.27
N LEU A 39 10.25 13.31 6.53
CA LEU A 39 11.32 13.59 5.58
C LEU A 39 11.92 12.29 5.06
N PRO A 40 11.43 11.81 3.90
CA PRO A 40 11.92 10.56 3.29
C PRO A 40 13.30 10.76 2.69
N ASP A 41 14.09 9.70 2.67
CA ASP A 41 15.45 9.75 2.14
C ASP A 41 15.50 9.24 0.70
N GLN A 42 14.68 8.24 0.40
CA GLN A 42 14.62 7.65 -0.93
C GLN A 42 14.20 8.68 -1.97
N PRO A 43 14.96 8.81 -3.06
CA PRO A 43 14.65 9.75 -4.14
C PRO A 43 13.41 9.32 -4.91
N PRO A 44 12.64 10.27 -5.45
CA PRO A 44 12.92 11.70 -5.34
C PRO A 44 12.15 12.35 -4.19
N TYR A 45 11.75 11.54 -3.19
CA TYR A 45 11.02 12.05 -2.04
C TYR A 45 11.92 12.92 -1.17
N HIS A 46 13.21 12.90 -1.50
CA HIS A 46 14.21 13.66 -0.77
C HIS A 46 14.11 15.15 -1.13
N LEU A 47 13.40 15.46 -2.21
CA LEU A 47 13.25 16.83 -2.66
C LEU A 47 12.46 17.69 -1.68
N LYS A 48 11.36 17.16 -1.16
CA LYS A 48 10.52 17.90 -0.23
C LYS A 48 10.16 17.04 0.99
N ALA A 49 9.14 17.48 1.71
CA ALA A 49 8.67 16.76 2.89
C ALA A 49 7.17 16.51 2.77
N PHE A 50 6.63 15.65 3.63
CA PHE A 50 5.20 15.36 3.60
C PHE A 50 4.59 15.44 4.99
N ASN A 51 3.46 16.11 5.10
CA ASN A 51 2.78 16.26 6.38
C ASN A 51 1.81 15.11 6.62
N LEU A 52 1.88 14.52 7.80
CA LEU A 52 1.01 13.41 8.15
C LEU A 52 0.12 13.76 9.34
N ARG A 53 -1.06 13.15 9.38
CA ARG A 53 -2.00 13.39 10.45
C ARG A 53 -2.23 12.12 11.25
N ILE A 54 -1.82 12.14 12.52
CA ILE A 54 -1.99 10.99 13.38
C ILE A 54 -3.21 11.20 14.26
N SER A 55 -4.28 10.45 13.99
CA SER A 55 -5.51 10.56 14.75
C SER A 55 -5.66 9.39 15.72
N PHE A 56 -5.56 9.69 17.01
CA PHE A 56 -5.70 8.68 18.04
C PHE A 56 -7.16 8.43 18.38
N PRO A 57 -7.56 7.16 18.47
CA PRO A 57 -8.93 6.79 18.78
C PRO A 57 -9.19 6.88 20.29
N PRO A 58 -10.46 7.08 20.68
CA PRO A 58 -10.84 7.20 22.10
C PRO A 58 -10.57 5.91 22.87
N GLU A 59 -10.34 4.81 22.15
CA GLU A 59 -10.08 3.53 22.78
C GLU A 59 -8.57 3.28 22.93
N TYR A 60 -7.77 4.31 22.66
CA TYR A 60 -6.31 4.19 22.77
C TYR A 60 -5.92 3.84 24.21
N PRO A 61 -4.90 2.98 24.40
CA PRO A 61 -4.13 2.35 23.33
C PRO A 61 -4.60 0.96 22.97
N PHE A 62 -5.88 0.68 23.18
CA PHE A 62 -6.44 -0.63 22.88
C PHE A 62 -6.87 -0.67 21.41
N LYS A 63 -6.90 0.51 20.81
CA LYS A 63 -7.27 0.65 19.40
C LYS A 63 -6.13 1.33 18.66
N PRO A 64 -5.79 0.85 17.46
CA PRO A 64 -4.70 1.43 16.64
C PRO A 64 -5.03 2.85 16.15
N PRO A 65 -4.03 3.74 16.17
CA PRO A 65 -4.21 5.11 15.71
C PRO A 65 -4.30 5.18 14.19
N MET A 66 -5.10 6.12 13.70
CA MET A 66 -5.28 6.28 12.27
C MET A 66 -4.35 7.34 11.73
N ILE A 67 -3.36 6.92 10.97
CA ILE A 67 -2.38 7.83 10.39
C ILE A 67 -2.57 7.93 8.88
N LYS A 68 -2.71 9.15 8.40
CA LYS A 68 -2.88 9.39 6.97
C LYS A 68 -2.03 10.58 6.56
N PHE A 69 -1.72 10.67 5.27
CA PHE A 69 -0.90 11.76 4.78
C PHE A 69 -1.76 12.94 4.32
N THR A 70 -1.55 14.09 4.95
CA THR A 70 -2.26 15.30 4.60
C THR A 70 -1.84 15.71 3.20
N THR A 71 -0.53 15.69 2.96
CA THR A 71 0.02 16.01 1.66
C THR A 71 0.03 14.75 0.80
N LYS A 72 -0.17 14.92 -0.50
CA LYS A 72 -0.21 13.78 -1.40
C LYS A 72 1.19 13.33 -1.81
N ILE A 73 1.42 12.02 -1.74
CA ILE A 73 2.72 11.46 -2.08
C ILE A 73 2.59 10.37 -3.15
N TYR A 74 3.37 10.50 -4.21
CA TYR A 74 3.37 9.54 -5.30
C TYR A 74 4.13 8.27 -4.89
N HIS A 75 3.46 7.40 -4.14
CA HIS A 75 4.06 6.16 -3.66
C HIS A 75 3.14 4.98 -3.96
N PRO A 76 3.71 3.86 -4.44
CA PRO A 76 2.94 2.64 -4.78
C PRO A 76 2.21 2.01 -3.61
N ASN A 77 2.48 2.48 -2.41
CA ASN A 77 1.82 1.94 -1.21
C ASN A 77 0.93 2.98 -0.57
N VAL A 78 0.58 4.01 -1.35
CA VAL A 78 -0.28 5.09 -0.89
C VAL A 78 -1.40 5.30 -1.89
N ASP A 79 -2.61 5.54 -1.40
CA ASP A 79 -3.76 5.76 -2.26
C ASP A 79 -3.81 7.21 -2.76
N GLU A 80 -4.67 7.47 -3.74
CA GLU A 80 -4.82 8.82 -4.31
C GLU A 80 -5.27 9.87 -3.29
N ASN A 81 -5.95 9.43 -2.24
CA ASN A 81 -6.44 10.35 -1.21
C ASN A 81 -5.37 10.63 -0.17
N GLY A 82 -4.62 9.60 0.19
CA GLY A 82 -3.57 9.75 1.18
C GLY A 82 -3.62 8.66 2.23
N GLN A 83 -4.33 7.58 1.92
CA GLN A 83 -4.48 6.46 2.83
C GLN A 83 -3.34 5.46 2.64
N ILE A 84 -2.93 4.83 3.73
CA ILE A 84 -1.87 3.84 3.70
C ILE A 84 -2.27 2.58 4.46
N CYS A 85 -1.63 1.48 4.14
CA CYS A 85 -1.91 0.22 4.81
C CYS A 85 -0.68 -0.23 5.59
N LEU A 86 -0.71 -0.02 6.90
CA LEU A 86 0.39 -0.40 7.75
C LEU A 86 0.02 -1.62 8.59
N PRO A 87 0.65 -2.77 8.32
CA PRO A 87 0.38 -4.03 9.04
C PRO A 87 0.64 -3.95 10.54
N ILE A 88 1.37 -2.92 10.97
CA ILE A 88 1.67 -2.76 12.40
C ILE A 88 0.45 -2.24 13.16
N ILE A 89 -0.49 -1.64 12.43
CA ILE A 89 -1.70 -1.11 13.05
C ILE A 89 -2.92 -1.64 12.29
N SER A 90 -2.79 -2.85 11.77
CA SER A 90 -3.86 -3.46 11.02
C SER A 90 -4.87 -4.12 11.94
N SER A 91 -6.06 -4.38 11.40
CA SER A 91 -7.13 -5.00 12.16
C SER A 91 -6.80 -6.45 12.49
N GLU A 92 -5.85 -7.02 11.78
CA GLU A 92 -5.44 -8.40 11.98
C GLU A 92 -4.13 -8.48 12.77
N ASN A 93 -3.40 -7.38 12.80
CA ASN A 93 -2.12 -7.33 13.51
C ASN A 93 -2.02 -6.03 14.29
N TRP A 94 -2.33 -6.09 15.57
CA TRP A 94 -2.26 -4.92 16.44
C TRP A 94 -1.93 -5.35 17.87
N LYS A 95 -1.00 -4.64 18.49
CA LYS A 95 -0.59 -4.92 19.85
C LYS A 95 -0.57 -3.63 20.67
N PRO A 96 -1.31 -3.59 21.79
CA PRO A 96 -1.39 -2.41 22.66
C PRO A 96 -0.04 -2.01 23.26
N CYS A 97 0.90 -2.96 23.27
CA CYS A 97 2.23 -2.72 23.79
C CYS A 97 3.06 -1.88 22.84
N THR A 98 2.57 -1.72 21.62
CA THR A 98 3.26 -0.94 20.60
C THR A 98 2.94 0.54 20.78
N LYS A 99 3.98 1.36 20.73
CA LYS A 99 3.83 2.80 20.89
C LYS A 99 3.92 3.50 19.54
N THR A 100 3.52 4.77 19.50
CA THR A 100 3.54 5.55 18.26
C THR A 100 4.95 5.65 17.66
N CYS A 101 5.97 5.65 18.51
CA CYS A 101 7.35 5.74 18.07
C CYS A 101 7.73 4.56 17.17
N GLN A 102 7.13 3.40 17.44
CA GLN A 102 7.40 2.20 16.66
C GLN A 102 6.63 2.25 15.34
N VAL A 103 5.40 2.75 15.41
CA VAL A 103 4.55 2.86 14.23
C VAL A 103 5.15 3.84 13.23
N LEU A 104 5.63 4.96 13.75
CA LEU A 104 6.25 6.00 12.92
C LEU A 104 7.50 5.46 12.22
N GLU A 105 8.25 4.63 12.92
CA GLU A 105 9.47 4.04 12.37
C GLU A 105 9.10 3.11 11.22
N ALA A 106 8.11 2.25 11.47
CA ALA A 106 7.65 1.29 10.46
C ALA A 106 7.12 2.03 9.25
N LEU A 107 6.38 3.11 9.49
CA LEU A 107 5.82 3.93 8.42
C LEU A 107 6.93 4.51 7.56
N ASN A 108 7.95 5.07 8.21
CA ASN A 108 9.08 5.65 7.50
C ASN A 108 9.76 4.62 6.62
N VAL A 109 9.90 3.41 7.13
CA VAL A 109 10.52 2.33 6.37
C VAL A 109 9.65 1.97 5.17
N LEU A 110 8.35 1.90 5.39
CA LEU A 110 7.40 1.57 4.33
C LEU A 110 7.43 2.63 3.23
N VAL A 111 7.65 3.88 3.62
CA VAL A 111 7.70 4.98 2.67
C VAL A 111 8.99 4.94 1.85
N ASN A 112 10.11 4.71 2.52
CA ASN A 112 11.41 4.66 1.87
C ASN A 112 11.58 3.37 1.06
N ARG A 113 10.99 2.30 1.54
CA ARG A 113 11.07 1.00 0.88
C ARG A 113 9.74 0.66 0.21
N PRO A 114 9.62 0.92 -1.10
CA PRO A 114 8.40 0.65 -1.86
C PRO A 114 8.17 -0.84 -2.04
N ASN A 115 7.16 -1.36 -1.34
CA ASN A 115 6.83 -2.77 -1.44
C ASN A 115 6.04 -3.05 -2.71
N ILE A 116 6.69 -3.70 -3.66
CA ILE A 116 6.05 -4.03 -4.94
C ILE A 116 5.37 -5.40 -4.89
N ARG A 117 5.57 -6.12 -3.80
CA ARG A 117 4.97 -7.45 -3.64
C ARG A 117 3.53 -7.31 -3.19
N GLU A 118 3.33 -6.53 -2.14
CA GLU A 118 2.01 -6.28 -1.60
C GLU A 118 1.78 -4.76 -1.52
N PRO A 119 1.55 -4.11 -2.67
CA PRO A 119 1.36 -2.67 -2.74
C PRO A 119 -0.11 -2.28 -2.80
N LEU A 120 -0.37 -0.98 -2.82
CA LEU A 120 -1.72 -0.46 -2.91
C LEU A 120 -2.01 -0.05 -4.34
N ARG A 121 -0.96 0.29 -5.05
CA ARG A 121 -1.06 0.70 -6.45
C ARG A 121 -0.22 -0.22 -7.34
N MET A 122 -0.89 -1.13 -8.02
CA MET A 122 -0.20 -2.07 -8.90
C MET A 122 0.45 -1.34 -10.07
N ASP A 123 -0.16 -0.24 -10.48
CA ASP A 123 0.35 0.57 -11.59
C ASP A 123 1.73 1.14 -11.27
N LEU A 124 1.84 1.73 -10.09
CA LEU A 124 3.10 2.31 -9.64
C LEU A 124 4.14 1.24 -9.33
N ALA A 125 3.68 0.12 -8.76
CA ALA A 125 4.57 -0.98 -8.41
C ALA A 125 5.18 -1.58 -9.67
N ASP A 126 4.34 -1.82 -10.66
CA ASP A 126 4.79 -2.39 -11.92
C ASP A 126 5.71 -1.41 -12.64
N LEU A 127 5.29 -0.15 -12.68
CA LEU A 127 6.06 0.91 -13.34
C LEU A 127 7.45 1.05 -12.74
N LEU A 128 7.53 1.02 -11.41
CA LEU A 128 8.81 1.16 -10.71
C LEU A 128 9.76 0.01 -11.07
N THR A 129 9.19 -1.15 -11.36
CA THR A 129 9.99 -2.31 -11.71
C THR A 129 10.35 -2.31 -13.20
N GLN A 130 9.49 -1.74 -14.02
CA GLN A 130 9.73 -1.67 -15.46
C GLN A 130 10.72 -0.55 -15.78
N ASN A 131 10.47 0.64 -15.24
CA ASN A 131 11.33 1.78 -15.49
C ASN A 131 11.41 2.69 -14.27
N PRO A 132 12.50 2.55 -13.49
CA PRO A 132 12.72 3.36 -12.27
C PRO A 132 12.82 4.85 -12.60
N GLU A 133 13.39 5.16 -13.77
CA GLU A 133 13.53 6.55 -14.19
C GLU A 133 12.17 7.18 -14.45
N LEU A 134 11.30 6.45 -15.14
CA LEU A 134 9.96 6.94 -15.44
C LEU A 134 9.20 7.20 -14.14
N PHE A 135 9.36 6.30 -13.19
CA PHE A 135 8.71 6.43 -11.90
C PHE A 135 9.29 7.64 -11.15
N ARG A 136 10.62 7.71 -11.12
CA ARG A 136 11.31 8.81 -10.44
C ARG A 136 10.93 10.15 -11.06
N LYS A 137 10.86 10.16 -12.39
CA LYS A 137 10.50 11.36 -13.14
C LYS A 137 9.11 11.85 -12.75
N ASN A 138 8.17 10.90 -12.72
CA ASN A 138 6.78 11.21 -12.37
C ASN A 138 6.69 11.69 -10.92
N ALA A 139 7.34 10.95 -10.03
CA ALA A 139 7.34 11.27 -8.61
C ALA A 139 8.01 12.61 -8.35
N GLU A 140 9.05 12.92 -9.12
CA GLU A 140 9.78 14.17 -8.98
C GLU A 140 8.85 15.37 -9.15
N GLU A 141 8.06 15.34 -10.21
CA GLU A 141 7.12 16.41 -10.50
C GLU A 141 6.06 16.50 -9.40
N PHE A 142 5.53 15.34 -9.00
CA PHE A 142 4.50 15.27 -7.97
C PHE A 142 5.01 15.83 -6.64
N THR A 143 6.23 15.47 -6.26
CA THR A 143 6.82 15.93 -5.01
C THR A 143 7.02 17.45 -5.02
N LEU A 144 7.35 18.00 -6.17
CA LEU A 144 7.55 19.44 -6.31
C LEU A 144 6.24 20.15 -6.63
N ARG A 145 5.17 19.38 -6.69
CA ARG A 145 3.85 19.91 -6.98
C ARG A 145 3.00 19.96 -5.71
N PHE A 146 2.95 18.84 -5.01
CA PHE A 146 2.19 18.72 -3.78
C PHE A 146 3.07 18.23 -2.64
N GLY A 147 4.14 18.97 -2.38
CA GLY A 147 5.05 18.59 -1.32
C GLY A 147 5.30 19.74 -0.36
N VAL A 148 5.57 19.42 0.89
CA VAL A 148 5.83 20.43 1.91
C VAL A 148 7.30 20.86 1.83
N ASP A 149 7.58 22.09 2.22
CA ASP A 149 8.94 22.61 2.20
C ASP A 149 9.84 21.79 3.13
N ARG A 150 10.99 21.40 2.62
CA ARG A 150 11.93 20.61 3.40
C ARG A 150 12.99 21.50 4.03
N PRO A 151 13.01 21.59 5.37
CA PRO A 151 13.97 22.40 6.11
C PRO A 151 15.14 21.55 6.62
N MET B 1 -5.07 -23.25 -25.55
CA MET B 1 -5.75 -22.01 -26.00
C MET B 1 -5.15 -20.79 -25.32
N GLN B 2 -5.11 -19.68 -26.04
CA GLN B 2 -4.57 -18.44 -25.51
C GLN B 2 -5.69 -17.59 -24.93
N ILE B 3 -5.52 -17.16 -23.69
CA ILE B 3 -6.49 -16.31 -23.02
C ILE B 3 -5.83 -15.00 -22.61
N PHE B 4 -6.64 -14.04 -22.21
CA PHE B 4 -6.13 -12.74 -21.80
C PHE B 4 -6.54 -12.43 -20.37
N VAL B 5 -5.59 -12.00 -19.57
CA VAL B 5 -5.85 -11.66 -18.17
C VAL B 5 -5.67 -10.17 -17.99
N LYS B 6 -6.75 -9.47 -17.68
CA LYS B 6 -6.71 -8.02 -17.50
C LYS B 6 -6.85 -7.65 -16.03
N THR B 7 -5.92 -6.85 -15.54
CA THR B 7 -5.93 -6.42 -14.17
C THR B 7 -6.72 -5.11 -14.03
N LEU B 8 -7.06 -4.75 -12.80
CA LEU B 8 -7.82 -3.52 -12.55
C LEU B 8 -6.99 -2.29 -12.92
N THR B 9 -5.69 -2.47 -13.06
CA THR B 9 -4.79 -1.38 -13.41
C THR B 9 -4.70 -1.19 -14.92
N GLY B 10 -5.26 -2.12 -15.68
CA GLY B 10 -5.25 -2.03 -17.13
C GLY B 10 -4.27 -3.00 -17.76
N LYS B 11 -3.22 -3.35 -17.02
CA LYS B 11 -2.21 -4.28 -17.50
C LYS B 11 -2.87 -5.60 -17.93
N THR B 12 -2.72 -5.93 -19.19
CA THR B 12 -3.29 -7.15 -19.74
C THR B 12 -2.19 -8.09 -20.20
N ILE B 13 -2.25 -9.34 -19.74
CA ILE B 13 -1.25 -10.34 -20.09
C ILE B 13 -1.90 -11.53 -20.79
N THR B 14 -1.10 -12.27 -21.54
CA THR B 14 -1.59 -13.45 -22.25
C THR B 14 -1.23 -14.71 -21.46
N LEU B 15 -2.04 -15.74 -21.61
CA LEU B 15 -1.78 -16.99 -20.90
C LEU B 15 -2.18 -18.20 -21.73
N GLU B 16 -1.30 -19.19 -21.77
CA GLU B 16 -1.56 -20.42 -22.50
C GLU B 16 -2.12 -21.48 -21.57
N VAL B 17 -3.40 -21.78 -21.72
CA VAL B 17 -4.07 -22.77 -20.88
C VAL B 17 -4.95 -23.68 -21.73
N GLU B 18 -5.36 -24.79 -21.15
CA GLU B 18 -6.22 -25.74 -21.83
C GLU B 18 -7.61 -25.72 -21.20
N PRO B 19 -8.65 -26.18 -21.91
CA PRO B 19 -10.02 -26.19 -21.38
C PRO B 19 -10.14 -27.08 -20.15
N SER B 20 -9.19 -27.99 -19.99
CA SER B 20 -9.18 -28.90 -18.86
C SER B 20 -8.28 -28.39 -17.73
N ASP B 21 -7.85 -27.13 -17.83
CA ASP B 21 -6.99 -26.53 -16.81
C ASP B 21 -7.86 -26.01 -15.67
N THR B 22 -7.47 -26.31 -14.44
CA THR B 22 -8.22 -25.87 -13.27
C THR B 22 -7.89 -24.41 -12.93
N ILE B 23 -8.82 -23.72 -12.30
CA ILE B 23 -8.63 -22.33 -11.93
C ILE B 23 -7.41 -22.15 -11.04
N GLU B 24 -7.19 -23.08 -10.12
CA GLU B 24 -6.04 -23.02 -9.23
C GLU B 24 -4.74 -23.08 -10.03
N ASN B 25 -4.74 -23.90 -11.09
CA ASN B 25 -3.55 -24.04 -11.93
C ASN B 25 -3.32 -22.77 -12.73
N VAL B 26 -4.41 -22.11 -13.13
CA VAL B 26 -4.33 -20.87 -13.87
C VAL B 26 -3.65 -19.81 -13.02
N LYS B 27 -4.04 -19.75 -11.75
CA LYS B 27 -3.47 -18.80 -10.81
C LYS B 27 -1.96 -18.99 -10.67
N ALA B 28 -1.54 -20.24 -10.64
CA ALA B 28 -0.13 -20.57 -10.52
C ALA B 28 0.64 -20.06 -11.73
N LYS B 29 0.03 -20.16 -12.90
CA LYS B 29 0.65 -19.70 -14.14
C LYS B 29 0.75 -18.18 -14.15
N ILE B 30 -0.22 -17.52 -13.54
CA ILE B 30 -0.24 -16.06 -13.47
C ILE B 30 0.87 -15.57 -12.52
N GLN B 31 1.00 -16.23 -11.38
CA GLN B 31 2.02 -15.86 -10.41
C GLN B 31 3.42 -16.09 -10.95
N ASP B 32 3.54 -17.11 -11.78
CA ASP B 32 4.83 -17.44 -12.38
C ASP B 32 5.37 -16.31 -13.25
N LYS B 33 4.49 -15.67 -14.01
CA LYS B 33 4.91 -14.57 -14.88
C LYS B 33 4.94 -13.22 -14.15
N GLU B 34 3.90 -12.94 -13.38
CA GLU B 34 3.84 -11.69 -12.63
C GLU B 34 4.54 -11.80 -11.29
N GLY B 35 3.89 -12.49 -10.35
CA GLY B 35 4.46 -12.66 -9.03
C GLY B 35 3.42 -12.68 -7.94
N ILE B 36 2.28 -12.06 -8.24
CA ILE B 36 1.16 -11.99 -7.29
C ILE B 36 0.71 -13.39 -6.88
N PRO B 37 0.78 -13.71 -5.58
CA PRO B 37 0.36 -15.02 -5.05
C PRO B 37 -1.09 -15.33 -5.39
N PRO B 38 -1.39 -16.60 -5.72
CA PRO B 38 -2.74 -17.04 -6.07
C PRO B 38 -3.77 -16.74 -4.99
N ASP B 39 -3.29 -16.61 -3.75
CA ASP B 39 -4.16 -16.32 -2.62
C ASP B 39 -4.74 -14.92 -2.74
N GLN B 40 -3.96 -14.01 -3.32
CA GLN B 40 -4.40 -12.63 -3.50
C GLN B 40 -5.01 -12.42 -4.88
N GLN B 41 -5.19 -13.51 -5.63
CA GLN B 41 -5.75 -13.43 -6.96
C GLN B 41 -7.25 -13.69 -6.93
N ARG B 42 -8.02 -12.75 -7.47
CA ARG B 42 -9.47 -12.88 -7.54
C ARG B 42 -9.90 -12.82 -9.00
N LEU B 43 -10.15 -13.98 -9.59
CA LEU B 43 -10.55 -14.06 -10.99
C LEU B 43 -12.05 -13.92 -11.19
N ILE B 44 -12.43 -12.94 -11.99
CA ILE B 44 -13.83 -12.68 -12.29
C ILE B 44 -14.08 -12.87 -13.80
N PHE B 45 -15.12 -13.63 -14.13
CA PHE B 45 -15.45 -13.88 -15.52
C PHE B 45 -16.98 -13.89 -15.70
N ALA B 46 -17.46 -13.06 -16.64
CA ALA B 46 -18.89 -12.97 -16.93
C ALA B 46 -19.70 -12.51 -15.72
N GLY B 47 -19.04 -11.86 -14.78
CA GLY B 47 -19.71 -11.38 -13.58
C GLY B 47 -19.74 -12.43 -12.48
N LYS B 48 -19.15 -13.58 -12.76
CA LYS B 48 -19.10 -14.67 -11.80
C LYS B 48 -17.68 -14.89 -11.31
N GLN B 49 -17.54 -15.40 -10.10
CA GLN B 49 -16.22 -15.67 -9.54
C GLN B 49 -15.78 -17.07 -9.90
N LEU B 50 -14.57 -17.18 -10.44
CA LEU B 50 -14.04 -18.47 -10.85
C LEU B 50 -13.57 -19.28 -9.65
N GLU B 51 -14.20 -20.43 -9.43
CA GLU B 51 -13.85 -21.29 -8.32
C GLU B 51 -12.56 -22.05 -8.62
N ASP B 52 -11.59 -21.93 -7.72
CA ASP B 52 -10.28 -22.58 -7.88
C ASP B 52 -10.37 -24.07 -8.16
N GLY B 53 -11.38 -24.71 -7.60
CA GLY B 53 -11.56 -26.15 -7.80
C GLY B 53 -12.27 -26.51 -9.08
N ARG B 54 -12.69 -25.51 -9.83
CA ARG B 54 -13.39 -25.76 -11.09
C ARG B 54 -12.46 -25.65 -12.28
N THR B 55 -12.95 -26.07 -13.44
CA THR B 55 -12.16 -26.02 -14.66
C THR B 55 -12.68 -24.91 -15.57
N LEU B 56 -11.85 -24.49 -16.51
CA LEU B 56 -12.21 -23.42 -17.45
C LEU B 56 -13.43 -23.81 -18.29
N SER B 57 -13.61 -25.11 -18.50
CA SER B 57 -14.72 -25.62 -19.28
C SER B 57 -16.06 -25.41 -18.57
N ASP B 58 -16.03 -25.38 -17.24
CA ASP B 58 -17.24 -25.19 -16.44
C ASP B 58 -17.92 -23.87 -16.75
N TYR B 59 -17.11 -22.83 -16.89
CA TYR B 59 -17.64 -21.50 -17.19
C TYR B 59 -17.67 -21.25 -18.69
N ASN B 60 -17.42 -22.31 -19.45
CA ASN B 60 -17.41 -22.24 -20.91
C ASN B 60 -16.42 -21.20 -21.42
N ILE B 61 -15.23 -21.17 -20.83
CA ILE B 61 -14.20 -20.23 -21.22
C ILE B 61 -13.52 -20.74 -22.50
N GLN B 62 -13.61 -19.94 -23.55
CA GLN B 62 -13.03 -20.30 -24.83
C GLN B 62 -11.78 -19.48 -25.11
N LYS B 63 -11.32 -19.50 -26.35
CA LYS B 63 -10.14 -18.77 -26.75
C LYS B 63 -10.39 -17.27 -26.81
N GLU B 64 -9.35 -16.48 -26.53
CA GLU B 64 -9.42 -15.02 -26.55
C GLU B 64 -10.32 -14.44 -25.46
N SER B 65 -10.62 -15.24 -24.45
CA SER B 65 -11.44 -14.78 -23.34
C SER B 65 -10.62 -13.88 -22.44
N THR B 66 -11.22 -12.78 -22.02
CA THR B 66 -10.55 -11.83 -21.16
C THR B 66 -11.03 -11.96 -19.71
N LEU B 67 -10.16 -12.52 -18.86
CA LEU B 67 -10.47 -12.69 -17.46
C LEU B 67 -10.14 -11.41 -16.71
N HIS B 68 -10.91 -11.11 -15.69
CA HIS B 68 -10.68 -9.91 -14.90
C HIS B 68 -10.00 -10.29 -13.59
N LEU B 69 -8.83 -9.73 -13.37
CA LEU B 69 -8.06 -10.03 -12.17
C LEU B 69 -8.16 -8.93 -11.12
N VAL B 70 -8.79 -9.28 -10.00
CA VAL B 70 -8.94 -8.37 -8.88
C VAL B 70 -7.92 -8.73 -7.81
N LEU B 71 -7.37 -7.74 -7.13
CA LEU B 71 -6.37 -7.99 -6.11
C LEU B 71 -7.01 -8.07 -4.72
N ARG B 72 -6.81 -9.21 -4.05
CA ARG B 72 -7.35 -9.42 -2.71
C ARG B 72 -6.28 -9.08 -1.68
N LEU B 73 -6.21 -7.80 -1.32
CA LEU B 73 -5.23 -7.34 -0.35
C LEU B 73 -5.56 -7.81 1.06
N ARG B 74 -4.53 -7.95 1.88
CA ARG B 74 -4.69 -8.40 3.26
C ARG B 74 -3.66 -7.71 4.15
N GLY B 75 -4.14 -6.89 5.07
CA GLY B 75 -3.26 -6.18 5.98
C GLY B 75 -3.80 -4.83 6.38
N CYS B 76 -5.11 -4.67 6.26
CA CYS B 76 -5.77 -3.42 6.61
C CYS B 76 -6.72 -3.64 7.78
N ALA A 2 -7.17 5.45 26.78
CA ALA A 2 -6.31 5.47 25.58
C ALA A 2 -5.52 6.78 25.48
N SER A 3 -6.19 7.90 25.73
CA SER A 3 -5.57 9.22 25.65
C SER A 3 -4.33 9.33 26.54
N MET A 4 -4.36 8.64 27.67
CA MET A 4 -3.25 8.65 28.62
C MET A 4 -1.92 8.33 27.94
N ARG A 5 -1.87 7.20 27.24
CA ARG A 5 -0.65 6.80 26.56
C ARG A 5 -0.38 7.69 25.35
N VAL A 6 -1.43 8.09 24.65
CA VAL A 6 -1.31 8.93 23.47
C VAL A 6 -0.58 10.24 23.81
N VAL A 7 -1.00 10.89 24.89
CA VAL A 7 -0.38 12.13 25.32
C VAL A 7 1.07 11.89 25.76
N LYS A 8 1.29 10.80 26.47
CA LYS A 8 2.63 10.45 26.95
C LYS A 8 3.58 10.20 25.78
N GLU A 9 3.11 9.47 24.79
CA GLU A 9 3.92 9.17 23.61
C GLU A 9 4.26 10.45 22.86
N LEU A 10 3.24 11.27 22.62
CA LEU A 10 3.41 12.54 21.91
C LEU A 10 4.38 13.44 22.67
N GLU A 11 4.19 13.53 23.98
CA GLU A 11 5.02 14.35 24.84
C GLU A 11 6.49 14.04 24.66
N ASP A 12 6.84 12.77 24.75
CA ASP A 12 8.21 12.33 24.61
C ASP A 12 8.73 12.51 23.18
N LEU A 13 7.86 12.24 22.21
CA LEU A 13 8.22 12.37 20.81
C LEU A 13 8.52 13.82 20.43
N GLN A 14 7.87 14.75 21.12
CA GLN A 14 8.08 16.17 20.87
C GLN A 14 9.41 16.63 21.46
N LYS A 15 9.88 15.91 22.47
CA LYS A 15 11.14 16.23 23.13
C LYS A 15 12.31 15.76 22.28
N LYS A 16 12.20 14.54 21.77
CA LYS A 16 13.23 13.97 20.92
C LYS A 16 12.64 13.47 19.61
N PRO A 17 12.31 14.37 18.70
CA PRO A 17 11.73 14.02 17.40
C PRO A 17 12.79 13.57 16.38
N PRO A 18 12.46 12.56 15.58
CA PRO A 18 13.36 12.03 14.55
C PRO A 18 13.66 13.08 13.48
N PRO A 19 14.86 13.02 12.89
CA PRO A 19 15.27 13.97 11.84
C PRO A 19 14.36 13.92 10.61
N TYR A 20 13.69 12.80 10.42
CA TYR A 20 12.81 12.62 9.28
C TYR A 20 11.36 12.97 9.62
N LEU A 21 11.14 13.49 10.82
CA LEU A 21 9.80 13.85 11.24
C LEU A 21 9.79 15.18 11.97
N ARG A 22 9.16 16.19 11.37
CA ARG A 22 9.09 17.51 11.97
C ARG A 22 7.64 17.99 12.01
N ASN A 23 7.41 19.08 12.76
CA ASN A 23 6.07 19.66 12.89
C ASN A 23 5.08 18.66 13.47
N LEU A 24 5.53 17.85 14.42
CA LEU A 24 4.67 16.87 15.06
C LEU A 24 3.81 17.55 16.12
N SER A 25 2.59 17.91 15.73
CA SER A 25 1.68 18.58 16.64
C SER A 25 0.36 17.83 16.75
N SER A 26 -0.35 18.06 17.84
CA SER A 26 -1.63 17.43 18.09
C SER A 26 -2.73 18.17 17.32
N ASP A 27 -3.85 17.50 17.12
CA ASP A 27 -4.97 18.12 16.41
C ASP A 27 -5.62 19.19 17.26
N ASP A 28 -6.10 20.23 16.60
CA ASP A 28 -6.73 21.36 17.27
C ASP A 28 -8.03 20.98 17.96
N ALA A 29 -8.68 19.91 17.49
CA ALA A 29 -9.93 19.48 18.07
C ALA A 29 -9.81 18.19 18.88
N ASN A 30 -9.06 17.22 18.37
CA ASN A 30 -8.89 15.95 19.06
C ASN A 30 -7.43 15.62 19.32
N VAL A 31 -7.09 15.37 20.58
CA VAL A 31 -5.72 15.03 20.96
C VAL A 31 -5.32 13.63 20.44
N LEU A 32 -6.32 12.87 20.02
CA LEU A 32 -6.08 11.53 19.51
C LEU A 32 -5.67 11.55 18.03
N VAL A 33 -5.62 12.76 17.46
CA VAL A 33 -5.22 12.92 16.08
C VAL A 33 -3.92 13.70 16.00
N TRP A 34 -2.90 13.12 15.39
CA TRP A 34 -1.62 13.77 15.26
C TRP A 34 -1.38 14.26 13.84
N HIS A 35 -0.67 15.37 13.72
CA HIS A 35 -0.33 15.95 12.44
C HIS A 35 1.17 16.16 12.39
N ALA A 36 1.86 15.52 11.45
CA ALA A 36 3.29 15.65 11.35
C ALA A 36 3.76 15.67 9.90
N LEU A 37 4.93 16.25 9.68
CA LEU A 37 5.51 16.33 8.36
C LEU A 37 6.66 15.34 8.23
N LEU A 38 6.52 14.39 7.32
CA LEU A 38 7.53 13.39 7.08
C LEU A 38 8.54 13.90 6.05
N LEU A 39 9.82 13.77 6.36
CA LEU A 39 10.87 14.22 5.47
C LEU A 39 11.63 13.02 4.90
N PRO A 40 11.23 12.56 3.71
CA PRO A 40 11.89 11.42 3.04
C PRO A 40 13.20 11.88 2.42
N ASP A 41 14.23 11.05 2.48
CA ASP A 41 15.51 11.40 1.91
C ASP A 41 15.69 10.80 0.52
N GLN A 42 14.91 9.76 0.23
CA GLN A 42 14.97 9.10 -1.06
C GLN A 42 14.50 10.02 -2.18
N PRO A 43 15.29 10.15 -3.25
CA PRO A 43 14.95 10.99 -4.39
C PRO A 43 13.74 10.41 -5.14
N PRO A 44 12.86 11.27 -5.66
CA PRO A 44 12.98 12.72 -5.54
C PRO A 44 12.12 13.27 -4.40
N TYR A 45 11.65 12.38 -3.53
CA TYR A 45 10.81 12.77 -2.40
C TYR A 45 11.54 13.73 -1.45
N HIS A 46 12.86 13.72 -1.50
CA HIS A 46 13.67 14.58 -0.64
C HIS A 46 13.55 16.07 -0.99
N LEU A 47 12.89 16.35 -2.10
CA LEU A 47 12.71 17.74 -2.54
C LEU A 47 11.66 18.46 -1.70
N LYS A 48 10.73 17.70 -1.16
CA LYS A 48 9.66 18.28 -0.35
C LYS A 48 9.39 17.42 0.88
N ALA A 49 8.28 17.71 1.54
CA ALA A 49 7.86 16.96 2.72
C ALA A 49 6.40 16.58 2.57
N PHE A 50 5.99 15.53 3.26
CA PHE A 50 4.61 15.07 3.18
C PHE A 50 3.97 15.00 4.56
N ASN A 51 2.76 15.53 4.67
CA ASN A 51 2.04 15.55 5.93
C ASN A 51 1.24 14.28 6.12
N LEU A 52 1.32 13.70 7.30
CA LEU A 52 0.58 12.48 7.62
C LEU A 52 -0.36 12.71 8.79
N ARG A 53 -1.46 11.98 8.79
CA ARG A 53 -2.46 12.09 9.85
C ARG A 53 -2.54 10.79 10.63
N ILE A 54 -2.24 10.88 11.92
CA ILE A 54 -2.28 9.71 12.79
C ILE A 54 -3.55 9.76 13.64
N SER A 55 -4.44 8.79 13.43
CA SER A 55 -5.70 8.75 14.17
C SER A 55 -5.69 7.59 15.17
N PHE A 56 -5.70 7.93 16.45
CA PHE A 56 -5.70 6.94 17.51
C PHE A 56 -7.12 6.57 17.89
N PRO A 57 -7.42 5.27 17.95
CA PRO A 57 -8.74 4.78 18.32
C PRO A 57 -8.90 4.77 19.84
N PRO A 58 -10.13 4.99 20.34
CA PRO A 58 -10.40 5.00 21.78
C PRO A 58 -10.04 3.68 22.47
N GLU A 59 -9.95 2.60 21.68
CA GLU A 59 -9.59 1.29 22.23
C GLU A 59 -8.07 1.09 22.28
N TYR A 60 -7.32 2.16 22.07
CA TYR A 60 -5.87 2.11 22.10
C TYR A 60 -5.38 1.62 23.47
N PRO A 61 -4.34 0.77 23.52
CA PRO A 61 -3.64 0.27 22.34
C PRO A 61 -4.08 -1.14 21.92
N PHE A 62 -5.32 -1.49 22.24
CA PHE A 62 -5.85 -2.80 21.86
C PHE A 62 -6.11 -2.83 20.36
N LYS A 63 -6.32 -1.64 19.81
CA LYS A 63 -6.56 -1.48 18.39
C LYS A 63 -5.44 -0.61 17.80
N PRO A 64 -4.97 -0.93 16.59
CA PRO A 64 -3.88 -0.18 15.94
C PRO A 64 -4.31 1.21 15.47
N PRO A 65 -3.43 2.21 15.66
CA PRO A 65 -3.71 3.58 15.23
C PRO A 65 -3.59 3.71 13.71
N MET A 66 -4.61 4.28 13.09
CA MET A 66 -4.63 4.44 11.65
C MET A 66 -3.81 5.64 11.21
N ILE A 67 -2.78 5.38 10.43
CA ILE A 67 -1.91 6.44 9.93
C ILE A 67 -2.00 6.51 8.42
N LYS A 68 -2.39 7.67 7.91
CA LYS A 68 -2.51 7.86 6.47
C LYS A 68 -1.91 9.20 6.07
N PHE A 69 -1.54 9.34 4.81
CA PHE A 69 -0.96 10.58 4.32
C PHE A 69 -2.06 11.56 3.94
N THR A 70 -1.85 12.82 4.25
CA THR A 70 -2.81 13.86 3.93
C THR A 70 -2.43 14.53 2.62
N THR A 71 -1.14 14.54 2.33
CA THR A 71 -0.62 15.13 1.11
C THR A 71 -0.58 14.10 -0.02
N LYS A 72 -0.61 14.57 -1.26
CA LYS A 72 -0.57 13.69 -2.42
C LYS A 72 0.83 13.19 -2.72
N ILE A 73 1.13 11.98 -2.25
CA ILE A 73 2.45 11.39 -2.47
C ILE A 73 2.38 10.24 -3.47
N TYR A 74 3.03 10.42 -4.61
CA TYR A 74 3.05 9.40 -5.65
C TYR A 74 4.08 8.32 -5.31
N HIS A 75 3.66 7.37 -4.49
CA HIS A 75 4.53 6.28 -4.06
C HIS A 75 3.88 4.95 -4.40
N PRO A 76 4.66 3.96 -4.91
CA PRO A 76 4.17 2.64 -5.29
C PRO A 76 3.54 1.85 -4.13
N ASN A 77 3.64 2.38 -2.93
CA ASN A 77 3.09 1.71 -1.76
C ASN A 77 2.06 2.60 -1.08
N VAL A 78 1.57 3.59 -1.83
CA VAL A 78 0.57 4.53 -1.32
C VAL A 78 -0.55 4.68 -2.35
N ASP A 79 -1.79 4.70 -1.89
CA ASP A 79 -2.94 4.86 -2.76
C ASP A 79 -3.24 6.34 -3.05
N GLU A 80 -4.10 6.59 -4.03
CA GLU A 80 -4.46 7.96 -4.42
C GLU A 80 -5.09 8.76 -3.29
N ASN A 81 -5.76 8.08 -2.36
CA ASN A 81 -6.42 8.75 -1.24
C ASN A 81 -5.40 9.02 -0.12
N GLY A 82 -4.30 8.27 -0.14
CA GLY A 82 -3.28 8.44 0.87
C GLY A 82 -3.23 7.27 1.84
N GLN A 83 -3.83 6.16 1.45
CA GLN A 83 -3.84 4.96 2.28
C GLN A 83 -2.60 4.12 2.01
N ILE A 84 -2.17 3.36 3.02
CA ILE A 84 -0.99 2.51 2.89
C ILE A 84 -1.27 1.13 3.48
N CYS A 85 -0.23 0.31 3.53
CA CYS A 85 -0.32 -1.03 4.08
C CYS A 85 0.93 -1.31 4.92
N LEU A 86 0.79 -1.20 6.23
CA LEU A 86 1.91 -1.43 7.14
C LEU A 86 1.68 -2.68 7.97
N PRO A 87 2.50 -3.72 7.72
CA PRO A 87 2.41 -5.02 8.43
C PRO A 87 2.47 -4.88 9.95
N ILE A 88 3.14 -3.84 10.44
CA ILE A 88 3.27 -3.63 11.89
C ILE A 88 1.95 -3.27 12.56
N ILE A 89 1.00 -2.72 11.79
CA ILE A 89 -0.29 -2.34 12.35
C ILE A 89 -1.43 -3.14 11.73
N SER A 90 -1.07 -4.19 11.01
CA SER A 90 -2.06 -5.03 10.37
C SER A 90 -2.88 -5.78 11.42
N SER A 91 -4.16 -6.00 11.14
CA SER A 91 -5.06 -6.69 12.05
C SER A 91 -4.60 -8.12 12.34
N GLU A 92 -3.73 -8.64 11.50
CA GLU A 92 -3.24 -10.01 11.65
C GLU A 92 -1.89 -10.04 12.36
N ASN A 93 -1.29 -8.88 12.59
CA ASN A 93 0.02 -8.82 13.24
C ASN A 93 0.14 -7.64 14.19
N TRP A 94 -0.93 -7.35 14.91
CA TRP A 94 -0.92 -6.22 15.83
C TRP A 94 -0.63 -6.66 17.26
N LYS A 95 0.22 -5.89 17.93
CA LYS A 95 0.57 -6.14 19.32
C LYS A 95 0.56 -4.83 20.10
N PRO A 96 -0.21 -4.78 21.21
CA PRO A 96 -0.35 -3.57 22.05
C PRO A 96 0.97 -3.06 22.63
N CYS A 97 2.00 -3.89 22.60
CA CYS A 97 3.31 -3.50 23.13
C CYS A 97 4.03 -2.54 22.19
N THR A 98 3.52 -2.40 20.97
CA THR A 98 4.11 -1.52 19.99
C THR A 98 3.68 -0.08 20.21
N LYS A 99 4.63 0.83 20.14
CA LYS A 99 4.36 2.25 20.32
C LYS A 99 4.37 2.97 18.96
N THR A 100 3.89 4.20 18.95
CA THR A 100 3.82 4.99 17.73
C THR A 100 5.21 5.20 17.11
N CYS A 101 6.22 5.35 17.95
CA CYS A 101 7.59 5.56 17.49
C CYS A 101 8.08 4.37 16.65
N GLN A 102 7.65 3.17 17.01
CA GLN A 102 8.05 1.98 16.29
C GLN A 102 7.29 1.87 14.96
N VAL A 103 6.05 2.36 14.97
CA VAL A 103 5.21 2.35 13.78
C VAL A 103 5.76 3.33 12.73
N LEU A 104 6.08 4.54 13.18
CA LEU A 104 6.62 5.58 12.30
C LEU A 104 7.98 5.14 11.76
N GLU A 105 8.69 4.34 12.55
CA GLU A 105 9.99 3.83 12.16
C GLU A 105 9.85 2.91 10.95
N ALA A 106 8.91 1.96 11.05
CA ALA A 106 8.65 1.02 9.98
C ALA A 106 8.13 1.74 8.74
N LEU A 107 7.38 2.81 8.97
CA LEU A 107 6.82 3.61 7.89
C LEU A 107 7.93 4.24 7.06
N ASN A 108 8.90 4.84 7.75
CA ASN A 108 10.04 5.49 7.07
C ASN A 108 10.77 4.49 6.19
N VAL A 109 10.84 3.25 6.64
CA VAL A 109 11.51 2.19 5.89
C VAL A 109 10.81 1.96 4.54
N LEU A 110 9.51 1.76 4.59
CA LEU A 110 8.74 1.51 3.37
C LEU A 110 8.68 2.74 2.46
N VAL A 111 8.78 3.92 3.05
CA VAL A 111 8.76 5.16 2.27
C VAL A 111 10.03 5.31 1.45
N ASN A 112 11.17 5.16 2.11
CA ASN A 112 12.46 5.28 1.44
C ASN A 112 12.79 4.03 0.63
N ARG A 113 12.38 2.88 1.12
CA ARG A 113 12.63 1.62 0.44
C ARG A 113 11.30 1.01 -0.01
N PRO A 114 10.93 1.19 -1.29
CA PRO A 114 9.68 0.67 -1.84
C PRO A 114 9.65 -0.86 -1.87
N ASN A 115 8.45 -1.41 -1.86
CA ASN A 115 8.27 -2.85 -1.89
C ASN A 115 7.93 -3.31 -3.30
N ILE A 116 8.78 -4.15 -3.87
CA ILE A 116 8.56 -4.65 -5.23
C ILE A 116 7.90 -6.02 -5.24
N ARG A 117 7.55 -6.54 -4.07
CA ARG A 117 6.90 -7.84 -3.97
C ARG A 117 5.42 -7.65 -3.62
N GLU A 118 5.17 -6.94 -2.53
CA GLU A 118 3.82 -6.68 -2.08
C GLU A 118 3.55 -5.17 -2.05
N PRO A 119 3.36 -4.55 -3.24
CA PRO A 119 3.11 -3.12 -3.35
C PRO A 119 1.62 -2.81 -3.46
N LEU A 120 1.29 -1.53 -3.54
CA LEU A 120 -0.09 -1.10 -3.67
C LEU A 120 -0.36 -0.63 -5.09
N ARG A 121 0.70 -0.22 -5.78
CA ARG A 121 0.59 0.27 -7.14
C ARG A 121 1.51 -0.53 -8.06
N MET A 122 0.91 -1.40 -8.87
CA MET A 122 1.68 -2.21 -9.81
C MET A 122 2.25 -1.35 -10.93
N ASP A 123 1.56 -0.25 -11.23
CA ASP A 123 2.00 0.66 -12.29
C ASP A 123 3.32 1.34 -11.94
N LEU A 124 3.39 1.90 -10.74
CA LEU A 124 4.58 2.58 -10.27
C LEU A 124 5.70 1.60 -9.96
N ALA A 125 5.34 0.43 -9.44
CA ALA A 125 6.33 -0.60 -9.10
C ALA A 125 7.06 -1.07 -10.36
N ASP A 126 6.30 -1.37 -11.40
CA ASP A 126 6.86 -1.82 -12.67
C ASP A 126 7.66 -0.70 -13.31
N LEU A 127 7.14 0.52 -13.20
CA LEU A 127 7.80 1.70 -13.76
C LEU A 127 9.21 1.86 -13.19
N LEU A 128 9.33 1.76 -11.87
CA LEU A 128 10.61 1.90 -11.19
C LEU A 128 11.56 0.76 -11.56
N THR A 129 11.00 -0.44 -11.69
CA THR A 129 11.79 -1.62 -12.03
C THR A 129 12.32 -1.55 -13.47
N GLN A 130 11.56 -0.92 -14.36
CA GLN A 130 11.96 -0.80 -15.75
C GLN A 130 12.81 0.44 -15.98
N ASN A 131 12.32 1.60 -15.57
CA ASN A 131 13.05 2.85 -15.75
C ASN A 131 12.99 3.69 -14.49
N PRO A 132 14.05 3.64 -13.66
CA PRO A 132 14.13 4.40 -12.41
C PRO A 132 14.12 5.90 -12.67
N GLU A 133 14.75 6.32 -13.76
CA GLU A 133 14.82 7.73 -14.12
C GLU A 133 13.45 8.28 -14.48
N LEU A 134 12.70 7.51 -15.27
CA LEU A 134 11.37 7.93 -15.67
C LEU A 134 10.47 8.03 -14.44
N PHE A 135 10.60 7.06 -13.55
CA PHE A 135 9.82 7.06 -12.31
C PHE A 135 10.23 8.25 -11.44
N ARG A 136 11.53 8.48 -11.36
CA ARG A 136 12.07 9.57 -10.57
C ARG A 136 11.56 10.91 -11.09
N LYS A 137 11.63 11.10 -12.40
CA LYS A 137 11.18 12.33 -13.03
C LYS A 137 9.67 12.52 -12.84
N ASN A 138 8.92 11.43 -13.02
CA ASN A 138 7.47 11.46 -12.86
C ASN A 138 7.09 11.87 -11.44
N ALA A 139 7.73 11.24 -10.47
CA ALA A 139 7.47 11.52 -9.06
C ALA A 139 8.01 12.90 -8.66
N GLU A 140 9.08 13.33 -9.33
CA GLU A 140 9.69 14.62 -9.05
C GLU A 140 8.69 15.75 -9.25
N GLU A 141 8.00 15.73 -10.38
CA GLU A 141 7.00 16.76 -10.68
C GLU A 141 5.91 16.74 -9.61
N PHE A 142 5.43 15.55 -9.29
CA PHE A 142 4.37 15.38 -8.30
C PHE A 142 4.80 15.93 -6.94
N THR A 143 6.02 15.61 -6.53
CA THR A 143 6.56 16.07 -5.26
C THR A 143 6.64 17.60 -5.22
N LEU A 144 7.05 18.19 -6.34
CA LEU A 144 7.18 19.65 -6.42
C LEU A 144 5.88 20.30 -6.89
N ARG A 145 4.80 19.54 -6.86
CA ARG A 145 3.50 20.03 -7.30
C ARG A 145 2.48 19.92 -6.18
N PHE A 146 2.39 18.73 -5.59
CA PHE A 146 1.44 18.48 -4.51
C PHE A 146 2.20 18.07 -3.26
N GLY A 147 3.36 18.67 -3.05
CA GLY A 147 4.16 18.36 -1.89
C GLY A 147 4.47 19.58 -1.05
N VAL A 148 4.43 19.41 0.27
CA VAL A 148 4.70 20.48 1.22
C VAL A 148 6.17 20.89 1.12
N ASP A 149 6.44 22.18 1.23
CA ASP A 149 7.79 22.71 1.14
C ASP A 149 8.71 22.08 2.18
N ARG A 150 9.94 21.79 1.77
CA ARG A 150 10.92 21.17 2.65
C ARG A 150 11.34 22.15 3.75
N PRO A 151 11.08 21.78 5.02
CA PRO A 151 11.43 22.62 6.17
C PRO A 151 12.93 22.87 6.26
N MET B 1 -6.03 -23.13 -24.90
CA MET B 1 -6.65 -21.85 -25.30
C MET B 1 -6.01 -20.68 -24.55
N GLN B 2 -5.87 -19.55 -25.22
CA GLN B 2 -5.26 -18.37 -24.62
C GLN B 2 -6.30 -17.40 -24.10
N ILE B 3 -6.12 -16.98 -22.86
CA ILE B 3 -7.02 -16.01 -22.23
C ILE B 3 -6.22 -14.79 -21.81
N PHE B 4 -6.90 -13.70 -21.53
CA PHE B 4 -6.23 -12.47 -21.12
C PHE B 4 -6.62 -12.08 -19.70
N VAL B 5 -5.62 -11.85 -18.87
CA VAL B 5 -5.85 -11.45 -17.50
C VAL B 5 -5.43 -9.99 -17.32
N LYS B 6 -6.38 -9.13 -17.03
CA LYS B 6 -6.10 -7.71 -16.86
C LYS B 6 -6.17 -7.30 -15.40
N THR B 7 -5.17 -6.57 -14.95
CA THR B 7 -5.12 -6.11 -13.57
C THR B 7 -5.81 -4.75 -13.44
N LEU B 8 -5.69 -4.14 -12.28
CA LEU B 8 -6.32 -2.85 -12.02
C LEU B 8 -5.49 -1.69 -12.59
N THR B 9 -4.22 -1.94 -12.87
CA THR B 9 -3.34 -0.91 -13.40
C THR B 9 -3.27 -0.95 -14.93
N GLY B 10 -4.04 -1.85 -15.53
CA GLY B 10 -4.05 -1.96 -16.97
C GLY B 10 -3.14 -3.06 -17.48
N LYS B 11 -2.24 -3.52 -16.63
CA LYS B 11 -1.30 -4.58 -17.00
C LYS B 11 -2.07 -5.84 -17.38
N THR B 12 -1.99 -6.20 -18.65
CA THR B 12 -2.69 -7.37 -19.16
C THR B 12 -1.70 -8.48 -19.52
N ILE B 13 -1.86 -9.63 -18.89
CA ILE B 13 -0.98 -10.76 -19.14
C ILE B 13 -1.71 -11.88 -19.87
N THR B 14 -0.99 -12.61 -20.68
CA THR B 14 -1.57 -13.72 -21.43
C THR B 14 -1.45 -15.01 -20.62
N LEU B 15 -2.40 -15.90 -20.79
CA LEU B 15 -2.36 -17.17 -20.09
C LEU B 15 -2.90 -18.31 -20.95
N GLU B 16 -2.11 -19.37 -21.06
CA GLU B 16 -2.49 -20.52 -21.84
C GLU B 16 -3.10 -21.58 -20.93
N VAL B 17 -4.41 -21.76 -21.03
CA VAL B 17 -5.13 -22.72 -20.20
C VAL B 17 -6.10 -23.53 -21.04
N GLU B 18 -6.87 -24.37 -20.37
CA GLU B 18 -7.87 -25.20 -21.02
C GLU B 18 -9.15 -25.12 -20.20
N PRO B 19 -10.33 -25.40 -20.81
CA PRO B 19 -11.62 -25.35 -20.10
C PRO B 19 -11.63 -26.17 -18.81
N SER B 20 -10.94 -27.30 -18.83
CA SER B 20 -10.88 -28.19 -17.67
C SER B 20 -9.98 -27.67 -16.55
N ASP B 21 -9.39 -26.50 -16.76
CA ASP B 21 -8.50 -25.91 -15.76
C ASP B 21 -9.29 -25.33 -14.60
N THR B 22 -8.90 -25.72 -13.39
CA THR B 22 -9.53 -25.23 -12.19
C THR B 22 -9.03 -23.82 -11.89
N ILE B 23 -9.91 -22.97 -11.36
CA ILE B 23 -9.55 -21.59 -11.04
C ILE B 23 -8.30 -21.51 -10.15
N GLU B 24 -8.20 -22.44 -9.20
CA GLU B 24 -7.05 -22.49 -8.30
C GLU B 24 -5.76 -22.71 -9.08
N ASN B 25 -5.84 -23.48 -10.15
CA ASN B 25 -4.68 -23.77 -10.99
C ASN B 25 -4.32 -22.51 -11.78
N VAL B 26 -5.35 -21.79 -12.20
CA VAL B 26 -5.18 -20.55 -12.94
C VAL B 26 -4.42 -19.55 -12.08
N LYS B 27 -4.81 -19.47 -10.80
CA LYS B 27 -4.16 -18.57 -9.85
C LYS B 27 -2.67 -18.89 -9.73
N ALA B 28 -2.36 -20.18 -9.71
CA ALA B 28 -0.98 -20.63 -9.62
C ALA B 28 -0.19 -20.20 -10.85
N LYS B 29 -0.85 -20.28 -12.01
CA LYS B 29 -0.22 -19.90 -13.28
C LYS B 29 0.04 -18.40 -13.31
N ILE B 30 -0.86 -17.63 -12.70
CA ILE B 30 -0.71 -16.18 -12.64
C ILE B 30 0.47 -15.82 -11.73
N GLN B 31 0.58 -16.53 -10.62
CA GLN B 31 1.68 -16.31 -9.68
C GLN B 31 3.00 -16.73 -10.30
N ASP B 32 2.94 -17.72 -11.18
CA ASP B 32 4.13 -18.24 -11.85
C ASP B 32 4.84 -17.15 -12.64
N LYS B 33 4.08 -16.30 -13.30
CA LYS B 33 4.65 -15.22 -14.11
C LYS B 33 4.77 -13.90 -13.35
N GLU B 34 3.72 -13.51 -12.64
CA GLU B 34 3.73 -12.26 -11.90
C GLU B 34 4.36 -12.44 -10.52
N GLY B 35 3.74 -13.25 -9.69
CA GLY B 35 4.25 -13.49 -8.35
C GLY B 35 3.20 -13.26 -7.28
N ILE B 36 2.11 -12.61 -7.67
CA ILE B 36 1.02 -12.31 -6.76
C ILE B 36 0.44 -13.60 -6.15
N PRO B 37 0.46 -13.72 -4.81
CA PRO B 37 -0.07 -14.90 -4.12
C PRO B 37 -1.55 -15.12 -4.42
N PRO B 38 -1.95 -16.38 -4.61
CA PRO B 38 -3.35 -16.74 -4.91
C PRO B 38 -4.35 -16.21 -3.89
N ASP B 39 -3.89 -16.04 -2.65
CA ASP B 39 -4.74 -15.52 -1.58
C ASP B 39 -5.13 -14.07 -1.85
N GLN B 40 -4.27 -13.37 -2.58
CA GLN B 40 -4.50 -11.96 -2.90
C GLN B 40 -5.02 -11.80 -4.32
N GLN B 41 -5.37 -12.91 -4.95
CA GLN B 41 -5.88 -12.90 -6.32
C GLN B 41 -7.40 -13.01 -6.33
N ARG B 42 -8.07 -11.92 -6.68
CA ARG B 42 -9.53 -11.91 -6.77
C ARG B 42 -9.97 -11.80 -8.22
N LEU B 43 -10.17 -12.94 -8.86
CA LEU B 43 -10.59 -12.99 -10.25
C LEU B 43 -12.09 -12.76 -10.42
N ILE B 44 -12.43 -11.74 -11.19
CA ILE B 44 -13.82 -11.39 -11.45
C ILE B 44 -14.12 -11.55 -12.94
N PHE B 45 -15.14 -12.33 -13.25
CA PHE B 45 -15.55 -12.56 -14.63
C PHE B 45 -17.06 -12.58 -14.72
N ALA B 46 -17.60 -11.83 -15.69
CA ALA B 46 -19.03 -11.75 -15.91
C ALA B 46 -19.76 -11.23 -14.67
N GLY B 47 -19.08 -10.38 -13.92
CA GLY B 47 -19.66 -9.81 -12.71
C GLY B 47 -19.68 -10.78 -11.54
N LYS B 48 -19.05 -11.93 -11.71
CA LYS B 48 -19.01 -12.94 -10.66
C LYS B 48 -17.59 -13.28 -10.27
N GLN B 49 -17.41 -13.72 -9.03
CA GLN B 49 -16.10 -14.10 -8.54
C GLN B 49 -15.83 -15.56 -8.88
N LEU B 50 -14.69 -15.82 -9.50
CA LEU B 50 -14.32 -17.17 -9.89
C LEU B 50 -13.87 -17.99 -8.68
N GLU B 51 -14.63 -19.04 -8.36
CA GLU B 51 -14.30 -19.91 -7.24
C GLU B 51 -13.14 -20.82 -7.57
N ASP B 52 -12.20 -20.89 -6.65
CA ASP B 52 -10.99 -21.71 -6.80
C ASP B 52 -11.32 -23.16 -7.15
N GLY B 53 -12.35 -23.71 -6.51
CA GLY B 53 -12.73 -25.10 -6.75
C GLY B 53 -13.50 -25.34 -8.04
N ARG B 54 -13.82 -24.28 -8.77
CA ARG B 54 -14.56 -24.42 -10.01
C ARG B 54 -13.63 -24.38 -11.22
N THR B 55 -14.17 -24.76 -12.37
CA THR B 55 -13.40 -24.77 -13.61
C THR B 55 -13.82 -23.62 -14.52
N LEU B 56 -13.09 -23.43 -15.60
CA LEU B 56 -13.40 -22.38 -16.56
C LEU B 56 -14.71 -22.64 -17.28
N SER B 57 -14.95 -23.90 -17.63
CA SER B 57 -16.17 -24.29 -18.33
C SER B 57 -17.42 -24.05 -17.46
N ASP B 58 -17.22 -24.06 -16.15
CA ASP B 58 -18.32 -23.84 -15.21
C ASP B 58 -18.91 -22.45 -15.36
N TYR B 59 -18.09 -21.49 -15.77
CA TYR B 59 -18.54 -20.12 -15.94
C TYR B 59 -18.58 -19.76 -17.42
N ASN B 60 -18.44 -20.78 -18.28
CA ASN B 60 -18.44 -20.60 -19.73
C ASN B 60 -17.27 -19.71 -20.17
N ILE B 61 -16.12 -19.92 -19.54
CA ILE B 61 -14.92 -19.17 -19.87
C ILE B 61 -14.18 -19.85 -21.00
N GLN B 62 -14.29 -19.27 -22.19
CA GLN B 62 -13.64 -19.82 -23.37
C GLN B 62 -12.43 -18.97 -23.73
N LYS B 63 -11.83 -19.23 -24.88
CA LYS B 63 -10.66 -18.46 -25.33
C LYS B 63 -11.05 -17.04 -25.71
N GLU B 64 -10.06 -16.17 -25.75
CA GLU B 64 -10.25 -14.76 -26.10
C GLU B 64 -11.00 -13.98 -25.02
N SER B 65 -11.25 -14.61 -23.88
CA SER B 65 -11.95 -13.97 -22.78
C SER B 65 -10.97 -13.19 -21.91
N THR B 66 -11.45 -12.11 -21.31
CA THR B 66 -10.63 -11.27 -20.46
C THR B 66 -11.12 -11.34 -19.00
N LEU B 67 -10.21 -11.74 -18.11
CA LEU B 67 -10.54 -11.85 -16.70
C LEU B 67 -10.03 -10.62 -15.95
N HIS B 68 -10.77 -10.20 -14.94
CA HIS B 68 -10.37 -9.03 -14.15
C HIS B 68 -9.70 -9.49 -12.86
N LEU B 69 -8.44 -9.11 -12.69
CA LEU B 69 -7.69 -9.49 -11.50
C LEU B 69 -7.63 -8.36 -10.48
N VAL B 70 -8.41 -8.50 -9.42
CA VAL B 70 -8.45 -7.51 -8.36
C VAL B 70 -7.44 -7.88 -7.28
N LEU B 71 -6.57 -6.93 -6.94
CA LEU B 71 -5.54 -7.16 -5.93
C LEU B 71 -6.15 -7.14 -4.53
N ARG B 72 -6.20 -8.30 -3.89
CA ARG B 72 -6.76 -8.40 -2.54
C ARG B 72 -5.67 -8.20 -1.49
N LEU B 73 -5.45 -6.95 -1.13
CA LEU B 73 -4.45 -6.63 -0.12
C LEU B 73 -4.97 -6.99 1.27
N ARG B 74 -4.56 -8.15 1.74
CA ARG B 74 -4.98 -8.65 3.05
C ARG B 74 -4.11 -8.08 4.17
N GLY B 75 -4.39 -6.86 4.57
CA GLY B 75 -3.63 -6.21 5.62
C GLY B 75 -3.21 -4.82 5.24
N CYS B 76 -3.45 -3.87 6.14
CA CYS B 76 -3.10 -2.48 5.91
C CYS B 76 -2.56 -1.85 7.18
N ALA A 2 -5.73 4.52 27.01
CA ALA A 2 -5.98 5.11 25.68
C ALA A 2 -5.32 6.49 25.56
N SER A 3 -6.10 7.54 25.85
CA SER A 3 -5.61 8.92 25.75
C SER A 3 -4.39 9.18 26.63
N MET A 4 -4.39 8.59 27.83
CA MET A 4 -3.29 8.78 28.78
C MET A 4 -1.94 8.44 28.14
N ARG A 5 -1.87 7.29 27.47
CA ARG A 5 -0.64 6.88 26.83
C ARG A 5 -0.32 7.77 25.62
N VAL A 6 -1.35 8.13 24.87
CA VAL A 6 -1.18 8.99 23.70
C VAL A 6 -0.51 10.30 24.09
N VAL A 7 -1.01 10.92 25.15
CA VAL A 7 -0.44 12.18 25.63
C VAL A 7 1.01 11.98 26.05
N LYS A 8 1.29 10.87 26.72
CA LYS A 8 2.63 10.57 27.18
C LYS A 8 3.57 10.34 25.99
N GLU A 9 3.08 9.62 24.99
CA GLU A 9 3.86 9.35 23.78
C GLU A 9 4.15 10.65 23.03
N LEU A 10 3.17 11.53 23.02
CA LEU A 10 3.33 12.83 22.36
C LEU A 10 4.45 13.61 23.02
N GLU A 11 4.41 13.67 24.35
CA GLU A 11 5.43 14.37 25.11
C GLU A 11 6.79 13.70 24.94
N ASP A 12 6.77 12.39 24.77
CA ASP A 12 8.00 11.62 24.56
C ASP A 12 8.68 12.02 23.28
N LEU A 13 7.89 12.09 22.21
CA LEU A 13 8.40 12.44 20.89
C LEU A 13 8.65 13.94 20.74
N GLN A 14 7.84 14.76 21.40
CA GLN A 14 8.00 16.21 21.32
C GLN A 14 9.25 16.68 22.05
N LYS A 15 9.73 15.88 23.00
CA LYS A 15 10.93 16.21 23.74
C LYS A 15 12.18 15.98 22.89
N LYS A 16 12.10 14.99 22.01
CA LYS A 16 13.22 14.65 21.13
C LYS A 16 12.70 13.98 19.86
N PRO A 17 12.27 14.77 18.88
CA PRO A 17 11.73 14.26 17.61
C PRO A 17 12.82 13.77 16.67
N PRO A 18 12.52 12.75 15.87
CA PRO A 18 13.47 12.19 14.89
C PRO A 18 13.84 13.23 13.84
N PRO A 19 15.08 13.17 13.33
CA PRO A 19 15.58 14.13 12.32
C PRO A 19 14.72 14.18 11.06
N TYR A 20 14.01 13.09 10.77
CA TYR A 20 13.17 13.01 9.58
C TYR A 20 11.71 13.35 9.90
N LEU A 21 11.44 13.78 11.12
CA LEU A 21 10.08 14.11 11.51
C LEU A 21 10.04 15.45 12.24
N ARG A 22 9.34 16.41 11.67
CA ARG A 22 9.22 17.73 12.29
C ARG A 22 7.77 18.19 12.31
N ASN A 23 7.50 19.25 13.09
CA ASN A 23 6.15 19.81 13.21
C ASN A 23 5.18 18.79 13.79
N LEU A 24 5.63 18.02 14.77
CA LEU A 24 4.79 17.01 15.39
C LEU A 24 3.97 17.61 16.52
N SER A 25 2.67 17.76 16.30
CA SER A 25 1.77 18.31 17.29
C SER A 25 0.40 17.66 17.19
N SER A 26 -0.36 17.71 18.27
CA SER A 26 -1.70 17.15 18.29
C SER A 26 -2.68 18.11 17.63
N ASP A 27 -3.84 17.60 17.24
CA ASP A 27 -4.85 18.43 16.60
C ASP A 27 -5.40 19.47 17.56
N ASP A 28 -5.81 20.59 17.01
CA ASP A 28 -6.34 21.70 17.79
C ASP A 28 -7.61 21.30 18.55
N ALA A 29 -8.35 20.33 18.04
CA ALA A 29 -9.57 19.90 18.69
C ALA A 29 -9.56 18.41 19.07
N ASN A 30 -8.48 17.71 18.76
CA ASN A 30 -8.42 16.29 19.08
C ASN A 30 -7.00 15.85 19.42
N VAL A 31 -6.82 15.25 20.59
CA VAL A 31 -5.52 14.79 21.04
C VAL A 31 -5.20 13.42 20.42
N LEU A 32 -6.23 12.76 19.91
CA LEU A 32 -6.06 11.44 19.29
C LEU A 32 -5.68 11.57 17.82
N VAL A 33 -5.53 12.79 17.35
CA VAL A 33 -5.16 13.04 15.96
C VAL A 33 -3.89 13.87 15.90
N TRP A 34 -2.81 13.26 15.48
CA TRP A 34 -1.53 13.94 15.38
C TRP A 34 -1.26 14.40 13.96
N HIS A 35 -0.58 15.52 13.85
CA HIS A 35 -0.20 16.09 12.56
C HIS A 35 1.29 16.35 12.56
N ALA A 36 1.99 15.87 11.54
CA ALA A 36 3.43 16.06 11.46
C ALA A 36 3.91 16.08 10.02
N LEU A 37 5.14 16.55 9.82
CA LEU A 37 5.74 16.63 8.50
C LEU A 37 6.86 15.60 8.37
N LEU A 38 6.69 14.68 7.44
CA LEU A 38 7.69 13.65 7.20
C LEU A 38 8.72 14.18 6.22
N LEU A 39 9.99 13.96 6.52
CA LEU A 39 11.06 14.42 5.65
C LEU A 39 11.90 13.25 5.13
N PRO A 40 11.48 12.65 4.00
CA PRO A 40 12.20 11.52 3.39
C PRO A 40 13.50 12.01 2.77
N ASP A 41 14.57 11.27 2.96
CA ASP A 41 15.87 11.67 2.42
C ASP A 41 16.10 11.10 1.02
N GLN A 42 15.35 10.07 0.68
CA GLN A 42 15.48 9.44 -0.63
C GLN A 42 14.92 10.33 -1.74
N PRO A 43 15.65 10.46 -2.86
CA PRO A 43 15.21 11.26 -3.99
C PRO A 43 14.01 10.62 -4.69
N PRO A 44 13.09 11.44 -5.22
CA PRO A 44 13.18 12.88 -5.17
C PRO A 44 12.36 13.47 -4.02
N TYR A 45 11.95 12.60 -3.10
CA TYR A 45 11.14 12.99 -1.95
C TYR A 45 11.91 13.91 -1.01
N HIS A 46 13.22 13.99 -1.20
CA HIS A 46 14.08 14.84 -0.38
C HIS A 46 13.94 16.32 -0.75
N LEU A 47 13.15 16.59 -1.78
CA LEU A 47 12.94 17.96 -2.23
C LEU A 47 11.95 18.71 -1.36
N LYS A 48 10.94 18.00 -0.88
CA LYS A 48 9.90 18.61 -0.05
C LYS A 48 9.59 17.74 1.16
N ALA A 49 8.50 18.05 1.84
CA ALA A 49 8.07 17.30 3.00
C ALA A 49 6.63 16.84 2.80
N PHE A 50 6.21 15.83 3.55
CA PHE A 50 4.85 15.32 3.42
C PHE A 50 4.14 15.32 4.76
N ASN A 51 2.96 15.92 4.80
CA ASN A 51 2.16 15.98 6.02
C ASN A 51 1.44 14.67 6.24
N LEU A 52 1.55 14.13 7.44
CA LEU A 52 0.88 12.88 7.78
C LEU A 52 -0.07 13.09 8.95
N ARG A 53 -1.09 12.24 9.04
CA ARG A 53 -2.07 12.31 10.09
C ARG A 53 -2.16 11.00 10.84
N ILE A 54 -1.91 11.03 12.13
CA ILE A 54 -1.96 9.84 12.97
C ILE A 54 -3.27 9.83 13.75
N SER A 55 -4.12 8.85 13.45
CA SER A 55 -5.40 8.73 14.13
C SER A 55 -5.38 7.60 15.15
N PHE A 56 -5.50 7.96 16.42
CA PHE A 56 -5.49 6.97 17.49
C PHE A 56 -6.91 6.53 17.82
N PRO A 57 -7.16 5.21 17.79
CA PRO A 57 -8.46 4.65 18.10
C PRO A 57 -8.73 4.68 19.61
N PRO A 58 -10.00 4.76 20.02
CA PRO A 58 -10.38 4.80 21.43
C PRO A 58 -9.97 3.52 22.18
N GLU A 59 -9.70 2.46 21.43
CA GLU A 59 -9.29 1.19 22.02
C GLU A 59 -7.77 1.09 22.13
N TYR A 60 -7.07 2.17 21.82
CA TYR A 60 -5.62 2.21 21.89
C TYR A 60 -5.14 1.80 23.29
N PRO A 61 -4.05 1.01 23.40
CA PRO A 61 -3.28 0.53 22.25
C PRO A 61 -3.69 -0.87 21.76
N PHE A 62 -4.93 -1.26 22.05
CA PHE A 62 -5.42 -2.56 21.62
C PHE A 62 -5.75 -2.52 20.12
N LYS A 63 -5.86 -1.31 19.61
CA LYS A 63 -6.13 -1.08 18.20
C LYS A 63 -4.98 -0.27 17.59
N PRO A 64 -4.47 -0.70 16.44
CA PRO A 64 -3.36 -0.04 15.77
C PRO A 64 -3.70 1.39 15.32
N PRO A 65 -2.74 2.32 15.48
CA PRO A 65 -2.93 3.72 15.10
C PRO A 65 -3.06 3.86 13.59
N MET A 66 -4.13 4.50 13.16
CA MET A 66 -4.38 4.69 11.74
C MET A 66 -3.64 5.92 11.22
N ILE A 67 -2.43 5.68 10.73
CA ILE A 67 -1.60 6.75 10.19
C ILE A 67 -1.73 6.79 8.66
N LYS A 68 -2.05 7.96 8.14
CA LYS A 68 -2.17 8.13 6.69
C LYS A 68 -1.59 9.47 6.28
N PHE A 69 -1.28 9.60 5.00
CA PHE A 69 -0.71 10.83 4.48
C PHE A 69 -1.81 11.83 4.14
N THR A 70 -1.61 13.08 4.50
CA THR A 70 -2.56 14.13 4.21
C THR A 70 -2.26 14.71 2.83
N THR A 71 -0.98 14.79 2.52
CA THR A 71 -0.53 15.31 1.24
C THR A 71 -0.43 14.16 0.22
N LYS A 72 -0.31 14.50 -1.06
CA LYS A 72 -0.23 13.48 -2.10
C LYS A 72 1.21 13.08 -2.38
N ILE A 73 1.56 11.86 -2.03
CA ILE A 73 2.91 11.35 -2.25
C ILE A 73 2.91 10.23 -3.30
N TYR A 74 3.57 10.47 -4.42
CA TYR A 74 3.66 9.48 -5.49
C TYR A 74 4.66 8.39 -5.14
N HIS A 75 4.19 7.36 -4.45
CA HIS A 75 5.03 6.26 -4.03
C HIS A 75 4.36 4.93 -4.36
N PRO A 76 5.10 3.97 -4.93
CA PRO A 76 4.57 2.64 -5.32
C PRO A 76 3.96 1.85 -4.17
N ASN A 77 4.19 2.30 -2.94
CA ASN A 77 3.65 1.62 -1.77
C ASN A 77 2.65 2.50 -1.05
N VAL A 78 2.13 3.49 -1.77
CA VAL A 78 1.13 4.42 -1.23
C VAL A 78 0.04 4.64 -2.28
N ASP A 79 -1.20 4.73 -1.84
CA ASP A 79 -2.31 4.94 -2.75
C ASP A 79 -2.66 6.43 -2.84
N GLU A 80 -3.54 6.77 -3.78
CA GLU A 80 -3.96 8.16 -3.99
C GLU A 80 -4.60 8.78 -2.75
N ASN A 81 -5.23 7.97 -1.92
CA ASN A 81 -5.86 8.45 -0.70
C ASN A 81 -4.80 8.71 0.37
N GLY A 82 -3.84 7.79 0.45
CA GLY A 82 -2.78 7.94 1.42
C GLY A 82 -2.62 6.70 2.30
N GLN A 83 -3.10 5.57 1.81
CA GLN A 83 -3.00 4.32 2.56
C GLN A 83 -1.62 3.71 2.42
N ILE A 84 -1.20 2.98 3.44
CA ILE A 84 0.11 2.35 3.46
C ILE A 84 0.04 0.96 4.10
N CYS A 85 0.59 -0.04 3.41
CA CYS A 85 0.59 -1.40 3.92
C CYS A 85 1.77 -1.61 4.87
N LEU A 86 1.64 -1.07 6.07
CA LEU A 86 2.68 -1.21 7.08
C LEU A 86 2.44 -2.46 7.91
N PRO A 87 3.37 -3.41 7.87
CA PRO A 87 3.26 -4.67 8.64
C PRO A 87 3.15 -4.42 10.14
N ILE A 88 3.73 -3.32 10.59
CA ILE A 88 3.71 -2.96 12.01
C ILE A 88 2.30 -2.59 12.50
N ILE A 89 1.45 -2.11 11.60
CA ILE A 89 0.09 -1.73 11.97
C ILE A 89 -0.93 -2.76 11.52
N SER A 90 -0.46 -3.83 10.89
CA SER A 90 -1.35 -4.87 10.41
C SER A 90 -1.89 -5.67 11.61
N SER A 91 -3.15 -6.03 11.56
CA SER A 91 -3.79 -6.78 12.63
C SER A 91 -3.08 -8.11 12.91
N GLU A 92 -2.31 -8.59 11.94
CA GLU A 92 -1.59 -9.84 12.08
C GLU A 92 -0.22 -9.67 12.72
N ASN A 93 0.21 -8.43 12.91
CA ASN A 93 1.52 -8.17 13.49
C ASN A 93 1.48 -7.02 14.50
N TRP A 94 0.29 -6.61 14.88
CA TRP A 94 0.15 -5.51 15.82
C TRP A 94 0.33 -5.97 17.27
N LYS A 95 1.20 -5.28 17.98
CA LYS A 95 1.47 -5.57 19.37
C LYS A 95 1.25 -4.31 20.20
N PRO A 96 0.37 -4.35 21.20
CA PRO A 96 0.06 -3.21 22.06
C PRO A 96 1.28 -2.64 22.79
N CYS A 97 2.34 -3.43 22.87
CA CYS A 97 3.56 -3.01 23.53
C CYS A 97 4.39 -2.06 22.67
N THR A 98 4.04 -1.97 21.39
CA THR A 98 4.74 -1.10 20.46
C THR A 98 4.23 0.34 20.59
N LYS A 99 5.15 1.30 20.58
CA LYS A 99 4.80 2.71 20.68
C LYS A 99 4.79 3.36 19.29
N THR A 100 4.15 4.52 19.20
CA THR A 100 4.03 5.25 17.94
C THR A 100 5.39 5.59 17.33
N CYS A 101 6.38 5.84 18.18
CA CYS A 101 7.73 6.17 17.71
C CYS A 101 8.34 5.04 16.90
N GLN A 102 7.96 3.81 17.23
CA GLN A 102 8.47 2.64 16.51
C GLN A 102 7.73 2.46 15.19
N VAL A 103 6.47 2.87 15.18
CA VAL A 103 5.64 2.76 13.98
C VAL A 103 6.12 3.75 12.91
N LEU A 104 6.36 4.99 13.34
CA LEU A 104 6.82 6.04 12.43
C LEU A 104 8.21 5.70 11.88
N GLU A 105 8.98 4.95 12.67
CA GLU A 105 10.30 4.54 12.26
C GLU A 105 10.22 3.54 11.11
N ALA A 106 9.30 2.59 11.24
CA ALA A 106 9.09 1.58 10.22
C ALA A 106 8.56 2.23 8.94
N LEU A 107 7.72 3.24 9.12
CA LEU A 107 7.13 3.96 7.99
C LEU A 107 8.21 4.65 7.17
N ASN A 108 9.16 5.28 7.85
CA ASN A 108 10.26 5.98 7.19
C ASN A 108 11.03 5.02 6.28
N VAL A 109 11.19 3.79 6.73
CA VAL A 109 11.90 2.78 5.97
C VAL A 109 11.15 2.45 4.68
N LEU A 110 9.84 2.28 4.79
CA LEU A 110 9.00 1.96 3.65
C LEU A 110 8.98 3.11 2.64
N VAL A 111 9.03 4.33 3.13
CA VAL A 111 9.03 5.50 2.26
C VAL A 111 10.35 5.63 1.50
N ASN A 112 11.46 5.50 2.23
CA ASN A 112 12.79 5.61 1.63
C ASN A 112 13.13 4.40 0.78
N ARG A 113 12.69 3.23 1.20
CA ARG A 113 12.94 2.00 0.46
C ARG A 113 11.62 1.36 0.05
N PRO A 114 11.21 1.57 -1.20
CA PRO A 114 9.96 1.01 -1.73
C PRO A 114 10.02 -0.51 -1.83
N ASN A 115 9.14 -1.17 -1.10
CA ASN A 115 9.07 -2.63 -1.13
C ASN A 115 8.53 -3.10 -2.48
N ILE A 116 9.44 -3.59 -3.32
CA ILE A 116 9.08 -4.07 -4.64
C ILE A 116 8.51 -5.48 -4.61
N ARG A 117 8.51 -6.10 -3.42
CA ARG A 117 7.97 -7.45 -3.28
C ARG A 117 6.45 -7.37 -3.21
N GLU A 118 5.96 -6.65 -2.21
CA GLU A 118 4.53 -6.47 -2.02
C GLU A 118 4.19 -4.98 -2.05
N PRO A 119 3.98 -4.43 -3.25
CA PRO A 119 3.64 -3.03 -3.43
C PRO A 119 2.14 -2.80 -3.42
N LEU A 120 1.72 -1.55 -3.44
CA LEU A 120 0.30 -1.22 -3.45
C LEU A 120 -0.16 -0.92 -4.85
N ARG A 121 0.78 -0.52 -5.71
CA ARG A 121 0.48 -0.21 -7.09
C ARG A 121 1.49 -0.87 -8.01
N MET A 122 1.06 -1.92 -8.69
CA MET A 122 1.92 -2.66 -9.60
C MET A 122 2.41 -1.79 -10.74
N ASP A 123 1.59 -0.82 -11.14
CA ASP A 123 1.93 0.08 -12.23
C ASP A 123 3.07 1.02 -11.84
N LEU A 124 3.11 1.41 -10.58
CA LEU A 124 4.16 2.29 -10.09
C LEU A 124 5.42 1.49 -9.77
N ALA A 125 5.23 0.32 -9.18
CA ALA A 125 6.35 -0.55 -8.83
C ALA A 125 7.07 -1.04 -10.08
N ASP A 126 6.29 -1.34 -11.11
CA ASP A 126 6.84 -1.81 -12.38
C ASP A 126 7.76 -0.74 -12.97
N LEU A 127 7.21 0.45 -13.16
CA LEU A 127 7.95 1.57 -13.72
C LEU A 127 9.22 1.87 -12.92
N LEU A 128 9.11 1.79 -11.60
CA LEU A 128 10.24 2.04 -10.71
C LEU A 128 11.37 1.05 -10.95
N THR A 129 11.02 -0.19 -11.26
CA THR A 129 12.00 -1.23 -11.50
C THR A 129 12.45 -1.26 -12.96
N GLN A 130 11.55 -0.89 -13.86
CA GLN A 130 11.85 -0.88 -15.29
C GLN A 130 12.78 0.28 -15.62
N ASN A 131 12.39 1.47 -15.22
CA ASN A 131 13.18 2.68 -15.46
C ASN A 131 13.05 3.63 -14.29
N PRO A 132 13.99 3.53 -13.33
CA PRO A 132 14.00 4.38 -12.14
C PRO A 132 14.09 5.86 -12.48
N GLU A 133 14.78 6.18 -13.58
CA GLU A 133 14.93 7.56 -14.01
C GLU A 133 13.60 8.14 -14.48
N LEU A 134 12.89 7.38 -15.31
CA LEU A 134 11.59 7.83 -15.82
C LEU A 134 10.62 8.04 -14.69
N PHE A 135 10.62 7.11 -13.73
CA PHE A 135 9.75 7.21 -12.57
C PHE A 135 10.16 8.40 -11.70
N ARG A 136 11.47 8.57 -11.55
CA ARG A 136 12.02 9.66 -10.75
C ARG A 136 11.54 11.01 -11.28
N LYS A 137 11.47 11.15 -12.60
CA LYS A 137 11.02 12.39 -13.22
C LYS A 137 9.59 12.73 -12.82
N ASN A 138 8.69 11.76 -12.97
CA ASN A 138 7.28 11.95 -12.63
C ASN A 138 7.12 12.18 -11.14
N ALA A 139 7.86 11.43 -10.34
CA ALA A 139 7.79 11.56 -8.88
C ALA A 139 8.36 12.90 -8.42
N GLU A 140 9.38 13.38 -9.13
CA GLU A 140 10.02 14.65 -8.80
C GLU A 140 9.03 15.80 -8.96
N GLU A 141 8.37 15.82 -10.11
CA GLU A 141 7.38 16.86 -10.39
C GLU A 141 6.27 16.79 -9.36
N PHE A 142 5.84 15.58 -9.04
CA PHE A 142 4.78 15.35 -8.06
C PHE A 142 5.16 15.93 -6.71
N THR A 143 6.41 15.72 -6.31
CA THR A 143 6.91 16.23 -5.04
C THR A 143 6.92 17.76 -5.06
N LEU A 144 7.25 18.34 -6.21
CA LEU A 144 7.27 19.78 -6.37
C LEU A 144 5.94 20.30 -6.90
N ARG A 145 4.88 19.54 -6.63
CA ARG A 145 3.54 19.91 -7.09
C ARG A 145 2.52 19.69 -5.98
N PHE A 146 2.67 18.59 -5.25
CA PHE A 146 1.76 18.27 -4.16
C PHE A 146 2.54 17.98 -2.88
N GLY A 147 3.65 18.68 -2.68
CA GLY A 147 4.47 18.48 -1.51
C GLY A 147 4.56 19.72 -0.66
N VAL A 148 4.72 19.54 0.64
CA VAL A 148 4.84 20.67 1.56
C VAL A 148 6.27 21.20 1.55
N ASP A 149 6.43 22.51 1.68
CA ASP A 149 7.75 23.11 1.67
C ASP A 149 8.65 22.53 2.74
N ARG A 150 9.84 22.11 2.33
CA ARG A 150 10.81 21.51 3.24
C ARG A 150 11.78 22.55 3.77
N PRO A 151 11.69 22.88 5.06
CA PRO A 151 12.56 23.85 5.70
C PRO A 151 13.72 23.16 6.41
N MET B 1 -5.45 -23.74 -24.67
CA MET B 1 -6.07 -22.53 -25.27
C MET B 1 -5.54 -21.27 -24.63
N GLN B 2 -5.54 -20.18 -25.37
CA GLN B 2 -5.04 -18.91 -24.87
C GLN B 2 -6.16 -17.99 -24.39
N ILE B 3 -6.01 -17.46 -23.18
CA ILE B 3 -6.99 -16.55 -22.61
C ILE B 3 -6.31 -15.23 -22.27
N PHE B 4 -7.11 -14.20 -21.99
CA PHE B 4 -6.57 -12.89 -21.66
C PHE B 4 -6.99 -12.46 -20.27
N VAL B 5 -6.01 -12.17 -19.42
CA VAL B 5 -6.29 -11.73 -18.07
C VAL B 5 -5.94 -10.25 -17.93
N LYS B 6 -6.92 -9.42 -17.65
CA LYS B 6 -6.68 -8.00 -17.50
C LYS B 6 -6.82 -7.55 -16.06
N THR B 7 -5.79 -6.87 -15.57
CA THR B 7 -5.77 -6.37 -14.21
C THR B 7 -6.30 -4.95 -14.17
N LEU B 8 -6.59 -4.46 -12.97
CA LEU B 8 -7.11 -3.09 -12.79
C LEU B 8 -5.99 -2.07 -12.94
N THR B 9 -4.81 -2.53 -13.31
CA THR B 9 -3.66 -1.65 -13.50
C THR B 9 -3.37 -1.44 -14.97
N GLY B 10 -4.29 -1.92 -15.81
CA GLY B 10 -4.12 -1.79 -17.25
C GLY B 10 -3.09 -2.74 -17.81
N LYS B 11 -2.81 -3.80 -17.05
CA LYS B 11 -1.83 -4.79 -17.47
C LYS B 11 -2.54 -6.05 -17.92
N THR B 12 -2.36 -6.41 -19.18
CA THR B 12 -2.98 -7.58 -19.75
C THR B 12 -1.96 -8.70 -19.91
N ILE B 13 -2.27 -9.87 -19.35
CA ILE B 13 -1.37 -11.01 -19.43
C ILE B 13 -2.06 -12.19 -20.09
N THR B 14 -1.32 -12.89 -20.93
CA THR B 14 -1.83 -14.05 -21.62
C THR B 14 -1.49 -15.32 -20.84
N LEU B 15 -2.41 -16.27 -20.84
CA LEU B 15 -2.20 -17.53 -20.12
C LEU B 15 -2.58 -18.72 -20.98
N GLU B 16 -1.83 -19.81 -20.80
CA GLU B 16 -2.09 -21.03 -21.55
C GLU B 16 -2.76 -22.07 -20.64
N VAL B 17 -4.07 -22.15 -20.75
CA VAL B 17 -4.85 -23.08 -19.94
C VAL B 17 -5.76 -23.92 -20.82
N GLU B 18 -6.36 -24.95 -20.25
CA GLU B 18 -7.26 -25.83 -20.98
C GLU B 18 -8.66 -25.73 -20.38
N PRO B 19 -9.70 -26.07 -21.15
CA PRO B 19 -11.09 -26.02 -20.68
C PRO B 19 -11.34 -26.89 -19.44
N SER B 20 -10.47 -27.86 -19.22
CA SER B 20 -10.59 -28.77 -18.09
C SER B 20 -9.72 -28.34 -16.91
N ASP B 21 -9.17 -27.14 -16.99
CA ASP B 21 -8.31 -26.61 -15.93
C ASP B 21 -9.13 -26.03 -14.79
N THR B 22 -8.58 -26.08 -13.58
CA THR B 22 -9.25 -25.56 -12.41
C THR B 22 -8.84 -24.12 -12.14
N ILE B 23 -9.75 -23.32 -11.57
CA ILE B 23 -9.47 -21.92 -11.29
C ILE B 23 -8.28 -21.77 -10.33
N GLU B 24 -8.21 -22.67 -9.35
CA GLU B 24 -7.11 -22.66 -8.37
C GLU B 24 -5.77 -22.84 -9.08
N ASN B 25 -5.78 -23.62 -10.14
CA ASN B 25 -4.58 -23.87 -10.91
C ASN B 25 -4.24 -22.65 -11.77
N VAL B 26 -5.27 -22.02 -12.31
CA VAL B 26 -5.09 -20.83 -13.14
C VAL B 26 -4.44 -19.72 -12.31
N LYS B 27 -4.91 -19.56 -11.07
CA LYS B 27 -4.37 -18.56 -10.17
C LYS B 27 -2.88 -18.78 -9.95
N ALA B 28 -2.50 -20.05 -9.78
CA ALA B 28 -1.11 -20.42 -9.58
C ALA B 28 -0.28 -20.07 -10.81
N LYS B 29 -0.86 -20.26 -11.98
CA LYS B 29 -0.20 -19.95 -13.24
C LYS B 29 0.01 -18.46 -13.38
N ILE B 30 -0.91 -17.68 -12.82
CA ILE B 30 -0.81 -16.23 -12.85
C ILE B 30 0.31 -15.78 -11.91
N GLN B 31 0.34 -16.39 -10.73
CA GLN B 31 1.36 -16.08 -9.73
C GLN B 31 2.73 -16.47 -10.25
N ASP B 32 2.76 -17.52 -11.06
CA ASP B 32 3.99 -18.03 -11.65
C ASP B 32 4.70 -16.96 -12.49
N LYS B 33 3.94 -16.15 -13.19
CA LYS B 33 4.53 -15.13 -14.05
C LYS B 33 4.42 -13.71 -13.46
N GLU B 34 3.34 -13.42 -12.75
CA GLU B 34 3.12 -12.09 -12.18
C GLU B 34 3.66 -11.95 -10.76
N GLY B 35 3.61 -13.03 -9.99
CA GLY B 35 4.09 -12.99 -8.62
C GLY B 35 3.01 -12.63 -7.62
N ILE B 36 1.78 -12.45 -8.12
CA ILE B 36 0.65 -12.10 -7.26
C ILE B 36 0.05 -13.36 -6.65
N PRO B 37 0.03 -13.46 -5.31
CA PRO B 37 -0.53 -14.62 -4.59
C PRO B 37 -2.00 -14.87 -4.93
N PRO B 38 -2.37 -16.15 -5.16
CA PRO B 38 -3.75 -16.55 -5.50
C PRO B 38 -4.78 -16.09 -4.48
N ASP B 39 -4.37 -15.96 -3.22
CA ASP B 39 -5.27 -15.52 -2.15
C ASP B 39 -5.68 -14.05 -2.35
N GLN B 40 -4.86 -13.32 -3.09
CA GLN B 40 -5.11 -11.92 -3.37
C GLN B 40 -5.66 -11.75 -4.78
N GLN B 41 -5.96 -12.87 -5.43
CA GLN B 41 -6.48 -12.87 -6.79
C GLN B 41 -7.98 -13.06 -6.82
N ARG B 42 -8.70 -12.01 -7.17
CA ARG B 42 -10.14 -12.09 -7.28
C ARG B 42 -10.54 -12.09 -8.75
N LEU B 43 -10.65 -13.28 -9.33
CA LEU B 43 -11.00 -13.43 -10.73
C LEU B 43 -12.51 -13.29 -10.95
N ILE B 44 -12.88 -12.33 -11.79
CA ILE B 44 -14.27 -12.07 -12.10
C ILE B 44 -14.55 -12.33 -13.58
N PHE B 45 -15.61 -13.09 -13.85
CA PHE B 45 -16.00 -13.42 -15.22
C PHE B 45 -17.52 -13.44 -15.32
N ALA B 46 -18.06 -12.70 -16.28
CA ALA B 46 -19.50 -12.63 -16.50
C ALA B 46 -20.23 -12.07 -15.28
N GLY B 47 -19.53 -11.23 -14.53
CA GLY B 47 -20.11 -10.63 -13.34
C GLY B 47 -20.08 -11.56 -12.15
N LYS B 48 -19.55 -12.77 -12.33
CA LYS B 48 -19.48 -13.73 -11.25
C LYS B 48 -18.04 -13.98 -10.83
N GLN B 49 -17.85 -14.47 -9.62
CA GLN B 49 -16.53 -14.76 -9.10
C GLN B 49 -16.15 -16.20 -9.43
N LEU B 50 -14.94 -16.41 -9.90
CA LEU B 50 -14.48 -17.74 -10.26
C LEU B 50 -14.03 -18.53 -9.03
N GLU B 51 -14.73 -19.62 -8.76
CA GLU B 51 -14.41 -20.48 -7.62
C GLU B 51 -13.20 -21.36 -7.93
N ASP B 52 -12.22 -21.35 -7.03
CA ASP B 52 -10.99 -22.12 -7.17
C ASP B 52 -11.22 -23.59 -7.54
N GLY B 53 -12.15 -24.22 -6.86
CA GLY B 53 -12.44 -25.63 -7.11
C GLY B 53 -13.19 -25.88 -8.40
N ARG B 54 -13.67 -24.82 -9.03
CA ARG B 54 -14.42 -24.96 -10.27
C ARG B 54 -13.49 -24.97 -11.47
N THR B 55 -14.00 -25.44 -12.59
CA THR B 55 -13.23 -25.52 -13.82
C THR B 55 -13.73 -24.47 -14.82
N LEU B 56 -12.95 -24.24 -15.86
CA LEU B 56 -13.30 -23.28 -16.89
C LEU B 56 -14.59 -23.70 -17.62
N SER B 57 -14.84 -25.00 -17.66
CA SER B 57 -16.02 -25.53 -18.32
C SER B 57 -17.28 -25.30 -17.49
N ASP B 58 -17.10 -24.95 -16.22
CA ASP B 58 -18.22 -24.69 -15.33
C ASP B 58 -18.88 -23.37 -15.68
N TYR B 59 -18.07 -22.38 -16.03
CA TYR B 59 -18.56 -21.06 -16.38
C TYR B 59 -18.64 -20.91 -17.89
N ASN B 60 -18.31 -21.98 -18.61
CA ASN B 60 -18.34 -22.01 -20.07
C ASN B 60 -17.34 -21.00 -20.64
N ILE B 61 -16.14 -21.01 -20.06
CA ILE B 61 -15.09 -20.10 -20.48
C ILE B 61 -14.31 -20.70 -21.65
N GLN B 62 -14.44 -20.06 -22.81
CA GLN B 62 -13.75 -20.52 -24.01
C GLN B 62 -12.44 -19.75 -24.16
N LYS B 63 -11.76 -19.95 -25.30
CA LYS B 63 -10.51 -19.25 -25.55
C LYS B 63 -10.78 -17.81 -25.96
N GLU B 64 -9.75 -16.97 -25.86
CA GLU B 64 -9.84 -15.55 -26.23
C GLU B 64 -10.64 -14.73 -25.20
N SER B 65 -11.25 -15.41 -24.24
CA SER B 65 -12.04 -14.75 -23.21
C SER B 65 -11.15 -13.88 -22.32
N THR B 66 -11.66 -12.71 -21.97
CA THR B 66 -10.94 -11.78 -21.13
C THR B 66 -11.49 -11.81 -19.70
N LEU B 67 -10.63 -12.15 -18.76
CA LEU B 67 -11.02 -12.23 -17.36
C LEU B 67 -10.58 -10.97 -16.62
N HIS B 68 -11.32 -10.60 -15.59
CA HIS B 68 -11.00 -9.43 -14.81
C HIS B 68 -10.34 -9.85 -13.49
N LEU B 69 -9.14 -9.36 -13.25
CA LEU B 69 -8.42 -9.72 -12.04
C LEU B 69 -8.38 -8.56 -11.05
N VAL B 70 -9.06 -8.74 -9.92
CA VAL B 70 -9.10 -7.73 -8.86
C VAL B 70 -8.07 -8.09 -7.80
N LEU B 71 -7.29 -7.11 -7.36
CA LEU B 71 -6.28 -7.34 -6.34
C LEU B 71 -6.86 -7.19 -4.94
N ARG B 72 -6.88 -8.27 -4.20
CA ARG B 72 -7.40 -8.25 -2.83
C ARG B 72 -6.26 -7.97 -1.85
N LEU B 73 -6.42 -6.93 -1.05
CA LEU B 73 -5.41 -6.56 -0.08
C LEU B 73 -5.85 -6.90 1.34
N ARG B 74 -4.88 -7.02 2.24
CA ARG B 74 -5.15 -7.35 3.63
C ARG B 74 -4.12 -6.68 4.52
N GLY B 75 -4.26 -5.38 4.71
CA GLY B 75 -3.33 -4.64 5.53
C GLY B 75 -3.49 -3.13 5.36
N CYS B 76 -4.70 -2.70 5.06
CA CYS B 76 -5.01 -1.29 4.86
C CYS B 76 -6.48 -1.05 5.13
N ALA A 2 -7.12 5.15 26.36
CA ALA A 2 -6.83 5.50 24.95
C ALA A 2 -6.03 6.80 24.86
N SER A 3 -6.69 7.91 25.16
CA SER A 3 -6.07 9.23 25.10
C SER A 3 -4.85 9.34 26.01
N MET A 4 -4.90 8.67 27.15
CA MET A 4 -3.79 8.69 28.11
C MET A 4 -2.48 8.25 27.46
N ARG A 5 -2.53 7.17 26.70
CA ARG A 5 -1.34 6.66 26.04
C ARG A 5 -0.90 7.58 24.90
N VAL A 6 -1.88 8.12 24.18
CA VAL A 6 -1.60 9.02 23.07
C VAL A 6 -0.77 10.22 23.54
N VAL A 7 -1.15 10.79 24.68
CA VAL A 7 -0.44 11.92 25.24
C VAL A 7 0.97 11.51 25.66
N LYS A 8 1.08 10.32 26.24
CA LYS A 8 2.36 9.79 26.68
C LYS A 8 3.29 9.57 25.50
N GLU A 9 2.77 8.95 24.45
CA GLU A 9 3.55 8.68 23.25
C GLU A 9 3.97 9.99 22.59
N LEU A 10 3.07 10.97 22.62
CA LEU A 10 3.36 12.28 22.05
C LEU A 10 4.46 12.95 22.85
N GLU A 11 4.37 12.84 24.17
CA GLU A 11 5.35 13.41 25.07
C GLU A 11 6.74 12.83 24.80
N ASP A 12 6.80 11.52 24.70
CA ASP A 12 8.05 10.81 24.45
C ASP A 12 8.68 11.25 23.14
N LEU A 13 7.89 11.22 22.09
CA LEU A 13 8.36 11.61 20.76
C LEU A 13 8.66 13.10 20.67
N GLN A 14 8.02 13.90 21.52
CA GLN A 14 8.25 15.34 21.54
C GLN A 14 9.58 15.65 22.23
N LYS A 15 9.96 14.79 23.15
CA LYS A 15 11.21 14.95 23.88
C LYS A 15 12.37 14.40 23.06
N LYS A 16 12.11 13.34 22.31
CA LYS A 16 13.11 12.71 21.46
C LYS A 16 12.55 12.54 20.04
N PRO A 17 12.49 13.64 19.27
CA PRO A 17 11.96 13.61 17.91
C PRO A 17 12.96 13.03 16.91
N PRO A 18 12.52 12.07 16.09
CA PRO A 18 13.38 11.45 15.08
C PRO A 18 13.74 12.45 13.98
N PRO A 19 14.94 12.32 13.39
CA PRO A 19 15.41 13.23 12.33
C PRO A 19 14.52 13.22 11.09
N TYR A 20 13.76 12.14 10.90
CA TYR A 20 12.89 12.03 9.74
C TYR A 20 11.47 12.53 10.03
N LEU A 21 11.27 13.12 11.21
CA LEU A 21 9.96 13.62 11.57
C LEU A 21 10.07 15.02 12.17
N ARG A 22 9.39 15.98 11.56
CA ARG A 22 9.43 17.36 12.03
C ARG A 22 8.03 17.86 12.31
N ASN A 23 7.95 18.94 13.08
CA ASN A 23 6.67 19.58 13.43
C ASN A 23 5.68 18.58 14.02
N LEU A 24 6.16 17.77 14.96
CA LEU A 24 5.33 16.77 15.59
C LEU A 24 4.48 17.41 16.69
N SER A 25 3.23 17.68 16.37
CA SER A 25 2.32 18.30 17.30
C SER A 25 0.95 17.61 17.24
N SER A 26 0.07 17.96 18.16
CA SER A 26 -1.26 17.39 18.20
C SER A 26 -2.18 18.16 17.26
N ASP A 27 -3.40 17.67 17.08
CA ASP A 27 -4.36 18.34 16.21
C ASP A 27 -4.85 19.62 16.87
N ASP A 28 -5.37 20.53 16.07
CA ASP A 28 -5.85 21.81 16.55
C ASP A 28 -6.99 21.67 17.55
N ALA A 29 -7.89 20.72 17.30
CA ALA A 29 -9.03 20.50 18.19
C ALA A 29 -9.24 19.04 18.52
N ASN A 30 -8.21 18.22 18.35
CA ASN A 30 -8.34 16.79 18.64
C ASN A 30 -7.06 16.25 19.27
N VAL A 31 -7.21 15.54 20.37
CA VAL A 31 -6.08 14.96 21.07
C VAL A 31 -5.77 13.57 20.50
N LEU A 32 -6.71 13.02 19.75
CA LEU A 32 -6.56 11.69 19.16
C LEU A 32 -6.08 11.80 17.71
N VAL A 33 -5.49 12.93 17.37
CA VAL A 33 -4.97 13.14 16.02
C VAL A 33 -3.60 13.82 16.09
N TRP A 34 -2.63 13.25 15.39
CA TRP A 34 -1.28 13.80 15.37
C TRP A 34 -0.99 14.51 14.05
N HIS A 35 -0.12 15.51 14.12
CA HIS A 35 0.29 16.28 12.96
C HIS A 35 1.81 16.21 12.88
N ALA A 36 2.34 15.78 11.75
CA ALA A 36 3.80 15.69 11.61
C ALA A 36 4.24 15.76 10.16
N LEU A 37 5.46 16.24 9.96
CA LEU A 37 6.04 16.35 8.62
C LEU A 37 7.11 15.29 8.46
N LEU A 38 6.89 14.35 7.56
CA LEU A 38 7.85 13.29 7.31
C LEU A 38 8.93 13.78 6.36
N LEU A 39 10.18 13.54 6.74
CA LEU A 39 11.32 13.96 5.92
C LEU A 39 12.09 12.74 5.40
N PRO A 40 11.72 12.23 4.22
CA PRO A 40 12.40 11.08 3.61
C PRO A 40 13.78 11.47 3.13
N ASP A 41 14.67 10.50 2.99
CA ASP A 41 16.03 10.77 2.53
C ASP A 41 16.22 10.29 1.09
N GLN A 42 15.41 9.31 0.70
CA GLN A 42 15.46 8.74 -0.64
C GLN A 42 15.16 9.79 -1.71
N PRO A 43 16.02 9.91 -2.73
CA PRO A 43 15.83 10.85 -3.84
C PRO A 43 14.68 10.41 -4.74
N PRO A 44 13.87 11.36 -5.24
CA PRO A 44 14.04 12.77 -4.97
C PRO A 44 13.09 13.28 -3.87
N TYR A 45 12.54 12.35 -3.09
CA TYR A 45 11.61 12.68 -2.02
C TYR A 45 12.26 13.59 -0.98
N HIS A 46 13.58 13.45 -0.82
CA HIS A 46 14.32 14.25 0.15
C HIS A 46 14.43 15.74 -0.24
N LEU A 47 13.84 16.09 -1.38
CA LEU A 47 13.87 17.47 -1.85
C LEU A 47 12.76 18.28 -1.19
N LYS A 48 11.82 17.58 -0.57
CA LYS A 48 10.68 18.23 0.09
C LYS A 48 10.28 17.46 1.35
N ALA A 49 9.13 17.81 1.90
CA ALA A 49 8.61 17.16 3.09
C ALA A 49 7.14 16.79 2.88
N PHE A 50 6.69 15.74 3.56
CA PHE A 50 5.31 15.30 3.41
C PHE A 50 4.60 15.24 4.76
N ASN A 51 3.53 15.99 4.89
CA ASN A 51 2.77 16.03 6.14
C ASN A 51 1.83 14.84 6.22
N LEU A 52 1.78 14.21 7.37
CA LEU A 52 0.93 13.06 7.60
C LEU A 52 0.00 13.30 8.78
N ARG A 53 -1.17 12.69 8.74
CA ARG A 53 -2.14 12.85 9.81
C ARG A 53 -2.44 11.50 10.43
N ILE A 54 -2.08 11.35 11.70
CA ILE A 54 -2.31 10.11 12.42
C ILE A 54 -3.61 10.19 13.21
N SER A 55 -4.53 9.29 12.91
CA SER A 55 -5.81 9.26 13.59
C SER A 55 -5.85 8.08 14.57
N PHE A 56 -5.94 8.40 15.86
CA PHE A 56 -5.99 7.38 16.89
C PHE A 56 -7.43 6.97 17.18
N PRO A 57 -7.71 5.67 17.14
CA PRO A 57 -9.04 5.15 17.42
C PRO A 57 -9.38 5.28 18.91
N PRO A 58 -10.67 5.43 19.23
CA PRO A 58 -11.12 5.56 20.62
C PRO A 58 -10.87 4.28 21.42
N GLU A 59 -10.63 3.19 20.71
CA GLU A 59 -10.37 1.91 21.35
C GLU A 59 -8.87 1.63 21.44
N TYR A 60 -8.06 2.67 21.30
CA TYR A 60 -6.60 2.54 21.39
C TYR A 60 -6.21 2.08 22.79
N PRO A 61 -5.20 1.19 22.92
CA PRO A 61 -4.44 0.65 21.79
C PRO A 61 -4.92 -0.74 21.36
N PHE A 62 -6.18 -1.05 21.65
CA PHE A 62 -6.76 -2.32 21.27
C PHE A 62 -7.10 -2.31 19.79
N LYS A 63 -7.00 -1.12 19.20
CA LYS A 63 -7.26 -0.91 17.79
C LYS A 63 -6.08 -0.17 17.17
N PRO A 64 -5.69 -0.52 15.94
CA PRO A 64 -4.57 0.11 15.24
C PRO A 64 -4.85 1.56 14.82
N PRO A 65 -3.85 2.44 14.92
CA PRO A 65 -4.00 3.84 14.53
C PRO A 65 -3.91 4.00 13.01
N MET A 66 -4.79 4.83 12.46
CA MET A 66 -4.81 5.05 11.02
C MET A 66 -3.96 6.25 10.64
N ILE A 67 -2.93 6.02 9.86
CA ILE A 67 -2.05 7.09 9.42
C ILE A 67 -2.20 7.32 7.92
N LYS A 68 -2.49 8.54 7.54
CA LYS A 68 -2.64 8.88 6.13
C LYS A 68 -1.84 10.12 5.80
N PHE A 69 -1.41 10.24 4.55
CA PHE A 69 -0.64 11.39 4.12
C PHE A 69 -1.58 12.54 3.73
N THR A 70 -1.27 13.73 4.22
CA THR A 70 -2.05 14.91 3.92
C THR A 70 -1.46 15.62 2.70
N THR A 71 -0.24 15.22 2.35
CA THR A 71 0.45 15.78 1.22
C THR A 71 0.48 14.79 0.07
N LYS A 72 0.31 15.28 -1.16
CA LYS A 72 0.32 14.42 -2.33
C LYS A 72 1.71 13.89 -2.60
N ILE A 73 1.92 12.61 -2.32
CA ILE A 73 3.20 11.97 -2.51
C ILE A 73 3.14 10.94 -3.65
N TYR A 74 4.06 11.06 -4.59
CA TYR A 74 4.14 10.15 -5.72
C TYR A 74 4.97 8.92 -5.36
N HIS A 75 4.35 8.00 -4.61
CA HIS A 75 5.04 6.78 -4.18
C HIS A 75 4.25 5.55 -4.64
N PRO A 76 4.95 4.55 -5.19
CA PRO A 76 4.34 3.31 -5.70
C PRO A 76 3.61 2.50 -4.63
N ASN A 77 3.88 2.80 -3.36
CA ASN A 77 3.24 2.10 -2.26
C ASN A 77 2.29 3.02 -1.50
N VAL A 78 1.79 4.04 -2.19
CA VAL A 78 0.88 5.00 -1.59
C VAL A 78 -0.26 5.29 -2.57
N ASP A 79 -1.48 5.37 -2.05
CA ASP A 79 -2.66 5.66 -2.85
C ASP A 79 -2.75 7.16 -3.14
N GLU A 80 -3.47 7.52 -4.18
CA GLU A 80 -3.64 8.91 -4.58
C GLU A 80 -4.20 9.78 -3.45
N ASN A 81 -5.04 9.19 -2.60
CA ASN A 81 -5.65 9.93 -1.50
C ASN A 81 -4.70 10.06 -0.31
N GLY A 82 -3.55 9.41 -0.41
CA GLY A 82 -2.58 9.46 0.67
C GLY A 82 -2.71 8.27 1.60
N GLN A 83 -3.43 7.25 1.15
CA GLN A 83 -3.62 6.05 1.93
C GLN A 83 -2.43 5.12 1.73
N ILE A 84 -2.02 4.45 2.80
CA ILE A 84 -0.89 3.54 2.76
C ILE A 84 -1.32 2.12 3.13
N CYS A 85 -0.35 1.21 3.13
CA CYS A 85 -0.60 -0.17 3.48
C CYS A 85 0.53 -0.67 4.38
N LEU A 86 0.34 -0.56 5.68
CA LEU A 86 1.34 -0.99 6.64
C LEU A 86 0.92 -2.29 7.32
N PRO A 87 1.68 -3.38 7.06
CA PRO A 87 1.40 -4.70 7.65
C PRO A 87 1.38 -4.65 9.17
N ILE A 88 2.13 -3.73 9.75
CA ILE A 88 2.22 -3.58 11.20
C ILE A 88 0.88 -3.13 11.81
N ILE A 89 0.06 -2.43 11.02
CA ILE A 89 -1.22 -1.96 11.50
C ILE A 89 -2.38 -2.69 10.82
N SER A 90 -2.09 -3.85 10.24
CA SER A 90 -3.10 -4.62 9.57
C SER A 90 -3.94 -5.36 10.62
N SER A 91 -5.22 -5.59 10.30
CA SER A 91 -6.13 -6.27 11.21
C SER A 91 -5.71 -7.73 11.47
N GLU A 92 -4.71 -8.20 10.75
CA GLU A 92 -4.23 -9.57 10.90
C GLU A 92 -2.85 -9.63 11.54
N ASN A 93 -2.21 -8.48 11.71
CA ASN A 93 -0.87 -8.43 12.28
C ASN A 93 -0.71 -7.33 13.31
N TRP A 94 -1.82 -6.85 13.86
CA TRP A 94 -1.77 -5.79 14.85
C TRP A 94 -1.49 -6.34 16.24
N LYS A 95 -0.60 -5.67 16.96
CA LYS A 95 -0.26 -6.04 18.32
C LYS A 95 -0.51 -4.86 19.24
N PRO A 96 -1.34 -5.04 20.27
CA PRO A 96 -1.68 -3.97 21.23
C PRO A 96 -0.46 -3.43 21.99
N CYS A 97 0.63 -4.19 21.98
CA CYS A 97 1.85 -3.80 22.66
C CYS A 97 2.71 -2.86 21.81
N THR A 98 2.33 -2.70 20.55
CA THR A 98 3.08 -1.86 19.63
C THR A 98 2.87 -0.38 19.92
N LYS A 99 3.95 0.38 19.89
CA LYS A 99 3.89 1.81 20.13
C LYS A 99 3.91 2.53 18.78
N THR A 100 3.30 3.71 18.72
CA THR A 100 3.26 4.48 17.48
C THR A 100 4.65 4.78 16.93
N CYS A 101 5.63 4.82 17.82
CA CYS A 101 7.03 5.08 17.43
C CYS A 101 7.54 3.98 16.50
N GLN A 102 7.01 2.77 16.65
CA GLN A 102 7.42 1.65 15.80
C GLN A 102 6.72 1.73 14.44
N VAL A 103 5.47 2.18 14.47
CA VAL A 103 4.68 2.31 13.26
C VAL A 103 5.30 3.35 12.33
N LEU A 104 5.69 4.48 12.92
CA LEU A 104 6.32 5.56 12.16
C LEU A 104 7.63 5.10 11.54
N GLU A 105 8.35 4.26 12.27
CA GLU A 105 9.63 3.74 11.80
C GLU A 105 9.41 2.85 10.58
N ALA A 106 8.46 1.93 10.70
CA ALA A 106 8.15 1.01 9.60
C ALA A 106 7.72 1.80 8.37
N LEU A 107 6.99 2.88 8.59
CA LEU A 107 6.53 3.74 7.51
C LEU A 107 7.71 4.39 6.80
N ASN A 108 8.62 4.99 7.58
CA ASN A 108 9.80 5.64 7.02
C ASN A 108 10.61 4.68 6.16
N VAL A 109 10.79 3.46 6.66
CA VAL A 109 11.54 2.45 5.93
C VAL A 109 10.86 2.14 4.59
N LEU A 110 9.54 1.99 4.62
CA LEU A 110 8.78 1.67 3.41
C LEU A 110 8.75 2.84 2.42
N VAL A 111 8.89 4.06 2.94
CA VAL A 111 8.90 5.23 2.09
C VAL A 111 10.24 5.36 1.36
N ASN A 112 11.33 5.15 2.10
CA ASN A 112 12.67 5.23 1.52
C ASN A 112 12.98 4.01 0.69
N ARG A 113 12.47 2.86 1.09
CA ARG A 113 12.69 1.63 0.36
C ARG A 113 11.36 1.09 -0.16
N PRO A 114 11.05 1.36 -1.44
CA PRO A 114 9.80 0.93 -2.06
C PRO A 114 9.72 -0.59 -2.21
N ASN A 115 8.73 -1.19 -1.57
CA ASN A 115 8.52 -2.63 -1.63
C ASN A 115 7.92 -3.01 -2.99
N ILE A 116 8.72 -3.68 -3.80
CA ILE A 116 8.30 -4.10 -5.14
C ILE A 116 7.50 -5.40 -5.11
N ARG A 117 7.44 -6.04 -3.95
CA ARG A 117 6.68 -7.28 -3.82
C ARG A 117 5.23 -6.99 -3.51
N GLU A 118 4.99 -5.97 -2.70
CA GLU A 118 3.64 -5.55 -2.34
C GLU A 118 3.42 -4.12 -2.80
N PRO A 119 3.10 -3.92 -4.07
CA PRO A 119 2.86 -2.60 -4.64
C PRO A 119 1.39 -2.22 -4.61
N LEU A 120 1.11 -1.03 -4.09
CA LEU A 120 -0.26 -0.53 -4.04
C LEU A 120 -0.65 0.00 -5.40
N ARG A 121 0.36 0.39 -6.18
CA ARG A 121 0.15 0.92 -7.50
C ARG A 121 1.05 0.19 -8.50
N MET A 122 0.47 -0.76 -9.22
CA MET A 122 1.20 -1.52 -10.22
C MET A 122 1.71 -0.62 -11.34
N ASP A 123 1.01 0.49 -11.56
CA ASP A 123 1.39 1.43 -12.59
C ASP A 123 2.67 2.19 -12.24
N LEU A 124 2.85 2.44 -10.95
CA LEU A 124 4.02 3.15 -10.46
C LEU A 124 5.18 2.21 -10.16
N ALA A 125 4.88 1.10 -9.48
CA ALA A 125 5.90 0.12 -9.12
C ALA A 125 6.60 -0.43 -10.35
N ASP A 126 5.83 -0.71 -11.39
CA ASP A 126 6.37 -1.23 -12.62
C ASP A 126 7.25 -0.19 -13.30
N LEU A 127 6.78 1.05 -13.30
CA LEU A 127 7.51 2.16 -13.91
C LEU A 127 8.89 2.33 -13.28
N LEU A 128 8.93 2.26 -11.95
CA LEU A 128 10.19 2.39 -11.21
C LEU A 128 11.16 1.29 -11.59
N THR A 129 10.61 0.12 -11.90
CA THR A 129 11.43 -1.02 -12.27
C THR A 129 11.85 -0.93 -13.74
N GLN A 130 11.00 -0.33 -14.57
CA GLN A 130 11.29 -0.17 -15.98
C GLN A 130 12.41 0.84 -16.18
N ASN A 131 12.24 2.04 -15.63
CA ASN A 131 13.22 3.10 -15.76
C ASN A 131 13.26 3.95 -14.50
N PRO A 132 14.30 3.78 -13.68
CA PRO A 132 14.47 4.54 -12.44
C PRO A 132 14.50 6.04 -12.67
N GLU A 133 15.22 6.47 -13.70
CA GLU A 133 15.32 7.88 -14.02
C GLU A 133 13.96 8.45 -14.44
N LEU A 134 13.25 7.70 -15.26
CA LEU A 134 11.93 8.10 -15.72
C LEU A 134 11.00 8.32 -14.53
N PHE A 135 11.00 7.36 -13.62
CA PHE A 135 10.17 7.44 -12.43
C PHE A 135 10.63 8.60 -11.56
N ARG A 136 11.94 8.78 -11.43
CA ARG A 136 12.51 9.85 -10.64
C ARG A 136 12.05 11.21 -11.16
N LYS A 137 12.07 11.37 -12.48
CA LYS A 137 11.65 12.61 -13.11
C LYS A 137 10.20 12.92 -12.78
N ASN A 138 9.34 11.92 -12.96
CA ASN A 138 7.90 12.07 -12.70
C ASN A 138 7.65 12.29 -11.21
N ALA A 139 8.45 11.65 -10.37
CA ALA A 139 8.32 11.79 -8.93
C ALA A 139 8.71 13.20 -8.49
N GLU A 140 9.78 13.71 -9.08
CA GLU A 140 10.27 15.04 -8.77
C GLU A 140 9.22 16.10 -9.10
N GLU A 141 8.44 15.82 -10.14
CA GLU A 141 7.38 16.72 -10.58
C GLU A 141 6.41 16.97 -9.43
N PHE A 142 5.78 15.90 -8.96
CA PHE A 142 4.80 15.99 -7.87
C PHE A 142 5.44 16.48 -6.57
N THR A 143 6.66 16.03 -6.29
CA THR A 143 7.36 16.41 -5.06
C THR A 143 7.55 17.92 -4.97
N LEU A 144 8.03 18.53 -6.05
CA LEU A 144 8.28 19.97 -6.06
C LEU A 144 7.02 20.74 -6.49
N ARG A 145 5.88 20.07 -6.46
CA ARG A 145 4.63 20.69 -6.86
C ARG A 145 3.59 20.68 -5.74
N PHE A 146 3.30 19.49 -5.22
CA PHE A 146 2.30 19.36 -4.17
C PHE A 146 2.94 19.06 -2.82
N GLY A 147 4.26 18.93 -2.80
CA GLY A 147 4.95 18.64 -1.57
C GLY A 147 5.29 19.89 -0.78
N VAL A 148 5.41 19.74 0.53
CA VAL A 148 5.74 20.86 1.40
C VAL A 148 7.25 21.08 1.32
N ASP A 149 7.69 22.31 1.50
CA ASP A 149 9.12 22.62 1.42
C ASP A 149 9.93 21.88 2.50
N ARG A 150 11.22 21.75 2.26
CA ARG A 150 12.11 21.06 3.19
C ARG A 150 12.63 22.00 4.27
N PRO A 151 12.30 21.73 5.53
CA PRO A 151 12.74 22.53 6.66
C PRO A 151 14.06 22.04 7.23
N MET B 1 -5.86 -24.05 -23.62
CA MET B 1 -6.44 -22.97 -24.47
C MET B 1 -5.91 -21.60 -24.02
N GLN B 2 -5.94 -20.64 -24.92
CA GLN B 2 -5.44 -19.31 -24.63
C GLN B 2 -6.55 -18.38 -24.14
N ILE B 3 -6.36 -17.82 -22.96
CA ILE B 3 -7.31 -16.89 -22.38
C ILE B 3 -6.58 -15.61 -21.97
N PHE B 4 -7.31 -14.62 -21.50
CA PHE B 4 -6.70 -13.35 -21.10
C PHE B 4 -7.13 -12.94 -19.72
N VAL B 5 -6.20 -12.40 -18.95
CA VAL B 5 -6.47 -11.93 -17.59
C VAL B 5 -6.17 -10.44 -17.52
N LYS B 6 -7.19 -9.64 -17.27
CA LYS B 6 -7.02 -8.20 -17.18
C LYS B 6 -7.01 -7.72 -15.74
N THR B 7 -6.00 -6.95 -15.38
CA THR B 7 -5.86 -6.42 -14.04
C THR B 7 -6.59 -5.07 -13.93
N LEU B 8 -6.73 -4.57 -12.71
CA LEU B 8 -7.42 -3.31 -12.46
C LEU B 8 -6.73 -2.14 -13.17
N THR B 9 -5.41 -2.23 -13.32
CA THR B 9 -4.63 -1.19 -13.97
C THR B 9 -4.87 -1.17 -15.48
N GLY B 10 -5.22 -2.33 -16.02
CA GLY B 10 -5.45 -2.45 -17.45
C GLY B 10 -4.48 -3.42 -18.10
N LYS B 11 -3.47 -3.83 -17.33
CA LYS B 11 -2.47 -4.77 -17.82
C LYS B 11 -3.13 -6.12 -18.09
N THR B 12 -3.29 -6.43 -19.36
CA THR B 12 -3.91 -7.68 -19.77
C THR B 12 -2.85 -8.72 -20.10
N ILE B 13 -2.75 -9.74 -19.28
CA ILE B 13 -1.77 -10.80 -19.48
C ILE B 13 -2.38 -12.00 -20.17
N THR B 14 -1.56 -12.68 -20.96
CA THR B 14 -2.00 -13.87 -21.67
C THR B 14 -1.79 -15.09 -20.79
N LEU B 15 -2.75 -16.01 -20.82
CA LEU B 15 -2.65 -17.22 -20.01
C LEU B 15 -3.09 -18.43 -20.82
N GLU B 16 -2.29 -19.47 -20.80
CA GLU B 16 -2.61 -20.69 -21.52
C GLU B 16 -2.88 -21.85 -20.57
N VAL B 17 -4.16 -22.09 -20.32
CA VAL B 17 -4.59 -23.17 -19.43
C VAL B 17 -5.71 -23.96 -20.09
N GLU B 18 -5.93 -25.17 -19.63
CA GLU B 18 -6.98 -26.00 -20.19
C GLU B 18 -8.26 -25.89 -19.37
N PRO B 19 -9.43 -26.22 -19.96
CA PRO B 19 -10.73 -26.13 -19.27
C PRO B 19 -10.80 -27.05 -18.04
N SER B 20 -9.89 -28.01 -17.98
CA SER B 20 -9.84 -28.96 -16.87
C SER B 20 -8.98 -28.44 -15.73
N ASP B 21 -8.44 -27.23 -15.89
CA ASP B 21 -7.59 -26.64 -14.87
C ASP B 21 -8.41 -26.09 -13.71
N THR B 22 -7.77 -26.00 -12.55
CA THR B 22 -8.42 -25.50 -11.35
C THR B 22 -8.08 -24.03 -11.16
N ILE B 23 -9.04 -23.25 -10.64
CA ILE B 23 -8.84 -21.81 -10.43
C ILE B 23 -7.63 -21.54 -9.52
N GLU B 24 -7.45 -22.36 -8.49
CA GLU B 24 -6.32 -22.19 -7.59
C GLU B 24 -5.00 -22.39 -8.34
N ASN B 25 -5.00 -23.31 -9.29
CA ASN B 25 -3.82 -23.60 -10.08
C ASN B 25 -3.54 -22.42 -11.02
N VAL B 26 -4.62 -21.83 -11.52
CA VAL B 26 -4.52 -20.66 -12.39
C VAL B 26 -3.85 -19.51 -11.64
N LYS B 27 -4.25 -19.33 -10.39
CA LYS B 27 -3.69 -18.28 -9.55
C LYS B 27 -2.19 -18.46 -9.38
N ALA B 28 -1.76 -19.71 -9.23
CA ALA B 28 -0.34 -20.03 -9.06
C ALA B 28 0.44 -19.69 -10.33
N LYS B 29 -0.21 -19.81 -11.47
CA LYS B 29 0.41 -19.51 -12.75
C LYS B 29 0.54 -18.00 -12.95
N ILE B 30 -0.46 -17.26 -12.48
CA ILE B 30 -0.43 -15.80 -12.55
C ILE B 30 0.63 -15.28 -11.59
N GLN B 31 0.80 -16.03 -10.50
CA GLN B 31 1.79 -15.72 -9.48
C GLN B 31 3.19 -15.93 -10.04
N ASP B 32 3.28 -16.74 -11.09
CA ASP B 32 4.55 -17.04 -11.73
C ASP B 32 4.98 -15.89 -12.66
N LYS B 33 4.10 -15.52 -13.59
CA LYS B 33 4.41 -14.46 -14.54
C LYS B 33 4.39 -13.07 -13.92
N GLU B 34 3.46 -12.81 -13.01
CA GLU B 34 3.36 -11.51 -12.38
C GLU B 34 4.07 -11.49 -11.03
N GLY B 35 3.60 -12.30 -10.10
CA GLY B 35 4.20 -12.36 -8.79
C GLY B 35 3.20 -12.06 -7.69
N ILE B 36 1.99 -11.70 -8.08
CA ILE B 36 0.93 -11.37 -7.14
C ILE B 36 0.45 -12.63 -6.42
N PRO B 37 0.48 -12.64 -5.08
CA PRO B 37 0.04 -13.79 -4.26
C PRO B 37 -1.40 -14.19 -4.59
N PRO B 38 -1.66 -15.51 -4.68
CA PRO B 38 -3.00 -16.06 -4.99
C PRO B 38 -4.09 -15.57 -4.05
N ASP B 39 -3.72 -15.32 -2.79
CA ASP B 39 -4.69 -14.85 -1.79
C ASP B 39 -5.15 -13.44 -2.09
N GLN B 40 -4.33 -12.70 -2.83
CA GLN B 40 -4.64 -11.33 -3.20
C GLN B 40 -5.25 -11.28 -4.59
N GLN B 41 -5.47 -12.44 -5.18
CA GLN B 41 -6.04 -12.54 -6.51
C GLN B 41 -7.54 -12.82 -6.43
N ARG B 42 -8.32 -11.90 -6.95
CA ARG B 42 -9.77 -12.05 -6.99
C ARG B 42 -10.23 -12.14 -8.43
N LEU B 43 -10.50 -13.35 -8.89
CA LEU B 43 -10.92 -13.58 -10.26
C LEU B 43 -12.42 -13.44 -10.44
N ILE B 44 -12.82 -12.46 -11.23
CA ILE B 44 -14.22 -12.19 -11.51
C ILE B 44 -14.54 -12.50 -12.98
N PHE B 45 -15.54 -13.33 -13.19
CA PHE B 45 -15.95 -13.70 -14.54
C PHE B 45 -17.44 -14.03 -14.58
N ALA B 46 -18.12 -13.60 -15.64
CA ALA B 46 -19.55 -13.84 -15.82
C ALA B 46 -20.37 -13.21 -14.69
N GLY B 47 -19.78 -12.21 -14.05
CA GLY B 47 -20.45 -11.52 -12.95
C GLY B 47 -20.37 -12.30 -11.66
N LYS B 48 -19.57 -13.36 -11.65
CA LYS B 48 -19.41 -14.20 -10.48
C LYS B 48 -17.95 -14.32 -10.11
N GLN B 49 -17.68 -14.86 -8.93
CA GLN B 49 -16.33 -15.06 -8.46
C GLN B 49 -15.90 -16.50 -8.70
N LEU B 50 -14.71 -16.67 -9.24
CA LEU B 50 -14.19 -18.00 -9.53
C LEU B 50 -13.64 -18.64 -8.26
N GLU B 51 -14.26 -19.72 -7.82
CA GLU B 51 -13.83 -20.42 -6.62
C GLU B 51 -12.53 -21.18 -6.84
N ASP B 52 -11.63 -21.11 -5.87
CA ASP B 52 -10.33 -21.78 -5.95
C ASP B 52 -10.46 -23.29 -6.13
N GLY B 53 -11.51 -23.87 -5.56
CA GLY B 53 -11.73 -25.30 -5.67
C GLY B 53 -12.59 -25.67 -6.86
N ARG B 54 -12.81 -24.72 -7.74
CA ARG B 54 -13.63 -24.93 -8.93
C ARG B 54 -12.75 -24.92 -10.18
N THR B 55 -13.29 -25.43 -11.28
CA THR B 55 -12.55 -25.47 -12.53
C THR B 55 -13.18 -24.54 -13.57
N LEU B 56 -12.45 -24.31 -14.66
CA LEU B 56 -12.94 -23.44 -15.73
C LEU B 56 -14.17 -24.02 -16.42
N SER B 57 -14.27 -25.35 -16.39
CA SER B 57 -15.39 -26.05 -17.00
C SER B 57 -16.69 -25.81 -16.23
N ASP B 58 -16.56 -25.54 -14.93
CA ASP B 58 -17.71 -25.30 -14.07
C ASP B 58 -18.46 -24.05 -14.49
N TYR B 59 -17.71 -23.00 -14.81
CA TYR B 59 -18.30 -21.73 -15.21
C TYR B 59 -18.46 -21.65 -16.73
N ASN B 60 -18.13 -22.76 -17.39
CA ASN B 60 -18.21 -22.86 -18.85
C ASN B 60 -17.38 -21.77 -19.53
N ILE B 61 -16.13 -21.64 -19.07
CA ILE B 61 -15.21 -20.66 -19.63
C ILE B 61 -14.60 -21.20 -20.91
N GLN B 62 -14.68 -20.42 -21.97
CA GLN B 62 -14.14 -20.82 -23.27
C GLN B 62 -12.83 -20.08 -23.56
N LYS B 63 -12.28 -20.32 -24.74
CA LYS B 63 -11.03 -19.68 -25.13
C LYS B 63 -11.22 -18.19 -25.43
N GLU B 64 -10.15 -17.42 -25.25
CA GLU B 64 -10.14 -15.99 -25.49
C GLU B 64 -10.99 -15.20 -24.48
N SER B 65 -11.42 -15.86 -23.42
CA SER B 65 -12.22 -15.19 -22.40
C SER B 65 -11.33 -14.29 -21.55
N THR B 66 -11.83 -13.10 -21.23
CA THR B 66 -11.06 -12.16 -20.44
C THR B 66 -11.53 -12.18 -18.98
N LEU B 67 -10.67 -12.65 -18.11
CA LEU B 67 -10.98 -12.72 -16.69
C LEU B 67 -10.59 -11.42 -16.00
N HIS B 68 -11.38 -11.00 -15.02
CA HIS B 68 -11.10 -9.77 -14.29
C HIS B 68 -10.29 -10.11 -13.04
N LEU B 69 -9.09 -9.56 -12.96
CA LEU B 69 -8.23 -9.81 -11.81
C LEU B 69 -8.23 -8.61 -10.85
N VAL B 70 -8.96 -8.75 -9.76
CA VAL B 70 -9.04 -7.71 -8.75
C VAL B 70 -8.01 -8.00 -7.66
N LEU B 71 -7.30 -6.97 -7.21
CA LEU B 71 -6.30 -7.13 -6.17
C LEU B 71 -6.89 -6.94 -4.79
N ARG B 72 -6.76 -7.96 -3.95
CA ARG B 72 -7.27 -7.92 -2.59
C ARG B 72 -6.11 -7.78 -1.60
N LEU B 73 -5.86 -6.56 -1.16
CA LEU B 73 -4.79 -6.31 -0.22
C LEU B 73 -5.25 -6.52 1.22
N ARG B 74 -4.55 -7.36 1.95
CA ARG B 74 -4.90 -7.67 3.32
C ARG B 74 -4.17 -6.75 4.30
N GLY B 75 -4.75 -5.58 4.53
CA GLY B 75 -4.14 -4.63 5.45
C GLY B 75 -3.74 -3.33 4.78
N CYS B 76 -4.05 -2.23 5.45
CA CYS B 76 -3.72 -0.90 4.94
C CYS B 76 -3.38 0.01 6.11
N ALA A 2 -7.05 3.92 25.84
CA ALA A 2 -6.36 4.31 24.59
C ALA A 2 -5.81 5.74 24.70
N SER A 3 -6.69 6.70 24.94
CA SER A 3 -6.31 8.10 25.06
C SER A 3 -5.17 8.34 26.05
N MET A 4 -5.19 7.62 27.17
CA MET A 4 -4.18 7.74 28.21
C MET A 4 -2.76 7.56 27.64
N ARG A 5 -2.54 6.46 26.94
CA ARG A 5 -1.23 6.18 26.37
C ARG A 5 -0.92 7.11 25.20
N VAL A 6 -1.95 7.43 24.42
CA VAL A 6 -1.80 8.32 23.27
C VAL A 6 -1.21 9.66 23.69
N VAL A 7 -1.76 10.23 24.75
CA VAL A 7 -1.28 11.52 25.26
C VAL A 7 0.18 11.39 25.72
N LYS A 8 0.48 10.28 26.37
CA LYS A 8 1.84 10.04 26.85
C LYS A 8 2.81 9.94 25.68
N GLU A 9 2.42 9.21 24.65
CA GLU A 9 3.24 9.05 23.46
C GLU A 9 3.41 10.39 22.76
N LEU A 10 2.35 11.19 22.76
CA LEU A 10 2.38 12.50 22.16
C LEU A 10 3.41 13.37 22.87
N GLU A 11 3.34 13.37 24.21
CA GLU A 11 4.28 14.14 25.01
C GLU A 11 5.70 13.66 24.75
N ASP A 12 5.87 12.34 24.69
CA ASP A 12 7.16 11.73 24.44
C ASP A 12 7.76 12.21 23.11
N LEU A 13 6.95 12.14 22.06
CA LEU A 13 7.38 12.55 20.74
C LEU A 13 7.53 14.05 20.60
N GLN A 14 6.78 14.82 21.38
CA GLN A 14 6.86 16.26 21.33
C GLN A 14 8.10 16.76 22.07
N LYS A 15 8.41 16.13 23.19
CA LYS A 15 9.58 16.50 23.98
C LYS A 15 10.85 16.01 23.29
N LYS A 16 10.74 14.86 22.64
CA LYS A 16 11.86 14.27 21.91
C LYS A 16 11.45 13.96 20.48
N PRO A 17 11.38 15.00 19.63
CA PRO A 17 10.98 14.86 18.24
C PRO A 17 12.14 14.49 17.32
N PRO A 18 11.98 13.44 16.50
CA PRO A 18 13.01 13.02 15.55
C PRO A 18 13.18 14.06 14.44
N PRO A 19 14.42 14.25 13.96
CA PRO A 19 14.73 15.23 12.91
C PRO A 19 13.86 15.10 11.66
N TYR A 20 13.46 13.87 11.34
CA TYR A 20 12.66 13.61 10.15
C TYR A 20 11.17 13.90 10.35
N LEU A 21 10.79 14.30 11.56
CA LEU A 21 9.40 14.61 11.85
C LEU A 21 9.25 16.04 12.35
N ARG A 22 8.42 16.82 11.68
CA ARG A 22 8.20 18.21 12.05
C ARG A 22 6.72 18.50 12.22
N ASN A 23 6.42 19.57 12.95
CA ASN A 23 5.04 19.99 13.21
C ASN A 23 4.20 18.84 13.75
N LEU A 24 4.56 18.36 14.93
CA LEU A 24 3.83 17.27 15.55
C LEU A 24 2.80 17.79 16.55
N SER A 25 1.54 17.70 16.16
CA SER A 25 0.46 18.15 17.02
C SER A 25 -0.76 17.25 16.83
N SER A 26 -1.52 17.08 17.89
CA SER A 26 -2.71 16.25 17.83
C SER A 26 -3.81 16.99 17.09
N ASP A 27 -4.81 16.24 16.65
CA ASP A 27 -5.93 16.81 15.94
C ASP A 27 -6.66 17.79 16.85
N ASP A 28 -7.04 18.92 16.29
CA ASP A 28 -7.71 19.97 17.06
C ASP A 28 -9.11 19.56 17.52
N ALA A 29 -9.62 18.47 16.96
CA ALA A 29 -10.95 17.98 17.31
C ALA A 29 -10.87 16.64 18.05
N ASN A 30 -10.00 15.75 17.60
CA ASN A 30 -9.86 14.43 18.24
C ASN A 30 -8.42 14.17 18.68
N VAL A 31 -8.24 13.91 19.97
CA VAL A 31 -6.91 13.65 20.52
C VAL A 31 -6.34 12.31 20.03
N LEU A 32 -7.21 11.45 19.49
CA LEU A 32 -6.79 10.15 18.99
C LEU A 32 -6.25 10.25 17.56
N VAL A 33 -6.18 11.46 17.04
CA VAL A 33 -5.67 11.68 15.69
C VAL A 33 -4.47 12.62 15.75
N TRP A 34 -3.41 12.29 15.03
CA TRP A 34 -2.22 13.13 15.02
C TRP A 34 -1.94 13.69 13.63
N HIS A 35 -1.37 14.89 13.61
CA HIS A 35 -1.02 15.56 12.36
C HIS A 35 0.46 15.93 12.41
N ALA A 36 1.23 15.45 11.44
CA ALA A 36 2.65 15.74 11.41
C ALA A 36 3.19 15.79 9.99
N LEU A 37 4.35 16.41 9.84
CA LEU A 37 5.01 16.54 8.55
C LEU A 37 6.26 15.68 8.51
N LEU A 38 6.32 14.77 7.55
CA LEU A 38 7.47 13.90 7.41
C LEU A 38 8.44 14.48 6.39
N LEU A 39 9.71 14.50 6.75
CA LEU A 39 10.75 15.04 5.87
C LEU A 39 11.68 13.94 5.40
N PRO A 40 11.42 13.38 4.20
CA PRO A 40 12.25 12.33 3.62
C PRO A 40 13.63 12.86 3.26
N ASP A 41 14.61 11.97 3.17
CA ASP A 41 15.98 12.37 2.85
C ASP A 41 16.38 11.93 1.44
N GLN A 42 15.79 10.84 0.97
CA GLN A 42 16.10 10.31 -0.34
C GLN A 42 15.66 11.29 -1.44
N PRO A 43 16.53 11.57 -2.43
CA PRO A 43 16.20 12.47 -3.52
C PRO A 43 15.16 11.84 -4.46
N PRO A 44 14.24 12.65 -5.00
CA PRO A 44 14.16 14.08 -4.75
C PRO A 44 13.11 14.42 -3.69
N TYR A 45 12.79 13.45 -2.83
CA TYR A 45 11.80 13.64 -1.78
C TYR A 45 12.27 14.70 -0.77
N HIS A 46 13.57 14.95 -0.73
CA HIS A 46 14.12 15.93 0.21
C HIS A 46 13.94 17.37 -0.28
N LEU A 47 13.16 17.54 -1.33
CA LEU A 47 12.91 18.87 -1.87
C LEU A 47 11.79 19.57 -1.12
N LYS A 48 10.84 18.77 -0.62
CA LYS A 48 9.70 19.31 0.12
C LYS A 48 9.35 18.41 1.30
N ALA A 49 8.17 18.60 1.86
CA ALA A 49 7.71 17.80 3.00
C ALA A 49 6.33 17.22 2.70
N PHE A 50 6.00 16.13 3.38
CA PHE A 50 4.71 15.48 3.20
C PHE A 50 3.95 15.39 4.52
N ASN A 51 2.66 15.65 4.48
CA ASN A 51 1.85 15.60 5.69
C ASN A 51 1.19 14.24 5.85
N LEU A 52 1.25 13.70 7.05
CA LEU A 52 0.67 12.40 7.34
C LEU A 52 -0.41 12.52 8.42
N ARG A 53 -1.34 11.59 8.40
CA ARG A 53 -2.42 11.57 9.36
C ARG A 53 -2.43 10.25 10.14
N ILE A 54 -2.19 10.34 11.43
CA ILE A 54 -2.17 9.16 12.29
C ILE A 54 -3.49 9.04 13.03
N SER A 55 -4.18 7.93 12.83
CA SER A 55 -5.46 7.70 13.48
C SER A 55 -5.38 6.53 14.46
N PHE A 56 -5.59 6.81 15.73
CA PHE A 56 -5.55 5.78 16.76
C PHE A 56 -6.94 5.23 17.01
N PRO A 57 -7.05 3.90 17.12
CA PRO A 57 -8.32 3.23 17.38
C PRO A 57 -8.62 3.23 18.88
N PRO A 58 -9.91 3.15 19.26
CA PRO A 58 -10.32 3.11 20.67
C PRO A 58 -9.82 1.86 21.39
N GLU A 59 -9.41 0.87 20.61
CA GLU A 59 -8.91 -0.39 21.16
C GLU A 59 -7.39 -0.36 21.35
N TYR A 60 -6.81 0.83 21.27
CA TYR A 60 -5.37 1.00 21.46
C TYR A 60 -4.98 0.64 22.89
N PRO A 61 -3.82 0.00 23.12
CA PRO A 61 -2.87 -0.37 22.06
C PRO A 61 -3.03 -1.81 21.57
N PHE A 62 -4.21 -2.38 21.79
CA PHE A 62 -4.49 -3.74 21.35
C PHE A 62 -4.71 -3.76 19.85
N LYS A 63 -5.04 -2.60 19.31
CA LYS A 63 -5.26 -2.44 17.89
C LYS A 63 -4.23 -1.47 17.31
N PRO A 64 -3.68 -1.77 16.12
CA PRO A 64 -2.68 -0.93 15.49
C PRO A 64 -3.26 0.39 14.97
N PRO A 65 -2.51 1.49 15.12
CA PRO A 65 -2.93 2.81 14.65
C PRO A 65 -2.80 2.92 13.13
N MET A 66 -3.81 3.48 12.49
CA MET A 66 -3.79 3.64 11.04
C MET A 66 -3.05 4.91 10.65
N ILE A 67 -1.96 4.75 9.93
CA ILE A 67 -1.17 5.88 9.48
C ILE A 67 -1.20 5.96 7.96
N LYS A 68 -1.54 7.14 7.45
CA LYS A 68 -1.60 7.34 6.01
C LYS A 68 -1.15 8.75 5.68
N PHE A 69 -0.95 9.03 4.41
CA PHE A 69 -0.52 10.36 3.99
C PHE A 69 -1.73 11.22 3.65
N THR A 70 -1.68 12.48 4.06
CA THR A 70 -2.75 13.41 3.78
C THR A 70 -2.50 14.11 2.44
N THR A 71 -1.24 14.11 2.03
CA THR A 71 -0.86 14.73 0.77
C THR A 71 -0.43 13.65 -0.23
N LYS A 72 -0.27 14.03 -1.49
CA LYS A 72 0.11 13.09 -2.52
C LYS A 72 1.62 12.92 -2.58
N ILE A 73 2.08 11.67 -2.50
CA ILE A 73 3.49 11.37 -2.56
C ILE A 73 3.78 10.32 -3.63
N TYR A 74 4.59 10.69 -4.62
CA TYR A 74 4.95 9.79 -5.71
C TYR A 74 5.94 8.73 -5.21
N HIS A 75 5.41 7.69 -4.60
CA HIS A 75 6.22 6.61 -4.05
C HIS A 75 5.65 5.26 -4.49
N PRO A 76 6.51 4.32 -4.91
CA PRO A 76 6.07 2.99 -5.37
C PRO A 76 5.44 2.12 -4.27
N ASN A 77 5.39 2.66 -3.06
CA ASN A 77 4.82 1.94 -1.93
C ASN A 77 3.62 2.69 -1.37
N VAL A 78 3.12 3.66 -2.14
CA VAL A 78 1.98 4.46 -1.75
C VAL A 78 0.99 4.56 -2.91
N ASP A 79 -0.29 4.66 -2.59
CA ASP A 79 -1.33 4.76 -3.62
C ASP A 79 -1.75 6.22 -3.84
N GLU A 80 -2.55 6.45 -4.88
CA GLU A 80 -3.00 7.81 -5.23
C GLU A 80 -3.93 8.42 -4.17
N ASN A 81 -4.32 7.65 -3.17
CA ASN A 81 -5.20 8.15 -2.11
C ASN A 81 -4.40 8.45 -0.85
N GLY A 82 -3.13 8.09 -0.89
CA GLY A 82 -2.26 8.30 0.24
C GLY A 82 -2.23 7.11 1.18
N GLN A 83 -2.67 5.97 0.67
CA GLN A 83 -2.70 4.74 1.45
C GLN A 83 -1.35 4.02 1.39
N ILE A 84 -0.97 3.44 2.51
CA ILE A 84 0.29 2.71 2.60
C ILE A 84 0.05 1.38 3.30
N CYS A 85 1.08 0.57 3.40
CA CYS A 85 0.99 -0.73 4.06
C CYS A 85 2.26 -1.01 4.83
N LEU A 86 2.28 -0.62 6.10
CA LEU A 86 3.44 -0.82 6.94
C LEU A 86 3.34 -2.16 7.66
N PRO A 87 4.26 -3.10 7.38
CA PRO A 87 4.26 -4.43 8.01
C PRO A 87 4.32 -4.35 9.52
N ILE A 88 4.89 -3.27 10.04
CA ILE A 88 5.02 -3.06 11.47
C ILE A 88 3.66 -2.88 12.16
N ILE A 89 2.67 -2.39 11.42
CA ILE A 89 1.33 -2.17 11.99
C ILE A 89 0.28 -3.06 11.34
N SER A 90 0.74 -4.09 10.64
CA SER A 90 -0.17 -5.02 9.99
C SER A 90 -0.95 -5.80 11.03
N SER A 91 -2.17 -6.19 10.68
CA SER A 91 -3.04 -6.94 11.60
C SER A 91 -2.49 -8.34 11.91
N GLU A 92 -1.34 -8.67 11.35
CA GLU A 92 -0.73 -9.97 11.59
C GLU A 92 0.66 -9.83 12.21
N ASN A 93 1.09 -8.60 12.47
CA ASN A 93 2.42 -8.37 13.03
C ASN A 93 2.41 -7.30 14.12
N TRP A 94 1.24 -6.78 14.45
CA TRP A 94 1.15 -5.73 15.47
C TRP A 94 1.54 -6.24 16.86
N LYS A 95 2.25 -5.40 17.59
CA LYS A 95 2.70 -5.71 18.95
C LYS A 95 2.37 -4.52 19.85
N PRO A 96 1.67 -4.74 20.96
CA PRO A 96 1.28 -3.67 21.89
C PRO A 96 2.48 -2.93 22.48
N CYS A 97 3.64 -3.58 22.47
CA CYS A 97 4.86 -3.00 23.02
C CYS A 97 5.48 -1.99 22.05
N THR A 98 4.97 -1.95 20.83
CA THR A 98 5.49 -1.03 19.83
C THR A 98 4.87 0.35 19.99
N LYS A 99 5.71 1.37 20.01
CA LYS A 99 5.25 2.74 20.15
C LYS A 99 5.18 3.42 18.79
N THR A 100 4.47 4.53 18.73
CA THR A 100 4.30 5.28 17.48
C THR A 100 5.64 5.75 16.92
N CYS A 101 6.57 6.08 17.81
CA CYS A 101 7.90 6.55 17.39
C CYS A 101 8.62 5.50 16.56
N GLN A 102 8.44 4.24 16.95
CA GLN A 102 9.07 3.13 16.25
C GLN A 102 8.45 2.93 14.88
N VAL A 103 7.14 3.14 14.81
CA VAL A 103 6.41 3.01 13.56
C VAL A 103 6.82 4.12 12.61
N LEU A 104 6.97 5.33 13.16
CA LEU A 104 7.39 6.48 12.37
C LEU A 104 8.77 6.27 11.77
N GLU A 105 9.65 5.63 12.53
CA GLU A 105 10.99 5.35 12.05
C GLU A 105 10.93 4.36 10.89
N ALA A 106 10.11 3.33 11.05
CA ALA A 106 9.94 2.31 10.02
C ALA A 106 9.39 2.93 8.75
N LEU A 107 8.43 3.83 8.91
CA LEU A 107 7.83 4.53 7.78
C LEU A 107 8.89 5.35 7.07
N ASN A 108 9.67 6.09 7.85
CA ASN A 108 10.76 6.92 7.31
C ASN A 108 11.74 6.06 6.50
N VAL A 109 12.00 4.86 7.00
CA VAL A 109 12.92 3.94 6.33
C VAL A 109 12.34 3.48 5.00
N LEU A 110 11.07 3.06 5.02
CA LEU A 110 10.41 2.60 3.81
C LEU A 110 10.24 3.72 2.78
N VAL A 111 10.18 4.95 3.25
CA VAL A 111 10.05 6.08 2.35
C VAL A 111 11.39 6.35 1.64
N ASN A 112 12.46 6.36 2.42
CA ASN A 112 13.80 6.60 1.87
C ASN A 112 14.29 5.39 1.08
N ARG A 113 13.89 4.21 1.53
CA ARG A 113 14.27 2.97 0.87
C ARG A 113 13.02 2.22 0.41
N PRO A 114 12.59 2.48 -0.83
CA PRO A 114 11.39 1.85 -1.40
C PRO A 114 11.56 0.34 -1.57
N ASN A 115 10.66 -0.42 -0.96
CA ASN A 115 10.71 -1.87 -1.05
C ASN A 115 10.27 -2.33 -2.43
N ILE A 116 11.22 -2.77 -3.24
CA ILE A 116 10.94 -3.23 -4.59
C ILE A 116 10.47 -4.69 -4.61
N ARG A 117 10.66 -5.38 -3.49
CA ARG A 117 10.25 -6.78 -3.40
C ARG A 117 8.73 -6.86 -3.41
N GLU A 118 8.10 -6.23 -2.42
CA GLU A 118 6.65 -6.21 -2.32
C GLU A 118 6.16 -4.76 -2.25
N PRO A 119 6.02 -4.10 -3.41
CA PRO A 119 5.56 -2.73 -3.49
C PRO A 119 4.05 -2.64 -3.70
N LEU A 120 3.51 -1.44 -3.53
CA LEU A 120 2.09 -1.23 -3.73
C LEU A 120 1.81 -0.86 -5.17
N ARG A 121 2.84 -0.38 -5.85
CA ARG A 121 2.74 0.02 -7.24
C ARG A 121 3.83 -0.65 -8.07
N MET A 122 3.48 -1.76 -8.70
CA MET A 122 4.42 -2.50 -9.54
C MET A 122 4.90 -1.65 -10.71
N ASP A 123 4.04 -0.73 -11.14
CA ASP A 123 4.35 0.17 -12.24
C ASP A 123 5.48 1.13 -11.87
N LEU A 124 5.37 1.73 -10.70
CA LEU A 124 6.38 2.66 -10.22
C LEU A 124 7.64 1.92 -9.79
N ALA A 125 7.46 0.74 -9.21
CA ALA A 125 8.59 -0.06 -8.76
C ALA A 125 9.46 -0.52 -9.93
N ASP A 126 8.80 -1.00 -10.99
CA ASP A 126 9.51 -1.47 -12.18
C ASP A 126 10.26 -0.32 -12.84
N LEU A 127 9.62 0.84 -12.88
CA LEU A 127 10.22 2.03 -13.48
C LEU A 127 11.50 2.41 -12.74
N LEU A 128 11.45 2.31 -11.42
CA LEU A 128 12.60 2.63 -10.58
C LEU A 128 13.74 1.63 -10.80
N THR A 129 13.37 0.41 -11.20
CA THR A 129 14.35 -0.63 -11.45
C THR A 129 14.90 -0.50 -12.87
N GLN A 130 14.06 -0.01 -13.78
CA GLN A 130 14.46 0.17 -15.18
C GLN A 130 15.36 1.40 -15.34
N ASN A 131 14.88 2.54 -14.87
CA ASN A 131 15.65 3.77 -14.97
C ASN A 131 15.33 4.70 -13.81
N PRO A 132 16.21 4.73 -12.80
CA PRO A 132 16.04 5.57 -11.60
C PRO A 132 15.92 7.05 -11.95
N GLU A 133 16.63 7.49 -12.98
CA GLU A 133 16.61 8.89 -13.41
C GLU A 133 15.21 9.29 -13.87
N LEU A 134 14.62 8.47 -14.73
CA LEU A 134 13.28 8.72 -15.25
C LEU A 134 12.28 8.81 -14.10
N PHE A 135 12.40 7.90 -13.15
CA PHE A 135 11.53 7.88 -11.99
C PHE A 135 11.77 9.13 -11.14
N ARG A 136 13.04 9.49 -11.00
CA ARG A 136 13.43 10.66 -10.24
C ARG A 136 12.83 11.93 -10.83
N LYS A 137 12.80 11.99 -12.16
CA LYS A 137 12.23 13.15 -12.86
C LYS A 137 10.75 13.30 -12.53
N ASN A 138 10.03 12.18 -12.61
CA ASN A 138 8.60 12.18 -12.32
C ASN A 138 8.34 12.55 -10.86
N ALA A 139 9.13 11.94 -9.97
CA ALA A 139 9.00 12.19 -8.54
C ALA A 139 9.33 13.65 -8.21
N GLU A 140 10.29 14.20 -8.95
CA GLU A 140 10.72 15.58 -8.75
C GLU A 140 9.56 16.54 -8.92
N GLU A 141 8.82 16.40 -10.02
CA GLU A 141 7.68 17.27 -10.28
C GLU A 141 6.60 17.06 -9.23
N PHE A 142 6.30 15.80 -8.94
CA PHE A 142 5.27 15.46 -7.95
C PHE A 142 5.57 16.08 -6.59
N THR A 143 6.82 15.98 -6.15
CA THR A 143 7.23 16.53 -4.87
C THR A 143 7.07 18.05 -4.85
N LEU A 144 7.34 18.69 -5.99
CA LEU A 144 7.24 20.13 -6.11
C LEU A 144 5.88 20.55 -6.64
N ARG A 145 4.91 19.65 -6.54
CA ARG A 145 3.56 19.92 -7.03
C ARG A 145 2.51 19.58 -5.97
N PHE A 146 2.69 18.46 -5.29
CA PHE A 146 1.75 18.02 -4.26
C PHE A 146 2.41 17.96 -2.89
N GLY A 147 3.60 18.53 -2.78
CA GLY A 147 4.32 18.53 -1.54
C GLY A 147 4.21 19.84 -0.80
N VAL A 148 4.32 19.79 0.51
CA VAL A 148 4.24 20.97 1.34
C VAL A 148 5.64 21.56 1.50
N ASP A 149 5.74 22.83 1.88
CA ASP A 149 7.04 23.48 2.05
C ASP A 149 7.91 22.75 3.07
N ARG A 150 9.22 22.78 2.85
CA ARG A 150 10.15 22.08 3.73
C ARG A 150 10.96 23.08 4.57
N PRO A 151 10.72 23.09 5.89
CA PRO A 151 11.43 23.98 6.81
C PRO A 151 12.80 23.42 7.21
N MET B 1 -8.45 -23.86 -24.44
CA MET B 1 -9.02 -22.63 -25.01
C MET B 1 -8.24 -21.41 -24.56
N GLN B 2 -8.36 -20.32 -25.31
CA GLN B 2 -7.66 -19.09 -24.99
C GLN B 2 -8.55 -18.13 -24.22
N ILE B 3 -8.08 -17.67 -23.08
CA ILE B 3 -8.82 -16.72 -22.27
C ILE B 3 -7.99 -15.46 -22.03
N PHE B 4 -8.66 -14.38 -21.65
CA PHE B 4 -7.98 -13.12 -21.41
C PHE B 4 -8.25 -12.63 -20.00
N VAL B 5 -7.18 -12.49 -19.22
CA VAL B 5 -7.30 -12.02 -17.85
C VAL B 5 -6.83 -10.58 -17.76
N LYS B 6 -7.74 -9.69 -17.40
CA LYS B 6 -7.41 -8.28 -17.29
C LYS B 6 -7.23 -7.87 -15.84
N THR B 7 -6.11 -7.23 -15.56
CA THR B 7 -5.82 -6.76 -14.21
C THR B 7 -6.36 -5.35 -14.02
N LEU B 8 -6.43 -4.89 -12.78
CA LEU B 8 -6.93 -3.55 -12.48
C LEU B 8 -6.02 -2.49 -13.11
N THR B 9 -4.77 -2.87 -13.35
CA THR B 9 -3.79 -1.99 -13.96
C THR B 9 -4.04 -1.82 -15.46
N GLY B 10 -4.99 -2.58 -15.99
CA GLY B 10 -5.31 -2.50 -17.40
C GLY B 10 -4.65 -3.60 -18.21
N LYS B 11 -3.48 -4.01 -17.75
CA LYS B 11 -2.71 -5.06 -18.43
C LYS B 11 -3.53 -6.34 -18.57
N THR B 12 -3.78 -6.74 -19.80
CA THR B 12 -4.52 -7.95 -20.09
C THR B 12 -3.56 -9.05 -20.52
N ILE B 13 -3.57 -10.16 -19.81
CA ILE B 13 -2.69 -11.28 -20.10
C ILE B 13 -3.44 -12.39 -20.82
N THR B 14 -2.72 -13.16 -21.61
CA THR B 14 -3.29 -14.26 -22.35
C THR B 14 -2.96 -15.58 -21.64
N LEU B 15 -3.97 -16.40 -21.41
CA LEU B 15 -3.75 -17.67 -20.74
C LEU B 15 -4.46 -18.81 -21.48
N GLU B 16 -3.86 -19.98 -21.46
CA GLU B 16 -4.43 -21.14 -22.12
C GLU B 16 -4.91 -22.15 -21.09
N VAL B 17 -6.22 -22.23 -20.93
CA VAL B 17 -6.84 -23.13 -19.97
C VAL B 17 -7.91 -23.98 -20.64
N GLU B 18 -8.36 -25.01 -19.96
CA GLU B 18 -9.39 -25.88 -20.49
C GLU B 18 -10.63 -25.81 -19.61
N PRO B 19 -11.81 -26.18 -20.14
CA PRO B 19 -13.06 -26.15 -19.36
C PRO B 19 -12.99 -27.07 -18.13
N SER B 20 -12.01 -27.96 -18.15
CA SER B 20 -11.79 -28.90 -17.06
C SER B 20 -10.88 -28.31 -15.98
N ASP B 21 -10.37 -27.11 -16.24
CA ASP B 21 -9.48 -26.44 -15.29
C ASP B 21 -10.25 -25.86 -14.12
N THR B 22 -9.79 -26.15 -12.92
CA THR B 22 -10.40 -25.63 -11.71
C THR B 22 -9.87 -24.22 -11.45
N ILE B 23 -10.69 -23.39 -10.80
CA ILE B 23 -10.30 -22.01 -10.50
C ILE B 23 -8.97 -21.96 -9.73
N GLU B 24 -8.82 -22.87 -8.77
CA GLU B 24 -7.60 -22.93 -7.97
C GLU B 24 -6.38 -23.21 -8.86
N ASN B 25 -6.62 -23.98 -9.93
CA ASN B 25 -5.56 -24.33 -10.87
C ASN B 25 -5.23 -23.11 -11.74
N VAL B 26 -6.26 -22.36 -12.09
CA VAL B 26 -6.08 -21.16 -12.91
C VAL B 26 -5.25 -20.13 -12.15
N LYS B 27 -5.53 -20.00 -10.85
CA LYS B 27 -4.80 -19.06 -10.01
C LYS B 27 -3.31 -19.37 -10.01
N ALA B 28 -2.99 -20.66 -9.96
CA ALA B 28 -1.59 -21.10 -9.95
C ALA B 28 -0.90 -20.70 -11.25
N LYS B 29 -1.62 -20.84 -12.37
CA LYS B 29 -1.07 -20.50 -13.68
C LYS B 29 -0.79 -19.00 -13.78
N ILE B 30 -1.62 -18.20 -13.13
CA ILE B 30 -1.43 -16.75 -13.13
C ILE B 30 -0.16 -16.40 -12.36
N GLN B 31 0.06 -17.08 -11.25
CA GLN B 31 1.24 -16.86 -10.42
C GLN B 31 2.47 -17.38 -11.15
N ASP B 32 2.26 -18.40 -11.96
CA ASP B 32 3.33 -19.03 -12.73
C ASP B 32 3.98 -18.04 -13.71
N LYS B 33 3.16 -17.24 -14.39
CA LYS B 33 3.67 -16.26 -15.35
C LYS B 33 3.83 -14.87 -14.75
N GLU B 34 2.78 -14.34 -14.14
CA GLU B 34 2.84 -13.00 -13.55
C GLU B 34 3.62 -12.99 -12.25
N GLY B 35 3.16 -13.78 -11.28
CA GLY B 35 3.83 -13.84 -10.00
C GLY B 35 2.91 -13.47 -8.84
N ILE B 36 1.70 -13.03 -9.17
CA ILE B 36 0.73 -12.63 -8.17
C ILE B 36 0.23 -13.86 -7.40
N PRO B 37 0.40 -13.87 -6.07
CA PRO B 37 -0.03 -14.98 -5.22
C PRO B 37 -1.54 -15.19 -5.26
N PRO B 38 -1.98 -16.46 -5.33
CA PRO B 38 -3.41 -16.82 -5.39
C PRO B 38 -4.23 -16.25 -4.22
N ASP B 39 -3.55 -16.00 -3.10
CA ASP B 39 -4.21 -15.45 -1.91
C ASP B 39 -4.64 -14.00 -2.16
N GLN B 40 -4.05 -13.40 -3.18
CA GLN B 40 -4.36 -12.02 -3.54
C GLN B 40 -5.08 -11.95 -4.88
N GLN B 41 -5.45 -13.11 -5.40
CA GLN B 41 -6.12 -13.18 -6.69
C GLN B 41 -7.64 -13.29 -6.55
N ARG B 42 -8.34 -12.19 -6.83
CA ARG B 42 -9.78 -12.19 -6.76
C ARG B 42 -10.36 -12.07 -8.17
N LEU B 43 -10.65 -13.22 -8.77
CA LEU B 43 -11.18 -13.26 -10.13
C LEU B 43 -12.69 -13.06 -10.17
N ILE B 44 -13.12 -12.08 -10.94
CA ILE B 44 -14.53 -11.78 -11.11
C ILE B 44 -14.94 -11.99 -12.56
N PHE B 45 -16.03 -12.73 -12.77
CA PHE B 45 -16.52 -12.99 -14.11
C PHE B 45 -18.03 -12.85 -14.19
N ALA B 46 -18.48 -11.89 -15.01
CA ALA B 46 -19.90 -11.62 -15.21
C ALA B 46 -20.60 -11.22 -13.91
N GLY B 47 -19.83 -10.64 -13.00
CA GLY B 47 -20.39 -10.21 -11.73
C GLY B 47 -20.34 -11.28 -10.66
N LYS B 48 -19.88 -12.47 -11.03
CA LYS B 48 -19.78 -13.58 -10.09
C LYS B 48 -18.34 -13.80 -9.67
N GLN B 49 -18.15 -14.21 -8.43
CA GLN B 49 -16.82 -14.47 -7.90
C GLN B 49 -16.44 -15.91 -8.18
N LEU B 50 -15.28 -16.12 -8.78
CA LEU B 50 -14.83 -17.46 -9.12
C LEU B 50 -14.33 -18.19 -7.86
N GLU B 51 -15.08 -19.20 -7.43
CA GLU B 51 -14.73 -19.97 -6.25
C GLU B 51 -13.58 -20.93 -6.58
N ASP B 52 -12.57 -20.95 -5.71
CA ASP B 52 -11.39 -21.79 -5.89
C ASP B 52 -11.72 -23.25 -6.22
N GLY B 53 -12.71 -23.79 -5.54
CA GLY B 53 -13.09 -25.18 -5.75
C GLY B 53 -14.03 -25.43 -6.91
N ARG B 54 -14.28 -24.42 -7.74
CA ARG B 54 -15.16 -24.58 -8.88
C ARG B 54 -14.38 -24.69 -10.18
N THR B 55 -15.02 -25.16 -11.23
CA THR B 55 -14.37 -25.31 -12.53
C THR B 55 -14.84 -24.20 -13.48
N LEU B 56 -14.15 -24.04 -14.59
CA LEU B 56 -14.50 -23.02 -15.57
C LEU B 56 -15.85 -23.34 -16.22
N SER B 57 -16.17 -24.62 -16.28
CA SER B 57 -17.43 -25.07 -16.86
C SER B 57 -18.61 -24.65 -15.99
N ASP B 58 -18.37 -24.53 -14.68
CA ASP B 58 -19.40 -24.13 -13.73
C ASP B 58 -19.98 -22.77 -14.08
N TYR B 59 -19.10 -21.84 -14.43
CA TYR B 59 -19.53 -20.49 -14.77
C TYR B 59 -19.78 -20.34 -16.27
N ASN B 60 -19.76 -21.47 -16.98
CA ASN B 60 -19.99 -21.50 -18.42
C ASN B 60 -18.99 -20.60 -19.16
N ILE B 61 -17.74 -20.72 -18.77
CA ILE B 61 -16.68 -19.93 -19.39
C ILE B 61 -16.22 -20.57 -20.69
N GLN B 62 -16.20 -19.77 -21.75
CA GLN B 62 -15.77 -20.24 -23.07
C GLN B 62 -14.49 -19.53 -23.49
N LYS B 63 -14.15 -19.64 -24.77
CA LYS B 63 -12.94 -19.01 -25.29
C LYS B 63 -13.14 -17.52 -25.48
N GLU B 64 -12.05 -16.76 -25.36
CA GLU B 64 -12.05 -15.31 -25.52
C GLU B 64 -12.78 -14.62 -24.39
N SER B 65 -12.96 -15.31 -23.27
CA SER B 65 -13.63 -14.75 -22.12
C SER B 65 -12.69 -13.83 -21.35
N THR B 66 -13.16 -12.63 -21.04
CA THR B 66 -12.36 -11.66 -20.30
C THR B 66 -12.64 -11.77 -18.80
N LEU B 67 -11.62 -12.16 -18.05
CA LEU B 67 -11.74 -12.30 -16.61
C LEU B 67 -11.17 -11.05 -15.95
N HIS B 68 -11.77 -10.62 -14.86
CA HIS B 68 -11.30 -9.44 -14.15
C HIS B 68 -10.55 -9.85 -12.90
N LEU B 69 -9.27 -9.53 -12.86
CA LEU B 69 -8.43 -9.88 -11.72
C LEU B 69 -8.30 -8.71 -10.75
N VAL B 70 -8.97 -8.82 -9.62
CA VAL B 70 -8.93 -7.81 -8.58
C VAL B 70 -7.85 -8.16 -7.58
N LEU B 71 -6.85 -7.29 -7.46
CA LEU B 71 -5.75 -7.52 -6.54
C LEU B 71 -6.18 -7.30 -5.10
N ARG B 72 -6.19 -8.37 -4.32
CA ARG B 72 -6.58 -8.31 -2.93
C ARG B 72 -5.34 -8.23 -2.03
N LEU B 73 -5.08 -7.05 -1.49
CA LEU B 73 -3.93 -6.86 -0.62
C LEU B 73 -4.29 -7.24 0.81
N ARG B 74 -3.50 -8.10 1.42
CA ARG B 74 -3.75 -8.54 2.77
C ARG B 74 -2.75 -7.94 3.75
N GLY B 75 -3.16 -6.88 4.43
CA GLY B 75 -2.29 -6.22 5.38
C GLY B 75 -1.96 -4.79 4.97
N CYS B 76 -2.83 -3.87 5.34
CA CYS B 76 -2.64 -2.46 5.01
C CYS B 76 -2.57 -1.64 6.29
N ALA A 2 -6.39 5.16 26.70
CA ALA A 2 -5.95 5.54 25.35
C ALA A 2 -5.28 6.92 25.34
N SER A 3 -6.08 7.97 25.50
CA SER A 3 -5.60 9.35 25.48
C SER A 3 -4.49 9.60 26.51
N MET A 4 -4.58 8.96 27.67
CA MET A 4 -3.58 9.12 28.73
C MET A 4 -2.17 8.80 28.23
N ARG A 5 -2.07 7.87 27.31
CA ARG A 5 -0.78 7.49 26.75
C ARG A 5 -0.48 8.32 25.51
N VAL A 6 -1.53 8.62 24.74
CA VAL A 6 -1.38 9.41 23.52
C VAL A 6 -0.77 10.78 23.81
N VAL A 7 -1.31 11.46 24.82
CA VAL A 7 -0.81 12.78 25.19
C VAL A 7 0.65 12.67 25.65
N LYS A 8 0.95 11.60 26.38
CA LYS A 8 2.30 11.38 26.88
C LYS A 8 3.28 11.17 25.73
N GLU A 9 2.94 10.24 24.82
CA GLU A 9 3.82 9.95 23.68
C GLU A 9 3.97 11.18 22.79
N LEU A 10 2.90 11.96 22.64
CA LEU A 10 2.94 13.17 21.83
C LEU A 10 3.91 14.17 22.43
N GLU A 11 3.70 14.50 23.69
CA GLU A 11 4.56 15.45 24.40
C GLU A 11 5.99 14.94 24.42
N ASP A 12 6.14 13.63 24.54
CA ASP A 12 7.45 12.99 24.59
C ASP A 12 8.19 13.17 23.27
N LEU A 13 7.50 12.88 22.17
CA LEU A 13 8.08 13.00 20.85
C LEU A 13 8.33 14.45 20.47
N GLN A 14 7.59 15.37 21.08
CA GLN A 14 7.77 16.79 20.81
C GLN A 14 9.05 17.30 21.47
N LYS A 15 9.49 16.59 22.51
CA LYS A 15 10.72 16.94 23.22
C LYS A 15 11.93 16.48 22.41
N LYS A 16 11.82 15.29 21.83
CA LYS A 16 12.90 14.72 21.03
C LYS A 16 12.33 14.22 19.70
N PRO A 17 12.11 15.13 18.74
CA PRO A 17 11.57 14.79 17.44
C PRO A 17 12.61 14.20 16.50
N PRO A 18 12.22 13.21 15.68
CA PRO A 18 13.12 12.58 14.72
C PRO A 18 13.50 13.54 13.60
N PRO A 19 14.74 13.45 13.08
CA PRO A 19 15.23 14.34 12.01
C PRO A 19 14.46 14.20 10.69
N TYR A 20 13.47 13.32 10.66
CA TYR A 20 12.69 13.12 9.44
C TYR A 20 11.20 13.40 9.68
N LEU A 21 10.87 13.93 10.85
CA LEU A 21 9.48 14.22 11.18
C LEU A 21 9.39 15.46 12.05
N ARG A 22 8.83 16.52 11.49
CA ARG A 22 8.69 17.78 12.20
C ARG A 22 7.26 18.29 12.15
N ASN A 23 6.99 19.36 12.89
CA ASN A 23 5.66 19.97 12.96
C ASN A 23 4.64 19.03 13.59
N LEU A 24 5.13 18.14 14.46
CA LEU A 24 4.25 17.19 15.14
C LEU A 24 3.33 17.89 16.12
N SER A 25 2.07 18.00 15.74
CA SER A 25 1.07 18.65 16.56
C SER A 25 -0.22 17.83 16.55
N SER A 26 -1.09 18.06 17.52
CA SER A 26 -2.36 17.36 17.58
C SER A 26 -3.40 18.08 16.73
N ASP A 27 -4.57 17.48 16.59
CA ASP A 27 -5.65 18.11 15.82
C ASP A 27 -6.22 19.28 16.61
N ASP A 28 -7.09 20.05 15.99
CA ASP A 28 -7.67 21.22 16.65
C ASP A 28 -8.92 20.84 17.43
N ALA A 29 -9.56 19.75 17.05
CA ALA A 29 -10.77 19.31 17.72
C ALA A 29 -10.63 17.91 18.29
N ASN A 30 -9.45 17.32 18.19
CA ASN A 30 -9.22 15.98 18.70
C ASN A 30 -7.77 15.77 19.09
N VAL A 31 -7.55 15.12 20.22
CA VAL A 31 -6.19 14.85 20.69
C VAL A 31 -5.71 13.48 20.19
N LEU A 32 -6.63 12.70 19.65
CA LEU A 32 -6.31 11.36 19.15
C LEU A 32 -5.88 11.41 17.67
N VAL A 33 -5.77 12.62 17.14
CA VAL A 33 -5.37 12.79 15.75
C VAL A 33 -4.08 13.61 15.67
N TRP A 34 -3.02 13.00 15.19
CA TRP A 34 -1.74 13.67 15.07
C TRP A 34 -1.51 14.19 13.66
N HIS A 35 -0.91 15.37 13.58
CA HIS A 35 -0.60 15.99 12.30
C HIS A 35 0.89 16.33 12.28
N ALA A 36 1.61 15.80 11.31
CA ALA A 36 3.04 16.05 11.20
C ALA A 36 3.53 16.00 9.76
N LEU A 37 4.73 16.49 9.54
CA LEU A 37 5.32 16.51 8.21
C LEU A 37 6.51 15.55 8.15
N LEU A 38 6.43 14.57 7.27
CA LEU A 38 7.49 13.59 7.11
C LEU A 38 8.45 14.08 6.03
N LEU A 39 9.74 13.96 6.29
CA LEU A 39 10.75 14.39 5.36
C LEU A 39 11.69 13.24 4.99
N PRO A 40 11.38 12.54 3.88
CA PRO A 40 12.20 11.42 3.42
C PRO A 40 13.53 11.92 2.86
N ASP A 41 14.56 11.10 2.94
CA ASP A 41 15.88 11.49 2.45
C ASP A 41 16.11 10.93 1.05
N GLN A 42 15.49 9.80 0.75
CA GLN A 42 15.63 9.15 -0.54
C GLN A 42 15.13 10.06 -1.66
N PRO A 43 15.93 10.20 -2.74
CA PRO A 43 15.56 11.03 -3.89
C PRO A 43 14.42 10.39 -4.68
N PRO A 44 13.51 11.19 -5.25
CA PRO A 44 13.54 12.64 -5.16
C PRO A 44 12.59 13.16 -4.07
N TYR A 45 12.27 12.31 -3.11
CA TYR A 45 11.36 12.66 -2.03
C TYR A 45 11.96 13.71 -1.09
N HIS A 46 13.26 13.93 -1.21
CA HIS A 46 13.94 14.91 -0.35
C HIS A 46 13.79 16.35 -0.86
N LEU A 47 12.93 16.55 -1.85
CA LEU A 47 12.71 17.88 -2.41
C LEU A 47 11.60 18.61 -1.65
N LYS A 48 10.61 17.84 -1.18
CA LYS A 48 9.49 18.42 -0.44
C LYS A 48 9.18 17.58 0.79
N ALA A 49 8.10 17.91 1.47
CA ALA A 49 7.67 17.19 2.65
C ALA A 49 6.27 16.63 2.45
N PHE A 50 5.94 15.58 3.19
CA PHE A 50 4.62 14.97 3.09
C PHE A 50 3.90 14.98 4.43
N ASN A 51 2.68 15.47 4.44
CA ASN A 51 1.89 15.55 5.66
C ASN A 51 1.16 14.23 5.91
N LEU A 52 1.28 13.71 7.12
CA LEU A 52 0.62 12.46 7.47
C LEU A 52 -0.38 12.68 8.60
N ARG A 53 -1.37 11.80 8.66
CA ARG A 53 -2.40 11.87 9.68
C ARG A 53 -2.43 10.59 10.50
N ILE A 54 -2.15 10.71 11.78
CA ILE A 54 -2.15 9.56 12.67
C ILE A 54 -3.43 9.56 13.50
N SER A 55 -4.27 8.55 13.28
CA SER A 55 -5.53 8.46 14.00
C SER A 55 -5.47 7.36 15.05
N PHE A 56 -5.58 7.76 16.31
CA PHE A 56 -5.54 6.81 17.42
C PHE A 56 -6.95 6.36 17.78
N PRO A 57 -7.19 5.05 17.79
CA PRO A 57 -8.49 4.49 18.13
C PRO A 57 -8.71 4.52 19.64
N PRO A 58 -9.98 4.57 20.09
CA PRO A 58 -10.31 4.60 21.52
C PRO A 58 -9.89 3.31 22.23
N GLU A 59 -9.61 2.28 21.44
CA GLU A 59 -9.21 0.99 21.98
C GLU A 59 -7.69 0.86 22.04
N TYR A 60 -7.00 2.00 21.97
CA TYR A 60 -5.55 2.02 22.03
C TYR A 60 -5.08 1.62 23.43
N PRO A 61 -3.95 0.88 23.55
CA PRO A 61 -3.13 0.44 22.42
C PRO A 61 -3.47 -0.97 21.95
N PHE A 62 -4.63 -1.48 22.35
CA PHE A 62 -5.04 -2.82 21.96
C PHE A 62 -5.34 -2.82 20.45
N LYS A 63 -5.77 -1.68 19.97
CA LYS A 63 -6.08 -1.50 18.56
C LYS A 63 -5.00 -0.64 17.91
N PRO A 64 -4.49 -1.06 16.74
CA PRO A 64 -3.44 -0.33 16.01
C PRO A 64 -3.91 1.04 15.51
N PRO A 65 -3.01 2.02 15.49
CA PRO A 65 -3.32 3.38 15.03
C PRO A 65 -3.42 3.45 13.51
N MET A 66 -4.39 4.19 13.01
CA MET A 66 -4.60 4.35 11.57
C MET A 66 -3.80 5.54 11.05
N ILE A 67 -2.72 5.26 10.33
CA ILE A 67 -1.89 6.32 9.78
C ILE A 67 -2.00 6.35 8.27
N LYS A 68 -2.20 7.54 7.72
CA LYS A 68 -2.31 7.72 6.29
C LYS A 68 -1.68 9.05 5.89
N PHE A 69 -1.37 9.20 4.62
CA PHE A 69 -0.76 10.43 4.12
C PHE A 69 -1.82 11.34 3.53
N THR A 70 -1.75 12.62 3.87
CA THR A 70 -2.69 13.59 3.35
C THR A 70 -2.17 14.11 2.01
N THR A 71 -0.85 14.22 1.92
CA THR A 71 -0.18 14.70 0.73
C THR A 71 -0.02 13.56 -0.28
N LYS A 72 -0.23 13.88 -1.55
CA LYS A 72 -0.11 12.89 -2.62
C LYS A 72 1.36 12.53 -2.83
N ILE A 73 1.74 11.33 -2.40
CA ILE A 73 3.11 10.86 -2.54
C ILE A 73 3.21 9.73 -3.57
N TYR A 74 4.01 9.96 -4.60
CA TYR A 74 4.20 8.97 -5.65
C TYR A 74 5.14 7.86 -5.18
N HIS A 75 4.60 6.94 -4.38
CA HIS A 75 5.37 5.84 -3.83
C HIS A 75 4.67 4.52 -4.13
N PRO A 76 5.42 3.50 -4.61
CA PRO A 76 4.86 2.18 -4.96
C PRO A 76 4.18 1.46 -3.79
N ASN A 77 4.43 1.91 -2.58
CA ASN A 77 3.83 1.29 -1.40
C ASN A 77 2.76 2.19 -0.80
N VAL A 78 2.27 3.13 -1.60
CA VAL A 78 1.23 4.05 -1.16
C VAL A 78 0.18 4.18 -2.26
N ASP A 79 -1.07 4.29 -1.88
CA ASP A 79 -2.16 4.43 -2.85
C ASP A 79 -2.40 5.90 -3.16
N GLU A 80 -3.20 6.17 -4.20
CA GLU A 80 -3.50 7.54 -4.62
C GLU A 80 -4.20 8.36 -3.52
N ASN A 81 -4.88 7.69 -2.60
CA ASN A 81 -5.57 8.37 -1.51
C ASN A 81 -4.62 8.66 -0.36
N GLY A 82 -3.56 7.89 -0.26
CA GLY A 82 -2.58 8.09 0.80
C GLY A 82 -2.60 6.97 1.82
N GLN A 83 -3.20 5.84 1.45
CA GLN A 83 -3.27 4.69 2.34
C GLN A 83 -1.97 3.91 2.29
N ILE A 84 -1.54 3.40 3.43
CA ILE A 84 -0.30 2.64 3.52
C ILE A 84 -0.51 1.34 4.29
N CYS A 85 0.19 0.30 3.87
CA CYS A 85 0.10 -1.00 4.52
C CYS A 85 1.37 -1.27 5.31
N LEU A 86 1.34 -0.97 6.59
CA LEU A 86 2.47 -1.18 7.47
C LEU A 86 2.29 -2.46 8.28
N PRO A 87 3.12 -3.49 8.01
CA PRO A 87 3.05 -4.79 8.69
C PRO A 87 3.13 -4.71 10.21
N ILE A 88 3.87 -3.73 10.73
CA ILE A 88 4.02 -3.58 12.18
C ILE A 88 2.71 -3.18 12.86
N ILE A 89 1.76 -2.64 12.09
CA ILE A 89 0.47 -2.24 12.63
C ILE A 89 -0.65 -2.98 11.93
N SER A 90 -0.34 -4.15 11.39
CA SER A 90 -1.33 -4.95 10.70
C SER A 90 -2.22 -5.66 11.71
N SER A 91 -3.42 -6.00 11.31
CA SER A 91 -4.37 -6.67 12.19
C SER A 91 -3.96 -8.11 12.47
N GLU A 92 -2.88 -8.56 11.86
CA GLU A 92 -2.41 -9.92 12.04
C GLU A 92 -1.02 -9.96 12.69
N ASN A 93 -0.42 -8.79 12.89
CA ASN A 93 0.90 -8.71 13.49
C ASN A 93 1.06 -7.43 14.30
N TRP A 94 0.13 -7.18 15.21
CA TRP A 94 0.17 -5.99 16.04
C TRP A 94 0.27 -6.36 17.52
N LYS A 95 1.12 -5.64 18.23
CA LYS A 95 1.31 -5.86 19.66
C LYS A 95 1.08 -4.57 20.42
N PRO A 96 0.23 -4.60 21.47
CA PRO A 96 -0.08 -3.41 22.28
C PRO A 96 1.13 -2.86 23.04
N CYS A 97 2.22 -3.62 23.05
CA CYS A 97 3.43 -3.21 23.75
C CYS A 97 4.32 -2.37 22.84
N THR A 98 3.85 -2.12 21.63
CA THR A 98 4.60 -1.32 20.67
C THR A 98 4.32 0.16 20.88
N LYS A 99 5.36 0.97 20.86
CA LYS A 99 5.21 2.40 21.04
C LYS A 99 5.02 3.08 19.69
N THR A 100 4.40 4.25 19.71
CA THR A 100 4.14 4.99 18.48
C THR A 100 5.44 5.36 17.75
N CYS A 101 6.51 5.54 18.53
CA CYS A 101 7.81 5.87 17.97
C CYS A 101 8.31 4.74 17.06
N GLN A 102 8.02 3.50 17.45
CA GLN A 102 8.42 2.34 16.69
C GLN A 102 7.68 2.29 15.36
N VAL A 103 6.41 2.67 15.38
CA VAL A 103 5.59 2.70 14.19
C VAL A 103 6.16 3.69 13.18
N LEU A 104 6.51 4.87 13.68
CA LEU A 104 7.08 5.92 12.85
C LEU A 104 8.43 5.49 12.28
N GLU A 105 9.20 4.79 13.11
CA GLU A 105 10.51 4.30 12.72
C GLU A 105 10.37 3.32 11.56
N ALA A 106 9.51 2.33 11.75
CA ALA A 106 9.28 1.31 10.73
C ALA A 106 8.72 1.92 9.46
N LEU A 107 7.84 2.90 9.61
CA LEU A 107 7.23 3.58 8.48
C LEU A 107 8.30 4.29 7.65
N ASN A 108 9.17 5.03 8.34
CA ASN A 108 10.25 5.76 7.69
C ASN A 108 11.12 4.82 6.86
N VAL A 109 11.30 3.60 7.36
CA VAL A 109 12.10 2.60 6.65
C VAL A 109 11.45 2.26 5.31
N LEU A 110 10.15 1.97 5.34
CA LEU A 110 9.41 1.62 4.13
C LEU A 110 9.28 2.80 3.17
N VAL A 111 9.33 4.01 3.70
CA VAL A 111 9.22 5.20 2.88
C VAL A 111 10.50 5.41 2.07
N ASN A 112 11.64 5.28 2.73
CA ASN A 112 12.92 5.46 2.07
C ASN A 112 13.32 4.20 1.31
N ARG A 113 12.82 3.05 1.76
CA ARG A 113 13.11 1.79 1.11
C ARG A 113 11.84 1.19 0.53
N PRO A 114 11.55 1.45 -0.75
CA PRO A 114 10.35 0.95 -1.42
C PRO A 114 10.37 -0.56 -1.58
N ASN A 115 9.47 -1.23 -0.87
CA ASN A 115 9.39 -2.68 -0.95
C ASN A 115 8.75 -3.12 -2.26
N ILE A 116 9.58 -3.56 -3.20
CA ILE A 116 9.11 -4.00 -4.50
C ILE A 116 8.59 -5.43 -4.46
N ARG A 117 8.78 -6.10 -3.34
CA ARG A 117 8.32 -7.48 -3.18
C ARG A 117 6.83 -7.47 -2.88
N GLU A 118 6.45 -6.71 -1.86
CA GLU A 118 5.07 -6.58 -1.44
C GLU A 118 4.65 -5.12 -1.45
N PRO A 119 4.35 -4.56 -2.64
CA PRO A 119 3.94 -3.18 -2.79
C PRO A 119 2.43 -3.03 -2.90
N LEU A 120 1.98 -1.81 -3.10
CA LEU A 120 0.56 -1.52 -3.24
C LEU A 120 0.22 -1.30 -4.71
N ARG A 121 1.16 -0.68 -5.41
CA ARG A 121 0.99 -0.41 -6.83
C ARG A 121 2.07 -1.11 -7.63
N MET A 122 1.70 -2.20 -8.29
CA MET A 122 2.66 -2.98 -9.08
C MET A 122 3.23 -2.16 -10.23
N ASP A 123 2.40 -1.31 -10.81
CA ASP A 123 2.83 -0.46 -11.92
C ASP A 123 3.97 0.46 -11.52
N LEU A 124 3.85 1.08 -10.35
CA LEU A 124 4.87 1.98 -9.84
C LEU A 124 6.11 1.19 -9.41
N ALA A 125 5.88 0.05 -8.75
CA ALA A 125 6.97 -0.78 -8.28
C ALA A 125 7.82 -1.32 -9.43
N ASP A 126 7.16 -1.88 -10.43
CA ASP A 126 7.83 -2.43 -11.60
C ASP A 126 8.60 -1.34 -12.34
N LEU A 127 8.02 -0.15 -12.41
CA LEU A 127 8.65 0.97 -13.08
C LEU A 127 9.99 1.30 -12.44
N LEU A 128 10.03 1.24 -11.11
CA LEU A 128 11.25 1.53 -10.36
C LEU A 128 12.31 0.46 -10.62
N THR A 129 11.87 -0.76 -10.91
CA THR A 129 12.78 -1.85 -11.19
C THR A 129 13.30 -1.74 -12.63
N GLN A 130 12.39 -1.42 -13.54
CA GLN A 130 12.73 -1.29 -14.96
C GLN A 130 13.64 -0.10 -15.21
N ASN A 131 13.16 1.10 -14.88
CA ASN A 131 13.93 2.31 -15.10
C ASN A 131 13.78 3.27 -13.93
N PRO A 132 14.78 3.28 -13.02
CA PRO A 132 14.78 4.14 -11.83
C PRO A 132 14.71 5.62 -12.19
N GLU A 133 15.24 5.99 -13.35
CA GLU A 133 15.23 7.38 -13.79
C GLU A 133 13.83 7.83 -14.16
N LEU A 134 13.13 7.03 -14.96
CA LEU A 134 11.77 7.35 -15.37
C LEU A 134 10.87 7.51 -14.15
N PHE A 135 11.01 6.60 -13.19
CA PHE A 135 10.22 6.66 -11.97
C PHE A 135 10.58 7.90 -11.16
N ARG A 136 11.89 8.15 -11.06
CA ARG A 136 12.39 9.30 -10.32
C ARG A 136 11.86 10.60 -10.92
N LYS A 137 11.85 10.67 -12.24
CA LYS A 137 11.38 11.86 -12.95
C LYS A 137 9.90 12.09 -12.68
N ASN A 138 9.12 11.01 -12.72
CA ASN A 138 7.68 11.11 -12.47
C ASN A 138 7.43 11.50 -11.02
N ALA A 139 8.12 10.83 -10.10
CA ALA A 139 7.97 11.12 -8.68
C ALA A 139 8.41 12.54 -8.35
N GLU A 140 9.47 13.00 -9.01
CA GLU A 140 10.01 14.34 -8.80
C GLU A 140 8.93 15.39 -9.08
N GLU A 141 8.31 15.28 -10.24
CA GLU A 141 7.26 16.21 -10.64
C GLU A 141 6.11 16.19 -9.64
N PHE A 142 5.71 15.00 -9.22
CA PHE A 142 4.61 14.85 -8.26
C PHE A 142 4.97 15.47 -6.93
N THR A 143 6.21 15.28 -6.50
CA THR A 143 6.67 15.83 -5.23
C THR A 143 6.63 17.36 -5.29
N LEU A 144 7.02 17.92 -6.43
CA LEU A 144 7.02 19.36 -6.62
C LEU A 144 5.66 19.85 -7.13
N ARG A 145 4.65 19.01 -6.98
CA ARG A 145 3.30 19.33 -7.43
C ARG A 145 2.35 19.41 -6.25
N PHE A 146 2.22 18.31 -5.52
CA PHE A 146 1.31 18.26 -4.38
C PHE A 146 2.06 18.28 -3.06
N GLY A 147 3.37 18.02 -3.12
CA GLY A 147 4.18 17.98 -1.93
C GLY A 147 4.26 19.31 -1.19
N VAL A 148 4.33 19.23 0.12
CA VAL A 148 4.43 20.41 0.96
C VAL A 148 5.86 20.93 0.91
N ASP A 149 6.05 22.23 1.03
CA ASP A 149 7.39 22.81 0.98
C ASP A 149 8.30 22.21 2.04
N ARG A 150 9.57 22.05 1.71
CA ARG A 150 10.56 21.47 2.62
C ARG A 150 10.94 22.47 3.71
N PRO A 151 10.55 22.19 4.97
CA PRO A 151 10.85 23.06 6.11
C PRO A 151 12.35 23.06 6.42
N MET B 1 -7.37 -22.21 -25.54
CA MET B 1 -8.02 -20.93 -25.93
C MET B 1 -7.29 -19.75 -25.30
N GLN B 2 -7.40 -18.59 -25.93
CA GLN B 2 -6.76 -17.38 -25.45
C GLN B 2 -7.73 -16.47 -24.72
N ILE B 3 -7.38 -16.09 -23.50
CA ILE B 3 -8.20 -15.19 -22.70
C ILE B 3 -7.36 -14.02 -22.22
N PHE B 4 -7.99 -13.01 -21.66
CA PHE B 4 -7.27 -11.84 -21.18
C PHE B 4 -7.53 -11.60 -19.70
N VAL B 5 -6.48 -11.27 -18.96
CA VAL B 5 -6.58 -11.00 -17.54
C VAL B 5 -6.19 -9.56 -17.27
N LYS B 6 -7.12 -8.78 -16.71
CA LYS B 6 -6.87 -7.38 -16.42
C LYS B 6 -6.74 -7.14 -14.92
N THR B 7 -5.75 -6.36 -14.54
CA THR B 7 -5.52 -6.04 -13.14
C THR B 7 -6.06 -4.64 -12.80
N LEU B 8 -5.85 -4.23 -11.56
CA LEU B 8 -6.32 -2.92 -11.09
C LEU B 8 -5.46 -1.77 -11.62
N THR B 9 -4.31 -2.10 -12.18
CA THR B 9 -3.41 -1.09 -12.71
C THR B 9 -3.65 -0.89 -14.20
N GLY B 10 -4.48 -1.75 -14.77
CA GLY B 10 -4.78 -1.66 -16.19
C GLY B 10 -3.96 -2.66 -16.99
N LYS B 11 -2.97 -3.25 -16.33
CA LYS B 11 -2.10 -4.23 -16.94
C LYS B 11 -2.90 -5.46 -17.35
N THR B 12 -3.03 -5.65 -18.65
CA THR B 12 -3.77 -6.78 -19.19
C THR B 12 -2.83 -7.79 -19.84
N ILE B 13 -2.84 -9.01 -19.33
CA ILE B 13 -1.99 -10.06 -19.84
C ILE B 13 -2.79 -11.12 -20.57
N THR B 14 -2.13 -11.87 -21.42
CA THR B 14 -2.77 -12.93 -22.17
C THR B 14 -2.60 -14.25 -21.41
N LEU B 15 -3.62 -15.10 -21.44
CA LEU B 15 -3.54 -16.36 -20.74
C LEU B 15 -3.98 -17.52 -21.63
N GLU B 16 -3.18 -18.58 -21.61
CA GLU B 16 -3.45 -19.78 -22.39
C GLU B 16 -4.10 -20.83 -21.51
N VAL B 17 -5.41 -21.00 -21.67
CA VAL B 17 -6.16 -21.96 -20.87
C VAL B 17 -7.16 -22.72 -21.72
N GLU B 18 -7.78 -23.72 -21.12
CA GLU B 18 -8.77 -24.53 -21.80
C GLU B 18 -10.06 -24.53 -20.99
N PRO B 19 -11.21 -24.84 -21.61
CA PRO B 19 -12.49 -24.87 -20.89
C PRO B 19 -12.45 -25.85 -19.71
N SER B 20 -11.62 -26.87 -19.84
CA SER B 20 -11.47 -27.89 -18.81
C SER B 20 -10.46 -27.49 -17.74
N ASP B 21 -9.95 -26.27 -17.84
CA ASP B 21 -8.98 -25.78 -16.87
C ASP B 21 -9.66 -25.28 -15.61
N THR B 22 -9.06 -25.61 -14.48
CA THR B 22 -9.60 -25.20 -13.19
C THR B 22 -9.04 -23.84 -12.80
N ILE B 23 -9.82 -23.08 -12.03
CA ILE B 23 -9.39 -21.75 -11.61
C ILE B 23 -8.08 -21.80 -10.83
N GLU B 24 -7.88 -22.88 -10.08
CA GLU B 24 -6.66 -23.06 -9.30
C GLU B 24 -5.44 -23.12 -10.23
N ASN B 25 -5.62 -23.75 -11.40
CA ASN B 25 -4.54 -23.85 -12.37
C ASN B 25 -4.38 -22.53 -13.11
N VAL B 26 -5.49 -21.83 -13.28
CA VAL B 26 -5.49 -20.52 -13.93
C VAL B 26 -4.62 -19.57 -13.14
N LYS B 27 -4.82 -19.55 -11.82
CA LYS B 27 -4.04 -18.70 -10.93
C LYS B 27 -2.57 -19.08 -11.00
N ALA B 28 -2.30 -20.39 -11.09
CA ALA B 28 -0.95 -20.90 -11.17
C ALA B 28 -0.24 -20.38 -12.42
N LYS B 29 -0.98 -20.33 -13.53
CA LYS B 29 -0.43 -19.83 -14.79
C LYS B 29 -0.12 -18.35 -14.70
N ILE B 30 -0.98 -17.60 -14.00
CA ILE B 30 -0.76 -16.17 -13.81
C ILE B 30 0.43 -15.95 -12.89
N GLN B 31 0.54 -16.79 -11.86
CA GLN B 31 1.64 -16.72 -10.91
C GLN B 31 2.97 -17.01 -11.59
N ASP B 32 2.93 -17.80 -12.66
CA ASP B 32 4.13 -18.16 -13.39
C ASP B 32 4.69 -16.98 -14.19
N LYS B 33 3.82 -16.29 -14.92
CA LYS B 33 4.26 -15.16 -15.74
C LYS B 33 4.38 -13.85 -14.97
N GLU B 34 3.35 -13.49 -14.23
CA GLU B 34 3.35 -12.24 -13.47
C GLU B 34 4.13 -12.35 -12.17
N GLY B 35 3.91 -13.42 -11.43
CA GLY B 35 4.60 -13.61 -10.17
C GLY B 35 3.75 -13.18 -8.99
N ILE B 36 2.44 -13.24 -9.16
CA ILE B 36 1.50 -12.85 -8.11
C ILE B 36 0.95 -14.11 -7.43
N PRO B 37 1.12 -14.22 -6.10
CA PRO B 37 0.63 -15.37 -5.33
C PRO B 37 -0.86 -15.62 -5.55
N PRO B 38 -1.24 -16.89 -5.80
CA PRO B 38 -2.64 -17.29 -6.04
C PRO B 38 -3.58 -16.90 -4.90
N ASP B 39 -3.02 -16.82 -3.68
CA ASP B 39 -3.80 -16.45 -2.51
C ASP B 39 -4.28 -15.01 -2.60
N GLN B 40 -3.49 -14.19 -3.26
CA GLN B 40 -3.81 -12.78 -3.43
C GLN B 40 -4.52 -12.51 -4.75
N GLN B 41 -4.84 -13.59 -5.47
CA GLN B 41 -5.49 -13.48 -6.76
C GLN B 41 -7.01 -13.64 -6.63
N ARG B 42 -7.72 -12.52 -6.63
CA ARG B 42 -9.17 -12.57 -6.56
C ARG B 42 -9.75 -12.41 -7.96
N LEU B 43 -9.90 -13.53 -8.65
CA LEU B 43 -10.43 -13.55 -10.01
C LEU B 43 -11.94 -13.32 -10.04
N ILE B 44 -12.35 -12.26 -10.72
CA ILE B 44 -13.75 -11.90 -10.83
C ILE B 44 -14.16 -11.92 -12.31
N PHE B 45 -15.28 -12.58 -12.60
CA PHE B 45 -15.80 -12.65 -13.95
C PHE B 45 -17.31 -12.48 -13.95
N ALA B 46 -17.81 -11.54 -14.75
CA ALA B 46 -19.24 -11.26 -14.85
C ALA B 46 -19.83 -10.88 -13.50
N GLY B 47 -19.00 -10.30 -12.64
CA GLY B 47 -19.45 -9.89 -11.33
C GLY B 47 -19.49 -11.03 -10.33
N LYS B 48 -18.99 -12.20 -10.73
CA LYS B 48 -18.97 -13.35 -9.86
C LYS B 48 -17.55 -13.78 -9.57
N GLN B 49 -17.34 -14.37 -8.39
CA GLN B 49 -16.02 -14.84 -8.00
C GLN B 49 -15.76 -16.21 -8.58
N LEU B 50 -14.53 -16.44 -9.00
CA LEU B 50 -14.15 -17.73 -9.57
C LEU B 50 -13.52 -18.62 -8.52
N GLU B 51 -14.20 -19.70 -8.19
CA GLU B 51 -13.71 -20.65 -7.19
C GLU B 51 -12.66 -21.56 -7.82
N ASP B 52 -11.54 -21.72 -7.11
CA ASP B 52 -10.42 -22.55 -7.57
C ASP B 52 -10.85 -23.96 -7.94
N GLY B 53 -11.85 -24.48 -7.25
CA GLY B 53 -12.34 -25.81 -7.50
C GLY B 53 -13.17 -25.91 -8.77
N ARG B 54 -13.66 -24.78 -9.24
CA ARG B 54 -14.50 -24.76 -10.43
C ARG B 54 -13.65 -24.66 -11.69
N THR B 55 -14.26 -24.99 -12.81
CA THR B 55 -13.59 -24.94 -14.09
C THR B 55 -14.11 -23.75 -14.89
N LEU B 56 -13.43 -23.41 -15.97
CA LEU B 56 -13.86 -22.30 -16.81
C LEU B 56 -15.22 -22.57 -17.43
N SER B 57 -15.48 -23.84 -17.75
CA SER B 57 -16.74 -24.24 -18.34
C SER B 57 -17.89 -24.08 -17.34
N ASP B 58 -17.56 -24.17 -16.05
CA ASP B 58 -18.56 -24.04 -15.00
C ASP B 58 -19.22 -22.67 -15.04
N TYR B 59 -18.42 -21.65 -15.28
CA TYR B 59 -18.93 -20.28 -15.36
C TYR B 59 -19.23 -19.91 -16.81
N ASN B 60 -19.01 -20.86 -17.71
CA ASN B 60 -19.23 -20.67 -19.15
C ASN B 60 -18.27 -19.64 -19.73
N ILE B 61 -17.02 -19.69 -19.30
CA ILE B 61 -15.99 -18.77 -19.77
C ILE B 61 -15.35 -19.33 -21.02
N GLN B 62 -15.46 -18.59 -22.12
CA GLN B 62 -14.88 -19.00 -23.39
C GLN B 62 -13.68 -18.13 -23.75
N LYS B 63 -13.19 -18.27 -24.97
CA LYS B 63 -12.05 -17.50 -25.43
C LYS B 63 -12.40 -16.02 -25.61
N GLU B 64 -11.37 -15.18 -25.65
CA GLU B 64 -11.53 -13.73 -25.84
C GLU B 64 -12.27 -13.07 -24.68
N SER B 65 -12.32 -13.75 -23.55
CA SER B 65 -12.98 -13.20 -22.38
C SER B 65 -11.97 -12.47 -21.50
N THR B 66 -12.42 -11.46 -20.77
CA THR B 66 -11.55 -10.69 -19.91
C THR B 66 -11.87 -10.90 -18.44
N LEU B 67 -10.92 -11.46 -17.71
CA LEU B 67 -11.10 -11.71 -16.29
C LEU B 67 -10.50 -10.56 -15.50
N HIS B 68 -11.08 -10.25 -14.36
CA HIS B 68 -10.57 -9.17 -13.51
C HIS B 68 -9.81 -9.74 -12.33
N LEU B 69 -8.56 -9.34 -12.19
CA LEU B 69 -7.72 -9.82 -11.11
C LEU B 69 -7.59 -8.78 -10.01
N VAL B 70 -8.32 -8.99 -8.93
CA VAL B 70 -8.25 -8.10 -7.79
C VAL B 70 -7.18 -8.59 -6.82
N LEU B 71 -6.27 -7.70 -6.46
CA LEU B 71 -5.18 -8.07 -5.54
C LEU B 71 -5.62 -8.00 -4.09
N ARG B 72 -5.43 -9.11 -3.38
CA ARG B 72 -5.79 -9.20 -1.98
C ARG B 72 -4.56 -8.97 -1.11
N LEU B 73 -4.53 -7.86 -0.39
CA LEU B 73 -3.39 -7.54 0.46
C LEU B 73 -3.54 -8.14 1.84
N ARG B 74 -2.99 -9.33 2.03
CA ARG B 74 -3.04 -10.02 3.31
C ARG B 74 -1.94 -9.49 4.23
N GLY B 75 -2.35 -8.74 5.25
CA GLY B 75 -1.40 -8.18 6.18
C GLY B 75 -1.53 -6.66 6.23
N CYS B 76 -2.72 -6.20 6.61
CA CYS B 76 -2.98 -4.78 6.69
C CYS B 76 -3.80 -4.48 7.94
N ALA A 2 -6.35 4.91 26.88
CA ALA A 2 -5.82 5.21 25.54
C ALA A 2 -5.21 6.60 25.48
N SER A 3 -6.06 7.62 25.64
CA SER A 3 -5.63 9.02 25.59
C SER A 3 -4.47 9.33 26.54
N MET A 4 -4.48 8.73 27.72
CA MET A 4 -3.42 8.95 28.71
C MET A 4 -2.04 8.65 28.12
N ARG A 5 -1.90 7.48 27.51
CA ARG A 5 -0.64 7.08 26.91
C ARG A 5 -0.33 7.94 25.68
N VAL A 6 -1.37 8.26 24.92
CA VAL A 6 -1.21 9.08 23.72
C VAL A 6 -0.57 10.42 24.08
N VAL A 7 -1.09 11.06 25.13
CA VAL A 7 -0.55 12.34 25.57
C VAL A 7 0.90 12.19 26.03
N LYS A 8 1.19 11.08 26.70
CA LYS A 8 2.53 10.80 27.17
C LYS A 8 3.49 10.63 26.00
N GLU A 9 3.04 9.92 24.97
CA GLU A 9 3.86 9.70 23.77
C GLU A 9 4.00 11.00 22.97
N LEU A 10 2.95 11.81 22.99
CA LEU A 10 2.96 13.09 22.30
C LEU A 10 4.03 13.99 22.90
N GLU A 11 3.98 14.16 24.21
CA GLU A 11 4.95 14.97 24.91
C GLU A 11 6.32 14.29 24.96
N ASP A 12 6.37 13.04 24.54
CA ASP A 12 7.61 12.28 24.52
C ASP A 12 8.40 12.66 23.27
N LEU A 13 7.75 12.52 22.12
CA LEU A 13 8.38 12.83 20.83
C LEU A 13 8.46 14.34 20.61
N GLN A 14 7.66 15.09 21.37
CA GLN A 14 7.66 16.55 21.25
C GLN A 14 8.95 17.14 21.81
N LYS A 15 9.62 16.39 22.67
CA LYS A 15 10.87 16.84 23.27
C LYS A 15 12.06 16.44 22.40
N LYS A 16 11.99 15.24 21.83
CA LYS A 16 13.05 14.74 20.98
C LYS A 16 12.48 14.19 19.67
N PRO A 17 12.17 15.07 18.72
CA PRO A 17 11.61 14.67 17.43
C PRO A 17 12.71 14.32 16.42
N PRO A 18 12.48 13.29 15.60
CA PRO A 18 13.44 12.87 14.59
C PRO A 18 13.60 13.93 13.51
N PRO A 19 14.78 14.00 12.88
CA PRO A 19 15.07 14.98 11.82
C PRO A 19 14.12 14.89 10.63
N TYR A 20 13.51 13.73 10.44
CA TYR A 20 12.59 13.53 9.33
C TYR A 20 11.14 13.79 9.72
N LEU A 21 10.93 14.37 10.89
CA LEU A 21 9.57 14.67 11.34
C LEU A 21 9.52 16.05 11.97
N ARG A 22 8.75 16.94 11.37
CA ARG A 22 8.63 18.31 11.86
C ARG A 22 7.18 18.65 12.16
N ASN A 23 6.98 19.58 13.11
CA ASN A 23 5.66 20.05 13.50
C ASN A 23 4.76 18.92 14.00
N LEU A 24 5.33 18.02 14.79
CA LEU A 24 4.56 16.90 15.34
C LEU A 24 3.67 17.39 16.47
N SER A 25 2.42 17.69 16.15
CA SER A 25 1.47 18.17 17.13
C SER A 25 0.13 17.46 16.96
N SER A 26 -0.69 17.51 18.01
CA SER A 26 -2.01 16.90 17.98
C SER A 26 -2.98 17.77 17.18
N ASP A 27 -4.21 17.29 17.03
CA ASP A 27 -5.22 18.03 16.30
C ASP A 27 -5.77 19.18 17.14
N ASP A 28 -6.50 20.08 16.50
CA ASP A 28 -7.08 21.23 17.17
C ASP A 28 -8.18 20.81 18.14
N ALA A 29 -8.90 19.75 17.79
CA ALA A 29 -10.00 19.29 18.63
C ALA A 29 -9.81 17.85 19.10
N ASN A 30 -9.28 17.00 18.23
CA ASN A 30 -9.08 15.59 18.57
C ASN A 30 -7.67 15.36 19.10
N VAL A 31 -7.56 14.80 20.29
CA VAL A 31 -6.26 14.54 20.89
C VAL A 31 -5.69 13.21 20.40
N LEU A 32 -6.55 12.39 19.80
CA LEU A 32 -6.14 11.08 19.29
C LEU A 32 -5.69 11.18 17.84
N VAL A 33 -5.62 12.40 17.32
CA VAL A 33 -5.20 12.61 15.94
C VAL A 33 -3.96 13.51 15.92
N TRP A 34 -2.89 13.01 15.36
CA TRP A 34 -1.64 13.75 15.27
C TRP A 34 -1.39 14.23 13.85
N HIS A 35 -0.78 15.39 13.74
CA HIS A 35 -0.43 15.97 12.44
C HIS A 35 1.06 16.24 12.44
N ALA A 36 1.77 15.74 11.45
CA ALA A 36 3.21 15.95 11.38
C ALA A 36 3.70 15.95 9.93
N LEU A 37 4.80 16.64 9.70
CA LEU A 37 5.39 16.73 8.37
C LEU A 37 6.58 15.79 8.25
N LEU A 38 6.45 14.78 7.41
CA LEU A 38 7.52 13.82 7.18
C LEU A 38 8.49 14.36 6.15
N LEU A 39 9.77 14.26 6.44
CA LEU A 39 10.81 14.74 5.55
C LEU A 39 11.67 13.59 5.03
N PRO A 40 11.25 12.93 3.95
CA PRO A 40 12.00 11.81 3.36
C PRO A 40 13.31 12.32 2.76
N ASP A 41 14.39 11.60 2.99
CA ASP A 41 15.69 12.01 2.47
C ASP A 41 15.92 11.47 1.05
N GLN A 42 15.39 10.28 0.79
CA GLN A 42 15.53 9.66 -0.51
C GLN A 42 14.90 10.52 -1.61
N PRO A 43 15.67 10.83 -2.66
CA PRO A 43 15.18 11.63 -3.79
C PRO A 43 14.09 10.89 -4.57
N PRO A 44 13.17 11.61 -5.22
CA PRO A 44 13.14 13.07 -5.22
C PRO A 44 12.25 13.63 -4.11
N TYR A 45 11.94 12.80 -3.13
CA TYR A 45 11.08 13.21 -2.02
C TYR A 45 11.83 14.15 -1.07
N HIS A 46 13.09 14.41 -1.40
CA HIS A 46 13.92 15.28 -0.58
C HIS A 46 13.69 16.75 -0.93
N LEU A 47 12.90 16.99 -1.97
CA LEU A 47 12.62 18.34 -2.42
C LEU A 47 11.52 19.01 -1.60
N LYS A 48 10.60 18.22 -1.07
CA LYS A 48 9.50 18.76 -0.28
C LYS A 48 9.24 17.90 0.95
N ALA A 49 8.11 18.15 1.61
CA ALA A 49 7.72 17.40 2.79
C ALA A 49 6.31 16.85 2.62
N PHE A 50 6.00 15.77 3.32
CA PHE A 50 4.69 15.15 3.23
C PHE A 50 4.06 15.04 4.61
N ASN A 51 2.90 15.64 4.78
CA ASN A 51 2.20 15.60 6.06
C ASN A 51 1.46 14.28 6.23
N LEU A 52 1.51 13.74 7.43
CA LEU A 52 0.84 12.49 7.74
C LEU A 52 -0.19 12.68 8.84
N ARG A 53 -1.21 11.83 8.84
CA ARG A 53 -2.27 11.90 9.83
C ARG A 53 -2.30 10.63 10.66
N ILE A 54 -1.98 10.75 11.94
CA ILE A 54 -1.98 9.62 12.84
C ILE A 54 -3.28 9.60 13.64
N SER A 55 -4.10 8.59 13.41
CA SER A 55 -5.37 8.46 14.11
C SER A 55 -5.34 7.29 15.08
N PHE A 56 -5.30 7.61 16.36
CA PHE A 56 -5.27 6.59 17.41
C PHE A 56 -6.68 6.10 17.73
N PRO A 57 -6.88 4.78 17.80
CA PRO A 57 -8.17 4.19 18.13
C PRO A 57 -8.39 4.17 19.64
N PRO A 58 -9.65 4.27 20.10
CA PRO A 58 -9.98 4.25 21.52
C PRO A 58 -9.53 2.96 22.21
N GLU A 59 -9.27 1.92 21.42
CA GLU A 59 -8.83 0.64 21.96
C GLU A 59 -7.31 0.63 22.17
N TYR A 60 -6.65 1.76 21.96
CA TYR A 60 -5.21 1.86 22.14
C TYR A 60 -4.82 1.43 23.56
N PRO A 61 -3.73 0.64 23.72
CA PRO A 61 -2.89 0.18 22.63
C PRO A 61 -3.19 -1.26 22.19
N PHE A 62 -4.43 -1.70 22.37
CA PHE A 62 -4.82 -3.05 21.97
C PHE A 62 -5.00 -3.09 20.46
N LYS A 63 -5.30 -1.92 19.89
CA LYS A 63 -5.48 -1.79 18.47
C LYS A 63 -4.45 -0.81 17.91
N PRO A 64 -3.86 -1.13 16.75
CA PRO A 64 -2.84 -0.28 16.11
C PRO A 64 -3.41 1.06 15.62
N PRO A 65 -2.60 2.12 15.68
CA PRO A 65 -3.00 3.45 15.23
C PRO A 65 -3.07 3.54 13.71
N MET A 66 -4.11 4.18 13.20
CA MET A 66 -4.30 4.33 11.76
C MET A 66 -3.53 5.53 11.25
N ILE A 67 -2.44 5.27 10.53
CA ILE A 67 -1.62 6.35 9.99
C ILE A 67 -1.75 6.40 8.47
N LYS A 68 -2.01 7.58 7.94
CA LYS A 68 -2.14 7.76 6.50
C LYS A 68 -1.49 9.07 6.09
N PHE A 69 -1.25 9.24 4.80
CA PHE A 69 -0.63 10.46 4.32
C PHE A 69 -1.68 11.49 3.95
N THR A 70 -1.45 12.73 4.35
CA THR A 70 -2.36 13.82 4.03
C THR A 70 -1.94 14.44 2.70
N THR A 71 -0.63 14.45 2.48
CA THR A 71 -0.06 14.99 1.26
C THR A 71 0.05 13.88 0.21
N LYS A 72 -0.29 14.20 -1.03
CA LYS A 72 -0.22 13.23 -2.11
C LYS A 72 1.23 12.90 -2.46
N ILE A 73 1.62 11.65 -2.22
CA ILE A 73 2.98 11.22 -2.50
C ILE A 73 3.02 10.11 -3.54
N TYR A 74 3.84 10.30 -4.57
CA TYR A 74 3.97 9.31 -5.64
C TYR A 74 4.94 8.20 -5.22
N HIS A 75 4.43 7.26 -4.43
CA HIS A 75 5.24 6.15 -3.94
C HIS A 75 4.59 4.82 -4.30
N PRO A 76 5.38 3.81 -4.74
CA PRO A 76 4.86 2.49 -5.14
C PRO A 76 4.26 1.70 -3.98
N ASN A 77 4.29 2.27 -2.78
CA ASN A 77 3.74 1.62 -1.61
C ASN A 77 2.64 2.46 -0.99
N VAL A 78 2.15 3.42 -1.77
CA VAL A 78 1.08 4.31 -1.33
C VAL A 78 0.04 4.40 -2.45
N ASP A 79 -1.22 4.55 -2.07
CA ASP A 79 -2.30 4.65 -3.06
C ASP A 79 -2.56 6.11 -3.43
N GLU A 80 -3.45 6.33 -4.41
CA GLU A 80 -3.79 7.67 -4.87
C GLU A 80 -4.46 8.49 -3.77
N ASN A 81 -5.21 7.83 -2.90
CA ASN A 81 -5.89 8.51 -1.81
C ASN A 81 -4.92 8.94 -0.73
N GLY A 82 -4.08 8.00 -0.31
CA GLY A 82 -3.10 8.29 0.71
C GLY A 82 -3.02 7.19 1.75
N GLN A 83 -3.49 6.00 1.37
CA GLN A 83 -3.48 4.86 2.26
C GLN A 83 -2.14 4.13 2.17
N ILE A 84 -1.71 3.57 3.29
CA ILE A 84 -0.46 2.85 3.35
C ILE A 84 -0.62 1.57 4.16
N CYS A 85 0.26 0.61 3.92
CA CYS A 85 0.23 -0.66 4.62
C CYS A 85 1.53 -0.86 5.39
N LEU A 86 1.42 -1.14 6.68
CA LEU A 86 2.60 -1.34 7.51
C LEU A 86 2.51 -2.65 8.28
N PRO A 87 3.49 -3.55 8.08
CA PRO A 87 3.53 -4.85 8.77
C PRO A 87 3.60 -4.70 10.28
N ILE A 88 4.15 -3.57 10.72
CA ILE A 88 4.31 -3.28 12.14
C ILE A 88 2.96 -3.05 12.83
N ILE A 89 1.96 -2.63 12.07
CA ILE A 89 0.64 -2.38 12.61
C ILE A 89 -0.42 -3.21 11.89
N SER A 90 0.02 -4.27 11.24
CA SER A 90 -0.88 -5.13 10.50
C SER A 90 -1.72 -6.01 11.42
N SER A 91 -2.92 -6.35 10.98
CA SER A 91 -3.82 -7.18 11.76
C SER A 91 -3.27 -8.60 11.91
N GLU A 92 -2.24 -8.91 11.14
CA GLU A 92 -1.61 -10.22 11.17
C GLU A 92 -0.33 -10.16 12.00
N ASN A 93 0.04 -8.96 12.44
CA ASN A 93 1.26 -8.76 13.23
C ASN A 93 1.22 -7.40 13.93
N TRP A 94 0.95 -7.41 15.22
CA TRP A 94 0.89 -6.18 16.01
C TRP A 94 1.27 -6.45 17.46
N LYS A 95 2.04 -5.57 18.04
CA LYS A 95 2.49 -5.71 19.43
C LYS A 95 2.02 -4.50 20.23
N PRO A 96 1.26 -4.74 21.32
CA PRO A 96 0.74 -3.66 22.17
C PRO A 96 1.86 -2.89 22.87
N CYS A 97 3.07 -3.43 22.83
CA CYS A 97 4.23 -2.81 23.45
C CYS A 97 4.95 -1.87 22.48
N THR A 98 4.43 -1.77 21.27
CA THR A 98 5.03 -0.90 20.26
C THR A 98 4.58 0.53 20.44
N LYS A 99 5.53 1.45 20.52
CA LYS A 99 5.23 2.86 20.67
C LYS A 99 5.16 3.53 19.29
N THR A 100 4.53 4.68 19.24
CA THR A 100 4.36 5.43 17.99
C THR A 100 5.72 5.72 17.34
N CYS A 101 6.74 5.94 18.18
CA CYS A 101 8.08 6.23 17.71
C CYS A 101 8.62 5.10 16.84
N GLN A 102 8.24 3.87 17.15
CA GLN A 102 8.67 2.71 16.40
C GLN A 102 7.94 2.64 15.07
N VAL A 103 6.66 2.92 15.10
CA VAL A 103 5.83 2.89 13.90
C VAL A 103 6.30 3.94 12.90
N LEU A 104 6.56 5.14 13.39
CA LEU A 104 7.03 6.24 12.55
C LEU A 104 8.39 5.91 11.94
N GLU A 105 9.24 5.24 12.73
CA GLU A 105 10.56 4.86 12.26
C GLU A 105 10.43 3.82 11.15
N ALA A 106 9.59 2.82 11.39
CA ALA A 106 9.37 1.75 10.40
C ALA A 106 8.82 2.34 9.11
N LEU A 107 7.95 3.33 9.23
CA LEU A 107 7.35 3.99 8.07
C LEU A 107 8.43 4.72 7.28
N ASN A 108 9.28 5.44 7.98
CA ASN A 108 10.37 6.19 7.35
C ASN A 108 11.23 5.28 6.49
N VAL A 109 11.47 4.06 6.99
CA VAL A 109 12.26 3.09 6.26
C VAL A 109 11.56 2.68 4.98
N LEU A 110 10.25 2.44 5.06
CA LEU A 110 9.46 2.03 3.91
C LEU A 110 9.36 3.16 2.87
N VAL A 111 9.46 4.39 3.32
CA VAL A 111 9.40 5.54 2.43
C VAL A 111 10.71 5.71 1.68
N ASN A 112 11.82 5.67 2.41
CA ASN A 112 13.15 5.84 1.81
C ASN A 112 13.55 4.60 1.04
N ARG A 113 13.04 3.45 1.46
CA ARG A 113 13.34 2.18 0.80
C ARG A 113 12.06 1.57 0.26
N PRO A 114 11.73 1.84 -1.02
CA PRO A 114 10.53 1.32 -1.65
C PRO A 114 10.59 -0.19 -1.82
N ASN A 115 9.69 -0.89 -1.15
CA ASN A 115 9.63 -2.34 -1.24
C ASN A 115 9.05 -2.78 -2.57
N ILE A 116 9.93 -3.28 -3.43
CA ILE A 116 9.53 -3.74 -4.76
C ILE A 116 9.03 -5.18 -4.73
N ARG A 117 9.24 -5.85 -3.61
CA ARG A 117 8.80 -7.23 -3.45
C ARG A 117 7.30 -7.28 -3.25
N GLU A 118 6.85 -6.63 -2.18
CA GLU A 118 5.42 -6.56 -1.88
C GLU A 118 4.97 -5.11 -1.85
N PRO A 119 4.72 -4.52 -3.02
CA PRO A 119 4.29 -3.14 -3.13
C PRO A 119 2.77 -3.02 -3.20
N LEU A 120 2.27 -1.79 -3.20
CA LEU A 120 0.85 -1.55 -3.26
C LEU A 120 0.44 -1.21 -4.69
N ARG A 121 1.45 -0.94 -5.52
CA ARG A 121 1.22 -0.59 -6.91
C ARG A 121 2.11 -1.43 -7.83
N MET A 122 1.48 -2.26 -8.65
CA MET A 122 2.20 -3.11 -9.58
C MET A 122 2.74 -2.31 -10.77
N ASP A 123 2.30 -1.07 -10.89
CA ASP A 123 2.73 -0.19 -11.97
C ASP A 123 3.96 0.62 -11.58
N LEU A 124 3.83 1.38 -10.49
CA LEU A 124 4.92 2.22 -10.01
C LEU A 124 6.15 1.39 -9.61
N ALA A 125 5.91 0.25 -8.97
CA ALA A 125 7.00 -0.61 -8.53
C ALA A 125 7.74 -1.20 -9.73
N ASP A 126 6.99 -1.56 -10.77
CA ASP A 126 7.56 -2.13 -11.97
C ASP A 126 8.34 -1.07 -12.74
N LEU A 127 7.76 0.13 -12.81
CA LEU A 127 8.40 1.25 -13.50
C LEU A 127 9.74 1.58 -12.85
N LEU A 128 9.76 1.54 -11.52
CA LEU A 128 10.97 1.84 -10.76
C LEU A 128 12.07 0.82 -11.04
N THR A 129 11.69 -0.44 -11.19
CA THR A 129 12.66 -1.49 -11.47
C THR A 129 13.13 -1.43 -12.91
N GLN A 130 12.24 -1.06 -13.82
CA GLN A 130 12.57 -0.96 -15.23
C GLN A 130 13.49 0.23 -15.49
N ASN A 131 13.09 1.40 -15.02
CA ASN A 131 13.88 2.62 -15.19
C ASN A 131 13.66 3.56 -14.02
N PRO A 132 14.58 3.53 -13.04
CA PRO A 132 14.51 4.36 -11.83
C PRO A 132 14.40 5.85 -12.14
N GLU A 133 15.13 6.30 -13.15
CA GLU A 133 15.12 7.71 -13.53
C GLU A 133 13.74 8.15 -14.01
N LEU A 134 13.11 7.31 -14.84
CA LEU A 134 11.78 7.60 -15.38
C LEU A 134 10.78 7.79 -14.24
N PHE A 135 10.83 6.88 -13.27
CA PHE A 135 9.95 6.94 -12.12
C PHE A 135 10.27 8.17 -11.28
N ARG A 136 11.56 8.44 -11.12
CA ARG A 136 12.04 9.58 -10.35
C ARG A 136 11.55 10.90 -10.94
N LYS A 137 11.46 10.95 -12.27
CA LYS A 137 11.01 12.14 -12.97
C LYS A 137 9.56 12.48 -12.60
N ASN A 138 8.67 11.49 -12.77
CA ASN A 138 7.26 11.68 -12.46
C ASN A 138 7.09 12.00 -10.98
N ALA A 139 7.83 11.28 -10.15
CA ALA A 139 7.78 11.49 -8.71
C ALA A 139 8.28 12.89 -8.34
N GLU A 140 9.28 13.38 -9.07
CA GLU A 140 9.83 14.70 -8.83
C GLU A 140 8.78 15.77 -9.07
N GLU A 141 8.10 15.67 -10.20
CA GLU A 141 7.05 16.62 -10.54
C GLU A 141 5.93 16.56 -9.51
N PHE A 142 5.57 15.34 -9.11
CA PHE A 142 4.53 15.13 -8.12
C PHE A 142 4.90 15.77 -6.78
N THR A 143 6.15 15.59 -6.38
CA THR A 143 6.66 16.13 -5.12
C THR A 143 6.62 17.66 -5.14
N LEU A 144 6.96 18.26 -6.27
CA LEU A 144 6.96 19.72 -6.38
C LEU A 144 5.56 20.27 -6.63
N ARG A 145 4.64 19.38 -6.99
CA ARG A 145 3.27 19.78 -7.27
C ARG A 145 2.37 19.71 -6.04
N PHE A 146 2.31 18.53 -5.42
CA PHE A 146 1.45 18.32 -4.25
C PHE A 146 2.22 18.41 -2.94
N GLY A 147 3.52 18.17 -3.00
CA GLY A 147 4.34 18.20 -1.81
C GLY A 147 4.35 19.54 -1.11
N VAL A 148 4.32 19.50 0.22
CA VAL A 148 4.32 20.70 1.04
C VAL A 148 5.75 21.22 1.16
N ASP A 149 5.90 22.53 1.35
CA ASP A 149 7.22 23.13 1.46
C ASP A 149 8.04 22.48 2.57
N ARG A 150 9.29 22.16 2.24
CA ARG A 150 10.19 21.51 3.19
C ARG A 150 10.72 22.50 4.22
N PRO A 151 10.43 22.26 5.51
CA PRO A 151 10.89 23.13 6.59
C PRO A 151 12.22 22.68 7.16
N MET B 1 -6.28 -22.99 -25.04
CA MET B 1 -6.92 -21.81 -25.68
C MET B 1 -6.37 -20.51 -25.09
N GLN B 2 -6.36 -19.47 -25.89
CA GLN B 2 -5.85 -18.17 -25.47
C GLN B 2 -6.89 -17.33 -24.74
N ILE B 3 -6.54 -16.86 -23.55
CA ILE B 3 -7.41 -16.00 -22.77
C ILE B 3 -6.64 -14.76 -22.34
N PHE B 4 -7.35 -13.72 -21.92
CA PHE B 4 -6.72 -12.49 -21.50
C PHE B 4 -7.05 -12.17 -20.05
N VAL B 5 -6.04 -11.86 -19.26
CA VAL B 5 -6.23 -11.52 -17.87
C VAL B 5 -5.88 -10.06 -17.62
N LYS B 6 -6.87 -9.25 -17.31
CA LYS B 6 -6.66 -7.83 -17.08
C LYS B 6 -6.60 -7.53 -15.59
N THR B 7 -5.57 -6.80 -15.18
CA THR B 7 -5.41 -6.43 -13.78
C THR B 7 -5.97 -5.04 -13.53
N LEU B 8 -5.96 -4.62 -12.27
CA LEU B 8 -6.47 -3.30 -11.89
C LEU B 8 -5.51 -2.21 -12.34
N THR B 9 -4.29 -2.61 -12.68
CA THR B 9 -3.26 -1.69 -13.13
C THR B 9 -3.28 -1.55 -14.64
N GLY B 10 -4.30 -2.11 -15.29
CA GLY B 10 -4.41 -2.03 -16.74
C GLY B 10 -3.67 -3.15 -17.43
N LYS B 11 -2.50 -3.50 -16.88
CA LYS B 11 -1.65 -4.56 -17.42
C LYS B 11 -2.47 -5.82 -17.73
N THR B 12 -2.53 -6.16 -19.00
CA THR B 12 -3.27 -7.33 -19.45
C THR B 12 -2.29 -8.42 -19.89
N ILE B 13 -2.35 -9.56 -19.23
CA ILE B 13 -1.46 -10.66 -19.55
C ILE B 13 -2.19 -11.77 -20.30
N THR B 14 -1.43 -12.55 -21.06
CA THR B 14 -1.98 -13.65 -21.83
C THR B 14 -1.76 -14.95 -21.07
N LEU B 15 -2.71 -15.86 -21.14
CA LEU B 15 -2.58 -17.13 -20.45
C LEU B 15 -3.11 -18.29 -21.29
N GLU B 16 -2.39 -19.39 -21.25
CA GLU B 16 -2.75 -20.60 -21.98
C GLU B 16 -3.47 -21.57 -21.06
N VAL B 17 -4.77 -21.71 -21.23
CA VAL B 17 -5.57 -22.60 -20.40
C VAL B 17 -6.56 -23.36 -21.28
N GLU B 18 -7.18 -24.37 -20.69
CA GLU B 18 -8.16 -25.17 -21.41
C GLU B 18 -9.47 -25.18 -20.64
N PRO B 19 -10.61 -25.40 -21.31
CA PRO B 19 -11.94 -25.43 -20.65
C PRO B 19 -11.99 -26.37 -19.45
N SER B 20 -11.17 -27.42 -19.49
CA SER B 20 -11.13 -28.40 -18.41
C SER B 20 -10.25 -27.94 -17.24
N ASP B 21 -9.65 -26.76 -17.38
CA ASP B 21 -8.78 -26.21 -16.34
C ASP B 21 -9.62 -25.66 -15.19
N THR B 22 -9.15 -25.88 -13.97
CA THR B 22 -9.84 -25.38 -12.79
C THR B 22 -9.37 -23.97 -12.49
N ILE B 23 -10.24 -23.17 -11.89
CA ILE B 23 -9.88 -21.79 -11.55
C ILE B 23 -8.66 -21.77 -10.64
N GLU B 24 -8.56 -22.79 -9.79
CA GLU B 24 -7.43 -22.94 -8.88
C GLU B 24 -6.13 -23.06 -9.67
N ASN B 25 -6.16 -23.87 -10.73
CA ASN B 25 -4.98 -24.06 -11.57
C ASN B 25 -4.68 -22.79 -12.35
N VAL B 26 -5.75 -22.08 -12.74
CA VAL B 26 -5.62 -20.82 -13.48
C VAL B 26 -4.85 -19.82 -12.62
N LYS B 27 -5.19 -19.75 -11.35
CA LYS B 27 -4.53 -18.84 -10.41
C LYS B 27 -3.04 -19.18 -10.32
N ALA B 28 -2.75 -20.47 -10.26
CA ALA B 28 -1.37 -20.95 -10.18
C ALA B 28 -0.59 -20.54 -11.44
N LYS B 29 -1.27 -20.63 -12.58
CA LYS B 29 -0.65 -20.25 -13.86
C LYS B 29 -0.33 -18.75 -13.86
N ILE B 30 -1.20 -17.96 -13.23
CA ILE B 30 -0.99 -16.52 -13.15
C ILE B 30 0.19 -16.24 -12.23
N GLN B 31 0.26 -16.98 -11.13
CA GLN B 31 1.35 -16.82 -10.16
C GLN B 31 2.68 -17.22 -10.78
N ASP B 32 2.62 -18.13 -11.75
CA ASP B 32 3.81 -18.60 -12.44
C ASP B 32 4.51 -17.49 -13.23
N LYS B 33 3.72 -16.56 -13.78
CA LYS B 33 4.31 -15.47 -14.56
C LYS B 33 4.30 -14.12 -13.84
N GLU B 34 3.21 -13.82 -13.14
CA GLU B 34 3.09 -12.54 -12.43
C GLU B 34 3.64 -12.62 -11.01
N GLY B 35 3.54 -13.80 -10.41
CA GLY B 35 4.04 -13.97 -9.06
C GLY B 35 2.98 -13.71 -8.00
N ILE B 36 1.84 -13.16 -8.42
CA ILE B 36 0.75 -12.87 -7.50
C ILE B 36 0.18 -14.14 -6.88
N PRO B 37 0.23 -14.25 -5.54
CA PRO B 37 -0.28 -15.42 -4.82
C PRO B 37 -1.80 -15.55 -4.97
N PRO B 38 -2.30 -16.79 -5.14
CA PRO B 38 -3.74 -17.06 -5.31
C PRO B 38 -4.59 -16.51 -4.15
N ASP B 39 -3.95 -16.33 -3.00
CA ASP B 39 -4.65 -15.79 -1.82
C ASP B 39 -5.08 -14.35 -2.06
N GLN B 40 -4.35 -13.68 -2.93
CA GLN B 40 -4.63 -12.29 -3.25
C GLN B 40 -5.19 -12.16 -4.67
N GLN B 41 -5.63 -13.29 -5.22
CA GLN B 41 -6.18 -13.31 -6.57
C GLN B 41 -7.70 -13.43 -6.56
N ARG B 42 -8.37 -12.35 -6.93
CA ARG B 42 -9.82 -12.32 -6.99
C ARG B 42 -10.26 -12.24 -8.45
N LEU B 43 -10.48 -13.39 -9.05
CA LEU B 43 -10.88 -13.48 -10.45
C LEU B 43 -12.38 -13.26 -10.61
N ILE B 44 -12.73 -12.23 -11.38
CA ILE B 44 -14.12 -11.89 -11.65
C ILE B 44 -14.40 -11.96 -13.15
N PHE B 45 -15.50 -12.63 -13.50
CA PHE B 45 -15.90 -12.76 -14.89
C PHE B 45 -17.42 -12.86 -14.98
N ALA B 46 -17.99 -12.10 -15.92
CA ALA B 46 -19.44 -12.09 -16.12
C ALA B 46 -20.18 -11.67 -14.85
N GLY B 47 -19.58 -10.73 -14.12
CA GLY B 47 -20.17 -10.22 -12.89
C GLY B 47 -20.18 -11.24 -11.77
N LYS B 48 -19.51 -12.37 -11.98
CA LYS B 48 -19.47 -13.42 -10.97
C LYS B 48 -18.04 -13.74 -10.59
N GLN B 49 -17.86 -14.35 -9.43
CA GLN B 49 -16.54 -14.72 -8.94
C GLN B 49 -16.21 -16.14 -9.37
N LEU B 50 -15.01 -16.34 -9.86
CA LEU B 50 -14.58 -17.66 -10.31
C LEU B 50 -14.12 -18.50 -9.12
N GLU B 51 -14.92 -19.50 -8.76
CA GLU B 51 -14.59 -20.38 -7.64
C GLU B 51 -13.47 -21.34 -8.05
N ASP B 52 -12.48 -21.49 -7.17
CA ASP B 52 -11.32 -22.35 -7.41
C ASP B 52 -11.71 -23.78 -7.81
N GLY B 53 -12.72 -24.33 -7.15
CA GLY B 53 -13.15 -25.69 -7.43
C GLY B 53 -13.93 -25.83 -8.74
N ARG B 54 -14.20 -24.70 -9.38
CA ARG B 54 -14.94 -24.70 -10.64
C ARG B 54 -13.98 -24.65 -11.82
N THR B 55 -14.44 -25.11 -12.97
CA THR B 55 -13.64 -25.09 -14.17
C THR B 55 -14.07 -23.94 -15.07
N LEU B 56 -13.34 -23.72 -16.16
CA LEU B 56 -13.67 -22.66 -17.09
C LEU B 56 -15.03 -22.91 -17.76
N SER B 57 -15.32 -24.17 -18.01
CA SER B 57 -16.58 -24.56 -18.63
C SER B 57 -17.76 -24.32 -17.69
N ASP B 58 -17.48 -24.25 -16.39
CA ASP B 58 -18.51 -24.03 -15.38
C ASP B 58 -19.17 -22.68 -15.58
N TYR B 59 -18.38 -21.69 -15.97
CA TYR B 59 -18.87 -20.34 -16.19
C TYR B 59 -19.00 -20.06 -17.68
N ASN B 60 -18.87 -21.11 -18.49
CA ASN B 60 -18.95 -21.00 -19.94
C ASN B 60 -17.93 -20.00 -20.48
N ILE B 61 -16.68 -20.19 -20.08
CA ILE B 61 -15.60 -19.32 -20.49
C ILE B 61 -14.89 -19.92 -21.70
N GLN B 62 -15.06 -19.28 -22.84
CA GLN B 62 -14.42 -19.74 -24.07
C GLN B 62 -13.11 -18.98 -24.26
N LYS B 63 -12.53 -19.06 -25.45
CA LYS B 63 -11.29 -18.37 -25.72
C LYS B 63 -11.55 -16.91 -26.08
N GLU B 64 -10.51 -16.08 -25.97
CA GLU B 64 -10.59 -14.65 -26.27
C GLU B 64 -11.31 -13.87 -25.17
N SER B 65 -11.65 -14.56 -24.09
CA SER B 65 -12.35 -13.95 -22.97
C SER B 65 -11.38 -13.16 -22.10
N THR B 66 -11.82 -11.99 -21.63
CA THR B 66 -10.99 -11.15 -20.79
C THR B 66 -11.43 -11.24 -19.33
N LEU B 67 -10.62 -11.90 -18.52
CA LEU B 67 -10.92 -12.06 -17.11
C LEU B 67 -10.44 -10.84 -16.33
N HIS B 68 -11.13 -10.52 -15.26
CA HIS B 68 -10.76 -9.37 -14.43
C HIS B 68 -10.09 -9.86 -13.15
N LEU B 69 -8.82 -9.53 -13.00
CA LEU B 69 -8.06 -9.94 -11.81
C LEU B 69 -7.97 -8.82 -10.80
N VAL B 70 -8.72 -8.97 -9.71
CA VAL B 70 -8.72 -7.99 -8.63
C VAL B 70 -7.77 -8.45 -7.53
N LEU B 71 -6.96 -7.54 -7.02
CA LEU B 71 -6.01 -7.88 -5.96
C LEU B 71 -6.66 -7.82 -4.59
N ARG B 72 -6.41 -8.85 -3.78
CA ARG B 72 -6.97 -8.91 -2.44
C ARG B 72 -5.86 -8.85 -1.39
N LEU B 73 -5.48 -7.64 -0.99
CA LEU B 73 -4.43 -7.44 0.00
C LEU B 73 -4.88 -7.89 1.38
N ARG B 74 -4.09 -8.75 2.00
CA ARG B 74 -4.42 -9.28 3.32
C ARG B 74 -3.87 -8.38 4.44
N GLY B 75 -4.64 -7.37 4.80
CA GLY B 75 -4.23 -6.47 5.86
C GLY B 75 -3.83 -5.11 5.34
N CYS B 76 -3.52 -4.20 6.26
CA CYS B 76 -3.10 -2.86 5.91
C CYS B 76 -2.43 -2.21 7.11
N ALA A 2 -6.24 6.20 27.69
CA ALA A 2 -5.83 6.30 26.27
C ALA A 2 -5.12 7.63 26.00
N SER A 3 -5.87 8.73 26.12
CA SER A 3 -5.33 10.06 25.89
C SER A 3 -4.15 10.38 26.80
N MET A 4 -4.16 9.81 28.00
CA MET A 4 -3.08 10.02 28.96
C MET A 4 -1.73 9.58 28.38
N ARG A 5 -1.71 8.43 27.75
CA ARG A 5 -0.50 7.92 27.14
C ARG A 5 -0.16 8.72 25.89
N VAL A 6 -1.21 9.14 25.17
CA VAL A 6 -1.04 9.94 23.96
C VAL A 6 -0.29 11.23 24.27
N VAL A 7 -0.69 11.89 25.36
CA VAL A 7 -0.05 13.13 25.76
C VAL A 7 1.42 12.86 26.12
N LYS A 8 1.67 11.69 26.70
CA LYS A 8 3.02 11.29 27.07
C LYS A 8 3.87 11.10 25.82
N GLU A 9 3.34 10.34 24.86
CA GLU A 9 4.04 10.07 23.61
C GLU A 9 4.23 11.37 22.84
N LEU A 10 3.26 12.26 22.96
CA LEU A 10 3.31 13.56 22.29
C LEU A 10 4.53 14.33 22.77
N GLU A 11 4.67 14.42 24.09
CA GLU A 11 5.79 15.12 24.69
C GLU A 11 7.09 14.38 24.39
N ASP A 12 7.03 13.05 24.40
CA ASP A 12 8.18 12.21 24.12
C ASP A 12 8.74 12.47 22.73
N LEU A 13 7.85 12.66 21.77
CA LEU A 13 8.27 12.91 20.39
C LEU A 13 8.50 14.39 20.11
N GLN A 14 7.81 15.26 20.83
CA GLN A 14 7.97 16.70 20.62
C GLN A 14 9.26 17.21 21.26
N LYS A 15 9.58 16.72 22.45
CA LYS A 15 10.80 17.13 23.14
C LYS A 15 12.03 16.48 22.52
N LYS A 16 11.80 15.39 21.80
CA LYS A 16 12.86 14.67 21.13
C LYS A 16 12.38 14.21 19.75
N PRO A 17 12.27 15.15 18.81
CA PRO A 17 11.79 14.86 17.46
C PRO A 17 12.84 14.21 16.57
N PRO A 18 12.41 13.32 15.67
CA PRO A 18 13.29 12.63 14.73
C PRO A 18 13.62 13.54 13.55
N PRO A 19 14.79 13.33 12.91
CA PRO A 19 15.22 14.13 11.76
C PRO A 19 14.29 13.99 10.56
N TYR A 20 13.52 12.91 10.53
CA TYR A 20 12.60 12.66 9.42
C TYR A 20 11.16 13.06 9.76
N LEU A 21 10.96 13.71 10.91
CA LEU A 21 9.63 14.11 11.32
C LEU A 21 9.64 15.50 11.94
N ARG A 22 9.01 16.46 11.28
CA ARG A 22 8.97 17.82 11.78
C ARG A 22 7.55 18.37 11.76
N ASN A 23 7.34 19.48 12.48
CA ASN A 23 6.03 20.12 12.57
C ASN A 23 5.02 19.22 13.27
N LEU A 24 5.51 18.38 14.17
CA LEU A 24 4.65 17.46 14.91
C LEU A 24 3.78 18.21 15.91
N SER A 25 2.52 18.38 15.55
CA SER A 25 1.59 19.09 16.40
C SER A 25 0.28 18.32 16.51
N SER A 26 -0.34 18.39 17.68
CA SER A 26 -1.61 17.71 17.90
C SER A 26 -2.73 18.50 17.24
N ASP A 27 -3.86 17.85 17.02
CA ASP A 27 -5.01 18.51 16.41
C ASP A 27 -5.49 19.68 17.26
N ASP A 28 -6.10 20.66 16.61
CA ASP A 28 -6.59 21.83 17.30
C ASP A 28 -7.91 21.57 18.00
N ALA A 29 -8.60 20.53 17.59
CA ALA A 29 -9.88 20.18 18.19
C ALA A 29 -9.79 18.88 18.98
N ASN A 30 -9.11 17.90 18.42
CA ASN A 30 -8.96 16.60 19.08
C ASN A 30 -7.55 16.43 19.63
N VAL A 31 -7.41 15.59 20.64
CA VAL A 31 -6.10 15.34 21.25
C VAL A 31 -5.55 13.99 20.81
N LEU A 32 -6.43 13.15 20.25
CA LEU A 32 -6.04 11.82 19.79
C LEU A 32 -5.67 11.86 18.30
N VAL A 33 -5.61 13.05 17.74
CA VAL A 33 -5.26 13.22 16.34
C VAL A 33 -4.00 14.05 16.21
N TRP A 34 -2.98 13.49 15.59
CA TRP A 34 -1.72 14.19 15.41
C TRP A 34 -1.52 14.57 13.94
N HIS A 35 -0.79 15.66 13.72
CA HIS A 35 -0.49 16.14 12.38
C HIS A 35 0.99 16.49 12.32
N ALA A 36 1.72 15.90 11.38
CA ALA A 36 3.14 16.15 11.25
C ALA A 36 3.61 16.00 9.81
N LEU A 37 4.80 16.52 9.54
CA LEU A 37 5.38 16.45 8.22
C LEU A 37 6.52 15.44 8.18
N LEU A 38 6.42 14.49 7.28
CA LEU A 38 7.44 13.46 7.14
C LEU A 38 8.48 13.92 6.13
N LEU A 39 9.75 13.70 6.46
CA LEU A 39 10.84 14.07 5.58
C LEU A 39 11.56 12.84 5.06
N PRO A 40 11.12 12.29 3.92
CA PRO A 40 11.74 11.11 3.31
C PRO A 40 13.10 11.47 2.72
N ASP A 41 14.03 10.53 2.77
CA ASP A 41 15.36 10.77 2.25
C ASP A 41 15.54 10.19 0.87
N GLN A 42 14.88 9.06 0.61
CA GLN A 42 14.95 8.38 -0.68
C GLN A 42 14.45 9.30 -1.79
N PRO A 43 15.32 9.60 -2.78
CA PRO A 43 14.94 10.44 -3.92
C PRO A 43 13.80 9.81 -4.73
N PRO A 44 12.92 10.63 -5.30
CA PRO A 44 12.98 12.07 -5.22
C PRO A 44 12.12 12.64 -4.09
N TYR A 45 11.78 11.80 -3.11
CA TYR A 45 10.96 12.21 -1.98
C TYR A 45 11.73 13.16 -1.06
N HIS A 46 13.02 13.34 -1.36
CA HIS A 46 13.88 14.21 -0.58
C HIS A 46 13.64 15.68 -0.94
N LEU A 47 13.06 15.89 -2.12
CA LEU A 47 12.80 17.24 -2.61
C LEU A 47 11.78 17.99 -1.75
N LYS A 48 10.68 17.34 -1.43
CA LYS A 48 9.63 17.96 -0.64
C LYS A 48 9.30 17.14 0.60
N ALA A 49 8.24 17.52 1.29
CA ALA A 49 7.80 16.82 2.50
C ALA A 49 6.34 16.40 2.33
N PHE A 50 5.87 15.50 3.18
CA PHE A 50 4.51 15.04 3.11
C PHE A 50 3.83 15.11 4.47
N ASN A 51 2.56 15.48 4.48
CA ASN A 51 1.80 15.60 5.72
C ASN A 51 1.08 14.29 6.02
N LEU A 52 1.10 13.89 7.28
CA LEU A 52 0.45 12.65 7.70
C LEU A 52 -0.50 12.91 8.88
N ARG A 53 -1.52 12.07 8.97
CA ARG A 53 -2.51 12.18 10.04
C ARG A 53 -2.50 10.94 10.92
N ILE A 54 -2.18 11.13 12.19
CA ILE A 54 -2.15 10.04 13.15
C ILE A 54 -3.43 10.06 13.96
N SER A 55 -4.28 9.06 13.77
CA SER A 55 -5.53 8.98 14.49
C SER A 55 -5.50 7.89 15.55
N PHE A 56 -5.53 8.28 16.81
CA PHE A 56 -5.51 7.34 17.92
C PHE A 56 -6.94 6.92 18.27
N PRO A 57 -7.19 5.62 18.32
CA PRO A 57 -8.52 5.09 18.66
C PRO A 57 -8.77 5.14 20.16
N PRO A 58 -10.05 5.25 20.57
CA PRO A 58 -10.42 5.30 21.98
C PRO A 58 -10.01 4.05 22.76
N GLU A 59 -9.78 2.95 22.04
CA GLU A 59 -9.37 1.70 22.66
C GLU A 59 -7.85 1.64 22.85
N TYR A 60 -7.18 2.75 22.62
CA TYR A 60 -5.72 2.82 22.77
C TYR A 60 -5.34 2.48 24.22
N PRO A 61 -4.21 1.77 24.43
CA PRO A 61 -3.33 1.30 23.36
C PRO A 61 -3.59 -0.15 22.94
N PHE A 62 -4.79 -0.64 23.21
CA PHE A 62 -5.15 -2.00 22.84
C PHE A 62 -5.48 -2.08 21.36
N LYS A 63 -5.76 -0.92 20.77
CA LYS A 63 -6.07 -0.81 19.36
C LYS A 63 -5.00 0.03 18.68
N PRO A 64 -4.43 -0.46 17.57
CA PRO A 64 -3.38 0.25 16.84
C PRO A 64 -3.84 1.61 16.28
N PRO A 65 -2.95 2.61 16.29
CA PRO A 65 -3.26 3.94 15.77
C PRO A 65 -3.39 3.94 14.25
N MET A 66 -4.35 4.68 13.74
CA MET A 66 -4.59 4.77 12.31
C MET A 66 -3.84 5.94 11.71
N ILE A 67 -2.72 5.65 11.07
CA ILE A 67 -1.90 6.68 10.44
C ILE A 67 -2.05 6.62 8.93
N LYS A 68 -2.33 7.77 8.32
CA LYS A 68 -2.49 7.84 6.88
C LYS A 68 -1.85 9.12 6.37
N PHE A 69 -1.60 9.17 5.07
CA PHE A 69 -1.01 10.36 4.46
C PHE A 69 -2.10 11.35 4.07
N THR A 70 -1.86 12.62 4.33
CA THR A 70 -2.81 13.66 4.02
C THR A 70 -2.43 14.37 2.72
N THR A 71 -1.37 13.91 2.08
CA THR A 71 -0.91 14.50 0.83
C THR A 71 -0.83 13.43 -0.26
N LYS A 72 -0.79 13.86 -1.52
CA LYS A 72 -0.73 12.93 -2.63
C LYS A 72 0.70 12.46 -2.88
N ILE A 73 1.06 11.36 -2.24
CA ILE A 73 2.40 10.80 -2.38
C ILE A 73 2.38 9.55 -3.26
N TYR A 74 3.05 9.62 -4.40
CA TYR A 74 3.11 8.49 -5.32
C TYR A 74 4.16 7.49 -4.87
N HIS A 75 3.74 6.55 -4.02
CA HIS A 75 4.63 5.53 -3.49
C HIS A 75 4.02 4.15 -3.74
N PRO A 76 4.84 3.17 -4.19
CA PRO A 76 4.37 1.80 -4.49
C PRO A 76 3.69 1.11 -3.30
N ASN A 77 3.89 1.64 -2.10
CA ASN A 77 3.29 1.06 -0.91
C ASN A 77 2.28 2.03 -0.29
N VAL A 78 1.80 2.97 -1.08
CA VAL A 78 0.83 3.95 -0.62
C VAL A 78 -0.31 4.09 -1.61
N ASP A 79 -1.54 4.13 -1.09
CA ASP A 79 -2.73 4.26 -1.91
C ASP A 79 -2.95 5.72 -2.31
N GLU A 80 -3.76 5.93 -3.35
CA GLU A 80 -4.05 7.27 -3.85
C GLU A 80 -4.67 8.18 -2.78
N ASN A 81 -5.42 7.59 -1.85
CA ASN A 81 -6.06 8.36 -0.79
C ASN A 81 -5.16 8.51 0.42
N GLY A 82 -3.97 7.92 0.33
CA GLY A 82 -3.04 7.99 1.43
C GLY A 82 -3.12 6.80 2.35
N GLN A 83 -3.79 5.74 1.90
CA GLN A 83 -3.94 4.53 2.70
C GLN A 83 -2.64 3.74 2.64
N ILE A 84 -2.23 3.15 3.75
CA ILE A 84 -0.99 2.39 3.80
C ILE A 84 -1.20 1.06 4.51
N CYS A 85 -0.19 0.21 4.43
CA CYS A 85 -0.20 -1.09 5.09
C CYS A 85 1.06 -1.20 5.91
N LEU A 86 0.90 -1.31 7.23
CA LEU A 86 2.04 -1.40 8.12
C LEU A 86 1.87 -2.55 9.10
N PRO A 87 2.67 -3.62 8.95
CA PRO A 87 2.60 -4.82 9.80
C PRO A 87 2.73 -4.52 11.29
N ILE A 88 3.47 -3.47 11.63
CA ILE A 88 3.68 -3.11 13.04
C ILE A 88 2.39 -2.62 13.70
N ILE A 89 1.46 -2.10 12.89
CA ILE A 89 0.19 -1.61 13.43
C ILE A 89 -0.97 -2.41 12.87
N SER A 90 -0.68 -3.64 12.47
CA SER A 90 -1.70 -4.51 11.92
C SER A 90 -2.58 -5.02 13.04
N SER A 91 -3.77 -5.48 12.71
CA SER A 91 -4.71 -5.99 13.69
C SER A 91 -4.37 -7.43 14.03
N GLU A 92 -3.25 -7.91 13.52
CA GLU A 92 -2.82 -9.28 13.74
C GLU A 92 -1.55 -9.33 14.58
N ASN A 93 -0.60 -8.45 14.27
CA ASN A 93 0.67 -8.42 14.97
C ASN A 93 0.82 -7.16 15.83
N TRP A 94 -0.29 -6.67 16.37
CA TRP A 94 -0.26 -5.48 17.21
C TRP A 94 0.26 -5.79 18.61
N LYS A 95 1.12 -4.92 19.10
CA LYS A 95 1.70 -5.05 20.44
C LYS A 95 1.46 -3.75 21.19
N PRO A 96 0.64 -3.79 22.25
CA PRO A 96 0.31 -2.60 23.06
C PRO A 96 1.54 -1.90 23.65
N CYS A 97 2.62 -2.65 23.79
CA CYS A 97 3.86 -2.12 24.35
C CYS A 97 4.55 -1.17 23.37
N THR A 98 4.22 -1.31 22.08
CA THR A 98 4.81 -0.48 21.05
C THR A 98 4.25 0.94 21.09
N LYS A 99 5.12 1.92 21.04
CA LYS A 99 4.71 3.32 21.05
C LYS A 99 4.79 3.90 19.65
N THR A 100 4.17 5.07 19.47
CA THR A 100 4.14 5.74 18.18
C THR A 100 5.56 6.00 17.64
N CYS A 101 6.51 6.17 18.55
CA CYS A 101 7.89 6.42 18.19
C CYS A 101 8.43 5.29 17.32
N GLN A 102 8.05 4.05 17.64
CA GLN A 102 8.48 2.89 16.87
C GLN A 102 7.68 2.75 15.58
N VAL A 103 6.40 3.13 15.65
CA VAL A 103 5.52 3.06 14.48
C VAL A 103 6.00 4.02 13.39
N LEU A 104 6.28 5.27 13.78
CA LEU A 104 6.74 6.28 12.84
C LEU A 104 8.08 5.88 12.22
N GLU A 105 8.89 5.18 13.01
CA GLU A 105 10.19 4.72 12.56
C GLU A 105 10.00 3.68 11.46
N ALA A 106 9.16 2.69 11.72
CA ALA A 106 8.87 1.63 10.76
C ALA A 106 8.30 2.21 9.48
N LEU A 107 7.44 3.22 9.64
CA LEU A 107 6.83 3.89 8.50
C LEU A 107 7.90 4.54 7.64
N ASN A 108 8.82 5.25 8.31
CA ASN A 108 9.92 5.92 7.62
C ASN A 108 10.76 4.92 6.82
N VAL A 109 10.93 3.73 7.41
CA VAL A 109 11.69 2.67 6.76
C VAL A 109 11.01 2.23 5.47
N LEU A 110 9.72 1.99 5.53
CA LEU A 110 8.97 1.56 4.35
C LEU A 110 8.86 2.64 3.30
N VAL A 111 8.95 3.90 3.72
CA VAL A 111 8.89 5.02 2.79
C VAL A 111 10.19 5.12 2.01
N ASN A 112 11.31 5.04 2.72
CA ASN A 112 12.63 5.12 2.08
C ASN A 112 12.96 3.82 1.37
N ARG A 113 12.54 2.71 1.95
CA ARG A 113 12.78 1.40 1.37
C ARG A 113 11.45 0.76 0.97
N PRO A 114 11.02 0.97 -0.28
CA PRO A 114 9.76 0.42 -0.78
C PRO A 114 9.78 -1.12 -0.84
N ASN A 115 8.82 -1.73 -0.18
CA ASN A 115 8.73 -3.19 -0.17
C ASN A 115 8.09 -3.69 -1.45
N ILE A 116 8.91 -4.32 -2.29
CA ILE A 116 8.43 -4.85 -3.56
C ILE A 116 7.81 -6.23 -3.39
N ARG A 117 8.00 -6.83 -2.22
CA ARG A 117 7.43 -8.14 -1.95
C ARG A 117 5.92 -8.04 -1.78
N GLU A 118 5.51 -7.12 -0.92
CA GLU A 118 4.09 -6.89 -0.67
C GLU A 118 3.77 -5.41 -0.89
N PRO A 119 3.60 -5.01 -2.15
CA PRO A 119 3.30 -3.64 -2.50
C PRO A 119 1.79 -3.40 -2.64
N LEU A 120 1.39 -2.14 -2.53
CA LEU A 120 -0.02 -1.78 -2.66
C LEU A 120 -0.32 -1.46 -4.11
N ARG A 121 0.70 -0.98 -4.82
CA ARG A 121 0.56 -0.64 -6.22
C ARG A 121 1.53 -1.46 -7.05
N MET A 122 1.00 -2.45 -7.76
CA MET A 122 1.83 -3.31 -8.60
C MET A 122 2.44 -2.51 -9.73
N ASP A 123 1.72 -1.49 -10.20
CA ASP A 123 2.20 -0.65 -11.29
C ASP A 123 3.45 0.13 -10.89
N LEU A 124 3.42 0.72 -9.72
CA LEU A 124 4.55 1.50 -9.22
C LEU A 124 5.70 0.60 -8.80
N ALA A 125 5.40 -0.53 -8.17
CA ALA A 125 6.42 -1.47 -7.72
C ALA A 125 7.14 -2.07 -8.92
N ASP A 126 6.38 -2.41 -9.95
CA ASP A 126 6.93 -2.98 -11.17
C ASP A 126 7.83 -1.97 -11.86
N LEU A 127 7.31 -0.77 -12.08
CA LEU A 127 8.06 0.30 -12.74
C LEU A 127 9.35 0.61 -11.98
N LEU A 128 9.27 0.61 -10.66
CA LEU A 128 10.41 0.89 -9.80
C LEU A 128 11.55 -0.10 -10.06
N THR A 129 11.19 -1.36 -10.26
CA THR A 129 12.16 -2.40 -10.50
C THR A 129 12.58 -2.46 -11.98
N GLN A 130 11.64 -2.17 -12.86
CA GLN A 130 11.90 -2.20 -14.30
C GLN A 130 12.79 -1.05 -14.74
N ASN A 131 12.47 0.15 -14.28
CA ASN A 131 13.25 1.34 -14.65
C ASN A 131 13.25 2.35 -13.50
N PRO A 132 14.30 2.31 -12.67
CA PRO A 132 14.44 3.21 -11.51
C PRO A 132 14.38 4.67 -11.92
N GLU A 133 14.97 4.98 -13.07
CA GLU A 133 15.00 6.36 -13.56
C GLU A 133 13.60 6.82 -13.97
N LEU A 134 12.88 5.97 -14.67
CA LEU A 134 11.52 6.30 -15.11
C LEU A 134 10.62 6.53 -13.90
N PHE A 135 10.75 5.65 -12.91
CA PHE A 135 9.98 5.75 -11.70
C PHE A 135 10.37 7.01 -10.94
N ARG A 136 11.66 7.29 -10.90
CA ARG A 136 12.18 8.47 -10.21
C ARG A 136 11.60 9.74 -10.82
N LYS A 137 11.57 9.80 -12.15
CA LYS A 137 11.03 10.97 -12.84
C LYS A 137 9.53 11.11 -12.59
N ASN A 138 8.83 9.99 -12.61
CA ASN A 138 7.38 9.97 -12.37
C ASN A 138 7.09 10.50 -10.98
N ALA A 139 7.80 9.95 -10.00
CA ALA A 139 7.62 10.36 -8.60
C ALA A 139 8.10 11.79 -8.38
N GLU A 140 9.13 12.19 -9.12
CA GLU A 140 9.69 13.54 -9.00
C GLU A 140 8.63 14.56 -9.36
N GLU A 141 7.89 14.29 -10.44
CA GLU A 141 6.84 15.17 -10.88
C GLU A 141 5.78 15.32 -9.79
N PHE A 142 5.35 14.19 -9.25
CA PHE A 142 4.34 14.17 -8.20
C PHE A 142 4.81 14.91 -6.94
N THR A 143 6.06 14.69 -6.57
CA THR A 143 6.63 15.33 -5.38
C THR A 143 6.67 16.85 -5.53
N LEU A 144 7.00 17.32 -6.72
CA LEU A 144 7.07 18.75 -6.99
C LEU A 144 5.72 19.31 -7.44
N ARG A 145 4.72 18.46 -7.44
CA ARG A 145 3.38 18.85 -7.87
C ARG A 145 2.40 18.89 -6.69
N PHE A 146 2.40 17.83 -5.89
CA PHE A 146 1.50 17.74 -4.74
C PHE A 146 2.27 17.52 -3.45
N GLY A 147 3.48 18.03 -3.40
CA GLY A 147 4.29 17.88 -2.21
C GLY A 147 4.36 19.15 -1.40
N VAL A 148 4.55 19.00 -0.09
CA VAL A 148 4.63 20.15 0.81
C VAL A 148 6.08 20.64 0.86
N ASP A 149 6.26 21.94 1.06
CA ASP A 149 7.59 22.52 1.13
C ASP A 149 8.43 21.83 2.20
N ARG A 150 9.67 21.49 1.82
CA ARG A 150 10.58 20.83 2.73
C ARG A 150 10.99 21.77 3.86
N PRO A 151 10.67 21.43 5.12
CA PRO A 151 11.01 22.25 6.27
C PRO A 151 12.36 21.85 6.86
N MET B 1 -6.47 -21.60 -26.24
CA MET B 1 -7.25 -20.39 -26.53
C MET B 1 -6.66 -19.19 -25.79
N GLN B 2 -6.54 -18.07 -26.48
CA GLN B 2 -6.00 -16.85 -25.90
C GLN B 2 -7.09 -16.05 -25.20
N ILE B 3 -6.84 -15.65 -23.97
CA ILE B 3 -7.78 -14.84 -23.20
C ILE B 3 -7.08 -13.60 -22.67
N PHE B 4 -7.84 -12.70 -22.08
CA PHE B 4 -7.26 -11.47 -21.54
C PHE B 4 -7.60 -11.32 -20.06
N VAL B 5 -6.59 -10.96 -19.28
CA VAL B 5 -6.76 -10.75 -17.85
C VAL B 5 -6.45 -9.29 -17.50
N LYS B 6 -7.49 -8.56 -17.13
CA LYS B 6 -7.31 -7.15 -16.80
C LYS B 6 -7.28 -6.95 -15.29
N THR B 7 -6.29 -6.21 -14.84
CA THR B 7 -6.15 -5.92 -13.41
C THR B 7 -6.85 -4.61 -13.09
N LEU B 8 -6.95 -4.30 -11.81
CA LEU B 8 -7.60 -3.06 -11.35
C LEU B 8 -6.72 -1.85 -11.65
N THR B 9 -5.47 -2.10 -11.98
CA THR B 9 -4.51 -1.04 -12.28
C THR B 9 -4.52 -0.71 -13.77
N GLY B 10 -5.35 -1.41 -14.53
CA GLY B 10 -5.44 -1.17 -15.97
C GLY B 10 -4.55 -2.07 -16.79
N LYS B 11 -3.57 -2.69 -16.15
CA LYS B 11 -2.64 -3.59 -16.84
C LYS B 11 -3.38 -4.84 -17.31
N THR B 12 -3.49 -5.00 -18.62
CA THR B 12 -4.15 -6.15 -19.21
C THR B 12 -3.12 -7.11 -19.77
N ILE B 13 -3.04 -8.28 -19.18
CA ILE B 13 -2.09 -9.29 -19.62
C ILE B 13 -2.78 -10.38 -20.43
N THR B 14 -2.08 -10.88 -21.43
CA THR B 14 -2.61 -11.93 -22.28
C THR B 14 -2.28 -13.29 -21.67
N LEU B 15 -3.24 -14.20 -21.68
CA LEU B 15 -3.03 -15.52 -21.11
C LEU B 15 -3.55 -16.59 -22.07
N GLU B 16 -2.77 -17.66 -22.22
CA GLU B 16 -3.16 -18.75 -23.09
C GLU B 16 -3.52 -19.98 -22.27
N VAL B 17 -4.79 -20.36 -22.32
CA VAL B 17 -5.29 -21.50 -21.57
C VAL B 17 -6.15 -22.39 -22.46
N GLU B 18 -6.72 -23.44 -21.89
CA GLU B 18 -7.58 -24.35 -22.62
C GLU B 18 -8.87 -24.59 -21.85
N PRO B 19 -9.94 -25.08 -22.52
CA PRO B 19 -11.23 -25.34 -21.88
C PRO B 19 -11.12 -26.31 -20.70
N SER B 20 -10.10 -27.16 -20.74
CA SER B 20 -9.88 -28.15 -19.70
C SER B 20 -8.93 -27.63 -18.62
N ASP B 21 -8.62 -26.34 -18.68
CA ASP B 21 -7.72 -25.73 -17.70
C ASP B 21 -8.49 -25.36 -16.44
N THR B 22 -7.89 -25.61 -15.29
CA THR B 22 -8.52 -25.30 -14.02
C THR B 22 -8.17 -23.89 -13.57
N ILE B 23 -9.06 -23.27 -12.83
CA ILE B 23 -8.85 -21.91 -12.33
C ILE B 23 -7.56 -21.82 -11.52
N GLU B 24 -7.28 -22.86 -10.75
CA GLU B 24 -6.08 -22.92 -9.94
C GLU B 24 -4.84 -22.84 -10.83
N ASN B 25 -4.86 -23.56 -11.94
CA ASN B 25 -3.74 -23.55 -12.87
C ASN B 25 -3.63 -22.20 -13.54
N VAL B 26 -4.77 -21.58 -13.80
CA VAL B 26 -4.82 -20.26 -14.41
C VAL B 26 -4.09 -19.26 -13.51
N LYS B 27 -4.35 -19.37 -12.20
CA LYS B 27 -3.72 -18.51 -11.21
C LYS B 27 -2.20 -18.70 -11.24
N ALA B 28 -1.78 -19.95 -11.34
CA ALA B 28 -0.36 -20.28 -11.40
C ALA B 28 0.30 -19.66 -12.63
N LYS B 29 -0.43 -19.63 -13.73
CA LYS B 29 0.08 -19.05 -14.98
C LYS B 29 0.32 -17.55 -14.80
N ILE B 30 -0.59 -16.90 -14.08
CA ILE B 30 -0.47 -15.47 -13.82
C ILE B 30 0.70 -15.20 -12.89
N GLN B 31 0.90 -16.10 -11.93
CA GLN B 31 1.98 -15.99 -10.96
C GLN B 31 3.34 -16.11 -11.65
N ASP B 32 3.37 -16.78 -12.79
CA ASP B 32 4.59 -16.97 -13.55
C ASP B 32 5.01 -15.69 -14.27
N LYS B 33 4.08 -15.09 -15.01
CA LYS B 33 4.38 -13.87 -15.75
C LYS B 33 4.39 -12.60 -14.90
N GLU B 34 3.39 -12.47 -14.02
CA GLU B 34 3.29 -11.29 -13.17
C GLU B 34 4.05 -11.48 -11.87
N GLY B 35 3.76 -12.55 -11.16
CA GLY B 35 4.42 -12.82 -9.90
C GLY B 35 3.46 -12.79 -8.73
N ILE B 36 2.24 -12.35 -8.98
CA ILE B 36 1.22 -12.26 -7.94
C ILE B 36 0.80 -13.65 -7.48
N PRO B 37 0.92 -13.93 -6.18
CA PRO B 37 0.56 -15.24 -5.60
C PRO B 37 -0.93 -15.55 -5.80
N PRO B 38 -1.26 -16.82 -6.07
CA PRO B 38 -2.64 -17.28 -6.30
C PRO B 38 -3.57 -16.97 -5.12
N ASP B 39 -3.01 -16.85 -3.93
CA ASP B 39 -3.78 -16.55 -2.73
C ASP B 39 -4.32 -15.13 -2.79
N GLN B 40 -3.56 -14.24 -3.42
CA GLN B 40 -3.94 -12.85 -3.54
C GLN B 40 -4.62 -12.59 -4.88
N GLN B 41 -4.85 -13.65 -5.63
CA GLN B 41 -5.49 -13.55 -6.94
C GLN B 41 -6.98 -13.81 -6.86
N ARG B 42 -7.77 -12.76 -6.98
CA ARG B 42 -9.21 -12.88 -6.94
C ARG B 42 -9.78 -12.67 -8.35
N LEU B 43 -9.97 -13.78 -9.07
CA LEU B 43 -10.48 -13.73 -10.44
C LEU B 43 -12.00 -13.66 -10.48
N ILE B 44 -12.51 -12.60 -11.10
CA ILE B 44 -13.95 -12.41 -11.24
C ILE B 44 -14.33 -12.41 -12.72
N PHE B 45 -15.36 -13.18 -13.05
CA PHE B 45 -15.82 -13.28 -14.43
C PHE B 45 -17.34 -13.33 -14.48
N ALA B 46 -17.93 -12.42 -15.27
CA ALA B 46 -19.38 -12.35 -15.43
C ALA B 46 -20.09 -12.15 -14.10
N GLY B 47 -19.45 -11.40 -13.21
CA GLY B 47 -20.03 -11.14 -11.90
C GLY B 47 -19.92 -12.33 -10.96
N LYS B 48 -19.30 -13.40 -11.43
CA LYS B 48 -19.14 -14.60 -10.63
C LYS B 48 -17.68 -14.80 -10.24
N GLN B 49 -17.47 -15.35 -9.06
CA GLN B 49 -16.12 -15.59 -8.56
C GLN B 49 -15.66 -16.98 -8.99
N LEU B 50 -14.51 -17.04 -9.64
CA LEU B 50 -13.97 -18.31 -10.12
C LEU B 50 -13.39 -19.12 -8.97
N GLU B 51 -13.83 -20.36 -8.84
CA GLU B 51 -13.34 -21.25 -7.78
C GLU B 51 -12.08 -21.96 -8.24
N ASP B 52 -11.07 -21.98 -7.38
CA ASP B 52 -9.78 -22.62 -7.68
C ASP B 52 -9.93 -24.05 -8.21
N GLY B 53 -10.82 -24.81 -7.58
CA GLY B 53 -11.03 -26.18 -8.00
C GLY B 53 -12.05 -26.34 -9.09
N ARG B 54 -12.27 -25.30 -9.87
CA ARG B 54 -13.22 -25.35 -10.97
C ARG B 54 -12.49 -25.21 -12.30
N THR B 55 -13.15 -25.58 -13.38
CA THR B 55 -12.57 -25.50 -14.70
C THR B 55 -13.18 -24.33 -15.46
N LEU B 56 -12.49 -23.87 -16.51
CA LEU B 56 -12.99 -22.77 -17.32
C LEU B 56 -14.29 -23.15 -18.02
N SER B 57 -14.51 -24.45 -18.15
CA SER B 57 -15.71 -24.99 -18.79
C SER B 57 -16.95 -24.77 -17.91
N ASP B 58 -16.74 -24.78 -16.60
CA ASP B 58 -17.84 -24.61 -15.64
C ASP B 58 -18.53 -23.26 -15.82
N TYR B 59 -17.74 -22.24 -16.10
CA TYR B 59 -18.29 -20.90 -16.28
C TYR B 59 -18.47 -20.58 -17.76
N ASN B 60 -18.23 -21.59 -18.59
CA ASN B 60 -18.36 -21.47 -20.04
C ASN B 60 -17.47 -20.35 -20.56
N ILE B 61 -16.21 -20.39 -20.16
CA ILE B 61 -15.25 -19.39 -20.59
C ILE B 61 -14.67 -19.75 -21.95
N GLN B 62 -15.02 -18.97 -22.95
CA GLN B 62 -14.54 -19.19 -24.31
C GLN B 62 -13.25 -18.40 -24.55
N LYS B 63 -12.83 -18.32 -25.81
CA LYS B 63 -11.63 -17.59 -26.16
C LYS B 63 -11.90 -16.09 -26.19
N GLU B 64 -10.84 -15.32 -26.00
CA GLU B 64 -10.91 -13.85 -26.01
C GLU B 64 -11.74 -13.27 -24.88
N SER B 65 -11.99 -14.07 -23.84
CA SER B 65 -12.74 -13.63 -22.68
C SER B 65 -11.85 -12.77 -21.80
N THR B 66 -12.45 -11.83 -21.08
CA THR B 66 -11.68 -10.94 -20.22
C THR B 66 -11.99 -11.17 -18.74
N LEU B 67 -11.00 -11.69 -18.03
CA LEU B 67 -11.13 -11.96 -16.61
C LEU B 67 -10.65 -10.76 -15.81
N HIS B 68 -11.30 -10.47 -14.71
CA HIS B 68 -10.91 -9.35 -13.86
C HIS B 68 -10.11 -9.86 -12.68
N LEU B 69 -8.90 -9.35 -12.52
CA LEU B 69 -8.03 -9.76 -11.43
C LEU B 69 -8.04 -8.75 -10.29
N VAL B 70 -8.70 -9.11 -9.20
CA VAL B 70 -8.77 -8.25 -8.03
C VAL B 70 -7.66 -8.65 -7.05
N LEU B 71 -6.87 -7.67 -6.63
CA LEU B 71 -5.77 -7.93 -5.71
C LEU B 71 -6.29 -8.08 -4.28
N ARG B 72 -6.20 -9.30 -3.76
CA ARG B 72 -6.66 -9.58 -2.41
C ARG B 72 -5.53 -9.34 -1.41
N LEU B 73 -5.51 -8.16 -0.82
CA LEU B 73 -4.49 -7.81 0.16
C LEU B 73 -4.69 -8.58 1.47
N ARG B 74 -3.73 -9.41 1.81
CA ARG B 74 -3.79 -10.21 3.03
C ARG B 74 -3.06 -9.51 4.17
N GLY B 75 -3.53 -8.32 4.53
CA GLY B 75 -2.92 -7.55 5.60
C GLY B 75 -2.90 -6.07 5.31
N CYS B 76 -2.92 -5.27 6.37
CA CYS B 76 -2.92 -3.82 6.23
C CYS B 76 -2.61 -3.18 7.58
N ALA A 2 -6.25 4.74 27.05
CA ALA A 2 -5.82 4.96 25.66
C ALA A 2 -5.17 6.33 25.48
N SER A 3 -5.95 7.39 25.67
CA SER A 3 -5.47 8.75 25.51
C SER A 3 -4.35 9.08 26.50
N MET A 4 -4.38 8.45 27.66
CA MET A 4 -3.36 8.65 28.69
C MET A 4 -1.97 8.35 28.15
N ARG A 5 -1.86 7.30 27.36
CA ARG A 5 -0.58 6.92 26.77
C ARG A 5 -0.31 7.79 25.54
N VAL A 6 -1.37 8.12 24.81
CA VAL A 6 -1.26 8.95 23.62
C VAL A 6 -0.60 10.29 23.95
N VAL A 7 -1.12 10.97 24.97
CA VAL A 7 -0.57 12.26 25.38
C VAL A 7 0.88 12.11 25.84
N LYS A 8 1.19 10.96 26.43
CA LYS A 8 2.54 10.68 26.89
C LYS A 8 3.49 10.50 25.71
N GLU A 9 3.09 9.66 24.76
CA GLU A 9 3.88 9.40 23.58
C GLU A 9 4.08 10.68 22.77
N LEU A 10 3.03 11.49 22.70
CA LEU A 10 3.10 12.76 22.00
C LEU A 10 4.14 13.66 22.64
N GLU A 11 4.07 13.73 23.96
CA GLU A 11 5.00 14.55 24.74
C GLU A 11 6.43 14.06 24.53
N ASP A 12 6.59 12.74 24.47
CA ASP A 12 7.91 12.13 24.28
C ASP A 12 8.50 12.55 22.94
N LEU A 13 7.69 12.45 21.89
CA LEU A 13 8.12 12.81 20.55
C LEU A 13 8.29 14.32 20.38
N GLN A 14 7.55 15.10 21.17
CA GLN A 14 7.65 16.56 21.10
C GLN A 14 8.86 17.06 21.86
N LYS A 15 9.27 16.32 22.88
CA LYS A 15 10.44 16.69 23.68
C LYS A 15 11.70 16.38 22.89
N LYS A 16 11.71 15.22 22.25
CA LYS A 16 12.84 14.80 21.44
C LYS A 16 12.34 14.40 20.05
N PRO A 17 12.10 15.40 19.18
CA PRO A 17 11.60 15.16 17.83
C PRO A 17 12.64 14.57 16.88
N PRO A 18 12.21 13.63 16.04
CA PRO A 18 13.09 13.00 15.06
C PRO A 18 13.43 13.97 13.93
N PRO A 19 14.63 13.86 13.35
CA PRO A 19 15.09 14.75 12.27
C PRO A 19 14.13 14.76 11.07
N TYR A 20 13.54 13.60 10.80
CA TYR A 20 12.62 13.46 9.67
C TYR A 20 11.17 13.78 10.04
N LEU A 21 10.91 14.13 11.29
CA LEU A 21 9.56 14.45 11.71
C LEU A 21 9.50 15.81 12.38
N ARG A 22 8.88 16.78 11.72
CA ARG A 22 8.79 18.12 12.26
C ARG A 22 7.35 18.61 12.31
N ASN A 23 7.09 19.58 13.19
CA ASN A 23 5.77 20.17 13.37
C ASN A 23 4.74 19.17 13.90
N LEU A 24 5.20 18.23 14.71
CA LEU A 24 4.32 17.22 15.29
C LEU A 24 3.44 17.82 16.38
N SER A 25 2.15 17.91 16.10
CA SER A 25 1.20 18.45 17.05
C SER A 25 -0.10 17.64 17.04
N SER A 26 -0.82 17.67 18.14
CA SER A 26 -2.08 16.96 18.25
C SER A 26 -3.19 17.76 17.58
N ASP A 27 -4.24 17.07 17.14
CA ASP A 27 -5.35 17.73 16.49
C ASP A 27 -6.05 18.65 17.48
N ASP A 28 -6.54 19.78 16.99
CA ASP A 28 -7.20 20.76 17.83
C ASP A 28 -8.52 20.23 18.41
N ALA A 29 -9.18 19.36 17.68
CA ALA A 29 -10.45 18.81 18.11
C ALA A 29 -10.29 17.44 18.78
N ASN A 30 -9.58 16.54 18.12
CA ASN A 30 -9.38 15.19 18.66
C ASN A 30 -7.92 14.92 18.99
N VAL A 31 -7.62 14.76 20.27
CA VAL A 31 -6.27 14.49 20.73
C VAL A 31 -5.73 13.15 20.21
N LEU A 32 -6.64 12.30 19.74
CA LEU A 32 -6.26 10.99 19.22
C LEU A 32 -5.74 11.09 17.78
N VAL A 33 -5.74 12.29 17.22
CA VAL A 33 -5.25 12.50 15.88
C VAL A 33 -4.01 13.37 15.89
N TRP A 34 -2.91 12.85 15.37
CA TRP A 34 -1.66 13.60 15.33
C TRP A 34 -1.39 14.13 13.94
N HIS A 35 -0.84 15.33 13.88
CA HIS A 35 -0.50 15.97 12.62
C HIS A 35 0.99 16.31 12.63
N ALA A 36 1.71 15.84 11.62
CA ALA A 36 3.14 16.10 11.53
C ALA A 36 3.61 16.10 10.09
N LEU A 37 4.77 16.68 9.85
CA LEU A 37 5.36 16.75 8.53
C LEU A 37 6.56 15.81 8.45
N LEU A 38 6.51 14.90 7.49
CA LEU A 38 7.60 13.95 7.27
C LEU A 38 8.56 14.51 6.24
N LEU A 39 9.85 14.48 6.56
CA LEU A 39 10.87 15.00 5.67
C LEU A 39 11.84 13.90 5.26
N PRO A 40 11.57 13.24 4.12
CA PRO A 40 12.44 12.19 3.60
C PRO A 40 13.73 12.79 3.04
N ASP A 41 14.82 12.06 3.17
CA ASP A 41 16.11 12.54 2.68
C ASP A 41 16.39 12.01 1.28
N GLN A 42 15.73 10.93 0.92
CA GLN A 42 15.89 10.32 -0.39
C GLN A 42 15.12 11.10 -1.46
N PRO A 43 15.82 11.56 -2.51
CA PRO A 43 15.18 12.30 -3.61
C PRO A 43 14.15 11.43 -4.34
N PRO A 44 13.15 12.05 -4.98
CA PRO A 44 13.00 13.50 -5.03
C PRO A 44 12.15 14.04 -3.87
N TYR A 45 11.84 13.17 -2.91
CA TYR A 45 11.04 13.55 -1.76
C TYR A 45 11.81 14.47 -0.82
N HIS A 46 13.09 14.68 -1.14
CA HIS A 46 13.94 15.53 -0.32
C HIS A 46 13.76 17.01 -0.63
N LEU A 47 12.98 17.32 -1.65
CA LEU A 47 12.75 18.71 -2.05
C LEU A 47 11.63 19.36 -1.22
N LYS A 48 10.64 18.57 -0.85
CA LYS A 48 9.52 19.07 -0.08
C LYS A 48 9.24 18.18 1.13
N ALA A 49 8.10 18.38 1.76
CA ALA A 49 7.70 17.59 2.92
C ALA A 49 6.28 17.08 2.74
N PHE A 50 5.91 16.05 3.47
CA PHE A 50 4.57 15.48 3.37
C PHE A 50 3.89 15.44 4.73
N ASN A 51 2.60 15.72 4.76
CA ASN A 51 1.84 15.73 6.00
C ASN A 51 1.18 14.37 6.24
N LEU A 52 1.41 13.84 7.42
CA LEU A 52 0.84 12.55 7.78
C LEU A 52 -0.22 12.71 8.86
N ARG A 53 -1.24 11.87 8.80
CA ARG A 53 -2.33 11.90 9.76
C ARG A 53 -2.36 10.62 10.59
N ILE A 54 -2.01 10.73 11.86
CA ILE A 54 -2.01 9.59 12.76
C ILE A 54 -3.34 9.53 13.50
N SER A 55 -4.06 8.44 13.32
CA SER A 55 -5.35 8.28 13.98
C SER A 55 -5.32 7.16 15.01
N PHE A 56 -5.37 7.53 16.28
CA PHE A 56 -5.37 6.55 17.36
C PHE A 56 -6.78 6.05 17.62
N PRO A 57 -6.95 4.72 17.66
CA PRO A 57 -8.25 4.11 17.90
C PRO A 57 -8.59 4.09 19.39
N PRO A 58 -9.88 4.02 19.73
CA PRO A 58 -10.34 3.99 21.12
C PRO A 58 -9.92 2.70 21.84
N GLU A 59 -9.47 1.71 21.06
CA GLU A 59 -9.04 0.43 21.61
C GLU A 59 -7.53 0.39 21.82
N TYR A 60 -6.89 1.55 21.77
CA TYR A 60 -5.45 1.65 21.96
C TYR A 60 -5.10 1.26 23.40
N PRO A 61 -3.95 0.62 23.64
CA PRO A 61 -2.98 0.25 22.61
C PRO A 61 -3.17 -1.16 22.08
N PHE A 62 -4.32 -1.75 22.35
CA PHE A 62 -4.62 -3.10 21.88
C PHE A 62 -4.82 -3.08 20.37
N LYS A 63 -5.34 -1.97 19.89
CA LYS A 63 -5.57 -1.77 18.47
C LYS A 63 -4.53 -0.80 17.92
N PRO A 64 -3.90 -1.15 16.79
CA PRO A 64 -2.87 -0.31 16.16
C PRO A 64 -3.44 1.00 15.61
N PRO A 65 -2.68 2.10 15.73
CA PRO A 65 -3.10 3.41 15.24
C PRO A 65 -3.04 3.48 13.71
N MET A 66 -4.05 4.07 13.11
CA MET A 66 -4.12 4.17 11.66
C MET A 66 -3.42 5.43 11.17
N ILE A 67 -2.26 5.26 10.58
CA ILE A 67 -1.49 6.38 10.04
C ILE A 67 -1.61 6.42 8.53
N LYS A 68 -2.01 7.55 8.00
CA LYS A 68 -2.14 7.72 6.56
C LYS A 68 -1.56 9.05 6.12
N PHE A 69 -1.34 9.20 4.83
CA PHE A 69 -0.79 10.45 4.31
C PHE A 69 -1.92 11.36 3.85
N THR A 70 -1.82 12.63 4.19
CA THR A 70 -2.82 13.60 3.80
C THR A 70 -2.45 14.19 2.44
N THR A 71 -1.16 14.43 2.26
CA THR A 71 -0.65 14.99 1.03
C THR A 71 -0.44 13.88 0.00
N LYS A 72 -0.49 14.22 -1.27
CA LYS A 72 -0.34 13.24 -2.35
C LYS A 72 1.13 12.96 -2.62
N ILE A 73 1.59 11.79 -2.19
CA ILE A 73 2.98 11.39 -2.40
C ILE A 73 3.07 10.26 -3.42
N TYR A 74 3.79 10.50 -4.50
CA TYR A 74 3.97 9.50 -5.54
C TYR A 74 5.02 8.47 -5.14
N HIS A 75 4.61 7.49 -4.36
CA HIS A 75 5.50 6.44 -3.88
C HIS A 75 4.93 5.08 -4.25
N PRO A 76 5.78 4.14 -4.72
CA PRO A 76 5.34 2.79 -5.11
C PRO A 76 4.70 1.98 -3.98
N ASN A 77 4.78 2.50 -2.77
CA ASN A 77 4.20 1.82 -1.61
C ASN A 77 3.14 2.70 -0.95
N VAL A 78 2.63 3.66 -1.70
CA VAL A 78 1.60 4.56 -1.19
C VAL A 78 0.49 4.73 -2.22
N ASP A 79 -0.75 4.69 -1.77
CA ASP A 79 -1.90 4.84 -2.65
C ASP A 79 -2.25 6.32 -2.82
N GLU A 80 -2.99 6.64 -3.88
CA GLU A 80 -3.38 8.00 -4.17
C GLU A 80 -4.25 8.63 -3.08
N ASN A 81 -4.89 7.81 -2.27
CA ASN A 81 -5.73 8.33 -1.20
C ASN A 81 -4.92 8.51 0.08
N GLY A 82 -3.63 8.19 -0.01
CA GLY A 82 -2.75 8.30 1.13
C GLY A 82 -2.72 7.02 1.93
N GLN A 83 -3.22 5.96 1.33
CA GLN A 83 -3.26 4.66 1.99
C GLN A 83 -1.90 3.96 1.89
N ILE A 84 -1.53 3.26 2.95
CA ILE A 84 -0.26 2.56 2.98
C ILE A 84 -0.42 1.20 3.66
N CYS A 85 0.68 0.47 3.75
CA CYS A 85 0.69 -0.84 4.38
C CYS A 85 1.89 -0.94 5.30
N LEU A 86 1.64 -1.02 6.60
CA LEU A 86 2.70 -1.11 7.59
C LEU A 86 2.61 -2.41 8.37
N PRO A 87 3.54 -3.35 8.10
CA PRO A 87 3.56 -4.66 8.78
C PRO A 87 3.73 -4.53 10.30
N ILE A 88 4.19 -3.37 10.74
CA ILE A 88 4.39 -3.12 12.17
C ILE A 88 3.05 -2.89 12.89
N ILE A 89 2.05 -2.44 12.15
CA ILE A 89 0.73 -2.18 12.73
C ILE A 89 -0.34 -2.89 11.93
N SER A 90 0.04 -4.00 11.32
CA SER A 90 -0.87 -4.79 10.51
C SER A 90 -1.68 -5.74 11.39
N SER A 91 -2.78 -6.23 10.85
CA SER A 91 -3.62 -7.17 11.58
C SER A 91 -2.91 -8.51 11.74
N GLU A 92 -1.91 -8.74 10.90
CA GLU A 92 -1.14 -9.98 10.94
C GLU A 92 -0.01 -9.90 11.97
N ASN A 93 0.55 -8.70 12.12
CA ASN A 93 1.64 -8.50 13.06
C ASN A 93 1.51 -7.16 13.77
N TRP A 94 1.23 -7.21 15.06
CA TRP A 94 1.09 -6.01 15.88
C TRP A 94 1.37 -6.34 17.34
N LYS A 95 2.09 -5.46 18.02
CA LYS A 95 2.43 -5.66 19.43
C LYS A 95 2.12 -4.39 20.21
N PRO A 96 1.25 -4.48 21.21
CA PRO A 96 0.86 -3.32 22.04
C PRO A 96 2.03 -2.69 22.78
N CYS A 97 3.13 -3.44 22.89
CA CYS A 97 4.32 -2.97 23.58
C CYS A 97 5.11 -1.99 22.70
N THR A 98 4.72 -1.90 21.44
CA THR A 98 5.38 -1.00 20.50
C THR A 98 4.80 0.39 20.61
N LYS A 99 5.67 1.40 20.62
CA LYS A 99 5.23 2.79 20.71
C LYS A 99 5.18 3.42 19.33
N THR A 100 4.43 4.52 19.22
CA THR A 100 4.28 5.23 17.95
C THR A 100 5.62 5.70 17.41
N CYS A 101 6.57 5.94 18.31
CA CYS A 101 7.90 6.39 17.96
C CYS A 101 8.58 5.37 17.04
N GLN A 102 8.27 4.10 17.24
CA GLN A 102 8.84 3.03 16.44
C GLN A 102 8.07 2.84 15.14
N VAL A 103 6.76 3.10 15.20
CA VAL A 103 5.91 2.98 14.03
C VAL A 103 6.29 4.02 12.99
N LEU A 104 6.50 5.25 13.45
CA LEU A 104 6.89 6.35 12.58
C LEU A 104 8.28 6.09 11.99
N GLU A 105 9.11 5.39 12.75
CA GLU A 105 10.45 5.05 12.30
C GLU A 105 10.36 4.08 11.13
N ALA A 106 9.56 3.03 11.31
CA ALA A 106 9.37 2.02 10.28
C ALA A 106 8.79 2.67 9.03
N LEU A 107 7.90 3.63 9.23
CA LEU A 107 7.27 4.34 8.13
C LEU A 107 8.33 5.09 7.32
N ASN A 108 9.21 5.79 8.03
CA ASN A 108 10.29 6.55 7.39
C ASN A 108 11.20 5.63 6.59
N VAL A 109 11.44 4.44 7.12
CA VAL A 109 12.28 3.46 6.44
C VAL A 109 11.65 3.02 5.12
N LEU A 110 10.35 2.74 5.15
CA LEU A 110 9.63 2.31 3.96
C LEU A 110 9.52 3.45 2.94
N VAL A 111 9.53 4.68 3.42
CA VAL A 111 9.44 5.83 2.54
C VAL A 111 10.76 6.06 1.78
N ASN A 112 11.85 6.08 2.54
CA ASN A 112 13.18 6.29 1.95
C ASN A 112 13.64 5.07 1.18
N ARG A 113 13.25 3.90 1.64
CA ARG A 113 13.62 2.65 0.97
C ARG A 113 12.36 1.97 0.42
N PRO A 114 12.03 2.22 -0.86
CA PRO A 114 10.85 1.64 -1.50
C PRO A 114 10.93 0.12 -1.62
N ASN A 115 9.91 -0.55 -1.13
CA ASN A 115 9.83 -2.00 -1.18
C ASN A 115 9.26 -2.41 -2.54
N ILE A 116 10.13 -2.86 -3.44
CA ILE A 116 9.70 -3.28 -4.76
C ILE A 116 9.27 -4.74 -4.77
N ARG A 117 9.50 -5.42 -3.65
CA ARG A 117 9.13 -6.82 -3.52
C ARG A 117 7.66 -6.89 -3.12
N GLU A 118 7.29 -6.02 -2.19
CA GLU A 118 5.91 -5.92 -1.70
C GLU A 118 5.44 -4.47 -1.83
N PRO A 119 5.12 -4.04 -3.06
CA PRO A 119 4.66 -2.68 -3.31
C PRO A 119 3.15 -2.58 -3.41
N LEU A 120 2.65 -1.35 -3.46
CA LEU A 120 1.22 -1.10 -3.59
C LEU A 120 0.91 -0.73 -5.03
N ARG A 121 1.90 -0.14 -5.69
CA ARG A 121 1.76 0.26 -7.08
C ARG A 121 2.82 -0.46 -7.91
N MET A 122 2.43 -1.57 -8.52
CA MET A 122 3.33 -2.37 -9.35
C MET A 122 3.91 -1.55 -10.50
N ASP A 123 3.13 -0.60 -10.99
CA ASP A 123 3.56 0.25 -12.09
C ASP A 123 4.75 1.12 -11.69
N LEU A 124 4.63 1.79 -10.55
CA LEU A 124 5.70 2.64 -10.05
C LEU A 124 6.88 1.81 -9.57
N ALA A 125 6.59 0.61 -9.08
CA ALA A 125 7.62 -0.30 -8.58
C ALA A 125 8.54 -0.77 -9.71
N ASP A 126 7.94 -1.30 -10.78
CA ASP A 126 8.72 -1.78 -11.91
C ASP A 126 9.44 -0.64 -12.61
N LEU A 127 8.80 0.52 -12.66
CA LEU A 127 9.37 1.70 -13.28
C LEU A 127 10.68 2.10 -12.58
N LEU A 128 10.66 2.08 -11.26
CA LEU A 128 11.82 2.43 -10.45
C LEU A 128 12.95 1.40 -10.65
N THR A 129 12.57 0.17 -10.95
CA THR A 129 13.54 -0.88 -11.16
C THR A 129 14.11 -0.81 -12.58
N GLN A 130 13.27 -0.40 -13.52
CA GLN A 130 13.67 -0.27 -14.92
C GLN A 130 14.53 0.96 -15.13
N ASN A 131 13.93 2.13 -14.95
CA ASN A 131 14.64 3.39 -15.12
C ASN A 131 14.40 4.30 -13.94
N PRO A 132 15.34 4.33 -12.99
CA PRO A 132 15.23 5.15 -11.78
C PRO A 132 15.00 6.63 -12.07
N GLU A 133 15.70 7.15 -13.06
CA GLU A 133 15.58 8.57 -13.44
C GLU A 133 14.16 8.91 -13.91
N LEU A 134 13.56 8.00 -14.66
CA LEU A 134 12.21 8.20 -15.17
C LEU A 134 11.24 8.35 -14.00
N PHE A 135 11.36 7.46 -13.02
CA PHE A 135 10.51 7.50 -11.85
C PHE A 135 10.86 8.71 -11.00
N ARG A 136 12.16 8.99 -10.90
CA ARG A 136 12.66 10.12 -10.13
C ARG A 136 12.02 11.43 -10.60
N LYS A 137 12.03 11.65 -11.91
CA LYS A 137 11.44 12.86 -12.48
C LYS A 137 9.93 12.89 -12.29
N ASN A 138 9.30 11.75 -12.52
CA ASN A 138 7.85 11.61 -12.37
C ASN A 138 7.42 11.94 -10.95
N ALA A 139 8.17 11.41 -9.98
CA ALA A 139 7.87 11.64 -8.58
C ALA A 139 8.21 13.08 -8.18
N GLU A 140 9.25 13.64 -8.80
CA GLU A 140 9.66 15.01 -8.50
C GLU A 140 8.56 15.99 -8.90
N GLU A 141 8.00 15.78 -10.09
CA GLU A 141 6.93 16.62 -10.60
C GLU A 141 5.76 16.61 -9.63
N PHE A 142 5.47 15.42 -9.09
CA PHE A 142 4.39 15.24 -8.14
C PHE A 142 4.70 15.93 -6.82
N THR A 143 5.93 15.73 -6.34
CA THR A 143 6.37 16.32 -5.08
C THR A 143 6.37 17.85 -5.14
N LEU A 144 6.77 18.41 -6.28
CA LEU A 144 6.81 19.86 -6.44
C LEU A 144 5.43 20.47 -6.61
N ARG A 145 4.42 19.63 -6.86
CA ARG A 145 3.07 20.13 -7.07
C ARG A 145 2.15 19.81 -5.89
N PHE A 146 2.21 18.57 -5.42
CA PHE A 146 1.34 18.14 -4.33
C PHE A 146 2.10 17.97 -3.02
N GLY A 147 3.27 18.57 -2.94
CA GLY A 147 4.06 18.47 -1.73
C GLY A 147 4.04 19.74 -0.91
N VAL A 148 4.20 19.59 0.40
CA VAL A 148 4.21 20.73 1.31
C VAL A 148 5.63 21.30 1.38
N ASP A 149 5.75 22.57 1.72
CA ASP A 149 7.06 23.21 1.79
C ASP A 149 7.96 22.55 2.84
N ARG A 150 9.27 22.59 2.58
CA ARG A 150 10.25 21.99 3.47
C ARG A 150 10.65 22.94 4.61
N PRO A 151 10.34 22.55 5.86
CA PRO A 151 10.67 23.35 7.03
C PRO A 151 11.99 22.89 7.66
N MET B 1 -7.30 -23.62 -25.08
CA MET B 1 -7.84 -22.35 -25.63
C MET B 1 -7.15 -21.16 -24.99
N GLN B 2 -7.07 -20.06 -25.71
CA GLN B 2 -6.44 -18.86 -25.21
C GLN B 2 -7.45 -17.89 -24.61
N ILE B 3 -7.15 -17.41 -23.40
CA ILE B 3 -8.00 -16.47 -22.70
C ILE B 3 -7.19 -15.23 -22.34
N PHE B 4 -7.87 -14.12 -22.05
CA PHE B 4 -7.20 -12.88 -21.69
C PHE B 4 -7.46 -12.55 -20.23
N VAL B 5 -6.40 -12.22 -19.51
CA VAL B 5 -6.51 -11.86 -18.10
C VAL B 5 -6.10 -10.40 -17.92
N LYS B 6 -7.05 -9.57 -17.51
CA LYS B 6 -6.80 -8.16 -17.31
C LYS B 6 -6.66 -7.82 -15.83
N THR B 7 -5.53 -7.24 -15.47
CA THR B 7 -5.28 -6.86 -14.09
C THR B 7 -5.72 -5.41 -13.86
N LEU B 8 -5.76 -5.00 -12.60
CA LEU B 8 -6.16 -3.63 -12.25
C LEU B 8 -5.13 -2.62 -12.75
N THR B 9 -3.94 -3.10 -13.08
CA THR B 9 -2.88 -2.24 -13.57
C THR B 9 -2.99 -2.05 -15.09
N GLY B 10 -3.98 -2.70 -15.69
CA GLY B 10 -4.18 -2.60 -17.12
C GLY B 10 -3.41 -3.66 -17.88
N LYS B 11 -2.45 -4.28 -17.20
CA LYS B 11 -1.63 -5.32 -17.79
C LYS B 11 -2.49 -6.52 -18.16
N THR B 12 -2.64 -6.75 -19.45
CA THR B 12 -3.43 -7.85 -19.95
C THR B 12 -2.53 -8.98 -20.40
N ILE B 13 -2.66 -10.13 -19.78
CA ILE B 13 -1.84 -11.29 -20.11
C ILE B 13 -2.67 -12.36 -20.80
N THR B 14 -2.01 -13.25 -21.51
CA THR B 14 -2.67 -14.33 -22.21
C THR B 14 -2.42 -15.64 -21.47
N LEU B 15 -3.41 -16.52 -21.47
CA LEU B 15 -3.28 -17.80 -20.79
C LEU B 15 -3.86 -18.92 -21.64
N GLU B 16 -3.17 -20.06 -21.68
CA GLU B 16 -3.62 -21.21 -22.45
C GLU B 16 -4.16 -22.29 -21.53
N VAL B 17 -5.47 -22.34 -21.38
CA VAL B 17 -6.12 -23.32 -20.54
C VAL B 17 -7.27 -23.98 -21.28
N GLU B 18 -7.91 -24.96 -20.65
CA GLU B 18 -9.03 -25.66 -21.25
C GLU B 18 -10.28 -25.45 -20.40
N PRO B 19 -11.47 -25.62 -20.99
CA PRO B 19 -12.75 -25.45 -20.26
C PRO B 19 -12.83 -26.31 -19.00
N SER B 20 -12.19 -27.47 -19.03
CA SER B 20 -12.20 -28.40 -17.90
C SER B 20 -11.22 -27.98 -16.80
N ASP B 21 -10.55 -26.86 -17.00
CA ASP B 21 -9.60 -26.36 -16.02
C ASP B 21 -10.33 -25.75 -14.82
N THR B 22 -9.86 -26.04 -13.63
CA THR B 22 -10.46 -25.50 -12.42
C THR B 22 -9.91 -24.11 -12.16
N ILE B 23 -10.72 -23.25 -11.56
CA ILE B 23 -10.30 -21.88 -11.26
C ILE B 23 -9.02 -21.86 -10.42
N GLU B 24 -8.89 -22.82 -9.51
CA GLU B 24 -7.72 -22.91 -8.66
C GLU B 24 -6.46 -23.18 -9.49
N ASN B 25 -6.60 -24.01 -10.52
CA ASN B 25 -5.48 -24.34 -11.39
C ASN B 25 -5.10 -23.11 -12.21
N VAL B 26 -6.12 -22.37 -12.63
CA VAL B 26 -5.92 -21.15 -13.41
C VAL B 26 -5.12 -20.15 -12.59
N LYS B 27 -5.49 -20.02 -11.32
CA LYS B 27 -4.81 -19.10 -10.40
C LYS B 27 -3.33 -19.46 -10.30
N ALA B 28 -3.06 -20.75 -10.18
CA ALA B 28 -1.69 -21.25 -10.06
C ALA B 28 -0.89 -20.90 -11.32
N LYS B 29 -1.54 -21.02 -12.47
CA LYS B 29 -0.89 -20.72 -13.75
C LYS B 29 -0.58 -19.22 -13.87
N ILE B 30 -1.43 -18.40 -13.28
CA ILE B 30 -1.22 -16.96 -13.29
C ILE B 30 0.01 -16.61 -12.44
N GLN B 31 0.12 -17.30 -11.31
CA GLN B 31 1.26 -17.09 -10.40
C GLN B 31 2.54 -17.57 -11.06
N ASP B 32 2.40 -18.50 -11.98
CA ASP B 32 3.55 -19.04 -12.70
C ASP B 32 4.26 -17.97 -13.53
N LYS B 33 3.48 -17.10 -14.16
CA LYS B 33 4.06 -16.05 -15.00
C LYS B 33 4.17 -14.69 -14.31
N GLU B 34 3.11 -14.29 -13.60
CA GLU B 34 3.10 -12.98 -12.94
C GLU B 34 3.64 -13.04 -11.52
N GLY B 35 3.53 -14.19 -10.89
CA GLY B 35 4.03 -14.34 -9.53
C GLY B 35 3.03 -13.90 -8.48
N ILE B 36 1.82 -13.57 -8.91
CA ILE B 36 0.77 -13.14 -7.99
C ILE B 36 0.19 -14.32 -7.23
N PRO B 37 0.27 -14.30 -5.89
CA PRO B 37 -0.24 -15.37 -5.03
C PRO B 37 -1.74 -15.60 -5.23
N PRO B 38 -2.16 -16.87 -5.36
CA PRO B 38 -3.57 -17.24 -5.56
C PRO B 38 -4.45 -16.88 -4.36
N ASP B 39 -3.82 -16.66 -3.22
CA ASP B 39 -4.56 -16.32 -2.00
C ASP B 39 -5.11 -14.90 -2.07
N GLN B 40 -4.56 -14.10 -2.96
CA GLN B 40 -5.00 -12.71 -3.13
C GLN B 40 -5.49 -12.48 -4.54
N GLN B 41 -5.74 -13.57 -5.25
CA GLN B 41 -6.22 -13.51 -6.63
C GLN B 41 -7.74 -13.57 -6.68
N ARG B 42 -8.37 -12.47 -7.06
CA ARG B 42 -9.81 -12.43 -7.17
C ARG B 42 -10.23 -12.34 -8.64
N LEU B 43 -10.54 -13.49 -9.23
CA LEU B 43 -10.93 -13.56 -10.62
C LEU B 43 -12.43 -13.28 -10.79
N ILE B 44 -12.73 -12.26 -11.59
CA ILE B 44 -14.11 -11.86 -11.86
C ILE B 44 -14.43 -12.02 -13.33
N PHE B 45 -15.57 -12.67 -13.63
CA PHE B 45 -16.01 -12.87 -14.99
C PHE B 45 -17.50 -12.58 -15.11
N ALA B 46 -17.83 -11.62 -15.96
CA ALA B 46 -19.23 -11.21 -16.20
C ALA B 46 -19.90 -10.76 -14.90
N GLY B 47 -19.10 -10.27 -13.96
CA GLY B 47 -19.64 -9.80 -12.69
C GLY B 47 -19.72 -10.91 -11.66
N LYS B 48 -19.43 -12.13 -12.08
CA LYS B 48 -19.48 -13.27 -11.18
C LYS B 48 -18.10 -13.59 -10.65
N GLN B 49 -18.03 -14.05 -9.41
CA GLN B 49 -16.77 -14.41 -8.78
C GLN B 49 -16.42 -15.85 -9.12
N LEU B 50 -15.24 -16.06 -9.67
CA LEU B 50 -14.80 -17.40 -10.05
C LEU B 50 -14.36 -18.19 -8.83
N GLU B 51 -15.16 -19.21 -8.49
CA GLU B 51 -14.88 -20.06 -7.34
C GLU B 51 -13.82 -21.11 -7.69
N ASP B 52 -12.80 -21.21 -6.84
CA ASP B 52 -11.69 -22.14 -7.03
C ASP B 52 -12.12 -23.58 -7.31
N GLY B 53 -13.20 -24.00 -6.67
CA GLY B 53 -13.70 -25.35 -6.85
C GLY B 53 -14.57 -25.55 -8.08
N ARG B 54 -14.60 -24.57 -8.97
CA ARG B 54 -15.40 -24.67 -10.19
C ARG B 54 -14.51 -24.67 -11.42
N THR B 55 -15.06 -25.11 -12.54
CA THR B 55 -14.33 -25.16 -13.78
C THR B 55 -14.76 -24.01 -14.69
N LEU B 56 -14.05 -23.82 -15.79
CA LEU B 56 -14.38 -22.75 -16.74
C LEU B 56 -15.73 -23.04 -17.38
N SER B 57 -16.04 -24.32 -17.54
CA SER B 57 -17.29 -24.75 -18.15
C SER B 57 -18.48 -24.37 -17.27
N ASP B 58 -18.26 -24.32 -15.95
CA ASP B 58 -19.32 -23.97 -15.01
C ASP B 58 -19.79 -22.55 -15.21
N TYR B 59 -18.86 -21.66 -15.49
CA TYR B 59 -19.18 -20.26 -15.69
C TYR B 59 -19.43 -19.94 -17.17
N ASN B 60 -19.37 -20.98 -18.00
CA ASN B 60 -19.59 -20.84 -19.44
C ASN B 60 -18.55 -19.91 -20.05
N ILE B 61 -17.29 -20.17 -19.75
CA ILE B 61 -16.19 -19.37 -20.25
C ILE B 61 -15.63 -19.98 -21.53
N GLN B 62 -15.64 -19.20 -22.60
CA GLN B 62 -15.12 -19.64 -23.89
C GLN B 62 -13.78 -18.95 -24.16
N LYS B 63 -13.14 -19.30 -25.27
CA LYS B 63 -11.86 -18.71 -25.63
C LYS B 63 -12.03 -17.23 -25.96
N GLU B 64 -10.93 -16.48 -25.89
CA GLU B 64 -10.92 -15.05 -26.18
C GLU B 64 -11.72 -14.23 -25.15
N SER B 65 -12.10 -14.86 -24.05
CA SER B 65 -12.84 -14.16 -23.01
C SER B 65 -11.87 -13.43 -22.09
N THR B 66 -12.26 -12.25 -21.63
CA THR B 66 -11.40 -11.47 -20.76
C THR B 66 -11.80 -11.58 -19.29
N LEU B 67 -10.93 -12.17 -18.49
CA LEU B 67 -11.16 -12.32 -17.06
C LEU B 67 -10.55 -11.13 -16.35
N HIS B 68 -11.17 -10.72 -15.25
CA HIS B 68 -10.66 -9.60 -14.48
C HIS B 68 -9.95 -10.09 -13.22
N LEU B 69 -8.69 -9.74 -13.08
CA LEU B 69 -7.90 -10.15 -11.93
C LEU B 69 -7.79 -9.02 -10.92
N VAL B 70 -8.62 -9.09 -9.89
CA VAL B 70 -8.61 -8.08 -8.85
C VAL B 70 -7.67 -8.50 -7.73
N LEU B 71 -6.71 -7.64 -7.40
CA LEU B 71 -5.76 -7.93 -6.35
C LEU B 71 -6.36 -7.60 -4.98
N ARG B 72 -6.51 -8.63 -4.16
CA ARG B 72 -7.07 -8.47 -2.83
C ARG B 72 -5.98 -8.58 -1.77
N LEU B 73 -5.34 -7.46 -1.47
CA LEU B 73 -4.27 -7.42 -0.47
C LEU B 73 -4.74 -7.97 0.87
N ARG B 74 -3.90 -8.79 1.49
CA ARG B 74 -4.23 -9.38 2.77
C ARG B 74 -3.51 -8.69 3.93
N GLY B 75 -2.97 -7.49 3.67
CA GLY B 75 -2.27 -6.78 4.71
C GLY B 75 -2.21 -5.28 4.46
N CYS B 76 -2.24 -4.53 5.56
CA CYS B 76 -2.18 -3.08 5.51
C CYS B 76 -1.76 -2.57 6.88
N ALA A 2 -6.45 4.88 27.08
CA ALA A 2 -6.11 5.18 25.67
C ALA A 2 -5.43 6.54 25.54
N SER A 3 -6.21 7.60 25.73
CA SER A 3 -5.71 8.97 25.62
C SER A 3 -4.52 9.23 26.54
N MET A 4 -4.53 8.63 27.72
CA MET A 4 -3.45 8.79 28.69
C MET A 4 -2.09 8.48 28.08
N ARG A 5 -2.01 7.37 27.35
CA ARG A 5 -0.76 6.98 26.72
C ARG A 5 -0.46 7.85 25.51
N VAL A 6 -1.52 8.27 24.82
CA VAL A 6 -1.37 9.12 23.65
C VAL A 6 -0.67 10.42 24.02
N VAL A 7 -1.04 10.98 25.18
CA VAL A 7 -0.44 12.20 25.68
C VAL A 7 1.04 11.97 25.95
N LYS A 8 1.35 10.79 26.50
CA LYS A 8 2.73 10.42 26.82
C LYS A 8 3.54 10.30 25.54
N GLU A 9 3.00 9.58 24.56
CA GLU A 9 3.66 9.39 23.28
C GLU A 9 3.89 10.74 22.60
N LEU A 10 2.89 11.61 22.69
CA LEU A 10 2.96 12.93 22.10
C LEU A 10 4.09 13.72 22.74
N GLU A 11 4.08 13.79 24.06
CA GLU A 11 5.09 14.51 24.82
C GLU A 11 6.49 13.97 24.53
N ASP A 12 6.60 12.65 24.42
CA ASP A 12 7.85 11.99 24.14
C ASP A 12 8.45 12.49 22.83
N LEU A 13 7.61 12.54 21.81
CA LEU A 13 8.05 12.99 20.49
C LEU A 13 8.09 14.52 20.40
N GLN A 14 7.42 15.19 21.33
CA GLN A 14 7.41 16.65 21.34
C GLN A 14 8.78 17.18 21.76
N LYS A 15 9.32 16.59 22.82
CA LYS A 15 10.63 17.01 23.32
C LYS A 15 11.75 16.35 22.54
N LYS A 16 11.47 15.18 21.97
CA LYS A 16 12.47 14.45 21.19
C LYS A 16 11.90 14.05 19.83
N PRO A 17 11.87 15.00 18.88
CA PRO A 17 11.35 14.76 17.54
C PRO A 17 12.43 14.27 16.57
N PRO A 18 12.13 13.22 15.80
CA PRO A 18 13.07 12.67 14.83
C PRO A 18 13.32 13.66 13.68
N PRO A 19 14.55 13.68 13.14
CA PRO A 19 14.93 14.60 12.05
C PRO A 19 14.10 14.43 10.77
N TYR A 20 13.30 13.38 10.71
CA TYR A 20 12.47 13.13 9.54
C TYR A 20 11.00 13.45 9.80
N LEU A 21 10.71 14.01 10.96
CA LEU A 21 9.33 14.35 11.31
C LEU A 21 9.26 15.68 12.04
N ARG A 22 8.67 16.67 11.38
CA ARG A 22 8.54 17.99 11.98
C ARG A 22 7.08 18.44 11.96
N ASN A 23 6.81 19.56 12.62
CA ASN A 23 5.45 20.13 12.69
C ASN A 23 4.49 19.18 13.40
N LEU A 24 5.05 18.27 14.19
CA LEU A 24 4.26 17.29 14.92
C LEU A 24 3.36 17.97 15.94
N SER A 25 2.07 17.98 15.66
CA SER A 25 1.11 18.60 16.56
C SER A 25 -0.15 17.75 16.63
N SER A 26 -0.91 17.93 17.71
CA SER A 26 -2.14 17.18 17.89
C SER A 26 -3.28 17.87 17.16
N ASP A 27 -4.38 17.16 16.97
CA ASP A 27 -5.55 17.72 16.30
C ASP A 27 -6.21 18.75 17.21
N ASP A 28 -6.77 19.78 16.61
CA ASP A 28 -7.41 20.86 17.34
C ASP A 28 -8.68 20.40 18.06
N ALA A 29 -9.35 19.39 17.50
CA ALA A 29 -10.59 18.91 18.10
C ALA A 29 -10.46 17.52 18.73
N ASN A 30 -9.35 16.83 18.48
CA ASN A 30 -9.16 15.50 19.04
C ASN A 30 -7.69 15.23 19.35
N VAL A 31 -7.43 14.76 20.56
CA VAL A 31 -6.06 14.46 20.99
C VAL A 31 -5.63 13.10 20.44
N LEU A 32 -6.59 12.32 19.97
CA LEU A 32 -6.33 10.99 19.42
C LEU A 32 -5.99 11.06 17.93
N VAL A 33 -5.75 12.27 17.45
CA VAL A 33 -5.39 12.47 16.05
C VAL A 33 -4.16 13.36 15.96
N TRP A 34 -3.12 12.88 15.30
CA TRP A 34 -1.89 13.64 15.17
C TRP A 34 -1.69 14.13 13.74
N HIS A 35 -1.02 15.26 13.62
CA HIS A 35 -0.71 15.85 12.32
C HIS A 35 0.77 16.21 12.29
N ALA A 36 1.49 15.69 11.31
CA ALA A 36 2.92 15.97 11.21
C ALA A 36 3.40 15.92 9.76
N LEU A 37 4.56 16.52 9.53
CA LEU A 37 5.16 16.56 8.21
C LEU A 37 6.35 15.61 8.15
N LEU A 38 6.28 14.65 7.24
CA LEU A 38 7.35 13.69 7.07
C LEU A 38 8.38 14.22 6.08
N LEU A 39 9.65 14.15 6.45
CA LEU A 39 10.73 14.62 5.62
C LEU A 39 11.61 13.46 5.15
N PRO A 40 11.28 12.86 3.99
CA PRO A 40 12.07 11.76 3.45
C PRO A 40 13.43 12.25 2.97
N ASP A 41 14.40 11.34 2.87
CA ASP A 41 15.74 11.73 2.44
C ASP A 41 16.05 11.20 1.06
N GLN A 42 15.46 10.06 0.71
CA GLN A 42 15.65 9.44 -0.60
C GLN A 42 15.16 10.38 -1.70
N PRO A 43 16.02 10.66 -2.69
CA PRO A 43 15.65 11.52 -3.83
C PRO A 43 14.61 10.85 -4.71
N PRO A 44 13.67 11.63 -5.27
CA PRO A 44 13.59 13.07 -5.07
C PRO A 44 12.56 13.46 -4.00
N TYR A 45 12.26 12.52 -3.11
CA TYR A 45 11.30 12.75 -2.04
C TYR A 45 11.80 13.80 -1.05
N HIS A 46 13.10 14.05 -1.05
CA HIS A 46 13.68 15.03 -0.14
C HIS A 46 13.55 16.46 -0.66
N LEU A 47 12.86 16.62 -1.79
CA LEU A 47 12.64 17.93 -2.38
C LEU A 47 11.56 18.68 -1.63
N LYS A 48 10.61 17.94 -1.08
CA LYS A 48 9.49 18.51 -0.35
C LYS A 48 9.17 17.67 0.88
N ALA A 49 8.03 17.93 1.50
CA ALA A 49 7.60 17.19 2.67
C ALA A 49 6.16 16.70 2.47
N PHE A 50 5.77 15.67 3.21
CA PHE A 50 4.42 15.13 3.09
C PHE A 50 3.72 15.12 4.45
N ASN A 51 2.45 15.46 4.45
CA ASN A 51 1.68 15.50 5.69
C ASN A 51 0.95 14.18 5.91
N LEU A 52 1.00 13.69 7.13
CA LEU A 52 0.35 12.44 7.47
C LEU A 52 -0.65 12.63 8.61
N ARG A 53 -1.67 11.78 8.64
CA ARG A 53 -2.70 11.85 9.67
C ARG A 53 -2.71 10.56 10.49
N ILE A 54 -2.37 10.68 11.77
CA ILE A 54 -2.34 9.53 12.65
C ILE A 54 -3.64 9.44 13.44
N SER A 55 -4.34 8.35 13.27
CA SER A 55 -5.61 8.15 13.96
C SER A 55 -5.48 7.06 15.03
N PHE A 56 -5.51 7.46 16.28
CA PHE A 56 -5.41 6.52 17.39
C PHE A 56 -6.77 5.92 17.72
N PRO A 57 -6.86 4.58 17.74
CA PRO A 57 -8.10 3.89 18.05
C PRO A 57 -8.49 4.07 19.52
N PRO A 58 -9.78 4.12 19.82
CA PRO A 58 -10.29 4.30 21.18
C PRO A 58 -9.83 3.18 22.12
N GLU A 59 -9.48 2.03 21.54
CA GLU A 59 -9.02 0.89 22.33
C GLU A 59 -7.50 0.83 22.39
N TYR A 60 -6.84 1.93 22.04
CA TYR A 60 -5.38 2.00 22.07
C TYR A 60 -4.87 1.68 23.48
N PRO A 61 -3.77 0.93 23.60
CA PRO A 61 -3.01 0.39 22.48
C PRO A 61 -3.36 -1.05 22.12
N PHE A 62 -4.56 -1.48 22.47
CA PHE A 62 -4.99 -2.85 22.17
C PHE A 62 -5.27 -2.97 20.67
N LYS A 63 -5.45 -1.84 20.02
CA LYS A 63 -5.69 -1.77 18.60
C LYS A 63 -4.58 -0.94 17.95
N PRO A 64 -4.21 -1.28 16.70
CA PRO A 64 -3.15 -0.57 15.99
C PRO A 64 -3.58 0.81 15.51
N PRO A 65 -2.71 1.83 15.69
CA PRO A 65 -3.00 3.20 15.26
C PRO A 65 -2.94 3.31 13.74
N MET A 66 -4.03 3.77 13.14
CA MET A 66 -4.09 3.91 11.68
C MET A 66 -3.42 5.19 11.22
N ILE A 67 -2.36 5.03 10.44
CA ILE A 67 -1.63 6.18 9.92
C ILE A 67 -1.73 6.19 8.40
N LYS A 68 -2.17 7.32 7.86
CA LYS A 68 -2.31 7.46 6.42
C LYS A 68 -1.76 8.81 5.98
N PHE A 69 -1.47 8.95 4.71
CA PHE A 69 -0.95 10.19 4.18
C PHE A 69 -2.09 11.12 3.76
N THR A 70 -1.92 12.40 4.03
CA THR A 70 -2.92 13.39 3.67
C THR A 70 -2.57 14.01 2.33
N THR A 71 -1.29 13.94 1.99
CA THR A 71 -0.78 14.50 0.74
C THR A 71 -0.52 13.36 -0.25
N LYS A 72 -0.60 13.65 -1.54
CA LYS A 72 -0.38 12.65 -2.57
C LYS A 72 1.11 12.41 -2.79
N ILE A 73 1.53 11.18 -2.54
CA ILE A 73 2.92 10.79 -2.71
C ILE A 73 3.04 9.61 -3.67
N TYR A 74 3.78 9.81 -4.76
CA TYR A 74 3.97 8.76 -5.75
C TYR A 74 4.99 7.74 -5.27
N HIS A 75 4.51 6.77 -4.50
CA HIS A 75 5.35 5.71 -3.96
C HIS A 75 4.71 4.36 -4.27
N PRO A 76 5.51 3.36 -4.69
CA PRO A 76 5.01 2.02 -5.04
C PRO A 76 4.34 1.29 -3.87
N ASN A 77 4.41 1.87 -2.69
CA ASN A 77 3.81 1.26 -1.51
C ASN A 77 2.76 2.19 -0.90
N VAL A 78 2.26 3.12 -1.72
CA VAL A 78 1.25 4.09 -1.27
C VAL A 78 0.12 4.18 -2.30
N ASP A 79 -1.10 4.29 -1.81
CA ASP A 79 -2.28 4.39 -2.67
C ASP A 79 -2.60 5.85 -3.00
N GLU A 80 -3.44 6.07 -4.02
CA GLU A 80 -3.83 7.40 -4.46
C GLU A 80 -4.46 8.25 -3.34
N ASN A 81 -5.21 7.61 -2.46
CA ASN A 81 -5.87 8.32 -1.37
C ASN A 81 -4.95 8.48 -0.17
N GLY A 82 -3.76 7.92 -0.25
CA GLY A 82 -2.81 8.04 0.83
C GLY A 82 -2.81 6.84 1.74
N GLN A 83 -3.43 5.75 1.30
CA GLN A 83 -3.48 4.54 2.11
C GLN A 83 -2.17 3.78 2.00
N ILE A 84 -1.77 3.13 3.07
CA ILE A 84 -0.52 2.38 3.11
C ILE A 84 -0.69 1.05 3.85
N CYS A 85 0.34 0.23 3.82
CA CYS A 85 0.34 -1.06 4.48
C CYS A 85 1.63 -1.25 5.27
N LEU A 86 1.52 -1.29 6.59
CA LEU A 86 2.67 -1.46 7.47
C LEU A 86 2.54 -2.71 8.31
N PRO A 87 3.43 -3.69 8.10
CA PRO A 87 3.43 -4.96 8.85
C PRO A 87 3.57 -4.73 10.35
N ILE A 88 4.08 -3.58 10.73
CA ILE A 88 4.28 -3.25 12.15
C ILE A 88 2.94 -2.98 12.84
N ILE A 89 1.97 -2.46 12.09
CA ILE A 89 0.66 -2.17 12.65
C ILE A 89 -0.41 -3.07 12.05
N SER A 90 0.03 -4.12 11.38
CA SER A 90 -0.88 -5.06 10.77
C SER A 90 -1.59 -5.89 11.83
N SER A 91 -2.85 -6.22 11.59
CA SER A 91 -3.64 -7.01 12.53
C SER A 91 -3.01 -8.39 12.75
N GLU A 92 -2.21 -8.83 11.78
CA GLU A 92 -1.57 -10.12 11.86
C GLU A 92 -0.21 -10.04 12.56
N ASN A 93 0.14 -8.86 13.08
CA ASN A 93 1.41 -8.68 13.79
C ASN A 93 1.46 -7.37 14.59
N TRP A 94 0.42 -7.10 15.35
CA TRP A 94 0.38 -5.90 16.18
C TRP A 94 0.71 -6.20 17.63
N LYS A 95 1.60 -5.41 18.20
CA LYS A 95 2.03 -5.57 19.59
C LYS A 95 1.76 -4.27 20.34
N PRO A 96 0.99 -4.33 21.43
CA PRO A 96 0.65 -3.14 22.24
C PRO A 96 1.87 -2.52 22.94
N CYS A 97 2.94 -3.31 23.05
CA CYS A 97 4.17 -2.86 23.70
C CYS A 97 4.96 -1.91 22.81
N THR A 98 4.64 -1.92 21.52
CA THR A 98 5.32 -1.07 20.56
C THR A 98 4.90 0.38 20.72
N LYS A 99 5.86 1.29 20.71
CA LYS A 99 5.57 2.71 20.83
C LYS A 99 5.33 3.31 19.46
N THR A 100 4.56 4.40 19.42
CA THR A 100 4.23 5.07 18.17
C THR A 100 5.49 5.54 17.42
N CYS A 101 6.54 5.85 18.17
CA CYS A 101 7.79 6.31 17.57
C CYS A 101 8.38 5.22 16.67
N GLN A 102 8.23 3.96 17.08
CA GLN A 102 8.75 2.83 16.31
C GLN A 102 7.96 2.66 15.03
N VAL A 103 6.65 2.92 15.11
CA VAL A 103 5.78 2.81 13.97
C VAL A 103 6.17 3.85 12.91
N LEU A 104 6.40 5.07 13.37
CA LEU A 104 6.80 6.16 12.49
C LEU A 104 8.17 5.87 11.90
N GLU A 105 9.02 5.21 12.67
CA GLU A 105 10.34 4.83 12.21
C GLU A 105 10.23 3.84 11.06
N ALA A 106 9.42 2.81 11.27
CA ALA A 106 9.20 1.78 10.26
C ALA A 106 8.62 2.42 8.99
N LEU A 107 7.73 3.38 9.18
CA LEU A 107 7.12 4.09 8.07
C LEU A 107 8.19 4.81 7.26
N ASN A 108 9.05 5.55 7.97
CA ASN A 108 10.13 6.29 7.32
C ASN A 108 11.03 5.33 6.54
N VAL A 109 11.31 4.17 7.12
CA VAL A 109 12.14 3.18 6.47
C VAL A 109 11.48 2.68 5.19
N LEU A 110 10.19 2.39 5.27
CA LEU A 110 9.44 1.91 4.11
C LEU A 110 9.34 2.96 3.02
N VAL A 111 9.34 4.23 3.41
CA VAL A 111 9.26 5.32 2.44
C VAL A 111 10.59 5.49 1.70
N ASN A 112 11.68 5.56 2.44
CA ASN A 112 13.01 5.73 1.85
C ASN A 112 13.48 4.45 1.18
N ARG A 113 13.09 3.31 1.74
CA ARG A 113 13.46 2.02 1.18
C ARG A 113 12.22 1.29 0.72
N PRO A 114 11.87 1.44 -0.57
CA PRO A 114 10.68 0.81 -1.16
C PRO A 114 10.74 -0.72 -1.15
N ASN A 115 9.60 -1.34 -0.93
CA ASN A 115 9.51 -2.78 -0.90
C ASN A 115 8.81 -3.30 -2.16
N ILE A 116 9.59 -3.87 -3.07
CA ILE A 116 9.04 -4.39 -4.32
C ILE A 116 8.57 -5.83 -4.14
N ARG A 117 8.92 -6.43 -3.01
CA ARG A 117 8.52 -7.80 -2.72
C ARG A 117 7.05 -7.81 -2.36
N GLU A 118 6.63 -6.81 -1.59
CA GLU A 118 5.25 -6.66 -1.18
C GLU A 118 4.82 -5.22 -1.44
N PRO A 119 4.61 -4.85 -2.71
CA PRO A 119 4.22 -3.49 -3.09
C PRO A 119 2.70 -3.33 -3.18
N LEU A 120 2.25 -2.09 -3.09
CA LEU A 120 0.83 -1.80 -3.19
C LEU A 120 0.49 -1.50 -4.64
N ARG A 121 1.47 -1.00 -5.36
CA ARG A 121 1.30 -0.65 -6.76
C ARG A 121 2.34 -1.38 -7.61
N MET A 122 1.91 -2.42 -8.30
CA MET A 122 2.80 -3.21 -9.15
C MET A 122 3.33 -2.36 -10.30
N ASP A 123 2.51 -1.42 -10.75
CA ASP A 123 2.88 -0.54 -11.85
C ASP A 123 4.08 0.33 -11.48
N LEU A 124 4.02 0.96 -10.31
CA LEU A 124 5.10 1.80 -9.83
C LEU A 124 6.31 0.98 -9.41
N ALA A 125 6.05 -0.19 -8.84
CA ALA A 125 7.11 -1.09 -8.40
C ALA A 125 7.95 -1.55 -9.58
N ASP A 126 7.28 -2.00 -10.64
CA ASP A 126 7.96 -2.47 -11.84
C ASP A 126 8.75 -1.33 -12.48
N LEU A 127 8.13 -0.16 -12.52
CA LEU A 127 8.75 1.03 -13.10
C LEU A 127 10.10 1.33 -12.43
N LEU A 128 10.10 1.33 -11.10
CA LEU A 128 11.30 1.62 -10.33
C LEU A 128 12.36 0.52 -10.51
N THR A 129 11.91 -0.69 -10.77
CA THR A 129 12.81 -1.81 -10.95
C THR A 129 13.36 -1.86 -12.38
N GLN A 130 12.54 -1.43 -13.33
CA GLN A 130 12.94 -1.41 -14.74
C GLN A 130 13.80 -0.18 -15.05
N ASN A 131 13.37 0.96 -14.55
CA ASN A 131 14.10 2.20 -14.78
C ASN A 131 13.94 3.15 -13.60
N PRO A 132 14.93 3.16 -12.69
CA PRO A 132 14.90 4.02 -11.50
C PRO A 132 14.78 5.49 -11.86
N GLU A 133 15.44 5.90 -12.94
CA GLU A 133 15.42 7.28 -13.39
C GLU A 133 14.03 7.67 -13.89
N LEU A 134 13.39 6.76 -14.62
CA LEU A 134 12.05 7.02 -15.15
C LEU A 134 11.07 7.22 -13.99
N PHE A 135 11.18 6.37 -12.98
CA PHE A 135 10.31 6.47 -11.81
C PHE A 135 10.64 7.74 -11.04
N ARG A 136 11.94 8.04 -10.97
CA ARG A 136 12.43 9.22 -10.27
C ARG A 136 11.86 10.48 -10.90
N LYS A 137 11.73 10.49 -12.23
CA LYS A 137 11.17 11.64 -12.94
C LYS A 137 9.72 11.83 -12.54
N ASN A 138 8.97 10.73 -12.56
CA ASN A 138 7.55 10.76 -12.21
C ASN A 138 7.39 11.22 -10.76
N ALA A 139 8.25 10.71 -9.89
CA ALA A 139 8.22 11.05 -8.48
C ALA A 139 8.58 12.51 -8.26
N GLU A 140 9.58 13.00 -9.00
CA GLU A 140 10.02 14.38 -8.89
C GLU A 140 8.89 15.34 -9.21
N GLU A 141 8.27 15.14 -10.38
CA GLU A 141 7.17 15.96 -10.82
C GLU A 141 6.03 15.95 -9.80
N PHE A 142 5.71 14.77 -9.31
CA PHE A 142 4.65 14.59 -8.33
C PHE A 142 4.96 15.30 -7.02
N THR A 143 6.17 15.09 -6.51
CA THR A 143 6.59 15.71 -5.26
C THR A 143 6.69 17.23 -5.35
N LEU A 144 7.19 17.72 -6.48
CA LEU A 144 7.35 19.16 -6.68
C LEU A 144 6.03 19.86 -6.93
N ARG A 145 4.97 19.12 -7.21
CA ARG A 145 3.67 19.71 -7.48
C ARG A 145 2.63 19.41 -6.41
N PHE A 146 2.59 18.16 -5.95
CA PHE A 146 1.60 17.74 -4.96
C PHE A 146 2.18 17.66 -3.56
N GLY A 147 3.46 17.95 -3.41
CA GLY A 147 4.09 17.88 -2.11
C GLY A 147 4.11 19.21 -1.39
N VAL A 148 4.18 19.17 -0.07
CA VAL A 148 4.22 20.37 0.75
C VAL A 148 5.65 20.88 0.78
N ASP A 149 5.83 22.20 0.82
CA ASP A 149 7.17 22.77 0.82
C ASP A 149 8.00 22.24 1.98
N ARG A 150 9.28 22.03 1.69
CA ARG A 150 10.21 21.50 2.69
C ARG A 150 10.50 22.56 3.75
N PRO A 151 10.17 22.27 5.01
CA PRO A 151 10.40 23.21 6.12
C PRO A 151 11.88 23.26 6.52
N MET B 1 -7.15 -22.47 -25.35
CA MET B 1 -7.70 -21.18 -25.80
C MET B 1 -7.00 -20.03 -25.08
N GLN B 2 -6.96 -18.87 -25.72
CA GLN B 2 -6.30 -17.71 -25.13
C GLN B 2 -7.31 -16.79 -24.43
N ILE B 3 -7.06 -16.51 -23.16
CA ILE B 3 -7.92 -15.62 -22.39
C ILE B 3 -7.18 -14.32 -22.08
N PHE B 4 -7.92 -13.32 -21.62
CA PHE B 4 -7.32 -12.04 -21.30
C PHE B 4 -7.58 -11.66 -19.85
N VAL B 5 -6.51 -11.59 -19.06
CA VAL B 5 -6.62 -11.22 -17.66
C VAL B 5 -6.26 -9.75 -17.49
N LYS B 6 -7.23 -8.95 -17.09
CA LYS B 6 -7.01 -7.52 -16.90
C LYS B 6 -6.95 -7.17 -15.42
N THR B 7 -5.94 -6.41 -15.05
CA THR B 7 -5.76 -6.01 -13.66
C THR B 7 -6.32 -4.61 -13.44
N LEU B 8 -6.40 -4.22 -12.17
CA LEU B 8 -6.93 -2.89 -11.79
C LEU B 8 -5.95 -1.79 -12.18
N THR B 9 -4.77 -2.17 -12.63
CA THR B 9 -3.74 -1.21 -13.03
C THR B 9 -3.80 -0.96 -14.53
N GLY B 10 -4.73 -1.61 -15.21
CA GLY B 10 -4.87 -1.45 -16.64
C GLY B 10 -4.06 -2.45 -17.43
N LYS B 11 -3.12 -3.11 -16.76
CA LYS B 11 -2.25 -4.09 -17.39
C LYS B 11 -3.05 -5.35 -17.73
N THR B 12 -2.97 -5.76 -18.99
CA THR B 12 -3.68 -6.95 -19.44
C THR B 12 -2.67 -8.02 -19.85
N ILE B 13 -2.86 -9.23 -19.35
CA ILE B 13 -1.97 -10.33 -19.67
C ILE B 13 -2.71 -11.46 -20.38
N THR B 14 -2.07 -12.01 -21.40
CA THR B 14 -2.64 -13.11 -22.16
C THR B 14 -2.28 -14.43 -21.49
N LEU B 15 -3.22 -15.36 -21.48
CA LEU B 15 -2.97 -16.66 -20.87
C LEU B 15 -3.67 -17.78 -21.65
N GLU B 16 -2.91 -18.78 -22.04
CA GLU B 16 -3.46 -19.90 -22.77
C GLU B 16 -3.87 -21.02 -21.81
N VAL B 17 -5.17 -21.26 -21.75
CA VAL B 17 -5.72 -22.27 -20.87
C VAL B 17 -6.87 -22.97 -21.57
N GLU B 18 -7.45 -23.97 -20.93
CA GLU B 18 -8.57 -24.71 -21.50
C GLU B 18 -9.70 -24.82 -20.49
N PRO B 19 -10.95 -25.05 -20.94
CA PRO B 19 -12.12 -25.17 -20.06
C PRO B 19 -11.91 -26.19 -18.94
N SER B 20 -11.16 -27.25 -19.24
CA SER B 20 -10.90 -28.31 -18.27
C SER B 20 -9.91 -27.86 -17.18
N ASP B 21 -9.46 -26.63 -17.25
CA ASP B 21 -8.52 -26.09 -16.27
C ASP B 21 -9.29 -25.52 -15.08
N THR B 22 -8.77 -25.73 -13.88
CA THR B 22 -9.40 -25.21 -12.68
C THR B 22 -8.90 -23.81 -12.38
N ILE B 23 -9.74 -23.00 -11.74
CA ILE B 23 -9.38 -21.63 -11.40
C ILE B 23 -8.08 -21.58 -10.60
N GLU B 24 -7.91 -22.55 -9.71
CA GLU B 24 -6.70 -22.65 -8.88
C GLU B 24 -5.47 -22.78 -9.76
N ASN B 25 -5.54 -23.66 -10.75
CA ASN B 25 -4.41 -23.88 -11.65
C ASN B 25 -4.15 -22.64 -12.48
N VAL B 26 -5.22 -21.94 -12.84
CA VAL B 26 -5.12 -20.70 -13.62
C VAL B 26 -4.36 -19.65 -12.83
N LYS B 27 -4.69 -19.52 -11.55
CA LYS B 27 -4.02 -18.55 -10.68
C LYS B 27 -2.53 -18.81 -10.61
N ALA B 28 -2.16 -20.09 -10.53
CA ALA B 28 -0.75 -20.48 -10.48
C ALA B 28 -0.04 -20.06 -11.76
N LYS B 29 -0.75 -20.16 -12.88
CA LYS B 29 -0.20 -19.79 -14.17
C LYS B 29 0.02 -18.28 -14.25
N ILE B 30 -0.87 -17.53 -13.61
CA ILE B 30 -0.78 -16.07 -13.59
C ILE B 30 0.38 -15.63 -12.71
N GLN B 31 0.50 -16.28 -11.55
CA GLN B 31 1.57 -15.97 -10.60
C GLN B 31 2.95 -16.26 -11.21
N ASP B 32 2.99 -17.20 -12.13
CA ASP B 32 4.24 -17.58 -12.78
C ASP B 32 4.78 -16.45 -13.66
N LYS B 33 3.91 -15.86 -14.48
CA LYS B 33 4.33 -14.79 -15.37
C LYS B 33 4.29 -13.41 -14.71
N GLU B 34 3.26 -13.15 -13.93
CA GLU B 34 3.13 -11.85 -13.27
C GLU B 34 3.88 -11.85 -11.94
N GLY B 35 3.38 -12.64 -11.00
CA GLY B 35 4.02 -12.71 -9.69
C GLY B 35 3.04 -12.57 -8.54
N ILE B 36 1.83 -12.11 -8.84
CA ILE B 36 0.79 -11.93 -7.82
C ILE B 36 0.39 -13.27 -7.21
N PRO B 37 0.55 -13.42 -5.88
CA PRO B 37 0.20 -14.65 -5.17
C PRO B 37 -1.29 -14.99 -5.29
N PRO B 38 -1.63 -16.29 -5.26
CA PRO B 38 -3.02 -16.76 -5.39
C PRO B 38 -3.93 -16.20 -4.29
N ASP B 39 -3.34 -15.90 -3.13
CA ASP B 39 -4.08 -15.36 -2.00
C ASP B 39 -4.53 -13.93 -2.29
N GLN B 40 -3.84 -13.29 -3.22
CA GLN B 40 -4.16 -11.91 -3.58
C GLN B 40 -4.83 -11.85 -4.95
N GLN B 41 -5.21 -13.01 -5.49
CA GLN B 41 -5.84 -13.06 -6.79
C GLN B 41 -7.35 -13.25 -6.69
N ARG B 42 -8.08 -12.15 -6.84
CA ARG B 42 -9.54 -12.21 -6.79
C ARG B 42 -10.10 -12.07 -8.21
N LEU B 43 -10.30 -13.21 -8.87
CA LEU B 43 -10.82 -13.21 -10.23
C LEU B 43 -12.34 -13.06 -10.26
N ILE B 44 -12.80 -12.06 -10.98
CA ILE B 44 -14.23 -11.78 -11.11
C ILE B 44 -14.66 -11.95 -12.56
N PHE B 45 -15.71 -12.74 -12.78
CA PHE B 45 -16.23 -12.99 -14.11
C PHE B 45 -17.75 -13.13 -14.06
N ALA B 46 -18.42 -12.48 -15.01
CA ALA B 46 -19.89 -12.53 -15.10
C ALA B 46 -20.54 -11.96 -13.84
N GLY B 47 -19.83 -11.06 -13.17
CA GLY B 47 -20.36 -10.44 -11.97
C GLY B 47 -20.23 -11.31 -10.73
N LYS B 48 -19.52 -12.42 -10.85
CA LYS B 48 -19.33 -13.32 -9.71
C LYS B 48 -17.88 -13.74 -9.56
N GLN B 49 -17.55 -14.28 -8.39
CA GLN B 49 -16.20 -14.72 -8.10
C GLN B 49 -15.96 -16.13 -8.63
N LEU B 50 -14.72 -16.40 -8.99
CA LEU B 50 -14.35 -17.70 -9.51
C LEU B 50 -13.75 -18.58 -8.42
N GLU B 51 -14.47 -19.64 -8.07
CA GLU B 51 -14.02 -20.57 -7.04
C GLU B 51 -12.85 -21.39 -7.56
N ASP B 52 -11.82 -21.55 -6.74
CA ASP B 52 -10.62 -22.30 -7.11
C ASP B 52 -10.93 -23.74 -7.47
N GLY B 53 -12.03 -24.26 -6.96
CA GLY B 53 -12.41 -25.64 -7.23
C GLY B 53 -13.22 -25.79 -8.50
N ARG B 54 -13.57 -24.67 -9.11
CA ARG B 54 -14.35 -24.69 -10.34
C ARG B 54 -13.44 -24.65 -11.56
N THR B 55 -13.97 -25.06 -12.71
CA THR B 55 -13.20 -25.03 -13.95
C THR B 55 -13.67 -23.85 -14.78
N LEU B 56 -13.05 -23.63 -15.93
CA LEU B 56 -13.44 -22.54 -16.81
C LEU B 56 -14.81 -22.82 -17.41
N SER B 57 -15.14 -24.11 -17.51
CA SER B 57 -16.42 -24.54 -18.05
C SER B 57 -17.54 -24.27 -17.04
N ASP B 58 -17.19 -24.26 -15.76
CA ASP B 58 -18.17 -24.04 -14.69
C ASP B 58 -18.79 -22.66 -14.80
N TYR B 59 -18.03 -21.71 -15.33
CA TYR B 59 -18.51 -20.34 -15.46
C TYR B 59 -18.80 -19.99 -16.91
N ASN B 60 -18.76 -21.00 -17.79
CA ASN B 60 -19.03 -20.80 -19.22
C ASN B 60 -18.09 -19.75 -19.82
N ILE B 61 -16.79 -19.91 -19.58
CA ILE B 61 -15.79 -18.99 -20.10
C ILE B 61 -15.33 -19.42 -21.49
N GLN B 62 -15.46 -18.52 -22.45
CA GLN B 62 -15.06 -18.81 -23.83
C GLN B 62 -13.70 -18.19 -24.13
N LYS B 63 -13.23 -18.36 -25.35
CA LYS B 63 -11.95 -17.81 -25.76
C LYS B 63 -12.03 -16.28 -25.91
N GLU B 64 -10.92 -15.60 -25.67
CA GLU B 64 -10.84 -14.14 -25.77
C GLU B 64 -11.66 -13.43 -24.68
N SER B 65 -12.11 -14.18 -23.68
CA SER B 65 -12.88 -13.59 -22.60
C SER B 65 -11.97 -12.86 -21.62
N THR B 66 -12.36 -11.65 -21.25
CA THR B 66 -11.58 -10.84 -20.33
C THR B 66 -12.00 -11.12 -18.89
N LEU B 67 -11.02 -11.37 -18.04
CA LEU B 67 -11.27 -11.64 -16.63
C LEU B 67 -10.78 -10.45 -15.80
N HIS B 68 -11.49 -10.14 -14.74
CA HIS B 68 -11.11 -9.03 -13.87
C HIS B 68 -10.34 -9.54 -12.67
N LEU B 69 -9.08 -9.15 -12.57
CA LEU B 69 -8.24 -9.57 -11.46
C LEU B 69 -8.13 -8.49 -10.40
N VAL B 70 -8.82 -8.69 -9.29
CA VAL B 70 -8.79 -7.75 -8.18
C VAL B 70 -7.66 -8.10 -7.24
N LEU B 71 -6.82 -7.12 -6.92
CA LEU B 71 -5.69 -7.33 -6.03
C LEU B 71 -6.16 -7.38 -4.58
N ARG B 72 -6.03 -8.55 -3.96
CA ARG B 72 -6.43 -8.72 -2.58
C ARG B 72 -5.28 -8.45 -1.62
N LEU B 73 -5.16 -7.22 -1.17
CA LEU B 73 -4.09 -6.84 -0.25
C LEU B 73 -4.46 -7.24 1.19
N ARG B 74 -3.95 -8.38 1.62
CA ARG B 74 -4.22 -8.89 2.95
C ARG B 74 -3.26 -8.27 3.97
N GLY B 75 -3.62 -7.10 4.47
CA GLY B 75 -2.79 -6.43 5.45
C GLY B 75 -2.63 -4.95 5.17
N CYS B 76 -2.65 -4.15 6.23
CA CYS B 76 -2.51 -2.71 6.13
C CYS B 76 -1.97 -2.14 7.43
N ALA A 2 -6.93 4.04 26.32
CA ALA A 2 -6.40 4.19 24.94
C ALA A 2 -5.77 5.57 24.73
N SER A 3 -6.59 6.61 24.87
CA SER A 3 -6.12 7.98 24.69
C SER A 3 -4.99 8.34 25.66
N MET A 4 -5.03 7.76 26.86
CA MET A 4 -4.02 8.02 27.87
C MET A 4 -2.62 7.70 27.36
N ARG A 5 -2.49 6.57 26.67
CA ARG A 5 -1.21 6.16 26.12
C ARG A 5 -0.82 7.09 24.97
N VAL A 6 -1.82 7.51 24.21
CA VAL A 6 -1.61 8.41 23.08
C VAL A 6 -0.98 9.73 23.54
N VAL A 7 -1.51 10.28 24.63
CA VAL A 7 -0.99 11.53 25.16
C VAL A 7 0.45 11.34 25.62
N LYS A 8 0.74 10.20 26.23
CA LYS A 8 2.09 9.91 26.70
C LYS A 8 3.04 9.76 25.52
N GLU A 9 2.61 9.02 24.50
CA GLU A 9 3.42 8.81 23.30
C GLU A 9 3.67 10.13 22.60
N LEU A 10 2.64 10.99 22.60
CA LEU A 10 2.75 12.30 21.97
C LEU A 10 3.84 13.12 22.65
N GLU A 11 3.78 13.16 23.98
CA GLU A 11 4.77 13.91 24.76
C GLU A 11 6.17 13.37 24.51
N ASP A 12 6.28 12.04 24.46
CA ASP A 12 7.56 11.38 24.23
C ASP A 12 8.15 11.79 22.88
N LEU A 13 7.34 11.69 21.85
CA LEU A 13 7.77 12.01 20.50
C LEU A 13 7.91 13.51 20.26
N GLN A 14 7.21 14.32 21.06
CA GLN A 14 7.29 15.77 20.91
C GLN A 14 8.55 16.32 21.57
N LYS A 15 8.87 15.79 22.73
CA LYS A 15 10.05 16.22 23.46
C LYS A 15 11.31 15.62 22.84
N LYS A 16 11.17 14.43 22.26
CA LYS A 16 12.27 13.75 21.59
C LYS A 16 11.83 13.29 20.21
N PRO A 17 11.74 14.22 19.25
CA PRO A 17 11.29 13.93 17.89
C PRO A 17 12.45 13.59 16.95
N PRO A 18 12.19 12.72 15.97
CA PRO A 18 13.19 12.33 14.98
C PRO A 18 13.46 13.45 13.98
N PRO A 19 14.67 13.52 13.42
CA PRO A 19 15.06 14.56 12.46
C PRO A 19 14.21 14.56 11.19
N TYR A 20 13.58 13.43 10.90
CA TYR A 20 12.76 13.30 9.70
C TYR A 20 11.29 13.57 9.97
N LEU A 21 10.96 14.06 11.15
CA LEU A 21 9.58 14.35 11.50
C LEU A 21 9.48 15.63 12.31
N ARG A 22 8.70 16.58 11.81
CA ARG A 22 8.52 17.85 12.49
C ARG A 22 7.04 18.26 12.49
N ASN A 23 6.71 19.29 13.27
CA ASN A 23 5.33 19.79 13.37
C ASN A 23 4.38 18.76 13.97
N LEU A 24 4.94 17.80 14.69
CA LEU A 24 4.15 16.75 15.32
C LEU A 24 3.25 17.32 16.40
N SER A 25 1.96 17.36 16.11
CA SER A 25 0.97 17.87 17.06
C SER A 25 -0.33 17.08 16.92
N SER A 26 -1.20 17.22 17.91
CA SER A 26 -2.48 16.54 17.89
C SER A 26 -3.46 17.28 16.98
N ASP A 27 -4.71 16.84 16.96
CA ASP A 27 -5.72 17.48 16.14
C ASP A 27 -6.31 18.67 16.88
N ASP A 28 -6.97 19.54 16.15
CA ASP A 28 -7.58 20.74 16.72
C ASP A 28 -8.71 20.39 17.69
N ALA A 29 -9.40 19.30 17.43
CA ALA A 29 -10.50 18.89 18.30
C ALA A 29 -10.45 17.39 18.60
N ASN A 30 -9.31 16.76 18.35
CA ASN A 30 -9.18 15.33 18.59
C ASN A 30 -7.77 14.98 19.07
N VAL A 31 -7.70 14.08 20.04
CA VAL A 31 -6.44 13.64 20.59
C VAL A 31 -6.00 12.32 19.94
N LEU A 32 -6.94 11.65 19.28
CA LEU A 32 -6.67 10.39 18.62
C LEU A 32 -6.23 10.60 17.17
N VAL A 33 -6.06 11.86 16.80
CA VAL A 33 -5.64 12.20 15.45
C VAL A 33 -4.37 13.04 15.51
N TRP A 34 -3.28 12.51 14.98
CA TRP A 34 -2.00 13.22 14.98
C TRP A 34 -1.73 13.84 13.62
N HIS A 35 -1.08 15.00 13.66
CA HIS A 35 -0.73 15.72 12.45
C HIS A 35 0.77 16.03 12.49
N ALA A 36 1.50 15.64 11.46
CA ALA A 36 2.93 15.89 11.41
C ALA A 36 3.44 15.96 9.98
N LEU A 37 4.61 16.56 9.83
CA LEU A 37 5.25 16.70 8.53
C LEU A 37 6.44 15.75 8.44
N LEU A 38 6.40 14.86 7.48
CA LEU A 38 7.47 13.90 7.27
C LEU A 38 8.49 14.47 6.30
N LEU A 39 9.76 14.34 6.65
CA LEU A 39 10.83 14.84 5.81
C LEU A 39 11.68 13.68 5.29
N PRO A 40 11.34 13.16 4.10
CA PRO A 40 12.08 12.05 3.50
C PRO A 40 13.52 12.44 3.13
N ASP A 41 14.40 11.45 3.12
CA ASP A 41 15.81 11.69 2.81
C ASP A 41 16.12 11.33 1.37
N GLN A 42 15.45 10.30 0.87
CA GLN A 42 15.64 9.83 -0.50
C GLN A 42 15.16 10.87 -1.51
N PRO A 43 16.03 11.26 -2.46
CA PRO A 43 15.68 12.22 -3.51
C PRO A 43 14.64 11.62 -4.47
N PRO A 44 13.78 12.45 -5.07
CA PRO A 44 13.77 13.90 -4.86
C PRO A 44 12.82 14.32 -3.76
N TYR A 45 12.40 13.36 -2.93
CA TYR A 45 11.47 13.62 -1.84
C TYR A 45 12.10 14.54 -0.80
N HIS A 46 13.43 14.59 -0.78
CA HIS A 46 14.15 15.43 0.18
C HIS A 46 14.05 16.91 -0.15
N LEU A 47 13.44 17.23 -1.29
CA LEU A 47 13.30 18.61 -1.71
C LEU A 47 12.14 19.29 -1.00
N LYS A 48 11.15 18.49 -0.60
CA LYS A 48 9.97 19.01 0.08
C LYS A 48 9.58 18.13 1.27
N ALA A 49 8.40 18.37 1.82
CA ALA A 49 7.91 17.59 2.95
C ALA A 49 6.48 17.12 2.68
N PHE A 50 6.04 16.12 3.42
CA PHE A 50 4.70 15.57 3.24
C PHE A 50 3.98 15.47 4.58
N ASN A 51 2.71 15.87 4.60
CA ASN A 51 1.92 15.84 5.82
C ASN A 51 1.19 14.50 5.95
N LEU A 52 1.27 13.90 7.13
CA LEU A 52 0.61 12.64 7.38
C LEU A 52 -0.42 12.77 8.50
N ARG A 53 -1.44 11.93 8.44
CA ARG A 53 -2.49 11.93 9.43
C ARG A 53 -2.54 10.59 10.14
N ILE A 54 -2.23 10.59 11.43
CA ILE A 54 -2.25 9.37 12.23
C ILE A 54 -3.58 9.25 12.95
N SER A 55 -4.32 8.19 12.63
CA SER A 55 -5.62 7.96 13.24
C SER A 55 -5.57 6.81 14.23
N PHE A 56 -5.71 7.12 15.51
CA PHE A 56 -5.69 6.10 16.55
C PHE A 56 -7.09 5.58 16.80
N PRO A 57 -7.27 4.24 16.79
CA PRO A 57 -8.57 3.62 17.03
C PRO A 57 -8.90 3.60 18.51
N PRO A 58 -10.20 3.62 18.87
CA PRO A 58 -10.64 3.60 20.26
C PRO A 58 -10.21 2.34 21.00
N GLU A 59 -9.87 1.29 20.26
CA GLU A 59 -9.43 0.04 20.85
C GLU A 59 -7.92 0.00 21.05
N TYR A 60 -7.29 1.17 20.99
CA TYR A 60 -5.85 1.29 21.18
C TYR A 60 -5.47 0.81 22.59
N PRO A 61 -4.33 0.11 22.74
CA PRO A 61 -3.40 -0.21 21.65
C PRO A 61 -3.62 -1.60 21.06
N PHE A 62 -4.81 -2.15 21.26
CA PHE A 62 -5.14 -3.47 20.73
C PHE A 62 -5.39 -3.38 19.23
N LYS A 63 -5.66 -2.17 18.78
CA LYS A 63 -5.90 -1.91 17.37
C LYS A 63 -4.78 -1.02 16.83
N PRO A 64 -4.27 -1.34 15.63
CA PRO A 64 -3.20 -0.57 15.00
C PRO A 64 -3.65 0.79 14.49
N PRO A 65 -2.84 1.83 14.74
CA PRO A 65 -3.16 3.19 14.29
C PRO A 65 -3.03 3.33 12.78
N MET A 66 -4.07 3.85 12.16
CA MET A 66 -4.09 4.02 10.71
C MET A 66 -3.43 5.32 10.32
N ILE A 67 -2.25 5.21 9.71
CA ILE A 67 -1.51 6.39 9.27
C ILE A 67 -1.56 6.52 7.76
N LYS A 68 -2.04 7.65 7.29
CA LYS A 68 -2.13 7.90 5.85
C LYS A 68 -1.56 9.27 5.52
N PHE A 69 -1.16 9.45 4.28
CA PHE A 69 -0.62 10.73 3.83
C PHE A 69 -1.76 11.65 3.43
N THR A 70 -1.73 12.86 3.93
CA THR A 70 -2.76 13.84 3.61
C THR A 70 -2.43 14.54 2.30
N THR A 71 -1.15 14.71 2.05
CA THR A 71 -0.67 15.35 0.84
C THR A 71 -0.35 14.28 -0.22
N LYS A 72 -0.54 14.62 -1.49
CA LYS A 72 -0.27 13.69 -2.58
C LYS A 72 1.22 13.47 -2.77
N ILE A 73 1.65 12.22 -2.66
CA ILE A 73 3.05 11.85 -2.83
C ILE A 73 3.21 10.75 -3.88
N TYR A 74 4.08 10.99 -4.86
CA TYR A 74 4.31 10.03 -5.92
C TYR A 74 5.31 8.97 -5.47
N HIS A 75 4.82 7.95 -4.77
CA HIS A 75 5.66 6.88 -4.28
C HIS A 75 5.01 5.54 -4.64
N PRO A 76 5.80 4.59 -5.17
CA PRO A 76 5.29 3.26 -5.58
C PRO A 76 4.64 2.46 -4.45
N ASN A 77 4.84 2.91 -3.22
CA ASN A 77 4.28 2.24 -2.05
C ASN A 77 3.09 3.03 -1.49
N VAL A 78 2.73 4.11 -2.17
CA VAL A 78 1.62 4.95 -1.74
C VAL A 78 0.61 5.10 -2.87
N ASP A 79 -0.66 5.17 -2.50
CA ASP A 79 -1.74 5.32 -3.48
C ASP A 79 -2.12 6.80 -3.65
N GLU A 80 -2.91 7.09 -4.67
CA GLU A 80 -3.35 8.47 -4.96
C GLU A 80 -4.15 9.08 -3.81
N ASN A 81 -4.88 8.24 -3.09
CA ASN A 81 -5.69 8.71 -1.96
C ASN A 81 -4.81 9.03 -0.76
N GLY A 82 -3.70 8.32 -0.66
CA GLY A 82 -2.77 8.56 0.44
C GLY A 82 -2.62 7.33 1.32
N GLN A 83 -3.10 6.19 0.85
CA GLN A 83 -3.01 4.95 1.60
C GLN A 83 -1.68 4.26 1.32
N ILE A 84 -1.24 3.47 2.28
CA ILE A 84 0.02 2.75 2.17
C ILE A 84 -0.19 1.31 2.61
N CYS A 85 0.91 0.60 2.80
CA CYS A 85 0.87 -0.78 3.23
C CYS A 85 1.98 -1.06 4.23
N LEU A 86 1.67 -0.88 5.51
CA LEU A 86 2.62 -1.10 6.56
C LEU A 86 2.36 -2.43 7.26
N PRO A 87 3.23 -3.42 7.03
CA PRO A 87 3.08 -4.76 7.64
C PRO A 87 3.08 -4.68 9.16
N ILE A 88 3.65 -3.62 9.70
CA ILE A 88 3.72 -3.41 11.14
C ILE A 88 2.34 -3.06 11.73
N ILE A 89 1.50 -2.40 10.94
CA ILE A 89 0.17 -2.01 11.41
C ILE A 89 -0.92 -2.87 10.78
N SER A 90 -0.52 -4.00 10.24
CA SER A 90 -1.46 -4.92 9.63
C SER A 90 -2.16 -5.72 10.73
N SER A 91 -3.43 -6.02 10.53
CA SER A 91 -4.19 -6.79 11.52
C SER A 91 -3.72 -8.24 11.60
N GLU A 92 -2.73 -8.58 10.79
CA GLU A 92 -2.19 -9.92 10.75
C GLU A 92 -0.98 -10.08 11.68
N ASN A 93 -0.20 -9.01 11.84
CA ASN A 93 0.99 -9.06 12.68
C ASN A 93 1.12 -7.87 13.62
N TRP A 94 0.00 -7.34 14.08
CA TRP A 94 0.03 -6.19 14.99
C TRP A 94 0.33 -6.63 16.42
N LYS A 95 1.24 -5.92 17.06
CA LYS A 95 1.62 -6.20 18.44
C LYS A 95 1.34 -4.98 19.31
N PRO A 96 0.52 -5.15 20.36
CA PRO A 96 0.16 -4.05 21.28
C PRO A 96 1.39 -3.46 21.98
N CYS A 97 2.48 -4.21 21.99
CA CYS A 97 3.71 -3.77 22.64
C CYS A 97 4.52 -2.84 21.72
N THR A 98 4.00 -2.59 20.54
CA THR A 98 4.67 -1.71 19.60
C THR A 98 4.27 -0.26 19.84
N LYS A 99 5.25 0.61 19.93
CA LYS A 99 5.01 2.03 20.16
C LYS A 99 4.95 2.75 18.82
N THR A 100 4.28 3.90 18.79
CA THR A 100 4.16 4.69 17.56
C THR A 100 5.53 5.06 17.00
N CYS A 101 6.52 5.21 17.87
CA CYS A 101 7.88 5.55 17.46
C CYS A 101 8.43 4.51 16.47
N GLN A 102 8.15 3.25 16.75
CA GLN A 102 8.63 2.16 15.89
C GLN A 102 7.86 2.14 14.58
N VAL A 103 6.58 2.49 14.65
CA VAL A 103 5.73 2.53 13.47
C VAL A 103 6.20 3.61 12.52
N LEU A 104 6.51 4.78 13.08
CA LEU A 104 6.98 5.91 12.29
C LEU A 104 8.35 5.61 11.68
N GLU A 105 9.18 4.88 12.42
CA GLU A 105 10.49 4.50 11.93
C GLU A 105 10.36 3.56 10.74
N ALA A 106 9.47 2.58 10.87
CA ALA A 106 9.22 1.62 9.81
C ALA A 106 8.73 2.32 8.55
N LEU A 107 7.89 3.33 8.75
CA LEU A 107 7.36 4.12 7.65
C LEU A 107 8.49 4.82 6.90
N ASN A 108 9.40 5.45 7.65
CA ASN A 108 10.53 6.15 7.06
C ASN A 108 11.36 5.19 6.21
N VAL A 109 11.50 3.96 6.67
CA VAL A 109 12.26 2.95 5.96
C VAL A 109 11.60 2.66 4.60
N LEU A 110 10.28 2.49 4.62
CA LEU A 110 9.53 2.21 3.40
C LEU A 110 9.54 3.40 2.44
N VAL A 111 9.65 4.60 3.00
CA VAL A 111 9.69 5.81 2.19
C VAL A 111 11.03 5.93 1.47
N ASN A 112 12.11 5.82 2.24
CA ASN A 112 13.46 5.92 1.70
C ASN A 112 13.81 4.69 0.86
N ARG A 113 13.27 3.54 1.25
CA ARG A 113 13.51 2.29 0.54
C ARG A 113 12.21 1.78 -0.07
N PRO A 114 11.94 2.15 -1.34
CA PRO A 114 10.72 1.74 -2.03
C PRO A 114 10.71 0.25 -2.33
N ASN A 115 9.84 -0.49 -1.64
CA ASN A 115 9.72 -1.93 -1.84
C ASN A 115 9.14 -2.24 -3.22
N ILE A 116 10.00 -2.75 -4.10
CA ILE A 116 9.58 -3.10 -5.45
C ILE A 116 9.04 -4.53 -5.53
N ARG A 117 9.19 -5.27 -4.43
CA ARG A 117 8.72 -6.65 -4.38
C ARG A 117 7.20 -6.66 -4.26
N GLU A 118 6.71 -5.98 -3.23
CA GLU A 118 5.28 -5.87 -2.99
C GLU A 118 4.87 -4.41 -2.86
N PRO A 119 4.72 -3.71 -3.99
CA PRO A 119 4.33 -2.31 -4.00
C PRO A 119 2.83 -2.13 -4.25
N LEU A 120 2.35 -0.90 -4.10
CA LEU A 120 0.95 -0.60 -4.33
C LEU A 120 0.77 -0.15 -5.78
N ARG A 121 1.79 0.51 -6.30
CA ARG A 121 1.78 0.98 -7.66
C ARG A 121 2.83 0.23 -8.47
N MET A 122 2.39 -0.83 -9.14
CA MET A 122 3.27 -1.65 -9.95
C MET A 122 3.87 -0.85 -11.10
N ASP A 123 3.14 0.16 -11.53
CA ASP A 123 3.57 1.03 -12.62
C ASP A 123 4.79 1.85 -12.21
N LEU A 124 4.70 2.43 -11.01
CA LEU A 124 5.78 3.24 -10.47
C LEU A 124 6.98 2.37 -10.09
N ALA A 125 6.68 1.20 -9.55
CA ALA A 125 7.73 0.27 -9.14
C ALA A 125 8.55 -0.18 -10.35
N ASP A 126 7.85 -0.54 -11.42
CA ASP A 126 8.52 -0.98 -12.63
C ASP A 126 9.27 0.17 -13.29
N LEU A 127 8.67 1.36 -13.28
CA LEU A 127 9.29 2.55 -13.86
C LEU A 127 10.64 2.80 -13.20
N LEU A 128 10.67 2.71 -11.88
CA LEU A 128 11.90 2.92 -11.11
C LEU A 128 12.91 1.80 -11.39
N THR A 129 12.41 0.64 -11.78
CA THR A 129 13.25 -0.49 -12.09
C THR A 129 13.86 -0.34 -13.49
N GLN A 130 13.08 0.16 -14.43
CA GLN A 130 13.54 0.35 -15.79
C GLN A 130 14.44 1.57 -15.91
N ASN A 131 13.97 2.71 -15.44
CA ASN A 131 14.73 3.95 -15.49
C ASN A 131 14.44 4.81 -14.28
N PRO A 132 15.35 4.80 -13.30
CA PRO A 132 15.21 5.57 -12.05
C PRO A 132 15.17 7.08 -12.32
N GLU A 133 15.95 7.52 -13.30
CA GLU A 133 16.02 8.94 -13.66
C GLU A 133 14.69 9.43 -14.22
N LEU A 134 14.07 8.61 -15.06
CA LEU A 134 12.78 8.97 -15.66
C LEU A 134 11.72 9.11 -14.58
N PHE A 135 11.74 8.19 -13.63
CA PHE A 135 10.79 8.21 -12.52
C PHE A 135 11.09 9.40 -11.60
N ARG A 136 12.38 9.65 -11.40
CA ARG A 136 12.83 10.74 -10.55
C ARG A 136 12.28 12.08 -11.03
N LYS A 137 12.28 12.30 -12.34
CA LYS A 137 11.78 13.54 -12.91
C LYS A 137 10.28 13.71 -12.60
N ASN A 138 9.52 12.65 -12.81
CA ASN A 138 8.09 12.66 -12.56
C ASN A 138 7.79 12.91 -11.09
N ALA A 139 8.49 12.16 -10.23
CA ALA A 139 8.32 12.29 -8.79
C ALA A 139 8.74 13.68 -8.30
N GLU A 140 9.76 14.23 -8.95
CA GLU A 140 10.28 15.55 -8.59
C GLU A 140 9.20 16.61 -8.78
N GLU A 141 8.59 16.61 -9.96
CA GLU A 141 7.54 17.56 -10.27
C GLU A 141 6.37 17.41 -9.32
N PHE A 142 6.00 16.16 -9.05
CA PHE A 142 4.91 15.85 -8.14
C PHE A 142 5.20 16.39 -6.74
N THR A 143 6.42 16.20 -6.28
CA THR A 143 6.85 16.66 -4.96
C THR A 143 6.83 18.19 -4.86
N LEU A 144 7.34 18.85 -5.88
CA LEU A 144 7.40 20.31 -5.90
C LEU A 144 6.09 20.95 -6.33
N ARG A 145 5.04 20.15 -6.45
CA ARG A 145 3.74 20.66 -6.89
C ARG A 145 2.64 20.30 -5.90
N PHE A 146 2.57 19.03 -5.54
CA PHE A 146 1.53 18.56 -4.62
C PHE A 146 2.03 18.47 -3.18
N GLY A 147 3.34 18.37 -3.01
CA GLY A 147 3.92 18.26 -1.68
C GLY A 147 3.97 19.59 -0.95
N VAL A 148 4.33 19.54 0.32
CA VAL A 148 4.44 20.73 1.15
C VAL A 148 5.88 21.22 1.17
N ASP A 149 6.09 22.48 1.49
CA ASP A 149 7.43 23.05 1.53
C ASP A 149 8.30 22.38 2.60
N ARG A 150 9.61 22.43 2.41
CA ARG A 150 10.54 21.83 3.35
C ARG A 150 10.97 22.84 4.42
N PRO A 151 10.64 22.58 5.69
CA PRO A 151 10.99 23.47 6.80
C PRO A 151 12.44 23.31 7.21
N MET B 1 -7.77 -23.40 -23.82
CA MET B 1 -8.18 -22.27 -24.67
C MET B 1 -7.47 -21.00 -24.24
N GLN B 2 -7.33 -20.05 -25.15
CA GLN B 2 -6.65 -18.80 -24.86
C GLN B 2 -7.59 -17.78 -24.23
N ILE B 3 -7.27 -17.37 -23.02
CA ILE B 3 -8.05 -16.36 -22.30
C ILE B 3 -7.12 -15.22 -21.85
N PHE B 4 -7.69 -14.12 -21.40
CA PHE B 4 -6.89 -12.98 -20.97
C PHE B 4 -7.25 -12.53 -19.57
N VAL B 5 -6.24 -12.34 -18.75
CA VAL B 5 -6.43 -11.91 -17.38
C VAL B 5 -5.89 -10.48 -17.23
N LYS B 6 -6.73 -9.57 -16.78
CA LYS B 6 -6.33 -8.18 -16.63
C LYS B 6 -6.20 -7.83 -15.15
N THR B 7 -5.10 -7.19 -14.80
CA THR B 7 -4.84 -6.78 -13.42
C THR B 7 -5.35 -5.37 -13.18
N LEU B 8 -5.31 -4.94 -11.92
CA LEU B 8 -5.77 -3.60 -11.54
C LEU B 8 -4.88 -2.52 -12.14
N THR B 9 -3.67 -2.89 -12.55
CA THR B 9 -2.74 -1.96 -13.14
C THR B 9 -2.91 -1.87 -14.66
N GLY B 10 -3.79 -2.71 -15.20
CA GLY B 10 -4.03 -2.72 -16.62
C GLY B 10 -3.22 -3.77 -17.35
N LYS B 11 -2.22 -4.31 -16.65
CA LYS B 11 -1.34 -5.33 -17.22
C LYS B 11 -2.17 -6.55 -17.61
N THR B 12 -2.29 -6.80 -18.91
CA THR B 12 -3.06 -7.93 -19.39
C THR B 12 -2.13 -9.11 -19.73
N ILE B 13 -2.47 -10.28 -19.23
CA ILE B 13 -1.68 -11.47 -19.48
C ILE B 13 -2.52 -12.56 -20.13
N THR B 14 -1.91 -13.32 -21.03
CA THR B 14 -2.59 -14.39 -21.72
C THR B 14 -2.43 -15.68 -20.93
N LEU B 15 -3.48 -16.49 -20.91
CA LEU B 15 -3.45 -17.76 -20.20
C LEU B 15 -4.09 -18.86 -21.03
N GLU B 16 -3.48 -20.03 -21.03
CA GLU B 16 -3.99 -21.18 -21.77
C GLU B 16 -4.57 -22.20 -20.81
N VAL B 17 -5.89 -22.19 -20.67
CA VAL B 17 -6.59 -23.11 -19.78
C VAL B 17 -7.86 -23.62 -20.43
N GLU B 18 -8.31 -24.80 -20.05
CA GLU B 18 -9.52 -25.39 -20.59
C GLU B 18 -10.69 -25.18 -19.62
N PRO B 19 -11.94 -25.27 -20.11
CA PRO B 19 -13.12 -25.09 -19.25
C PRO B 19 -13.11 -26.04 -18.05
N SER B 20 -12.44 -27.18 -18.21
CA SER B 20 -12.36 -28.17 -17.15
C SER B 20 -11.33 -27.78 -16.08
N ASP B 21 -10.65 -26.67 -16.29
CA ASP B 21 -9.66 -26.18 -15.34
C ASP B 21 -10.36 -25.51 -14.16
N THR B 22 -9.97 -25.89 -12.95
CA THR B 22 -10.55 -25.31 -11.75
C THR B 22 -9.98 -23.91 -11.53
N ILE B 23 -10.77 -23.04 -10.91
CA ILE B 23 -10.35 -21.67 -10.64
C ILE B 23 -9.07 -21.66 -9.81
N GLU B 24 -8.97 -22.59 -8.86
CA GLU B 24 -7.79 -22.69 -8.02
C GLU B 24 -6.57 -23.07 -8.86
N ASN B 25 -6.79 -23.92 -9.85
CA ASN B 25 -5.73 -24.35 -10.74
C ASN B 25 -5.29 -23.16 -11.60
N VAL B 26 -6.25 -22.32 -11.96
CA VAL B 26 -5.99 -21.13 -12.74
C VAL B 26 -5.10 -20.19 -11.93
N LYS B 27 -5.49 -19.96 -10.68
CA LYS B 27 -4.73 -19.09 -9.77
C LYS B 27 -3.30 -19.57 -9.65
N ALA B 28 -3.14 -20.88 -9.49
CA ALA B 28 -1.82 -21.49 -9.35
C ALA B 28 -0.97 -21.24 -10.59
N LYS B 29 -1.61 -21.26 -11.76
CA LYS B 29 -0.90 -21.03 -13.01
C LYS B 29 -0.56 -19.55 -13.17
N ILE B 30 -1.37 -18.68 -12.58
CA ILE B 30 -1.13 -17.24 -12.64
C ILE B 30 0.10 -16.90 -11.80
N GLN B 31 0.22 -17.56 -10.66
CA GLN B 31 1.35 -17.35 -9.76
C GLN B 31 2.63 -17.91 -10.38
N ASP B 32 2.46 -18.84 -11.31
CA ASP B 32 3.59 -19.45 -11.99
C ASP B 32 4.25 -18.45 -12.93
N LYS B 33 3.44 -17.69 -13.65
CA LYS B 33 3.95 -16.70 -14.58
C LYS B 33 4.21 -15.34 -13.94
N GLU B 34 3.19 -14.81 -13.26
CA GLU B 34 3.31 -13.51 -12.60
C GLU B 34 4.00 -13.63 -11.26
N GLY B 35 3.43 -14.43 -10.37
CA GLY B 35 4.01 -14.61 -9.05
C GLY B 35 3.09 -14.14 -7.94
N ILE B 36 1.92 -13.64 -8.31
CA ILE B 36 0.95 -13.14 -7.34
C ILE B 36 0.35 -14.31 -6.55
N PRO B 37 0.44 -14.27 -5.21
CA PRO B 37 -0.10 -15.32 -4.33
C PRO B 37 -1.60 -15.51 -4.54
N PRO B 38 -2.05 -16.77 -4.69
CA PRO B 38 -3.47 -17.12 -4.90
C PRO B 38 -4.39 -16.58 -3.81
N ASP B 39 -3.85 -16.43 -2.60
CA ASP B 39 -4.62 -15.92 -1.47
C ASP B 39 -4.97 -14.44 -1.67
N GLN B 40 -4.18 -13.78 -2.51
CA GLN B 40 -4.37 -12.37 -2.79
C GLN B 40 -4.98 -12.19 -4.18
N GLN B 41 -5.35 -13.30 -4.81
CA GLN B 41 -5.92 -13.28 -6.15
C GLN B 41 -7.45 -13.35 -6.10
N ARG B 42 -8.10 -12.23 -6.41
CA ARG B 42 -9.56 -12.20 -6.45
C ARG B 42 -10.01 -12.12 -7.89
N LEU B 43 -10.35 -13.27 -8.47
CA LEU B 43 -10.79 -13.33 -9.85
C LEU B 43 -12.28 -13.03 -9.99
N ILE B 44 -12.58 -11.98 -10.75
CA ILE B 44 -13.95 -11.56 -10.98
C ILE B 44 -14.30 -11.72 -12.46
N PHE B 45 -15.44 -12.35 -12.72
CA PHE B 45 -15.89 -12.56 -14.08
C PHE B 45 -17.41 -12.59 -14.12
N ALA B 46 -17.98 -11.93 -15.13
CA ALA B 46 -19.42 -11.85 -15.30
C ALA B 46 -20.10 -11.23 -14.08
N GLY B 47 -19.37 -10.33 -13.42
CA GLY B 47 -19.88 -9.65 -12.25
C GLY B 47 -19.92 -10.53 -11.02
N LYS B 48 -19.32 -11.71 -11.10
CA LYS B 48 -19.31 -12.64 -9.98
C LYS B 48 -17.88 -13.02 -9.61
N GLN B 49 -17.74 -13.70 -8.49
CA GLN B 49 -16.43 -14.13 -8.03
C GLN B 49 -16.20 -15.59 -8.41
N LEU B 50 -15.03 -15.86 -8.97
CA LEU B 50 -14.68 -17.21 -9.38
C LEU B 50 -14.24 -18.03 -8.17
N GLU B 51 -15.08 -18.99 -7.78
CA GLU B 51 -14.78 -19.85 -6.65
C GLU B 51 -13.72 -20.88 -7.00
N ASP B 52 -12.71 -20.98 -6.16
CA ASP B 52 -11.58 -21.89 -6.36
C ASP B 52 -12.02 -23.34 -6.62
N GLY B 53 -13.12 -23.75 -6.01
CA GLY B 53 -13.60 -25.11 -6.18
C GLY B 53 -14.37 -25.33 -7.46
N ARG B 54 -14.69 -24.26 -8.16
CA ARG B 54 -15.46 -24.35 -9.40
C ARG B 54 -14.54 -24.35 -10.62
N THR B 55 -15.09 -24.73 -11.76
CA THR B 55 -14.33 -24.77 -13.00
C THR B 55 -14.79 -23.64 -13.92
N LEU B 56 -14.09 -23.46 -15.04
CA LEU B 56 -14.45 -22.41 -15.99
C LEU B 56 -15.82 -22.66 -16.60
N SER B 57 -16.18 -23.94 -16.72
CA SER B 57 -17.47 -24.32 -17.29
C SER B 57 -18.62 -23.87 -16.39
N ASP B 58 -18.34 -23.78 -15.09
CA ASP B 58 -19.35 -23.37 -14.11
C ASP B 58 -19.81 -21.93 -14.34
N TYR B 59 -18.94 -21.12 -14.93
CA TYR B 59 -19.25 -19.72 -15.18
C TYR B 59 -19.43 -19.45 -16.66
N ASN B 60 -19.50 -20.53 -17.45
CA ASN B 60 -19.67 -20.43 -18.90
C ASN B 60 -18.51 -19.66 -19.54
N ILE B 61 -17.31 -19.87 -19.01
CA ILE B 61 -16.13 -19.20 -19.53
C ILE B 61 -15.64 -19.88 -20.81
N GLN B 62 -15.46 -19.09 -21.86
CA GLN B 62 -15.00 -19.61 -23.14
C GLN B 62 -13.67 -18.95 -23.49
N LYS B 63 -13.21 -19.16 -24.71
CA LYS B 63 -11.96 -18.58 -25.17
C LYS B 63 -12.13 -17.08 -25.43
N GLU B 64 -11.04 -16.34 -25.39
CA GLU B 64 -11.04 -14.89 -25.64
C GLU B 64 -11.74 -14.10 -24.52
N SER B 65 -12.02 -14.76 -23.41
CA SER B 65 -12.68 -14.10 -22.29
C SER B 65 -11.67 -13.32 -21.45
N THR B 66 -12.12 -12.20 -20.89
CA THR B 66 -11.25 -11.36 -20.08
C THR B 66 -11.62 -11.45 -18.60
N LEU B 67 -10.69 -11.94 -17.80
CA LEU B 67 -10.91 -12.09 -16.37
C LEU B 67 -10.35 -10.87 -15.63
N HIS B 68 -11.01 -10.50 -14.53
CA HIS B 68 -10.58 -9.36 -13.73
C HIS B 68 -9.83 -9.86 -12.51
N LEU B 69 -8.57 -9.51 -12.41
CA LEU B 69 -7.74 -9.94 -11.28
C LEU B 69 -7.59 -8.83 -10.25
N VAL B 70 -8.36 -8.92 -9.18
CA VAL B 70 -8.29 -7.93 -8.11
C VAL B 70 -7.30 -8.39 -7.06
N LEU B 71 -6.29 -7.56 -6.80
CA LEU B 71 -5.28 -7.89 -5.81
C LEU B 71 -5.72 -7.49 -4.41
N ARG B 72 -5.93 -8.50 -3.56
CA ARG B 72 -6.35 -8.27 -2.20
C ARG B 72 -5.19 -8.52 -1.23
N LEU B 73 -4.58 -7.46 -0.75
CA LEU B 73 -3.45 -7.57 0.17
C LEU B 73 -3.92 -7.93 1.58
N ARG B 74 -3.03 -8.50 2.37
CA ARG B 74 -3.35 -8.91 3.73
C ARG B 74 -2.87 -7.88 4.75
N GLY B 75 -2.87 -6.62 4.35
CA GLY B 75 -2.43 -5.56 5.24
C GLY B 75 -2.16 -4.27 4.50
N CYS B 76 -2.59 -3.16 5.09
CA CYS B 76 -2.39 -1.85 4.48
C CYS B 76 -2.21 -0.81 5.59
N ALA A 2 -6.37 5.38 27.52
CA ALA A 2 -5.86 5.52 26.14
C ALA A 2 -5.20 6.88 25.92
N SER A 3 -5.97 7.95 26.10
CA SER A 3 -5.47 9.30 25.90
C SER A 3 -4.29 9.61 26.81
N MET A 4 -4.26 9.00 27.99
CA MET A 4 -3.19 9.20 28.95
C MET A 4 -1.83 8.89 28.35
N ARG A 5 -1.74 7.78 27.62
CA ARG A 5 -0.50 7.38 26.99
C ARG A 5 -0.23 8.25 25.77
N VAL A 6 -1.30 8.59 25.04
CA VAL A 6 -1.19 9.42 23.85
C VAL A 6 -0.54 10.77 24.18
N VAL A 7 -1.01 11.40 25.25
CA VAL A 7 -0.45 12.69 25.67
C VAL A 7 1.02 12.52 26.06
N LYS A 8 1.34 11.40 26.69
CA LYS A 8 2.71 11.11 27.09
C LYS A 8 3.59 10.97 25.86
N GLU A 9 3.14 10.15 24.90
CA GLU A 9 3.89 9.92 23.67
C GLU A 9 4.07 11.24 22.93
N LEU A 10 3.06 12.10 23.00
CA LEU A 10 3.10 13.40 22.36
C LEU A 10 4.22 14.23 22.99
N GLU A 11 4.24 14.28 24.31
CA GLU A 11 5.26 15.03 25.04
C GLU A 11 6.65 14.47 24.75
N ASP A 12 6.74 13.14 24.75
CA ASP A 12 7.99 12.44 24.50
C ASP A 12 8.59 12.84 23.15
N LEU A 13 7.75 12.85 22.13
CA LEU A 13 8.19 13.19 20.78
C LEU A 13 8.22 14.69 20.52
N GLN A 14 7.55 15.46 21.35
CA GLN A 14 7.52 16.92 21.19
C GLN A 14 8.76 17.55 21.79
N LYS A 15 9.20 17.03 22.93
CA LYS A 15 10.38 17.55 23.61
C LYS A 15 11.64 16.98 22.98
N LYS A 16 11.53 15.79 22.40
CA LYS A 16 12.64 15.13 21.74
C LYS A 16 12.17 14.55 20.39
N PRO A 17 12.04 15.41 19.38
CA PRO A 17 11.59 15.02 18.05
C PRO A 17 12.73 14.57 17.15
N PRO A 18 12.45 13.63 16.23
CA PRO A 18 13.44 13.13 15.28
C PRO A 18 13.62 14.12 14.13
N PRO A 19 14.76 14.06 13.43
CA PRO A 19 15.05 14.99 12.32
C PRO A 19 14.09 14.81 11.14
N TYR A 20 13.58 13.60 10.96
CA TYR A 20 12.67 13.30 9.85
C TYR A 20 11.22 13.69 10.15
N LEU A 21 10.97 14.25 11.32
CA LEU A 21 9.61 14.66 11.68
C LEU A 21 9.60 16.05 12.30
N ARG A 22 8.83 16.95 11.70
CA ARG A 22 8.75 18.32 12.18
C ARG A 22 7.31 18.78 12.33
N ASN A 23 7.11 19.74 13.24
CA ASN A 23 5.79 20.34 13.51
C ASN A 23 4.77 19.30 13.99
N LEU A 24 5.22 18.36 14.81
CA LEU A 24 4.35 17.33 15.34
C LEU A 24 3.40 17.91 16.38
N SER A 25 2.13 18.04 16.01
CA SER A 25 1.13 18.58 16.92
C SER A 25 -0.16 17.77 16.85
N SER A 26 -0.94 17.77 17.92
CA SER A 26 -2.20 17.03 17.95
C SER A 26 -3.27 17.79 17.19
N ASP A 27 -4.44 17.18 17.05
CA ASP A 27 -5.55 17.78 16.35
C ASP A 27 -6.14 18.92 17.17
N ASP A 28 -6.83 19.82 16.50
CA ASP A 28 -7.43 20.98 17.12
C ASP A 28 -8.44 20.62 18.20
N ALA A 29 -9.24 19.59 17.97
CA ALA A 29 -10.25 19.20 18.95
C ALA A 29 -10.08 17.78 19.47
N ASN A 30 -9.15 17.03 18.90
CA ASN A 30 -8.95 15.64 19.33
C ASN A 30 -7.48 15.32 19.56
N VAL A 31 -7.15 14.94 20.78
CA VAL A 31 -5.78 14.60 21.13
C VAL A 31 -5.40 13.23 20.57
N LEU A 32 -6.40 12.47 20.13
CA LEU A 32 -6.17 11.14 19.58
C LEU A 32 -5.78 11.22 18.10
N VAL A 33 -5.61 12.42 17.60
CA VAL A 33 -5.22 12.63 16.21
C VAL A 33 -3.98 13.50 16.15
N TRP A 34 -2.95 13.01 15.48
CA TRP A 34 -1.70 13.77 15.35
C TRP A 34 -1.47 14.24 13.92
N HIS A 35 -0.86 15.41 13.80
CA HIS A 35 -0.54 16.00 12.51
C HIS A 35 0.94 16.36 12.52
N ALA A 36 1.68 15.86 11.55
CA ALA A 36 3.11 16.13 11.48
C ALA A 36 3.63 16.09 10.06
N LEU A 37 4.80 16.69 9.85
CA LEU A 37 5.42 16.72 8.53
C LEU A 37 6.59 15.76 8.50
N LEU A 38 6.53 14.80 7.59
CA LEU A 38 7.58 13.81 7.43
C LEU A 38 8.58 14.30 6.38
N LEU A 39 9.86 14.21 6.70
CA LEU A 39 10.90 14.65 5.79
C LEU A 39 11.85 13.52 5.44
N PRO A 40 11.59 12.80 4.34
CA PRO A 40 12.45 11.70 3.89
C PRO A 40 13.71 12.25 3.22
N ASP A 41 14.67 11.37 2.94
CA ASP A 41 15.91 11.79 2.30
C ASP A 41 16.15 11.05 0.99
N GLN A 42 15.24 10.17 0.64
CA GLN A 42 15.34 9.41 -0.59
C GLN A 42 14.84 10.26 -1.76
N PRO A 43 15.69 10.52 -2.75
CA PRO A 43 15.31 11.32 -3.94
C PRO A 43 14.16 10.66 -4.69
N PRO A 44 13.18 11.45 -5.16
CA PRO A 44 13.16 12.89 -4.99
C PRO A 44 12.24 13.33 -3.86
N TYR A 45 11.90 12.40 -2.98
CA TYR A 45 11.01 12.67 -1.85
C TYR A 45 11.60 13.71 -0.90
N HIS A 46 12.93 13.86 -0.93
CA HIS A 46 13.60 14.82 -0.06
C HIS A 46 13.56 16.26 -0.57
N LEU A 47 12.86 16.47 -1.68
CA LEU A 47 12.74 17.81 -2.25
C LEU A 47 11.66 18.60 -1.52
N LYS A 48 10.67 17.89 -1.00
CA LYS A 48 9.57 18.50 -0.28
C LYS A 48 9.26 17.72 0.99
N ALA A 49 8.09 17.96 1.58
CA ALA A 49 7.70 17.26 2.80
C ALA A 49 6.30 16.69 2.65
N PHE A 50 5.97 15.70 3.47
CA PHE A 50 4.66 15.07 3.41
C PHE A 50 3.98 15.08 4.78
N ASN A 51 2.77 15.61 4.83
CA ASN A 51 2.01 15.68 6.07
C ASN A 51 1.29 14.37 6.34
N LEU A 52 1.37 13.89 7.57
CA LEU A 52 0.72 12.65 7.94
C LEU A 52 -0.31 12.88 9.04
N ARG A 53 -1.33 12.02 9.07
CA ARG A 53 -2.38 12.09 10.06
C ARG A 53 -2.47 10.78 10.83
N ILE A 54 -2.13 10.84 12.11
CA ILE A 54 -2.16 9.65 12.96
C ILE A 54 -3.46 9.62 13.75
N SER A 55 -4.21 8.54 13.62
CA SER A 55 -5.46 8.39 14.33
C SER A 55 -5.40 7.27 15.37
N PHE A 56 -5.52 7.62 16.63
CA PHE A 56 -5.49 6.66 17.72
C PHE A 56 -6.91 6.21 18.05
N PRO A 57 -7.13 4.89 18.15
CA PRO A 57 -8.43 4.33 18.47
C PRO A 57 -8.70 4.35 19.98
N PRO A 58 -9.98 4.25 20.37
CA PRO A 58 -10.37 4.25 21.79
C PRO A 58 -9.98 2.93 22.47
N GLU A 59 -9.45 2.01 21.67
CA GLU A 59 -9.03 0.72 22.15
C GLU A 59 -7.51 0.70 22.32
N TYR A 60 -6.91 1.88 22.29
CA TYR A 60 -5.47 2.03 22.45
C TYR A 60 -5.06 1.69 23.89
N PRO A 61 -3.89 1.06 24.09
CA PRO A 61 -2.97 0.67 23.03
C PRO A 61 -3.15 -0.79 22.61
N PHE A 62 -4.32 -1.35 22.91
CA PHE A 62 -4.60 -2.73 22.57
C PHE A 62 -4.79 -2.87 21.06
N LYS A 63 -5.25 -1.79 20.44
CA LYS A 63 -5.45 -1.77 19.00
C LYS A 63 -4.46 -0.82 18.36
N PRO A 64 -3.95 -1.17 17.17
CA PRO A 64 -2.97 -0.35 16.45
C PRO A 64 -3.56 0.94 15.89
N PRO A 65 -2.80 2.04 15.98
CA PRO A 65 -3.25 3.34 15.47
C PRO A 65 -3.12 3.40 13.94
N MET A 66 -4.07 4.06 13.30
CA MET A 66 -4.06 4.17 11.86
C MET A 66 -3.43 5.47 11.40
N ILE A 67 -2.39 5.36 10.60
CA ILE A 67 -1.69 6.53 10.09
C ILE A 67 -1.91 6.64 8.59
N LYS A 68 -2.29 7.83 8.13
CA LYS A 68 -2.50 8.06 6.71
C LYS A 68 -1.77 9.32 6.28
N PHE A 69 -1.46 9.41 5.00
CA PHE A 69 -0.79 10.58 4.47
C PHE A 69 -1.81 11.60 3.98
N THR A 70 -1.69 12.82 4.45
CA THR A 70 -2.58 13.89 4.04
C THR A 70 -2.08 14.48 2.74
N THR A 71 -0.79 14.31 2.50
CA THR A 71 -0.15 14.81 1.29
C THR A 71 -0.02 13.67 0.27
N LYS A 72 -0.18 14.01 -1.00
CA LYS A 72 -0.08 13.02 -2.06
C LYS A 72 1.37 12.69 -2.37
N ILE A 73 1.76 11.45 -2.12
CA ILE A 73 3.12 11.00 -2.35
C ILE A 73 3.17 9.87 -3.38
N TYR A 74 4.00 10.05 -4.39
CA TYR A 74 4.17 9.05 -5.45
C TYR A 74 5.09 7.94 -4.96
N HIS A 75 4.60 7.15 -4.02
CA HIS A 75 5.36 6.06 -3.43
C HIS A 75 4.70 4.72 -3.74
N PRO A 76 5.50 3.73 -4.22
CA PRO A 76 4.98 2.39 -4.57
C PRO A 76 4.46 1.59 -3.37
N ASN A 77 4.59 2.15 -2.18
CA ASN A 77 4.11 1.48 -0.97
C ASN A 77 3.03 2.33 -0.29
N VAL A 78 2.51 3.30 -1.04
CA VAL A 78 1.46 4.16 -0.51
C VAL A 78 0.32 4.24 -1.52
N ASP A 79 -0.92 4.19 -1.03
CA ASP A 79 -2.09 4.27 -1.88
C ASP A 79 -2.37 5.72 -2.27
N GLU A 80 -3.09 5.91 -3.37
CA GLU A 80 -3.42 7.24 -3.88
C GLU A 80 -4.20 8.08 -2.88
N ASN A 81 -4.99 7.44 -2.03
CA ASN A 81 -5.77 8.17 -1.04
C ASN A 81 -4.88 8.57 0.14
N GLY A 82 -3.84 7.79 0.37
CA GLY A 82 -2.92 8.08 1.43
C GLY A 82 -2.85 6.96 2.45
N GLN A 83 -3.39 5.80 2.11
CA GLN A 83 -3.37 4.66 3.01
C GLN A 83 -2.06 3.90 2.87
N ILE A 84 -1.56 3.40 3.99
CA ILE A 84 -0.31 2.64 4.00
C ILE A 84 -0.50 1.31 4.73
N CYS A 85 0.44 0.40 4.54
CA CYS A 85 0.37 -0.90 5.18
C CYS A 85 1.69 -1.24 5.87
N LEU A 86 1.79 -0.83 7.13
CA LEU A 86 2.98 -1.08 7.92
C LEU A 86 2.80 -2.33 8.76
N PRO A 87 3.72 -3.30 8.63
CA PRO A 87 3.67 -4.56 9.39
C PRO A 87 3.69 -4.33 10.91
N ILE A 88 4.31 -3.23 11.32
CA ILE A 88 4.42 -2.89 12.73
C ILE A 88 3.07 -2.55 13.35
N ILE A 89 2.17 -2.00 12.55
CA ILE A 89 0.84 -1.62 13.02
C ILE A 89 -0.24 -2.41 12.31
N SER A 90 0.13 -3.60 11.85
CA SER A 90 -0.80 -4.46 11.14
C SER A 90 -1.77 -5.08 12.14
N SER A 91 -2.92 -5.50 11.64
CA SER A 91 -3.93 -6.13 12.48
C SER A 91 -3.57 -7.60 12.73
N GLU A 92 -2.27 -7.88 12.79
CA GLU A 92 -1.77 -9.22 12.99
C GLU A 92 -0.57 -9.22 13.92
N ASN A 93 0.46 -8.47 13.55
CA ASN A 93 1.69 -8.40 14.33
C ASN A 93 1.77 -7.13 15.17
N TRP A 94 0.63 -6.68 15.68
CA TRP A 94 0.61 -5.48 16.51
C TRP A 94 1.14 -5.79 17.91
N LYS A 95 2.00 -4.91 18.39
CA LYS A 95 2.59 -5.06 19.72
C LYS A 95 2.25 -3.83 20.55
N PRO A 96 1.39 -3.98 21.58
CA PRO A 96 0.99 -2.88 22.46
C PRO A 96 2.15 -2.32 23.27
N CYS A 97 3.27 -3.03 23.26
CA CYS A 97 4.46 -2.61 23.99
C CYS A 97 5.24 -1.56 23.20
N THR A 98 4.91 -1.41 21.92
CA THR A 98 5.57 -0.45 21.07
C THR A 98 4.88 0.90 21.13
N LYS A 99 5.65 1.96 20.90
CA LYS A 99 5.11 3.31 20.94
C LYS A 99 5.11 3.91 19.54
N THR A 100 4.47 5.06 19.39
CA THR A 100 4.38 5.75 18.10
C THR A 100 5.77 6.09 17.57
N CYS A 101 6.72 6.29 18.49
CA CYS A 101 8.09 6.62 18.13
C CYS A 101 8.68 5.56 17.19
N GLN A 102 8.53 4.29 17.56
CA GLN A 102 9.04 3.20 16.76
C GLN A 102 8.24 3.04 15.48
N VAL A 103 6.95 3.38 15.54
CA VAL A 103 6.07 3.28 14.38
C VAL A 103 6.48 4.31 13.34
N LEU A 104 6.69 5.55 13.78
CA LEU A 104 7.10 6.62 12.89
C LEU A 104 8.48 6.33 12.31
N GLU A 105 9.30 5.66 13.12
CA GLU A 105 10.63 5.28 12.69
C GLU A 105 10.54 4.29 11.54
N ALA A 106 9.71 3.27 11.73
CA ALA A 106 9.50 2.24 10.71
C ALA A 106 8.91 2.85 9.45
N LEU A 107 7.97 3.77 9.65
CA LEU A 107 7.33 4.47 8.53
C LEU A 107 8.38 5.19 7.69
N ASN A 108 9.26 5.92 8.37
CA ASN A 108 10.31 6.66 7.70
C ASN A 108 11.21 5.72 6.88
N VAL A 109 11.52 4.57 7.46
CA VAL A 109 12.35 3.58 6.78
C VAL A 109 11.65 3.06 5.53
N LEU A 110 10.38 2.69 5.66
CA LEU A 110 9.61 2.17 4.54
C LEU A 110 9.42 3.23 3.45
N VAL A 111 9.40 4.49 3.84
CA VAL A 111 9.24 5.57 2.88
C VAL A 111 10.56 5.79 2.12
N ASN A 112 11.66 5.78 2.85
CA ASN A 112 12.98 5.97 2.25
C ASN A 112 13.40 4.75 1.43
N ARG A 113 13.06 3.56 1.95
CA ARG A 113 13.39 2.32 1.27
C ARG A 113 12.13 1.69 0.70
N PRO A 114 11.85 1.93 -0.60
CA PRO A 114 10.65 1.40 -1.26
C PRO A 114 10.65 -0.12 -1.37
N ASN A 115 9.79 -0.76 -0.60
CA ASN A 115 9.70 -2.22 -0.63
C ASN A 115 8.99 -2.67 -1.90
N ILE A 116 9.76 -3.30 -2.79
CA ILE A 116 9.23 -3.78 -4.05
C ILE A 116 8.71 -5.22 -3.92
N ARG A 117 8.93 -5.83 -2.77
CA ARG A 117 8.46 -7.19 -2.52
C ARG A 117 6.97 -7.17 -2.26
N GLU A 118 6.57 -6.41 -1.26
CA GLU A 118 5.16 -6.28 -0.91
C GLU A 118 4.75 -4.80 -1.02
N PRO A 119 4.51 -4.32 -2.25
CA PRO A 119 4.11 -2.95 -2.49
C PRO A 119 2.61 -2.78 -2.65
N LEU A 120 2.17 -1.53 -2.64
CA LEU A 120 0.75 -1.22 -2.80
C LEU A 120 0.48 -0.81 -4.24
N ARG A 121 1.57 -0.54 -4.96
CA ARG A 121 1.49 -0.13 -6.35
C ARG A 121 2.43 -0.98 -7.21
N MET A 122 1.89 -2.03 -7.79
CA MET A 122 2.68 -2.94 -8.63
C MET A 122 3.25 -2.19 -9.84
N ASP A 123 2.51 -1.21 -10.31
CA ASP A 123 2.92 -0.41 -11.46
C ASP A 123 4.15 0.43 -11.13
N LEU A 124 4.10 1.12 -10.01
CA LEU A 124 5.22 1.96 -9.56
C LEU A 124 6.43 1.11 -9.18
N ALA A 125 6.17 -0.04 -8.56
CA ALA A 125 7.24 -0.93 -8.14
C ALA A 125 7.98 -1.52 -9.34
N ASP A 126 7.23 -1.97 -10.33
CA ASP A 126 7.82 -2.54 -11.53
C ASP A 126 8.59 -1.47 -12.31
N LEU A 127 8.04 -0.26 -12.33
CA LEU A 127 8.67 0.86 -13.02
C LEU A 127 10.05 1.16 -12.46
N LEU A 128 10.14 1.23 -11.13
CA LEU A 128 11.40 1.51 -10.46
C LEU A 128 12.43 0.43 -10.75
N THR A 129 11.97 -0.81 -10.80
CA THR A 129 12.85 -1.95 -11.05
C THR A 129 13.30 -1.98 -12.52
N GLN A 130 12.59 -1.27 -13.39
CA GLN A 130 12.93 -1.21 -14.80
C GLN A 130 13.79 0.02 -15.11
N ASN A 131 13.32 1.18 -14.67
CA ASN A 131 14.04 2.43 -14.89
C ASN A 131 13.86 3.36 -13.69
N PRO A 132 14.89 3.45 -12.84
CA PRO A 132 14.86 4.29 -11.64
C PRO A 132 14.72 5.77 -11.97
N GLU A 133 15.36 6.20 -13.05
CA GLU A 133 15.30 7.59 -13.46
C GLU A 133 13.91 7.97 -13.94
N LEU A 134 13.30 7.10 -14.74
CA LEU A 134 11.96 7.35 -15.26
C LEU A 134 10.97 7.50 -14.11
N PHE A 135 11.09 6.62 -13.13
CA PHE A 135 10.23 6.65 -11.95
C PHE A 135 10.51 7.91 -11.15
N ARG A 136 11.79 8.25 -11.02
CA ARG A 136 12.23 9.42 -10.29
C ARG A 136 11.63 10.69 -10.90
N LYS A 137 11.62 10.75 -12.23
CA LYS A 137 11.06 11.91 -12.94
C LYS A 137 9.59 12.10 -12.59
N ASN A 138 8.85 11.00 -12.65
CA ASN A 138 7.42 11.01 -12.34
C ASN A 138 7.18 11.42 -10.90
N ALA A 139 7.95 10.84 -9.99
CA ALA A 139 7.83 11.13 -8.57
C ALA A 139 8.21 12.58 -8.28
N GLU A 140 9.25 13.07 -8.93
CA GLU A 140 9.72 14.43 -8.74
C GLU A 140 8.63 15.44 -9.08
N GLU A 141 8.01 15.27 -10.24
CA GLU A 141 6.95 16.15 -10.69
C GLU A 141 5.79 16.15 -9.71
N PHE A 142 5.42 14.96 -9.24
CA PHE A 142 4.31 14.80 -8.31
C PHE A 142 4.64 15.44 -6.96
N THR A 143 5.85 15.20 -6.47
CA THR A 143 6.29 15.75 -5.18
C THR A 143 6.36 17.28 -5.19
N LEU A 144 6.80 17.84 -6.31
CA LEU A 144 6.93 19.29 -6.42
C LEU A 144 5.60 19.98 -6.73
N ARG A 145 4.55 19.19 -6.96
CA ARG A 145 3.26 19.76 -7.28
C ARG A 145 2.21 19.48 -6.20
N PHE A 146 2.19 18.25 -5.71
CA PHE A 146 1.22 17.85 -4.70
C PHE A 146 1.85 17.68 -3.32
N GLY A 147 3.12 18.03 -3.21
CA GLY A 147 3.82 17.88 -1.94
C GLY A 147 3.92 19.19 -1.19
N VAL A 148 3.99 19.10 0.14
CA VAL A 148 4.11 20.27 0.98
C VAL A 148 5.55 20.80 0.92
N ASP A 149 5.72 22.10 1.13
CA ASP A 149 7.05 22.70 1.09
C ASP A 149 8.02 22.04 2.07
N ARG A 150 9.31 22.16 1.79
CA ARG A 150 10.34 21.56 2.63
C ARG A 150 10.81 22.55 3.70
N PRO A 151 10.44 22.29 4.96
CA PRO A 151 10.83 23.13 6.09
C PRO A 151 12.05 22.59 6.82
N MET B 1 -7.34 -22.76 -25.71
CA MET B 1 -7.96 -21.51 -26.16
C MET B 1 -7.31 -20.30 -25.50
N GLN B 2 -7.16 -19.24 -26.27
CA GLN B 2 -6.53 -18.01 -25.79
C GLN B 2 -7.53 -17.11 -25.08
N ILE B 3 -7.19 -16.68 -23.87
CA ILE B 3 -8.04 -15.78 -23.10
C ILE B 3 -7.23 -14.55 -22.70
N PHE B 4 -7.92 -13.54 -22.18
CA PHE B 4 -7.26 -12.32 -21.77
C PHE B 4 -7.49 -12.05 -20.29
N VAL B 5 -6.40 -11.91 -19.54
CA VAL B 5 -6.47 -11.65 -18.12
C VAL B 5 -6.08 -10.20 -17.86
N LYS B 6 -7.05 -9.38 -17.51
CA LYS B 6 -6.81 -7.96 -17.26
C LYS B 6 -6.77 -7.68 -15.77
N THR B 7 -5.71 -7.00 -15.34
CA THR B 7 -5.53 -6.65 -13.94
C THR B 7 -5.98 -5.22 -13.69
N LEU B 8 -6.07 -4.85 -12.41
CA LEU B 8 -6.49 -3.50 -12.03
C LEU B 8 -5.47 -2.45 -12.46
N THR B 9 -4.25 -2.90 -12.77
CA THR B 9 -3.19 -2.01 -13.20
C THR B 9 -3.20 -1.83 -14.72
N GLY B 10 -4.19 -2.42 -15.38
CA GLY B 10 -4.29 -2.32 -16.82
C GLY B 10 -3.32 -3.25 -17.55
N LYS B 11 -2.72 -4.16 -16.79
CA LYS B 11 -1.77 -5.11 -17.37
C LYS B 11 -2.51 -6.32 -17.91
N THR B 12 -3.02 -6.19 -19.12
CA THR B 12 -3.74 -7.27 -19.77
C THR B 12 -2.76 -8.29 -20.35
N ILE B 13 -2.77 -9.49 -19.80
CA ILE B 13 -1.89 -10.54 -20.25
C ILE B 13 -2.67 -11.65 -20.95
N THR B 14 -2.03 -12.32 -21.89
CA THR B 14 -2.65 -13.41 -22.63
C THR B 14 -2.38 -14.74 -21.93
N LEU B 15 -3.38 -15.62 -21.94
CA LEU B 15 -3.24 -16.93 -21.31
C LEU B 15 -3.84 -18.01 -22.18
N GLU B 16 -3.18 -19.15 -22.24
CA GLU B 16 -3.65 -20.28 -23.03
C GLU B 16 -4.18 -21.37 -22.10
N VAL B 17 -5.50 -21.50 -22.05
CA VAL B 17 -6.13 -22.49 -21.19
C VAL B 17 -7.18 -23.28 -21.96
N GLU B 18 -7.64 -24.37 -21.38
CA GLU B 18 -8.65 -25.21 -22.00
C GLU B 18 -9.95 -25.13 -21.23
N PRO B 19 -11.09 -25.46 -21.85
CA PRO B 19 -12.40 -25.42 -21.18
C PRO B 19 -12.43 -26.35 -19.96
N SER B 20 -11.55 -27.34 -19.95
CA SER B 20 -11.46 -28.29 -18.87
C SER B 20 -10.46 -27.82 -17.79
N ASP B 21 -9.99 -26.58 -17.93
CA ASP B 21 -9.05 -26.02 -16.98
C ASP B 21 -9.79 -25.53 -15.74
N THR B 22 -9.29 -25.91 -14.57
CA THR B 22 -9.88 -25.49 -13.32
C THR B 22 -9.35 -24.12 -12.92
N ILE B 23 -10.17 -23.34 -12.22
CA ILE B 23 -9.77 -22.00 -11.80
C ILE B 23 -8.48 -22.03 -10.99
N GLU B 24 -8.35 -23.02 -10.12
CA GLU B 24 -7.15 -23.16 -9.31
C GLU B 24 -5.92 -23.37 -10.18
N ASN B 25 -6.10 -24.09 -11.29
CA ASN B 25 -5.01 -24.34 -12.22
C ASN B 25 -4.67 -23.06 -12.97
N VAL B 26 -5.70 -22.31 -13.33
CA VAL B 26 -5.52 -21.03 -14.03
C VAL B 26 -4.73 -20.07 -13.16
N LYS B 27 -5.03 -20.08 -11.87
CA LYS B 27 -4.33 -19.22 -10.90
C LYS B 27 -2.84 -19.52 -10.90
N ALA B 28 -2.50 -20.80 -10.94
CA ALA B 28 -1.11 -21.23 -10.95
C ALA B 28 -0.42 -20.75 -12.21
N LYS B 29 -1.14 -20.75 -13.32
CA LYS B 29 -0.60 -20.30 -14.59
C LYS B 29 -0.30 -18.81 -14.55
N ILE B 30 -1.17 -18.05 -13.89
CA ILE B 30 -0.97 -16.61 -13.76
C ILE B 30 0.22 -16.35 -12.84
N GLN B 31 0.35 -17.18 -11.82
CA GLN B 31 1.44 -17.07 -10.87
C GLN B 31 2.76 -17.41 -11.56
N ASP B 32 2.70 -18.37 -12.47
CA ASP B 32 3.88 -18.81 -13.23
C ASP B 32 4.41 -17.67 -14.10
N LYS B 33 3.51 -16.86 -14.64
CA LYS B 33 3.88 -15.75 -15.51
C LYS B 33 4.21 -14.48 -14.73
N GLU B 34 3.22 -13.93 -14.04
CA GLU B 34 3.40 -12.69 -13.29
C GLU B 34 4.08 -12.90 -11.94
N GLY B 35 3.62 -13.88 -11.20
CA GLY B 35 4.20 -14.16 -9.89
C GLY B 35 3.27 -13.75 -8.76
N ILE B 36 2.01 -13.49 -9.09
CA ILE B 36 1.01 -13.10 -8.10
C ILE B 36 0.54 -14.31 -7.32
N PRO B 37 0.62 -14.26 -5.98
CA PRO B 37 0.19 -15.35 -5.10
C PRO B 37 -1.26 -15.77 -5.39
N PRO B 38 -1.50 -17.09 -5.49
CA PRO B 38 -2.82 -17.65 -5.79
C PRO B 38 -3.93 -17.18 -4.82
N ASP B 39 -3.55 -16.90 -3.58
CA ASP B 39 -4.52 -16.45 -2.58
C ASP B 39 -4.94 -15.01 -2.82
N GLN B 40 -4.08 -14.23 -3.45
CA GLN B 40 -4.37 -12.82 -3.71
C GLN B 40 -5.01 -12.64 -5.09
N GLN B 41 -5.27 -13.75 -5.77
CA GLN B 41 -5.87 -13.71 -7.09
C GLN B 41 -7.40 -13.77 -7.02
N ARG B 42 -8.03 -12.64 -7.22
CA ARG B 42 -9.48 -12.54 -7.20
C ARG B 42 -10.00 -12.39 -8.64
N LEU B 43 -10.29 -13.52 -9.26
CA LEU B 43 -10.76 -13.54 -10.65
C LEU B 43 -12.27 -13.35 -10.73
N ILE B 44 -12.68 -12.29 -11.42
CA ILE B 44 -14.10 -11.99 -11.60
C ILE B 44 -14.46 -12.00 -13.09
N PHE B 45 -15.53 -12.71 -13.42
CA PHE B 45 -15.98 -12.81 -14.80
C PHE B 45 -17.51 -12.74 -14.87
N ALA B 46 -18.02 -11.83 -15.69
CA ALA B 46 -19.46 -11.65 -15.87
C ALA B 46 -20.15 -11.33 -14.54
N GLY B 47 -19.45 -10.62 -13.67
CA GLY B 47 -19.99 -10.26 -12.38
C GLY B 47 -20.01 -11.40 -11.38
N LYS B 48 -19.40 -12.52 -11.76
CA LYS B 48 -19.33 -13.69 -10.90
C LYS B 48 -17.89 -14.01 -10.56
N GLN B 49 -17.66 -14.44 -9.34
CA GLN B 49 -16.32 -14.79 -8.90
C GLN B 49 -16.00 -16.23 -9.27
N LEU B 50 -14.83 -16.43 -9.84
CA LEU B 50 -14.40 -17.75 -10.25
C LEU B 50 -13.86 -18.53 -9.06
N GLU B 51 -14.61 -19.55 -8.64
CA GLU B 51 -14.20 -20.37 -7.51
C GLU B 51 -13.09 -21.33 -7.91
N ASP B 52 -12.08 -21.45 -7.05
CA ASP B 52 -10.92 -22.30 -7.27
C ASP B 52 -11.30 -23.72 -7.69
N GLY B 53 -12.28 -24.29 -7.01
CA GLY B 53 -12.70 -25.66 -7.32
C GLY B 53 -13.75 -25.76 -8.40
N ARG B 54 -13.68 -24.89 -9.39
CA ARG B 54 -14.63 -24.90 -10.50
C ARG B 54 -13.90 -24.90 -11.83
N THR B 55 -14.59 -25.31 -12.88
CA THR B 55 -14.00 -25.36 -14.21
C THR B 55 -14.49 -24.17 -15.04
N LEU B 56 -13.76 -23.83 -16.10
CA LEU B 56 -14.13 -22.73 -16.98
C LEU B 56 -15.49 -22.97 -17.62
N SER B 57 -15.82 -24.24 -17.81
CA SER B 57 -17.09 -24.65 -18.42
C SER B 57 -18.27 -24.27 -17.52
N ASP B 58 -18.03 -24.21 -16.21
CA ASP B 58 -19.08 -23.87 -15.25
C ASP B 58 -19.57 -22.45 -15.45
N TYR B 59 -18.66 -21.54 -15.76
CA TYR B 59 -19.00 -20.15 -15.97
C TYR B 59 -19.18 -19.83 -17.45
N ASN B 60 -19.15 -20.88 -18.27
CA ASN B 60 -19.32 -20.75 -19.72
C ASN B 60 -18.23 -19.87 -20.34
N ILE B 61 -17.03 -19.97 -19.78
CA ILE B 61 -15.91 -19.18 -20.26
C ILE B 61 -15.38 -19.76 -21.58
N GLN B 62 -15.48 -18.97 -22.62
CA GLN B 62 -15.02 -19.40 -23.94
C GLN B 62 -13.71 -18.70 -24.30
N LYS B 63 -13.34 -18.76 -25.56
CA LYS B 63 -12.11 -18.13 -26.02
C LYS B 63 -12.29 -16.61 -26.15
N GLU B 64 -11.19 -15.88 -26.03
CA GLU B 64 -11.18 -14.43 -26.13
C GLU B 64 -11.95 -13.74 -24.99
N SER B 65 -12.21 -14.49 -23.92
CA SER B 65 -12.91 -13.94 -22.77
C SER B 65 -11.98 -13.07 -21.95
N THR B 66 -12.52 -11.97 -21.42
CA THR B 66 -11.74 -11.04 -20.62
C THR B 66 -11.98 -11.25 -19.12
N LEU B 67 -11.01 -11.87 -18.47
CA LEU B 67 -11.10 -12.13 -17.04
C LEU B 67 -10.58 -10.92 -16.28
N HIS B 68 -11.24 -10.58 -15.18
CA HIS B 68 -10.83 -9.45 -14.37
C HIS B 68 -10.08 -9.94 -13.15
N LEU B 69 -8.77 -9.71 -13.13
CA LEU B 69 -7.94 -10.15 -12.03
C LEU B 69 -7.77 -9.04 -11.00
N VAL B 70 -8.53 -9.15 -9.92
CA VAL B 70 -8.47 -8.19 -8.84
C VAL B 70 -7.45 -8.67 -7.82
N LEU B 71 -6.59 -7.79 -7.35
CA LEU B 71 -5.58 -8.15 -6.38
C LEU B 71 -6.01 -7.75 -4.98
N ARG B 72 -5.88 -8.66 -4.04
CA ARG B 72 -6.24 -8.40 -2.66
C ARG B 72 -4.99 -8.35 -1.79
N LEU B 73 -4.88 -7.33 -0.96
CA LEU B 73 -3.73 -7.20 -0.08
C LEU B 73 -3.91 -8.07 1.16
N ARG B 74 -2.92 -8.88 1.46
CA ARG B 74 -2.98 -9.79 2.59
C ARG B 74 -2.02 -9.35 3.69
N GLY B 75 -2.46 -8.44 4.54
CA GLY B 75 -1.63 -7.98 5.64
C GLY B 75 -1.83 -6.51 5.96
N CYS B 76 -3.05 -6.15 6.34
CA CYS B 76 -3.36 -4.78 6.67
C CYS B 76 -4.23 -4.71 7.93
#